data_4S17
#
_entry.id   4S17
#
_cell.length_a   134.052
_cell.length_b   134.052
_cell.length_c   298.915
_cell.angle_alpha   90.00
_cell.angle_beta   90.00
_cell.angle_gamma   120.00
#
_symmetry.space_group_name_H-M   'P 31 2 1'
#
loop_
_entity.id
_entity.type
_entity.pdbx_description
1 polymer 'Glutamine synthetase'
2 non-polymer 'MAGNESIUM ION'
3 non-polymer 'ACETATE ION'
4 water water
#
_entity_poly.entity_id   1
_entity_poly.type   'polypeptide(L)'
_entity_poly.pdbx_seq_one_letter_code
;SNA(MSE)TALETKADAEALINKEGIEYVSVRFTDLIGVQQHFTVPASEFLKDAFTDG(MSE)PFDGSSVEGFQAINESD
(MSE)KLVPDVSTAFIDPFRKHKTLDVAFSIVDPLTDEPYSRDPRQVAGKAEAYLKSTGIADTASFAPEAEFFIFDKVRF
ENS(MSE)QRSFYEVDSIEAPWNSGIDTEDDGTPNIAFKNRVKKGYFPVPPIDHTQDLRDD(MSE)VANLQKVGLILERS
HHEVAGAGQQEINYRFNSLQHAGDDL(MSE)KYKYVVHETAALAGKAATF(MSE)PKPIAGDNGTG(MSE)HCHQSLWKD
GKPLFYDEKNYGGLSDLARWYIGGLIKHSSSVLAFTNPSLNSYHRLVPGFEAPVNLVYSARNRSAAIRIPLAGTSPAAKR
IEFRAPDPSCNPFLAFSAQL(MSE)AGLDGILNHIEPPAPVDKDLYELPPEEHAGIKQVPSSLAEA(MSE)DALEEDHDF
LTAGDVFTDDLIDTWISIKRGEIDQARLAPTPLEYELYFHI
;
_entity_poly.pdbx_strand_id   A,B,C,D,E,F
#
# COMPACT_ATOMS: atom_id res chain seq x y z
N LEU A 7 44.09 -11.68 0.71
CA LEU A 7 44.36 -12.76 1.64
C LEU A 7 45.43 -13.71 1.11
N GLU A 8 46.12 -14.39 2.01
CA GLU A 8 47.19 -15.30 1.61
C GLU A 8 47.38 -16.44 2.62
N THR A 9 46.83 -16.26 3.82
CA THR A 9 47.00 -17.24 4.89
C THR A 9 45.67 -17.56 5.56
N LYS A 10 45.61 -18.71 6.25
CA LYS A 10 44.44 -19.08 7.02
C LYS A 10 44.16 -18.06 8.11
N ALA A 11 45.21 -17.69 8.85
CA ALA A 11 45.10 -16.70 9.91
C ALA A 11 44.70 -15.34 9.35
N ASP A 12 45.12 -15.05 8.12
CA ASP A 12 44.73 -13.82 7.44
C ASP A 12 43.23 -13.82 7.20
N ALA A 13 42.69 -14.96 6.77
CA ALA A 13 41.27 -15.09 6.55
C ALA A 13 40.52 -15.14 7.89
N GLU A 14 41.12 -15.80 8.87
CA GLU A 14 40.54 -15.90 10.20
C GLU A 14 40.38 -14.52 10.84
N ALA A 15 41.34 -13.64 10.59
CA ALA A 15 41.29 -12.27 11.10
C ALA A 15 40.20 -11.48 10.38
N LEU A 16 40.04 -11.73 9.09
CA LEU A 16 39.01 -11.06 8.30
C LEU A 16 37.63 -11.52 8.72
N ILE A 17 37.49 -12.81 8.99
CA ILE A 17 36.23 -13.40 9.41
C ILE A 17 35.74 -12.79 10.73
N ASN A 18 36.67 -12.65 11.68
CA ASN A 18 36.34 -12.07 12.98
C ASN A 18 36.01 -10.58 12.89
N LYS A 19 36.73 -9.87 12.02
CA LYS A 19 36.52 -8.44 11.83
C LYS A 19 35.16 -8.13 11.22
N GLU A 20 34.80 -8.88 10.18
CA GLU A 20 33.56 -8.63 9.45
C GLU A 20 32.39 -9.45 9.98
N GLY A 21 32.67 -10.34 10.92
CA GLY A 21 31.65 -11.20 11.48
C GLY A 21 31.07 -12.13 10.44
N ILE A 22 31.94 -12.77 9.68
CA ILE A 22 31.53 -13.71 8.64
C ILE A 22 30.88 -14.95 9.27
N GLU A 23 29.66 -15.26 8.82
CA GLU A 23 28.91 -16.38 9.39
C GLU A 23 29.14 -17.67 8.60
N TYR A 24 29.20 -17.57 7.28
CA TYR A 24 29.33 -18.74 6.43
C TYR A 24 30.39 -18.56 5.34
N VAL A 25 30.79 -19.66 4.72
CA VAL A 25 31.77 -19.64 3.64
C VAL A 25 31.27 -20.42 2.44
N SER A 26 31.20 -19.76 1.29
CA SER A 26 30.76 -20.40 0.06
C SER A 26 31.93 -21.05 -0.66
N VAL A 27 32.08 -22.36 -0.48
CA VAL A 27 33.15 -23.11 -1.14
C VAL A 27 32.82 -23.31 -2.61
N ARG A 28 33.54 -22.61 -3.48
CA ARG A 28 33.19 -22.57 -4.90
C ARG A 28 34.23 -23.20 -5.84
N PHE A 29 33.75 -23.70 -6.98
CA PHE A 29 34.60 -24.16 -8.06
C PHE A 29 33.85 -24.10 -9.38
N THR A 30 34.57 -23.84 -10.46
CA THR A 30 33.95 -23.76 -11.79
C THR A 30 33.87 -25.15 -12.41
N ASP A 31 32.68 -25.52 -12.89
CA ASP A 31 32.52 -26.82 -13.52
C ASP A 31 33.13 -26.83 -14.92
N LEU A 32 33.01 -27.96 -15.62
CA LEU A 32 33.63 -28.10 -16.94
C LEU A 32 33.03 -27.14 -17.97
N ILE A 33 31.71 -26.96 -17.92
CA ILE A 33 31.02 -26.09 -18.86
C ILE A 33 31.42 -24.62 -18.69
N GLY A 34 31.43 -24.17 -17.45
CA GLY A 34 31.76 -22.79 -17.15
C GLY A 34 30.78 -22.20 -16.16
N VAL A 35 30.01 -23.07 -15.52
CA VAL A 35 29.04 -22.66 -14.51
C VAL A 35 29.58 -22.95 -13.12
N GLN A 36 29.68 -21.91 -12.29
CA GLN A 36 30.29 -22.06 -10.97
C GLN A 36 29.38 -22.82 -10.01
N GLN A 37 29.94 -23.83 -9.37
CA GLN A 37 29.22 -24.67 -8.42
C GLN A 37 29.69 -24.35 -7.01
N HIS A 38 28.86 -24.61 -6.01
CA HIS A 38 29.24 -24.35 -4.62
C HIS A 38 28.39 -25.07 -3.58
N PHE A 39 28.87 -25.06 -2.35
CA PHE A 39 28.09 -25.47 -1.19
C PHE A 39 28.51 -24.62 0.01
N THR A 40 27.61 -24.46 0.98
CA THR A 40 27.86 -23.53 2.07
C THR A 40 28.21 -24.22 3.38
N VAL A 41 29.29 -23.76 4.01
CA VAL A 41 29.71 -24.28 5.31
C VAL A 41 29.84 -23.13 6.30
N PRO A 42 29.66 -23.40 7.60
CA PRO A 42 29.91 -22.39 8.62
C PRO A 42 31.37 -21.95 8.59
N ALA A 43 31.64 -20.69 8.93
CA ALA A 43 32.98 -20.13 8.86
C ALA A 43 33.99 -20.91 9.71
N SER A 44 33.55 -21.37 10.87
CA SER A 44 34.40 -22.14 11.77
C SER A 44 34.81 -23.48 11.15
N GLU A 45 33.89 -24.08 10.41
CA GLU A 45 34.15 -25.35 9.75
C GLU A 45 35.18 -25.18 8.64
N PHE A 46 35.11 -24.04 7.96
CA PHE A 46 36.04 -23.72 6.88
C PHE A 46 37.47 -23.58 7.38
N LEU A 47 37.65 -22.80 8.44
CA LEU A 47 38.97 -22.56 9.00
C LEU A 47 39.59 -23.85 9.56
N LYS A 48 38.75 -24.78 9.95
CA LYS A 48 39.21 -26.00 10.60
C LYS A 48 39.73 -27.06 9.62
N ASP A 49 39.05 -27.23 8.50
CA ASP A 49 39.32 -28.36 7.60
C ASP A 49 39.95 -27.99 6.26
N ALA A 50 39.62 -26.81 5.74
CA ALA A 50 40.03 -26.42 4.39
C ALA A 50 41.54 -26.40 4.18
N PHE A 51 42.27 -25.71 5.05
CA PHE A 51 43.71 -25.54 4.89
C PHE A 51 44.50 -26.75 5.34
N THR A 52 43.80 -27.80 5.77
CA THR A 52 44.44 -29.01 6.24
C THR A 52 43.97 -30.25 5.48
N ASP A 53 42.74 -30.69 5.76
CA ASP A 53 42.20 -31.89 5.14
C ASP A 53 41.41 -31.56 3.88
N GLY A 54 41.23 -30.27 3.62
CA GLY A 54 40.47 -29.83 2.47
C GLY A 54 38.98 -30.02 2.66
N PRO A 56 35.86 -32.28 1.23
CA PRO A 56 35.38 -33.42 0.44
C PRO A 56 34.02 -33.14 -0.18
N PHE A 57 33.77 -33.66 -1.39
CA PHE A 57 32.49 -33.48 -2.05
C PHE A 57 32.26 -34.56 -3.11
N ASP A 58 31.01 -34.71 -3.52
CA ASP A 58 30.66 -35.67 -4.57
C ASP A 58 30.48 -34.94 -5.90
N GLY A 59 31.36 -35.22 -6.84
CA GLY A 59 31.30 -34.57 -8.15
C GLY A 59 30.59 -35.39 -9.20
N SER A 60 29.96 -36.48 -8.77
CA SER A 60 29.27 -37.37 -9.70
C SER A 60 28.08 -36.70 -10.38
N SER A 61 27.28 -35.97 -9.60
CA SER A 61 26.09 -35.32 -10.13
C SER A 61 26.41 -33.97 -10.77
N VAL A 62 27.70 -33.67 -10.89
CA VAL A 62 28.14 -32.45 -11.56
C VAL A 62 28.41 -32.75 -13.03
N GLU A 63 27.98 -31.84 -13.90
CA GLU A 63 28.09 -32.04 -15.34
C GLU A 63 29.54 -32.15 -15.83
N GLY A 64 29.86 -33.30 -16.43
CA GLY A 64 31.17 -33.50 -17.05
C GLY A 64 32.26 -34.01 -16.13
N PHE A 65 31.87 -34.69 -15.05
CA PHE A 65 32.83 -35.27 -14.12
C PHE A 65 32.76 -36.79 -14.06
N GLN A 66 31.56 -37.31 -13.80
CA GLN A 66 31.36 -38.75 -13.71
C GLN A 66 29.93 -39.14 -14.06
N SER A 71 35.36 -41.23 -6.84
CA SER A 71 34.07 -40.57 -6.80
C SER A 71 34.10 -39.34 -5.90
N ASP A 72 34.58 -39.52 -4.68
CA ASP A 72 34.68 -38.43 -3.71
C ASP A 72 35.98 -37.66 -3.92
N LYS A 74 38.54 -34.05 -3.83
CA LYS A 74 39.01 -33.14 -2.78
C LYS A 74 39.14 -31.72 -3.30
N LEU A 75 38.65 -30.76 -2.51
CA LEU A 75 38.74 -29.35 -2.87
C LEU A 75 39.83 -28.63 -2.07
N VAL A 76 40.75 -27.99 -2.79
CA VAL A 76 41.83 -27.24 -2.15
C VAL A 76 41.61 -25.74 -2.31
N PRO A 77 41.59 -25.01 -1.17
CA PRO A 77 41.29 -23.57 -1.16
C PRO A 77 42.39 -22.70 -1.75
N ASP A 78 41.98 -21.70 -2.52
CA ASP A 78 42.89 -20.65 -2.97
C ASP A 78 42.37 -19.34 -2.37
N VAL A 79 42.82 -19.02 -1.17
CA VAL A 79 42.31 -17.90 -0.40
C VAL A 79 42.59 -16.55 -1.07
N SER A 80 43.47 -16.55 -2.06
CA SER A 80 43.81 -15.34 -2.80
C SER A 80 42.63 -14.84 -3.63
N THR A 81 41.67 -15.72 -3.89
CA THR A 81 40.52 -15.39 -4.73
C THR A 81 39.30 -15.03 -3.91
N ALA A 82 39.46 -14.99 -2.59
CA ALA A 82 38.33 -14.78 -1.69
C ALA A 82 37.76 -13.36 -1.76
N PHE A 83 36.46 -13.24 -1.52
CA PHE A 83 35.78 -11.96 -1.45
C PHE A 83 34.47 -12.06 -0.68
N ILE A 84 34.08 -10.97 -0.04
CA ILE A 84 32.83 -10.94 0.71
C ILE A 84 31.64 -10.80 -0.25
N ASP A 85 30.67 -11.69 -0.11
CA ASP A 85 29.49 -11.68 -0.98
C ASP A 85 28.59 -10.48 -0.65
N PRO A 86 28.40 -9.59 -1.63
CA PRO A 86 27.59 -8.38 -1.44
C PRO A 86 26.10 -8.61 -1.73
N PHE A 87 25.72 -9.87 -1.93
CA PHE A 87 24.34 -10.19 -2.29
C PHE A 87 23.62 -11.00 -1.21
N ARG A 88 24.39 -11.73 -0.40
CA ARG A 88 23.80 -12.63 0.59
C ARG A 88 23.16 -11.92 1.77
N LYS A 89 22.06 -12.50 2.26
CA LYS A 89 21.38 -12.00 3.44
C LYS A 89 22.26 -12.20 4.68
N HIS A 90 22.81 -13.40 4.80
CA HIS A 90 23.75 -13.70 5.87
C HIS A 90 25.18 -13.46 5.39
N LYS A 91 26.01 -12.91 6.28
CA LYS A 91 27.40 -12.58 5.95
C LYS A 91 28.16 -13.82 5.49
N THR A 92 28.66 -13.78 4.25
CA THR A 92 29.30 -14.95 3.67
C THR A 92 30.57 -14.58 2.88
N LEU A 93 31.61 -15.39 3.04
CA LEU A 93 32.86 -15.21 2.30
C LEU A 93 32.98 -16.26 1.20
N ASP A 94 33.10 -15.79 -0.04
CA ASP A 94 33.20 -16.70 -1.18
C ASP A 94 34.65 -17.02 -1.51
N VAL A 95 34.99 -18.31 -1.49
CA VAL A 95 36.35 -18.75 -1.79
C VAL A 95 36.37 -19.81 -2.89
N ALA A 96 37.20 -19.59 -3.91
CA ALA A 96 37.31 -20.52 -5.02
C ALA A 96 38.29 -21.64 -4.70
N PHE A 97 37.95 -22.86 -5.10
CA PHE A 97 38.75 -24.04 -4.79
C PHE A 97 39.24 -24.75 -6.05
N SER A 98 40.21 -25.65 -5.88
CA SER A 98 40.68 -26.49 -6.98
C SER A 98 40.47 -27.96 -6.63
N ILE A 99 40.28 -28.79 -7.64
CA ILE A 99 39.98 -30.20 -7.42
C ILE A 99 41.20 -31.09 -7.56
N VAL A 100 41.45 -31.91 -6.53
CA VAL A 100 42.56 -32.87 -6.56
C VAL A 100 42.09 -34.23 -6.08
N ASP A 101 42.93 -35.24 -6.28
CA ASP A 101 42.64 -36.59 -5.82
C ASP A 101 42.66 -36.63 -4.30
N PRO A 102 41.67 -37.30 -3.68
CA PRO A 102 41.55 -37.35 -2.22
C PRO A 102 42.68 -38.12 -1.55
N LEU A 103 43.46 -38.85 -2.33
CA LEU A 103 44.52 -39.69 -1.78
C LEU A 103 45.91 -39.17 -2.15
N THR A 104 46.12 -38.94 -3.44
CA THR A 104 47.45 -38.54 -3.94
C THR A 104 47.60 -37.03 -4.03
N ASP A 105 46.50 -36.31 -3.85
CA ASP A 105 46.47 -34.85 -4.00
C ASP A 105 46.96 -34.41 -5.38
N GLU A 106 46.77 -35.27 -6.37
CA GLU A 106 47.17 -34.98 -7.75
C GLU A 106 46.03 -34.28 -8.48
N PRO A 107 46.36 -33.17 -9.16
CA PRO A 107 45.45 -32.34 -9.96
C PRO A 107 44.44 -33.14 -10.79
N TYR A 108 43.16 -32.92 -10.53
CA TYR A 108 42.12 -33.58 -11.30
C TYR A 108 42.11 -33.06 -12.73
N SER A 109 42.12 -33.99 -13.69
CA SER A 109 42.33 -33.65 -15.10
C SER A 109 41.22 -32.79 -15.73
N ARG A 110 39.99 -32.94 -15.25
CA ARG A 110 38.86 -32.23 -15.85
C ARG A 110 38.57 -30.89 -15.19
N ASP A 111 39.28 -30.59 -14.10
CA ASP A 111 39.16 -29.29 -13.45
C ASP A 111 39.72 -28.22 -14.35
N PRO A 112 38.85 -27.29 -14.81
CA PRO A 112 39.25 -26.23 -15.73
C PRO A 112 40.25 -25.26 -15.10
N ARG A 113 40.04 -24.93 -13.82
CA ARG A 113 40.94 -24.02 -13.12
C ARG A 113 42.32 -24.65 -12.97
N GLN A 114 42.35 -25.97 -12.89
CA GLN A 114 43.61 -26.70 -12.78
C GLN A 114 44.34 -26.67 -14.11
N VAL A 115 43.58 -26.72 -15.20
CA VAL A 115 44.15 -26.65 -16.55
C VAL A 115 44.89 -25.33 -16.75
N ALA A 116 44.26 -24.25 -16.30
CA ALA A 116 44.84 -22.91 -16.41
C ALA A 116 46.16 -22.80 -15.67
N GLY A 117 46.21 -23.40 -14.48
CA GLY A 117 47.42 -23.35 -13.66
C GLY A 117 48.53 -24.18 -14.26
N LYS A 118 48.17 -25.27 -14.93
CA LYS A 118 49.14 -26.13 -15.59
C LYS A 118 49.60 -25.51 -16.91
N ALA A 119 48.84 -24.56 -17.42
CA ALA A 119 49.21 -23.84 -18.62
C ALA A 119 50.31 -22.82 -18.31
N GLU A 120 50.18 -22.16 -17.17
CA GLU A 120 51.19 -21.20 -16.71
C GLU A 120 52.49 -21.91 -16.37
N ALA A 121 52.38 -23.11 -15.81
CA ALA A 121 53.54 -23.90 -15.43
C ALA A 121 54.34 -24.35 -16.65
N TYR A 122 53.63 -24.78 -17.69
CA TYR A 122 54.26 -25.21 -18.93
C TYR A 122 54.98 -24.05 -19.61
N LEU A 123 54.36 -22.87 -19.54
CA LEU A 123 54.96 -21.65 -20.08
C LEU A 123 56.27 -21.34 -19.39
N LYS A 124 56.30 -21.55 -18.07
CA LYS A 124 57.52 -21.32 -17.30
C LYS A 124 58.59 -22.34 -17.65
N SER A 125 58.17 -23.55 -18.03
CA SER A 125 59.11 -24.62 -18.36
C SER A 125 59.84 -24.33 -19.65
N THR A 126 59.16 -23.67 -20.58
CA THR A 126 59.75 -23.33 -21.87
C THR A 126 60.86 -22.29 -21.73
N GLY A 127 60.57 -21.24 -20.96
CA GLY A 127 61.53 -20.16 -20.78
C GLY A 127 61.21 -18.97 -21.66
N ILE A 128 60.20 -19.12 -22.51
CA ILE A 128 59.74 -18.05 -23.38
C ILE A 128 59.23 -16.88 -22.54
N ALA A 129 58.39 -17.20 -21.56
CA ALA A 129 57.84 -16.19 -20.65
C ALA A 129 57.50 -16.83 -19.31
N ASP A 130 57.21 -15.99 -18.32
CA ASP A 130 56.83 -16.49 -17.00
C ASP A 130 55.47 -15.95 -16.57
N THR A 131 54.86 -15.13 -17.43
CA THR A 131 53.57 -14.53 -17.14
C THR A 131 52.78 -14.22 -18.41
N ALA A 132 51.56 -14.73 -18.48
CA ALA A 132 50.66 -14.45 -19.60
C ALA A 132 49.46 -13.65 -19.11
N SER A 133 49.44 -12.37 -19.44
CA SER A 133 48.37 -11.48 -19.00
C SER A 133 47.17 -11.51 -19.94
N PHE A 134 45.98 -11.67 -19.38
CA PHE A 134 44.75 -11.67 -20.17
C PHE A 134 43.77 -10.60 -19.70
N ALA A 135 43.02 -10.04 -20.64
CA ALA A 135 42.01 -9.02 -20.33
C ALA A 135 40.81 -9.17 -21.26
N PRO A 136 39.73 -9.79 -20.75
CA PRO A 136 38.52 -9.99 -21.54
C PRO A 136 37.60 -8.78 -21.53
N GLU A 137 36.98 -8.50 -22.67
CA GLU A 137 35.96 -7.45 -22.76
C GLU A 137 34.60 -8.11 -22.85
N ALA A 138 34.09 -8.57 -21.71
CA ALA A 138 32.86 -9.37 -21.66
C ALA A 138 31.61 -8.51 -21.73
N GLU A 139 31.00 -8.45 -22.90
CA GLU A 139 29.72 -7.77 -23.07
C GLU A 139 28.60 -8.64 -22.51
N PHE A 140 27.41 -8.07 -22.38
CA PHE A 140 26.25 -8.83 -21.91
C PHE A 140 24.95 -8.06 -22.15
N PHE A 141 23.82 -8.78 -21.99
CA PHE A 141 22.51 -8.17 -22.16
C PHE A 141 21.77 -8.07 -20.83
N ILE A 142 20.94 -7.05 -20.69
CA ILE A 142 20.07 -6.92 -19.53
C ILE A 142 18.61 -6.86 -19.98
N PHE A 143 17.82 -7.85 -19.57
CA PHE A 143 16.42 -7.90 -19.94
C PHE A 143 15.51 -7.74 -18.73
N ASP A 144 14.30 -7.22 -18.96
CA ASP A 144 13.30 -7.11 -17.91
C ASP A 144 12.53 -8.42 -17.77
N LYS A 145 12.40 -9.14 -18.87
CA LYS A 145 11.68 -10.41 -18.88
C LYS A 145 12.33 -11.41 -19.85
N VAL A 146 12.54 -12.63 -19.37
CA VAL A 146 13.08 -13.71 -20.20
C VAL A 146 12.33 -15.01 -19.95
N ARG A 147 11.87 -15.65 -21.02
CA ARG A 147 11.17 -16.93 -20.89
C ARG A 147 11.33 -17.80 -22.14
N PHE A 148 11.45 -19.10 -21.91
CA PHE A 148 11.62 -20.06 -23.01
C PHE A 148 11.07 -21.42 -22.61
N GLU A 149 10.76 -22.24 -23.61
CA GLU A 149 10.20 -23.57 -23.37
C GLU A 149 10.37 -24.47 -24.59
N ASN A 150 10.64 -25.74 -24.35
CA ASN A 150 10.79 -26.71 -25.42
C ASN A 150 9.95 -27.97 -25.15
N SER A 151 8.67 -27.87 -25.46
CA SER A 151 7.76 -29.01 -25.31
C SER A 151 7.44 -29.62 -26.67
N GLN A 153 4.31 -29.62 -28.06
CA GLN A 153 3.32 -28.78 -28.74
C GLN A 153 3.88 -27.43 -29.16
N ARG A 154 4.94 -26.98 -28.50
CA ARG A 154 5.49 -25.66 -28.77
C ARG A 154 6.96 -25.51 -28.38
N SER A 155 7.62 -24.53 -28.99
CA SER A 155 8.99 -24.19 -28.66
C SER A 155 9.17 -22.69 -28.87
N PHE A 156 9.57 -21.98 -27.82
CA PHE A 156 9.67 -20.52 -27.92
C PHE A 156 10.75 -19.90 -27.04
N TYR A 157 11.10 -18.67 -27.38
CA TYR A 157 11.84 -17.80 -26.46
C TYR A 157 11.30 -16.38 -26.63
N GLU A 158 11.21 -15.65 -25.52
CA GLU A 158 10.74 -14.28 -25.57
C GLU A 158 11.48 -13.42 -24.55
N VAL A 159 12.13 -12.37 -25.03
CA VAL A 159 12.81 -11.43 -24.15
C VAL A 159 12.12 -10.07 -24.23
N ASP A 160 12.35 -9.23 -23.23
CA ASP A 160 11.76 -7.91 -23.20
C ASP A 160 12.65 -6.93 -22.43
N SER A 161 12.66 -5.69 -22.89
CA SER A 161 13.44 -4.64 -22.25
C SER A 161 12.73 -3.30 -22.40
N ILE A 162 12.82 -2.46 -21.38
CA ILE A 162 12.16 -1.15 -21.41
C ILE A 162 12.85 -0.21 -22.40
N GLU A 163 14.09 -0.52 -22.74
CA GLU A 163 14.85 0.27 -23.70
C GLU A 163 14.54 -0.16 -25.14
N ALA A 164 14.02 -1.38 -25.28
CA ALA A 164 13.85 -2.02 -26.58
C ALA A 164 13.04 -1.18 -27.58
N PRO A 165 13.49 -1.18 -28.86
CA PRO A 165 12.86 -0.42 -29.94
C PRO A 165 11.46 -0.93 -30.28
N TRP A 166 11.18 -2.19 -29.97
CA TRP A 166 9.87 -2.77 -30.28
C TRP A 166 8.80 -2.33 -29.28
N ASN A 167 9.20 -1.61 -28.24
CA ASN A 167 8.27 -1.09 -27.26
C ASN A 167 8.00 0.40 -27.44
N SER A 168 8.41 0.94 -28.58
CA SER A 168 8.26 2.36 -28.86
C SER A 168 6.80 2.79 -28.89
N GLY A 169 5.92 1.88 -29.28
CA GLY A 169 4.50 2.18 -29.39
C GLY A 169 3.66 1.61 -28.27
N ILE A 170 4.31 1.16 -27.21
CA ILE A 170 3.59 0.62 -26.05
C ILE A 170 2.83 1.74 -25.34
N ASP A 171 1.72 1.40 -24.70
CA ASP A 171 0.90 2.40 -24.02
C ASP A 171 1.24 2.51 -22.55
N THR A 172 1.46 1.36 -21.92
CA THR A 172 1.72 1.31 -20.47
C THR A 172 2.83 0.32 -20.14
N GLU A 173 3.80 0.77 -19.35
CA GLU A 173 4.93 -0.08 -18.95
C GLU A 173 4.49 -1.14 -17.95
N ASP A 174 5.44 -1.95 -17.49
CA ASP A 174 5.16 -3.02 -16.54
C ASP A 174 4.68 -2.49 -15.20
N ASP A 175 5.17 -1.31 -14.82
CA ASP A 175 4.86 -0.74 -13.51
C ASP A 175 3.58 0.09 -13.50
N GLY A 176 2.88 0.12 -14.64
CA GLY A 176 1.62 0.84 -14.73
C GLY A 176 1.75 2.27 -15.23
N THR A 177 2.97 2.80 -15.20
CA THR A 177 3.23 4.17 -15.64
C THR A 177 3.16 4.28 -17.16
N PRO A 178 2.74 5.44 -17.67
CA PRO A 178 2.67 5.68 -19.12
C PRO A 178 4.04 5.59 -19.80
N ASN A 179 4.03 5.32 -21.09
CA ASN A 179 5.27 5.28 -21.88
C ASN A 179 5.82 6.68 -22.14
N ILE A 180 7.00 6.95 -21.59
CA ILE A 180 7.61 8.27 -21.73
C ILE A 180 8.76 8.26 -22.75
N ALA A 181 8.70 7.32 -23.69
CA ALA A 181 9.62 7.27 -24.83
C ALA A 181 11.10 7.20 -24.46
N PHE A 182 11.93 7.81 -25.30
CA PHE A 182 13.38 7.78 -25.16
C PHE A 182 13.95 6.37 -25.17
N LYS A 183 13.35 5.50 -25.99
CA LYS A 183 13.83 4.12 -26.12
C LYS A 183 14.83 4.01 -27.25
N ASN A 184 15.76 3.06 -27.11
CA ASN A 184 16.80 2.85 -28.11
C ASN A 184 16.27 2.42 -29.47
N ARG A 185 17.02 2.75 -30.51
CA ARG A 185 16.72 2.28 -31.86
C ARG A 185 17.70 1.15 -32.19
N VAL A 186 17.34 0.33 -33.19
CA VAL A 186 18.13 -0.84 -33.55
C VAL A 186 19.57 -0.47 -33.92
N LYS A 187 20.52 -1.16 -33.29
CA LYS A 187 21.96 -0.95 -33.52
C LYS A 187 22.40 0.48 -33.24
N LYS A 188 21.77 1.12 -32.25
CA LYS A 188 22.07 2.51 -31.92
C LYS A 188 22.11 2.76 -30.41
N GLY A 189 22.48 1.74 -29.66
CA GLY A 189 22.57 1.87 -28.21
C GLY A 189 23.93 2.35 -27.75
N TYR A 190 24.82 2.58 -28.71
CA TYR A 190 26.20 2.97 -28.41
C TYR A 190 26.47 4.41 -28.82
N PHE A 191 26.49 5.35 -27.87
CA PHE A 191 26.13 5.13 -26.47
C PHE A 191 25.53 6.39 -25.83
N PRO A 192 24.27 6.72 -26.20
CA PRO A 192 23.62 7.96 -25.76
C PRO A 192 23.47 8.07 -24.24
N VAL A 193 23.50 9.30 -23.73
CA VAL A 193 23.31 9.57 -22.32
C VAL A 193 21.85 9.35 -21.94
N PRO A 194 21.57 9.16 -20.64
CA PRO A 194 20.18 9.07 -20.15
C PRO A 194 19.35 10.28 -20.59
N PRO A 195 18.01 10.13 -20.64
CA PRO A 195 17.22 8.96 -20.25
C PRO A 195 17.14 7.87 -21.33
N ILE A 196 17.81 8.07 -22.47
CA ILE A 196 17.84 7.06 -23.50
C ILE A 196 18.43 5.76 -22.95
N ASP A 197 19.46 5.91 -22.11
CA ASP A 197 20.04 4.79 -21.40
C ASP A 197 19.27 4.61 -20.09
N HIS A 198 18.42 3.57 -20.04
CA HIS A 198 17.60 3.32 -18.86
C HIS A 198 18.34 2.51 -17.80
N THR A 199 19.50 1.98 -18.15
CA THR A 199 20.24 1.08 -17.27
C THR A 199 21.58 1.64 -16.83
N GLN A 200 21.67 2.96 -16.69
CA GLN A 200 22.91 3.58 -16.26
C GLN A 200 23.19 3.33 -14.78
N ASP A 201 22.17 3.53 -13.94
CA ASP A 201 22.31 3.35 -12.51
C ASP A 201 22.52 1.88 -12.13
N LEU A 202 21.84 0.98 -12.85
CA LEU A 202 22.02 -0.44 -12.62
C LEU A 202 23.43 -0.87 -13.02
N ARG A 203 23.93 -0.31 -14.11
CA ARG A 203 25.29 -0.56 -14.56
C ARG A 203 26.29 -0.02 -13.54
N ASP A 204 25.93 1.12 -12.95
CA ASP A 204 26.76 1.72 -11.89
C ASP A 204 26.81 0.83 -10.65
N ASP A 205 25.69 0.21 -10.32
CA ASP A 205 25.62 -0.69 -9.18
C ASP A 205 26.48 -1.93 -9.41
N VAL A 207 29.19 -2.05 -11.46
CA VAL A 207 30.56 -1.54 -11.38
C VAL A 207 31.00 -1.35 -9.93
N ALA A 208 30.12 -0.77 -9.11
CA ALA A 208 30.39 -0.55 -7.69
C ALA A 208 30.62 -1.87 -6.97
N ASN A 209 29.76 -2.85 -7.22
CA ASN A 209 29.90 -4.17 -6.62
C ASN A 209 31.16 -4.89 -7.11
N LEU A 210 31.50 -4.66 -8.38
CA LEU A 210 32.72 -5.23 -8.95
C LEU A 210 33.95 -4.63 -8.28
N GLN A 211 33.86 -3.36 -7.89
CA GLN A 211 34.93 -2.69 -7.17
C GLN A 211 35.05 -3.26 -5.76
N LYS A 212 33.91 -3.57 -5.17
CA LYS A 212 33.85 -4.03 -3.79
C LYS A 212 34.45 -5.42 -3.62
N VAL A 213 34.46 -6.20 -4.70
CA VAL A 213 34.96 -7.57 -4.64
C VAL A 213 36.42 -7.68 -5.10
N GLY A 214 37.04 -6.55 -5.42
CA GLY A 214 38.46 -6.52 -5.70
C GLY A 214 38.89 -6.12 -7.10
N LEU A 215 37.95 -6.10 -8.04
CA LEU A 215 38.27 -5.77 -9.43
C LEU A 215 38.67 -4.31 -9.61
N ILE A 216 39.71 -4.09 -10.41
CA ILE A 216 40.13 -2.73 -10.77
C ILE A 216 39.38 -2.27 -12.02
N LEU A 217 38.38 -1.41 -11.82
CA LEU A 217 37.51 -0.99 -12.90
C LEU A 217 38.15 0.04 -13.82
N GLU A 218 37.84 -0.02 -15.10
CA GLU A 218 38.42 0.88 -16.09
C GLU A 218 37.37 1.66 -16.87
N ARG A 219 36.39 0.94 -17.43
CA ARG A 219 35.42 1.54 -18.33
C ARG A 219 34.04 0.90 -18.17
N SER A 220 32.99 1.67 -18.44
CA SER A 220 31.62 1.19 -18.33
C SER A 220 30.71 1.96 -19.28
N HIS A 221 29.95 1.24 -20.10
CA HIS A 221 29.09 1.87 -21.09
C HIS A 221 27.98 0.97 -21.61
N HIS A 222 27.07 1.55 -22.38
CA HIS A 222 26.00 0.81 -23.05
C HIS A 222 26.48 0.41 -24.44
N GLU A 223 26.18 -0.82 -24.83
CA GLU A 223 26.64 -1.34 -26.12
C GLU A 223 25.69 -1.07 -27.28
N VAL A 224 26.10 -1.49 -28.48
CA VAL A 224 25.39 -1.18 -29.72
C VAL A 224 23.92 -1.60 -29.74
N ALA A 225 23.67 -2.86 -29.39
CA ALA A 225 22.30 -3.39 -29.41
C ALA A 225 21.39 -2.63 -28.44
N GLY A 226 20.32 -2.06 -28.98
CA GLY A 226 19.43 -1.21 -28.22
C GLY A 226 18.62 -1.92 -27.15
N ALA A 227 18.49 -3.23 -27.28
CA ALA A 227 17.65 -4.00 -26.36
C ALA A 227 18.31 -4.26 -25.01
N GLY A 228 19.16 -3.34 -24.57
CA GLY A 228 19.75 -3.42 -23.25
C GLY A 228 21.09 -4.15 -23.18
N GLN A 229 21.94 -3.95 -24.19
CA GLN A 229 23.27 -4.55 -24.17
C GLN A 229 24.24 -3.65 -23.43
N GLN A 230 25.08 -4.26 -22.59
CA GLN A 230 26.01 -3.50 -21.75
C GLN A 230 27.44 -4.02 -21.93
N GLU A 231 28.40 -3.29 -21.38
CA GLU A 231 29.80 -3.73 -21.35
C GLU A 231 30.56 -3.06 -20.22
N ILE A 232 31.28 -3.88 -19.45
CA ILE A 232 32.07 -3.38 -18.33
C ILE A 232 33.51 -3.88 -18.42
N ASN A 233 34.46 -2.95 -18.51
CA ASN A 233 35.87 -3.31 -18.65
C ASN A 233 36.68 -3.13 -17.37
N TYR A 234 37.38 -4.19 -16.97
CA TYR A 234 38.28 -4.13 -15.82
C TYR A 234 39.72 -4.41 -16.25
N ARG A 235 40.64 -4.40 -15.29
CA ARG A 235 42.06 -4.51 -15.58
C ARG A 235 42.52 -5.96 -15.78
N PHE A 236 43.58 -6.13 -16.56
CA PHE A 236 44.10 -7.45 -16.89
C PHE A 236 44.63 -8.19 -15.65
N ASN A 237 44.99 -9.46 -15.85
CA ASN A 237 45.55 -10.29 -14.78
C ASN A 237 46.25 -11.50 -15.36
N SER A 238 47.03 -12.19 -14.53
CA SER A 238 47.68 -13.42 -14.97
C SER A 238 46.62 -14.47 -15.32
N LEU A 239 46.93 -15.30 -16.32
CA LEU A 239 45.96 -16.21 -16.94
C LEU A 239 44.98 -16.89 -15.99
N GLN A 240 45.49 -17.60 -14.99
CA GLN A 240 44.65 -18.35 -14.06
C GLN A 240 43.77 -17.43 -13.23
N HIS A 241 44.36 -16.35 -12.71
CA HIS A 241 43.61 -15.40 -11.88
C HIS A 241 42.66 -14.57 -12.73
N ALA A 242 42.97 -14.44 -14.02
CA ALA A 242 42.09 -13.74 -14.95
C ALA A 242 40.82 -14.54 -15.14
N GLY A 243 40.93 -15.86 -15.02
CA GLY A 243 39.77 -16.74 -15.07
C GLY A 243 38.94 -16.59 -13.81
N ASP A 244 39.62 -16.41 -12.67
CA ASP A 244 38.95 -16.19 -11.41
C ASP A 244 38.20 -14.86 -11.42
N ASP A 245 38.80 -13.87 -12.07
CA ASP A 245 38.19 -12.54 -12.16
C ASP A 245 36.91 -12.56 -12.99
N LEU A 246 36.96 -13.23 -14.14
CA LEU A 246 35.80 -13.28 -15.03
C LEU A 246 34.63 -14.04 -14.43
N LYS A 248 34.16 -14.30 -11.25
CA LYS A 248 33.71 -13.36 -10.23
C LYS A 248 32.93 -12.22 -10.89
N TYR A 249 33.38 -11.82 -12.08
CA TYR A 249 32.71 -10.79 -12.86
C TYR A 249 31.32 -11.26 -13.28
N LYS A 250 31.23 -12.49 -13.77
CA LYS A 250 29.96 -13.09 -14.18
C LYS A 250 28.99 -13.23 -13.02
N TYR A 251 29.50 -13.65 -11.87
CA TYR A 251 28.67 -13.86 -10.69
C TYR A 251 28.05 -12.56 -10.19
N VAL A 252 28.81 -11.48 -10.25
CA VAL A 252 28.32 -10.17 -9.81
C VAL A 252 27.28 -9.60 -10.77
N VAL A 253 27.57 -9.69 -12.06
CA VAL A 253 26.66 -9.21 -13.09
C VAL A 253 25.31 -9.93 -13.01
N HIS A 254 25.36 -11.25 -12.86
CA HIS A 254 24.15 -12.06 -12.74
C HIS A 254 23.34 -11.71 -11.50
N GLU A 255 24.03 -11.65 -10.36
CA GLU A 255 23.37 -11.40 -9.07
C GLU A 255 22.83 -9.98 -8.94
N THR A 256 23.62 -8.99 -9.38
CA THR A 256 23.21 -7.60 -9.29
C THR A 256 21.96 -7.35 -10.12
N ALA A 257 21.89 -7.99 -11.29
CA ALA A 257 20.73 -7.89 -12.15
C ALA A 257 19.53 -8.60 -11.53
N ALA A 258 19.79 -9.80 -11.00
CA ALA A 258 18.72 -10.62 -10.41
C ALA A 258 18.08 -9.96 -9.20
N LEU A 259 18.89 -9.38 -8.33
CA LEU A 259 18.38 -8.70 -7.15
C LEU A 259 17.68 -7.38 -7.50
N ALA A 260 17.84 -6.94 -8.74
CA ALA A 260 17.15 -5.75 -9.23
C ALA A 260 15.87 -6.14 -9.94
N GLY A 261 15.55 -7.43 -9.92
CA GLY A 261 14.36 -7.94 -10.58
C GLY A 261 14.53 -8.05 -12.08
N LYS A 262 15.77 -8.20 -12.53
CA LYS A 262 16.06 -8.31 -13.95
C LYS A 262 16.93 -9.53 -14.24
N ALA A 263 17.25 -9.74 -15.51
CA ALA A 263 18.04 -10.89 -15.93
C ALA A 263 19.17 -10.50 -16.86
N ALA A 264 20.40 -10.82 -16.48
CA ALA A 264 21.57 -10.56 -17.31
C ALA A 264 22.08 -11.86 -17.92
N THR A 265 22.49 -11.79 -19.19
CA THR A 265 22.98 -12.98 -19.88
C THR A 265 24.20 -12.69 -20.73
N PHE A 266 25.07 -13.69 -20.86
CA PHE A 266 26.28 -13.57 -21.67
C PHE A 266 26.16 -14.36 -22.96
N PRO A 268 26.00 -15.10 -26.72
CA PRO A 268 26.62 -14.44 -27.89
C PRO A 268 25.59 -13.86 -28.87
N LYS A 269 24.36 -14.37 -28.84
CA LYS A 269 23.32 -13.89 -29.74
C LYS A 269 21.91 -14.24 -29.23
N PRO A 270 21.40 -13.48 -28.25
CA PRO A 270 20.06 -13.71 -27.71
C PRO A 270 18.97 -13.36 -28.72
N ILE A 271 19.15 -12.27 -29.45
CA ILE A 271 18.13 -11.80 -30.39
C ILE A 271 18.68 -11.72 -31.81
N ALA A 272 17.78 -11.72 -32.78
CA ALA A 272 18.17 -11.61 -34.19
C ALA A 272 17.93 -10.21 -34.73
N GLY A 273 18.79 -9.78 -35.65
CA GLY A 273 18.65 -8.49 -36.29
C GLY A 273 19.44 -7.39 -35.63
N ASP A 274 20.03 -7.68 -34.48
CA ASP A 274 20.84 -6.70 -33.75
C ASP A 274 22.21 -7.27 -33.42
N ASN A 275 23.08 -6.43 -32.88
CA ASN A 275 24.44 -6.85 -32.55
C ASN A 275 24.50 -7.97 -31.51
N GLY A 276 25.45 -8.88 -31.71
CA GLY A 276 25.64 -9.98 -30.77
C GLY A 276 26.52 -9.59 -29.60
N THR A 277 26.90 -10.58 -28.81
CA THR A 277 27.73 -10.35 -27.63
C THR A 277 29.06 -11.06 -27.74
N GLY A 278 30.14 -10.28 -27.84
CA GLY A 278 31.47 -10.84 -27.99
C GLY A 278 32.38 -10.55 -26.83
N HIS A 280 36.10 -9.98 -26.44
CA HIS A 280 37.44 -9.75 -26.96
C HIS A 280 38.48 -10.05 -25.88
N CYS A 281 39.54 -10.76 -26.27
CA CYS A 281 40.59 -11.14 -25.32
C CYS A 281 41.91 -10.44 -25.64
N HIS A 282 42.35 -9.59 -24.72
CA HIS A 282 43.64 -8.92 -24.84
C HIS A 282 44.71 -9.72 -24.11
N GLN A 283 45.68 -10.23 -24.86
CA GLN A 283 46.71 -11.09 -24.28
C GLN A 283 48.12 -10.66 -24.64
N SER A 284 49.06 -10.93 -23.72
CA SER A 284 50.46 -10.60 -23.93
C SER A 284 51.35 -11.43 -23.01
N LEU A 285 52.60 -11.61 -23.41
CA LEU A 285 53.55 -12.39 -22.62
C LEU A 285 54.56 -11.47 -21.92
N TRP A 286 54.80 -11.75 -20.64
CA TRP A 286 55.74 -10.96 -19.83
C TRP A 286 56.85 -11.83 -19.27
N LYS A 287 58.01 -11.24 -19.06
CA LYS A 287 59.15 -11.97 -18.51
C LYS A 287 60.03 -11.06 -17.66
N ASP A 288 60.26 -11.46 -16.41
CA ASP A 288 61.02 -10.67 -15.45
C ASP A 288 60.41 -9.28 -15.25
N GLY A 289 59.09 -9.22 -15.25
CA GLY A 289 58.38 -7.96 -15.08
C GLY A 289 58.45 -7.08 -16.31
N LYS A 290 58.94 -7.64 -17.41
CA LYS A 290 59.11 -6.89 -18.65
C LYS A 290 58.28 -7.50 -19.77
N PRO A 291 57.63 -6.63 -20.57
CA PRO A 291 56.83 -7.03 -21.72
C PRO A 291 57.70 -7.69 -22.80
N LEU A 292 57.08 -8.37 -23.75
CA LEU A 292 57.81 -9.11 -24.77
C LEU A 292 57.32 -8.82 -26.19
N PHE A 293 56.07 -8.37 -26.30
CA PHE A 293 55.45 -8.20 -27.61
C PHE A 293 55.91 -6.94 -28.35
N TYR A 294 56.40 -5.94 -27.61
CA TYR A 294 56.80 -4.69 -28.22
C TYR A 294 58.14 -4.78 -28.95
N ASP A 295 58.22 -4.13 -30.11
CA ASP A 295 59.45 -4.06 -30.89
C ASP A 295 59.32 -2.96 -31.93
N GLU A 296 60.22 -1.98 -31.87
CA GLU A 296 60.15 -0.82 -32.75
C GLU A 296 60.38 -1.17 -34.22
N LYS A 297 60.92 -2.35 -34.48
CA LYS A 297 61.21 -2.78 -35.85
C LYS A 297 60.18 -3.78 -36.35
N ASN A 298 58.96 -3.31 -36.57
CA ASN A 298 57.87 -4.18 -37.05
C ASN A 298 56.68 -3.41 -37.61
N TYR A 299 55.67 -4.16 -38.06
CA TYR A 299 54.46 -3.58 -38.63
C TYR A 299 53.65 -2.83 -37.57
N GLY A 300 53.03 -3.58 -36.66
CA GLY A 300 52.26 -2.99 -35.60
C GLY A 300 53.10 -2.77 -34.36
N GLY A 301 54.40 -2.97 -34.49
CA GLY A 301 55.31 -2.87 -33.36
C GLY A 301 55.40 -4.18 -32.62
N LEU A 302 55.33 -5.27 -33.37
CA LEU A 302 55.25 -6.61 -32.80
C LEU A 302 56.58 -7.36 -32.90
N SER A 303 57.07 -7.85 -31.77
CA SER A 303 58.27 -8.68 -31.77
C SER A 303 57.99 -9.99 -32.50
N ASP A 304 59.06 -10.69 -32.87
CA ASP A 304 58.92 -11.99 -33.53
C ASP A 304 58.17 -12.94 -32.62
N LEU A 305 58.37 -12.79 -31.32
CA LEU A 305 57.71 -13.61 -30.32
C LEU A 305 56.20 -13.38 -30.35
N ALA A 306 55.80 -12.15 -30.70
CA ALA A 306 54.39 -11.80 -30.79
C ALA A 306 53.78 -12.24 -32.11
N ARG A 307 54.55 -12.10 -33.19
CA ARG A 307 54.08 -12.45 -34.52
C ARG A 307 53.87 -13.95 -34.65
N TRP A 308 54.76 -14.72 -34.03
CA TRP A 308 54.64 -16.18 -34.01
C TRP A 308 53.45 -16.62 -33.16
N TYR A 309 53.13 -15.81 -32.15
CA TYR A 309 51.97 -16.08 -31.29
C TYR A 309 50.69 -15.98 -32.12
N ILE A 310 50.65 -14.98 -33.00
CA ILE A 310 49.52 -14.82 -33.92
C ILE A 310 49.47 -15.98 -34.91
N GLY A 311 50.62 -16.34 -35.45
CA GLY A 311 50.73 -17.42 -36.40
C GLY A 311 50.20 -18.74 -35.86
N GLY A 312 50.47 -19.00 -34.58
CA GLY A 312 49.97 -20.19 -33.93
C GLY A 312 48.48 -20.10 -33.66
N LEU A 313 48.01 -18.87 -33.40
CA LEU A 313 46.61 -18.63 -33.13
C LEU A 313 45.77 -18.85 -34.39
N ILE A 314 46.34 -18.51 -35.54
CA ILE A 314 45.64 -18.64 -36.82
C ILE A 314 45.68 -20.08 -37.34
N LYS A 315 46.85 -20.71 -37.23
CA LYS A 315 47.03 -22.08 -37.71
C LYS A 315 46.13 -23.06 -36.96
N HIS A 316 45.95 -22.82 -35.66
CA HIS A 316 45.12 -23.68 -34.83
C HIS A 316 43.78 -23.04 -34.53
N SER A 317 43.30 -22.19 -35.44
CA SER A 317 42.11 -21.37 -35.22
C SER A 317 40.86 -22.18 -34.82
N SER A 318 40.43 -23.08 -35.72
CA SER A 318 39.21 -23.83 -35.51
C SER A 318 39.26 -24.71 -34.25
N SER A 319 40.47 -25.14 -33.88
CA SER A 319 40.65 -25.94 -32.67
C SER A 319 40.47 -25.08 -31.43
N VAL A 320 40.95 -23.84 -31.46
CA VAL A 320 40.84 -22.93 -30.34
C VAL A 320 39.40 -22.49 -30.12
N LEU A 321 38.67 -22.31 -31.22
CA LEU A 321 37.28 -21.86 -31.15
C LEU A 321 36.34 -22.89 -30.55
N ALA A 322 36.84 -24.10 -30.37
CA ALA A 322 36.07 -25.16 -29.71
C ALA A 322 35.91 -24.86 -28.23
N PHE A 323 36.77 -23.96 -27.73
CA PHE A 323 36.72 -23.57 -26.32
C PHE A 323 36.32 -22.11 -26.14
N THR A 324 36.60 -21.29 -27.14
CA THR A 324 36.28 -19.87 -27.06
C THR A 324 34.86 -19.59 -27.56
N ASN A 325 34.38 -20.45 -28.46
CA ASN A 325 33.01 -20.35 -28.97
C ASN A 325 32.35 -21.73 -28.98
N PRO A 326 32.02 -22.25 -27.79
CA PRO A 326 31.59 -23.65 -27.64
C PRO A 326 30.08 -23.85 -27.64
N SER A 327 29.33 -22.80 -27.98
CA SER A 327 27.87 -22.91 -27.99
C SER A 327 27.33 -23.02 -29.41
N LEU A 328 26.15 -23.62 -29.54
CA LEU A 328 25.43 -23.63 -30.82
C LEU A 328 25.06 -22.20 -31.17
N ASN A 329 24.76 -21.42 -30.14
CA ASN A 329 24.37 -20.03 -30.30
C ASN A 329 25.54 -19.13 -30.68
N SER A 330 26.75 -19.61 -30.42
CA SER A 330 27.97 -18.86 -30.75
C SER A 330 28.10 -18.60 -32.24
N TYR A 331 27.57 -19.52 -33.05
CA TYR A 331 27.72 -19.43 -34.50
C TYR A 331 26.58 -18.69 -35.17
N HIS A 332 25.85 -17.92 -34.37
CA HIS A 332 24.84 -17.00 -34.90
C HIS A 332 25.38 -15.59 -34.78
N ARG A 333 26.51 -15.46 -34.09
CA ARG A 333 27.24 -14.20 -33.98
C ARG A 333 28.40 -14.20 -34.98
N LEU A 334 29.06 -15.34 -35.11
CA LEU A 334 30.16 -15.50 -36.05
C LEU A 334 29.67 -15.71 -37.48
N VAL A 335 28.64 -14.95 -37.87
CA VAL A 335 28.10 -15.02 -39.21
C VAL A 335 28.77 -13.96 -40.08
N PRO A 336 29.30 -14.37 -41.24
CA PRO A 336 29.95 -13.45 -42.17
C PRO A 336 28.96 -12.44 -42.78
N GLY A 337 28.28 -11.68 -41.92
CA GLY A 337 27.31 -10.71 -42.38
C GLY A 337 27.82 -9.28 -42.29
N ALA A 340 31.36 -8.31 -36.62
CA ALA A 340 31.70 -9.68 -36.21
C ALA A 340 32.90 -10.20 -37.01
N PRO A 341 33.96 -10.60 -36.29
CA PRO A 341 35.18 -11.11 -36.91
C PRO A 341 35.05 -12.56 -37.36
N VAL A 342 35.45 -12.84 -38.60
CA VAL A 342 35.38 -14.19 -39.15
C VAL A 342 36.61 -14.53 -39.99
N ASN A 343 37.37 -13.50 -40.36
CA ASN A 343 38.57 -13.69 -41.16
C ASN A 343 39.83 -13.84 -40.30
N LEU A 344 40.39 -15.04 -40.30
CA LEU A 344 41.58 -15.31 -39.50
C LEU A 344 42.83 -14.67 -40.12
N VAL A 345 42.93 -13.36 -39.92
CA VAL A 345 44.08 -12.59 -40.39
C VAL A 345 44.23 -11.42 -39.42
N TYR A 346 45.46 -10.93 -39.24
CA TYR A 346 45.68 -9.84 -38.29
C TYR A 346 46.01 -8.51 -38.97
N SER A 347 45.51 -7.43 -38.37
CA SER A 347 45.73 -6.09 -38.89
C SER A 347 45.53 -5.07 -37.77
N ALA A 348 46.03 -3.85 -37.97
CA ALA A 348 45.93 -2.81 -36.96
C ALA A 348 44.76 -1.86 -37.24
N ARG A 349 44.42 -1.72 -38.52
CA ARG A 349 43.38 -0.79 -38.93
C ARG A 349 42.06 -1.48 -39.24
N ASN A 350 42.13 -2.61 -39.94
CA ASN A 350 40.93 -3.33 -40.37
C ASN A 350 40.11 -3.85 -39.18
N ARG A 351 38.79 -3.85 -39.36
CA ARG A 351 37.87 -4.27 -38.30
C ARG A 351 37.35 -5.68 -38.55
N SER A 352 37.44 -6.14 -39.80
CA SER A 352 36.98 -7.48 -40.16
C SER A 352 37.95 -8.56 -39.70
N ALA A 353 39.09 -8.13 -39.16
CA ALA A 353 40.12 -9.05 -38.69
C ALA A 353 39.76 -9.64 -37.33
N ALA A 354 39.97 -10.95 -37.18
CA ALA A 354 39.73 -11.64 -35.92
C ALA A 354 40.77 -11.23 -34.89
N ILE A 355 41.94 -10.84 -35.37
CA ILE A 355 43.04 -10.44 -34.50
C ILE A 355 43.45 -9.00 -34.79
N ARG A 356 43.19 -8.10 -33.84
CA ARG A 356 43.58 -6.69 -33.99
C ARG A 356 44.74 -6.34 -33.06
N ILE A 357 45.57 -5.40 -33.50
CA ILE A 357 46.72 -4.97 -32.73
C ILE A 357 46.64 -3.49 -32.38
N PRO A 358 46.21 -3.18 -31.15
CA PRO A 358 46.17 -1.81 -30.65
C PRO A 358 47.49 -1.41 -29.99
N PRO A 364 55.17 0.81 -24.86
CA PRO A 364 55.78 -0.51 -25.06
C PRO A 364 55.08 -1.59 -24.22
N ALA A 365 54.65 -1.23 -23.02
CA ALA A 365 53.99 -2.18 -22.12
C ALA A 365 52.51 -2.30 -22.44
N ALA A 366 52.07 -1.64 -23.51
CA ALA A 366 50.67 -1.66 -23.91
C ALA A 366 50.46 -2.47 -25.19
N LYS A 367 51.56 -2.88 -25.81
CA LYS A 367 51.48 -3.67 -27.04
C LYS A 367 50.93 -5.06 -26.75
N ARG A 368 49.78 -5.38 -27.34
CA ARG A 368 49.10 -6.63 -27.05
C ARG A 368 48.31 -7.17 -28.23
N ILE A 369 47.95 -8.45 -28.18
CA ILE A 369 47.16 -9.09 -29.20
C ILE A 369 45.69 -9.18 -28.78
N GLU A 370 44.79 -8.69 -29.63
CA GLU A 370 43.37 -8.71 -29.33
C GLU A 370 42.62 -9.74 -30.16
N PHE A 371 42.16 -10.81 -29.52
CA PHE A 371 41.37 -11.83 -30.18
C PHE A 371 39.89 -11.50 -30.04
N ARG A 372 39.28 -11.06 -31.14
CA ARG A 372 37.89 -10.60 -31.12
C ARG A 372 36.90 -11.73 -31.33
N ALA A 373 37.38 -12.86 -31.83
CA ALA A 373 36.54 -14.03 -32.09
C ALA A 373 35.76 -14.61 -30.89
N PRO A 374 36.40 -14.76 -29.72
CA PRO A 374 35.67 -15.41 -28.61
C PRO A 374 34.41 -14.67 -28.14
N ASP A 375 33.58 -15.39 -27.40
CA ASP A 375 32.36 -14.82 -26.81
C ASP A 375 32.25 -15.32 -25.37
N PRO A 376 31.49 -14.60 -24.52
CA PRO A 376 31.47 -14.93 -23.09
C PRO A 376 30.59 -16.12 -22.71
N SER A 377 30.26 -16.99 -23.65
CA SER A 377 29.52 -18.21 -23.33
C SER A 377 30.48 -19.38 -23.13
N CYS A 378 31.72 -19.06 -22.79
CA CYS A 378 32.78 -20.06 -22.70
C CYS A 378 33.33 -20.17 -21.29
N ASN A 379 34.11 -21.22 -21.05
CA ASN A 379 34.87 -21.36 -19.82
C ASN A 379 36.16 -20.56 -19.95
N PRO A 380 36.32 -19.52 -19.11
CA PRO A 380 37.46 -18.61 -19.17
C PRO A 380 38.80 -19.33 -19.00
N PHE A 381 38.85 -20.28 -18.07
CA PHE A 381 40.07 -21.05 -17.85
C PHE A 381 40.47 -21.82 -19.10
N LEU A 382 39.49 -22.43 -19.75
CA LEU A 382 39.74 -23.22 -20.95
C LEU A 382 39.99 -22.32 -22.16
N ALA A 383 39.26 -21.22 -22.24
CA ALA A 383 39.38 -20.30 -23.37
C ALA A 383 40.72 -19.58 -23.37
N PHE A 384 41.15 -19.12 -22.21
CA PHE A 384 42.42 -18.39 -22.11
C PHE A 384 43.61 -19.31 -22.27
N SER A 385 43.47 -20.55 -21.80
CA SER A 385 44.54 -21.54 -21.90
C SER A 385 44.76 -21.99 -23.34
N ALA A 386 43.67 -22.27 -24.03
CA ALA A 386 43.74 -22.73 -25.42
C ALA A 386 44.38 -21.68 -26.31
N GLN A 387 44.12 -20.41 -26.02
CA GLN A 387 44.72 -19.31 -26.76
C GLN A 387 46.21 -19.20 -26.47
N LEU A 388 46.61 -19.49 -25.23
CA LEU A 388 48.01 -19.45 -24.85
C LEU A 388 48.78 -20.58 -25.49
N ALA A 390 48.06 -22.22 -28.08
CA ALA A 390 48.08 -22.03 -29.53
C ALA A 390 49.22 -21.09 -29.92
N GLY A 391 49.39 -20.03 -29.15
CA GLY A 391 50.45 -19.06 -29.39
C GLY A 391 51.83 -19.65 -29.16
N LEU A 392 51.99 -20.38 -28.06
CA LEU A 392 53.27 -20.97 -27.70
C LEU A 392 53.77 -21.94 -28.77
N ASP A 393 52.86 -22.72 -29.32
CA ASP A 393 53.20 -23.66 -30.39
C ASP A 393 53.67 -22.88 -31.62
N GLY A 394 53.13 -21.68 -31.80
CA GLY A 394 53.53 -20.82 -32.88
C GLY A 394 54.93 -20.25 -32.67
N ILE A 395 55.27 -19.99 -31.41
CA ILE A 395 56.58 -19.46 -31.06
C ILE A 395 57.64 -20.55 -31.11
N LEU A 396 57.29 -21.74 -30.61
CA LEU A 396 58.22 -22.85 -30.57
C LEU A 396 58.49 -23.43 -31.96
N ASN A 397 57.57 -23.19 -32.89
CA ASN A 397 57.73 -23.67 -34.26
C ASN A 397 57.92 -22.55 -35.27
N HIS A 398 58.08 -21.32 -34.77
CA HIS A 398 58.32 -20.15 -35.60
C HIS A 398 57.28 -19.99 -36.72
N ILE A 399 56.02 -20.27 -36.38
CA ILE A 399 54.94 -20.20 -37.35
C ILE A 399 54.69 -18.78 -37.84
N GLU A 400 54.95 -18.55 -39.13
CA GLU A 400 54.75 -17.24 -39.73
C GLU A 400 53.31 -17.08 -40.19
N PRO A 401 52.59 -16.10 -39.61
CA PRO A 401 51.19 -15.82 -39.96
C PRO A 401 51.09 -15.23 -41.36
N PRO A 402 49.91 -15.32 -41.98
CA PRO A 402 49.70 -14.73 -43.31
C PRO A 402 49.91 -13.22 -43.29
N ALA A 403 50.22 -12.65 -44.45
CA ALA A 403 50.51 -11.22 -44.56
C ALA A 403 49.35 -10.35 -44.09
N PRO A 404 49.65 -9.33 -43.28
CA PRO A 404 48.66 -8.39 -42.76
C PRO A 404 47.95 -7.63 -43.89
N VAL A 405 46.70 -7.97 -44.14
CA VAL A 405 45.93 -7.32 -45.19
C VAL A 405 45.26 -6.05 -44.69
N ALA A 418 41.41 -13.02 -51.15
CA ALA A 418 40.23 -13.86 -51.32
C ALA A 418 40.48 -15.27 -50.80
N GLY A 419 41.59 -15.45 -50.08
CA GLY A 419 41.94 -16.74 -49.54
C GLY A 419 42.29 -16.68 -48.06
N ILE A 420 41.37 -16.14 -47.27
CA ILE A 420 41.57 -16.04 -45.82
C ILE A 420 40.98 -17.26 -45.13
N LYS A 421 41.66 -17.75 -44.10
CA LYS A 421 41.12 -18.86 -43.31
C LYS A 421 39.93 -18.36 -42.52
N GLN A 422 38.86 -19.16 -42.48
CA GLN A 422 37.62 -18.75 -41.84
C GLN A 422 37.34 -19.52 -40.57
N VAL A 423 36.48 -18.96 -39.72
CA VAL A 423 35.99 -19.65 -38.54
C VAL A 423 35.08 -20.80 -39.01
N PRO A 424 34.94 -21.86 -38.20
CA PRO A 424 34.05 -22.96 -38.58
C PRO A 424 32.61 -22.50 -38.76
N SER A 425 31.88 -23.17 -39.65
CA SER A 425 30.50 -22.77 -39.97
C SER A 425 29.51 -23.32 -38.95
N SER A 426 29.98 -24.19 -38.07
CA SER A 426 29.13 -24.81 -37.06
C SER A 426 29.93 -25.31 -35.87
N LEU A 427 29.23 -25.67 -34.80
CA LEU A 427 29.88 -26.23 -33.62
C LEU A 427 30.43 -27.61 -33.95
N ALA A 428 29.78 -28.28 -34.91
CA ALA A 428 30.20 -29.61 -35.35
C ALA A 428 31.56 -29.56 -36.03
N GLU A 429 31.78 -28.55 -36.86
CA GLU A 429 33.04 -28.39 -37.58
C GLU A 429 34.20 -28.11 -36.63
N ALA A 430 33.93 -27.33 -35.58
CA ALA A 430 34.95 -26.97 -34.60
C ALA A 430 35.40 -28.19 -33.79
N ASP A 432 35.31 -31.31 -34.87
CA ASP A 432 36.06 -32.17 -35.77
C ASP A 432 37.51 -31.68 -35.87
N ALA A 433 37.67 -30.36 -35.85
CA ALA A 433 39.00 -29.76 -35.91
C ALA A 433 39.75 -29.98 -34.61
N LEU A 434 39.05 -29.86 -33.48
CA LEU A 434 39.65 -30.09 -32.17
C LEU A 434 40.08 -31.55 -32.03
N GLU A 435 39.30 -32.44 -32.63
CA GLU A 435 39.55 -33.87 -32.54
C GLU A 435 40.76 -34.29 -33.36
N GLU A 436 41.03 -33.55 -34.44
CA GLU A 436 42.14 -33.90 -35.34
C GLU A 436 43.32 -32.95 -35.21
N ASP A 437 43.28 -32.06 -34.23
CA ASP A 437 44.36 -31.10 -34.01
C ASP A 437 44.34 -30.59 -32.57
N HIS A 438 44.98 -31.35 -31.67
CA HIS A 438 44.98 -30.99 -30.25
C HIS A 438 46.29 -31.36 -29.57
N ASP A 439 47.32 -31.68 -30.35
CA ASP A 439 48.63 -32.01 -29.80
C ASP A 439 49.28 -30.79 -29.16
N PHE A 440 48.92 -29.61 -29.67
CA PHE A 440 49.46 -28.36 -29.13
C PHE A 440 48.82 -28.04 -27.78
N LEU A 441 47.69 -28.68 -27.49
CA LEU A 441 47.00 -28.53 -26.22
C LEU A 441 47.54 -29.52 -25.19
N THR A 442 47.79 -30.74 -25.65
CA THR A 442 48.26 -31.80 -24.77
C THR A 442 49.73 -31.66 -24.38
N ALA A 443 50.40 -30.68 -24.97
CA ALA A 443 51.80 -30.41 -24.68
C ALA A 443 51.96 -29.98 -23.22
N GLY A 444 52.91 -30.60 -22.52
CA GLY A 444 53.12 -30.33 -21.11
C GLY A 444 51.99 -30.86 -20.26
N ASP A 445 51.17 -31.71 -20.85
CA ASP A 445 50.01 -32.31 -20.19
C ASP A 445 49.05 -31.26 -19.63
N VAL A 446 49.03 -30.08 -20.26
CA VAL A 446 48.12 -29.01 -19.87
C VAL A 446 46.67 -29.46 -20.06
N PHE A 447 46.32 -29.76 -21.31
CA PHE A 447 45.04 -30.38 -21.62
C PHE A 447 45.24 -31.89 -21.73
N THR A 448 44.35 -32.66 -21.10
CA THR A 448 44.45 -34.11 -21.12
C THR A 448 43.48 -34.71 -22.15
N ASP A 449 43.80 -35.91 -22.63
CA ASP A 449 42.92 -36.62 -23.55
C ASP A 449 41.58 -36.92 -22.89
N ASP A 450 41.60 -37.03 -21.56
CA ASP A 450 40.39 -37.25 -20.79
C ASP A 450 39.42 -36.07 -20.92
N LEU A 451 39.94 -34.87 -20.72
CA LEU A 451 39.13 -33.65 -20.80
C LEU A 451 38.67 -33.39 -22.23
N ILE A 452 39.59 -33.54 -23.18
CA ILE A 452 39.28 -33.29 -24.59
C ILE A 452 38.17 -34.20 -25.10
N ASP A 453 38.29 -35.50 -24.84
CA ASP A 453 37.26 -36.46 -25.25
C ASP A 453 35.93 -36.16 -24.59
N THR A 454 35.97 -35.71 -23.34
CA THR A 454 34.77 -35.35 -22.60
C THR A 454 34.13 -34.09 -23.19
N TRP A 455 34.97 -33.10 -23.49
CA TRP A 455 34.50 -31.84 -24.05
C TRP A 455 33.78 -32.03 -25.39
N ILE A 456 34.40 -32.84 -26.26
CA ILE A 456 33.80 -33.15 -27.55
C ILE A 456 32.49 -33.91 -27.38
N SER A 457 32.49 -34.88 -26.47
CA SER A 457 31.31 -35.71 -26.21
C SER A 457 30.11 -34.88 -25.75
N ILE A 458 30.35 -33.96 -24.81
CA ILE A 458 29.29 -33.09 -24.29
C ILE A 458 28.74 -32.19 -25.39
N LYS A 459 29.63 -31.58 -26.17
CA LYS A 459 29.22 -30.67 -27.22
C LYS A 459 28.51 -31.36 -28.37
N ARG A 460 28.93 -32.59 -28.68
CA ARG A 460 28.25 -33.37 -29.71
C ARG A 460 26.89 -33.84 -29.22
N GLY A 461 26.70 -33.81 -27.90
CA GLY A 461 25.41 -34.11 -27.31
C GLY A 461 24.45 -32.96 -27.52
N GLU A 462 24.98 -31.74 -27.44
CA GLU A 462 24.19 -30.54 -27.67
C GLU A 462 23.84 -30.41 -29.14
N ILE A 463 24.71 -30.92 -30.00
CA ILE A 463 24.46 -30.91 -31.44
C ILE A 463 23.35 -31.89 -31.80
N ASP A 464 23.36 -33.04 -31.14
CA ASP A 464 22.32 -34.05 -31.33
C ASP A 464 20.95 -33.52 -30.89
N GLN A 465 20.93 -32.69 -29.86
CA GLN A 465 19.68 -32.09 -29.39
C GLN A 465 19.14 -31.13 -30.42
N ALA A 466 20.03 -30.39 -31.08
CA ALA A 466 19.63 -29.47 -32.15
C ALA A 466 19.20 -30.25 -33.39
N ARG A 467 19.75 -31.46 -33.53
CA ARG A 467 19.41 -32.35 -34.63
C ARG A 467 17.99 -32.87 -34.48
N LEU A 468 17.48 -32.86 -33.25
CA LEU A 468 16.15 -33.38 -32.96
C LEU A 468 15.08 -32.29 -32.87
N ALA A 469 15.51 -31.04 -32.77
CA ALA A 469 14.61 -29.94 -32.49
C ALA A 469 14.14 -29.17 -33.73
N PRO A 470 12.81 -29.18 -33.98
CA PRO A 470 12.20 -28.35 -35.02
C PRO A 470 12.27 -26.87 -34.65
N THR A 471 12.45 -26.01 -35.64
CA THR A 471 12.59 -24.58 -35.37
C THR A 471 11.46 -23.75 -36.01
N PRO A 472 11.10 -22.64 -35.36
CA PRO A 472 10.05 -21.72 -35.86
C PRO A 472 10.34 -21.20 -37.27
N LEU A 473 11.61 -21.16 -37.65
CA LEU A 473 12.00 -20.73 -38.98
C LEU A 473 11.51 -21.72 -40.04
N GLU A 474 11.64 -23.01 -39.74
CA GLU A 474 11.25 -24.08 -40.64
C GLU A 474 9.73 -24.11 -40.83
N TYR A 475 9.00 -23.62 -39.82
CA TYR A 475 7.57 -23.49 -39.93
C TYR A 475 7.23 -22.38 -40.92
N GLU A 476 7.98 -21.29 -40.85
CA GLU A 476 7.79 -20.17 -41.76
C GLU A 476 8.14 -20.55 -43.19
N LEU A 477 9.08 -21.48 -43.34
CA LEU A 477 9.61 -21.84 -44.65
C LEU A 477 8.92 -23.03 -45.31
N TYR A 478 8.56 -24.04 -44.51
CA TYR A 478 8.15 -25.32 -45.09
C TYR A 478 6.75 -25.81 -44.73
N PHE A 479 6.07 -25.13 -43.81
CA PHE A 479 4.76 -25.59 -43.36
C PHE A 479 3.72 -25.65 -44.48
N HIS A 480 3.71 -24.62 -45.33
CA HIS A 480 2.72 -24.51 -46.39
C HIS A 480 3.00 -25.45 -47.56
N ILE A 481 4.24 -25.92 -47.67
CA ILE A 481 4.63 -26.81 -48.76
C ILE A 481 3.99 -28.20 -48.58
N LEU B 7 35.57 24.85 -12.30
CA LEU B 7 36.89 24.22 -12.39
C LEU B 7 37.74 24.86 -13.47
N GLU B 8 39.05 24.65 -13.39
CA GLU B 8 39.98 25.24 -14.36
C GLU B 8 41.16 24.31 -14.66
N THR B 9 41.66 23.63 -13.63
CA THR B 9 42.82 22.76 -13.79
C THR B 9 42.57 21.34 -13.29
N LYS B 10 43.57 20.48 -13.46
CA LYS B 10 43.50 19.09 -13.01
C LYS B 10 43.37 19.02 -11.49
N ALA B 11 44.03 19.93 -10.80
CA ALA B 11 44.02 19.97 -9.35
C ALA B 11 42.66 20.38 -8.80
N ASP B 12 41.94 21.17 -9.58
CA ASP B 12 40.60 21.62 -9.17
C ASP B 12 39.62 20.47 -9.11
N ALA B 13 39.62 19.64 -10.15
CA ALA B 13 38.73 18.49 -10.22
C ALA B 13 39.07 17.47 -9.14
N GLU B 14 40.36 17.22 -8.95
CA GLU B 14 40.83 16.28 -7.94
C GLU B 14 40.42 16.71 -6.54
N ALA B 15 40.43 18.02 -6.31
CA ALA B 15 40.01 18.56 -5.02
C ALA B 15 38.51 18.40 -4.81
N LEU B 16 37.75 18.54 -5.90
CA LEU B 16 36.29 18.43 -5.83
C LEU B 16 35.85 16.99 -5.61
N ILE B 17 36.57 16.05 -6.24
CA ILE B 17 36.25 14.63 -6.14
C ILE B 17 36.40 14.13 -4.70
N ASN B 18 37.44 14.59 -4.02
CA ASN B 18 37.68 14.22 -2.63
C ASN B 18 36.64 14.82 -1.69
N LYS B 19 36.37 16.11 -1.86
CA LYS B 19 35.44 16.83 -1.01
C LYS B 19 33.99 16.34 -1.14
N GLU B 20 33.53 16.18 -2.37
CA GLU B 20 32.15 15.79 -2.62
C GLU B 20 31.97 14.27 -2.64
N GLY B 21 33.08 13.54 -2.59
CA GLY B 21 33.03 12.09 -2.62
C GLY B 21 32.53 11.57 -3.96
N ILE B 22 33.03 12.15 -5.04
CA ILE B 22 32.64 11.76 -6.39
C ILE B 22 33.18 10.37 -6.72
N GLU B 23 32.27 9.46 -7.10
CA GLU B 23 32.62 8.06 -7.31
C GLU B 23 32.97 7.76 -8.76
N TYR B 24 32.28 8.41 -9.69
CA TYR B 24 32.49 8.16 -11.11
C TYR B 24 32.57 9.43 -11.94
N VAL B 25 33.09 9.31 -13.16
CA VAL B 25 33.18 10.44 -14.08
C VAL B 25 32.59 10.07 -15.44
N SER B 26 31.62 10.86 -15.89
CA SER B 26 30.98 10.62 -17.17
C SER B 26 31.73 11.32 -18.29
N VAL B 27 32.51 10.56 -19.05
CA VAL B 27 33.24 11.09 -20.20
C VAL B 27 32.27 11.33 -21.36
N ARG B 28 31.96 12.60 -21.62
CA ARG B 28 30.91 12.93 -22.58
C ARG B 28 31.37 13.71 -23.80
N PHE B 29 30.70 13.48 -24.92
CA PHE B 29 30.89 14.28 -26.12
C PHE B 29 29.60 14.32 -26.93
N THR B 30 29.54 15.21 -27.91
CA THR B 30 28.34 15.35 -28.75
C THR B 30 28.59 14.78 -30.14
N ASP B 31 27.71 13.87 -30.58
CA ASP B 31 27.83 13.28 -31.90
C ASP B 31 27.47 14.31 -32.98
N LEU B 32 27.55 13.90 -34.25
CA LEU B 32 27.33 14.80 -35.36
C LEU B 32 25.90 15.34 -35.42
N ILE B 33 24.93 14.46 -35.16
CA ILE B 33 23.52 14.83 -35.22
C ILE B 33 23.15 15.85 -34.14
N GLY B 34 23.53 15.58 -32.91
CA GLY B 34 23.26 16.50 -31.81
C GLY B 34 22.88 15.81 -30.52
N VAL B 35 23.17 14.52 -30.43
CA VAL B 35 22.89 13.75 -29.22
C VAL B 35 24.17 13.46 -28.44
N GLN B 36 24.16 13.78 -27.15
CA GLN B 36 25.35 13.61 -26.32
C GLN B 36 25.64 12.14 -26.05
N GLN B 37 26.89 11.74 -26.28
CA GLN B 37 27.32 10.37 -26.08
C GLN B 37 28.24 10.31 -24.85
N HIS B 38 28.30 9.16 -24.20
CA HIS B 38 29.15 9.03 -23.01
C HIS B 38 29.50 7.60 -22.60
N PHE B 39 30.56 7.48 -21.81
CA PHE B 39 30.87 6.25 -21.11
C PHE B 39 31.43 6.60 -19.74
N THR B 40 31.18 5.75 -18.75
CA THR B 40 31.52 6.06 -17.37
C THR B 40 32.79 5.33 -16.88
N VAL B 41 33.67 6.09 -16.25
CA VAL B 41 34.91 5.55 -15.69
C VAL B 41 35.05 5.94 -14.23
N PRO B 42 35.85 5.18 -13.46
CA PRO B 42 36.15 5.59 -12.08
C PRO B 42 36.82 6.96 -12.04
N ALA B 43 36.54 7.74 -11.00
CA ALA B 43 37.10 9.08 -10.87
C ALA B 43 38.62 9.05 -10.79
N SER B 44 39.15 8.03 -10.11
CA SER B 44 40.59 7.85 -9.99
C SER B 44 41.20 7.52 -11.35
N GLU B 45 40.45 6.79 -12.17
CA GLU B 45 40.92 6.41 -13.50
C GLU B 45 40.93 7.64 -14.41
N PHE B 46 40.03 8.58 -14.13
CA PHE B 46 39.92 9.80 -14.90
C PHE B 46 41.06 10.77 -14.59
N LEU B 47 41.54 10.75 -13.35
CA LEU B 47 42.61 11.64 -12.92
C LEU B 47 43.99 11.07 -13.24
N LYS B 48 44.02 9.90 -13.86
CA LYS B 48 45.28 9.23 -14.15
C LYS B 48 45.65 9.26 -15.63
N ASP B 49 44.64 9.28 -16.49
CA ASP B 49 44.88 9.13 -17.93
C ASP B 49 44.37 10.30 -18.78
N ALA B 50 43.26 10.90 -18.37
CA ALA B 50 42.59 11.93 -19.18
C ALA B 50 43.47 13.14 -19.50
N PHE B 51 44.23 13.60 -18.51
CA PHE B 51 45.07 14.78 -18.68
C PHE B 51 46.39 14.45 -19.34
N THR B 52 46.74 13.16 -19.38
CA THR B 52 48.03 12.73 -19.91
C THR B 52 47.89 12.00 -21.25
N ASP B 53 47.19 10.87 -21.23
CA ASP B 53 47.03 10.06 -22.42
C ASP B 53 45.68 10.31 -23.09
N GLY B 54 44.73 10.78 -22.31
CA GLY B 54 43.38 11.02 -22.81
C GLY B 54 42.55 9.75 -22.76
N PRO B 56 40.58 6.99 -24.83
CA PRO B 56 40.36 6.38 -26.14
C PRO B 56 38.96 5.80 -26.27
N PHE B 57 38.44 5.73 -27.49
CA PHE B 57 37.13 5.13 -27.75
C PHE B 57 36.99 4.78 -29.23
N ASP B 58 36.01 3.94 -29.54
CA ASP B 58 35.75 3.55 -30.92
C ASP B 58 34.44 4.16 -31.42
N GLY B 59 34.55 5.13 -32.33
CA GLY B 59 33.38 5.82 -32.84
C GLY B 59 32.78 5.15 -34.07
N SER B 60 33.11 3.89 -34.28
CA SER B 60 32.60 3.15 -35.43
C SER B 60 31.09 2.93 -35.34
N SER B 61 30.58 2.83 -34.12
CA SER B 61 29.16 2.62 -33.90
C SER B 61 28.40 3.94 -33.79
N VAL B 62 29.13 5.02 -33.52
CA VAL B 62 28.53 6.35 -33.42
C VAL B 62 28.06 6.81 -34.79
N GLU B 63 26.84 7.34 -34.84
CA GLU B 63 26.22 7.74 -36.10
C GLU B 63 26.96 8.90 -36.78
N GLY B 64 27.57 8.60 -37.91
CA GLY B 64 28.20 9.61 -38.74
C GLY B 64 29.67 9.85 -38.46
N PHE B 65 30.37 8.81 -38.00
CA PHE B 65 31.80 8.92 -37.73
C PHE B 65 32.63 7.99 -38.62
N GLN B 66 31.99 6.97 -39.18
CA GLN B 66 32.68 6.02 -40.05
C GLN B 66 31.71 5.38 -41.03
N SER B 71 40.75 4.27 -37.16
CA SER B 71 40.00 3.37 -36.28
C SER B 71 39.55 4.08 -35.01
N ASP B 72 40.28 3.85 -33.92
CA ASP B 72 39.95 4.47 -32.64
C ASP B 72 40.39 5.93 -32.60
N LYS B 74 40.72 9.79 -30.05
CA LYS B 74 41.21 10.24 -28.76
C LYS B 74 40.38 11.39 -28.20
N LEU B 75 40.07 11.32 -26.90
CA LEU B 75 39.28 12.35 -26.24
C LEU B 75 40.12 13.17 -25.26
N VAL B 76 40.00 14.50 -25.36
CA VAL B 76 40.72 15.41 -24.47
C VAL B 76 39.73 16.30 -23.72
N PRO B 77 39.80 16.27 -22.38
CA PRO B 77 38.82 16.95 -21.52
C PRO B 77 38.95 18.47 -21.47
N ASP B 78 37.80 19.13 -21.41
CA ASP B 78 37.73 20.56 -21.13
C ASP B 78 37.08 20.69 -19.75
N VAL B 79 37.93 20.78 -18.74
CA VAL B 79 37.51 20.70 -17.34
C VAL B 79 36.53 21.81 -16.96
N SER B 80 36.60 22.94 -17.63
CA SER B 80 35.70 24.07 -17.37
C SER B 80 34.24 23.73 -17.64
N THR B 81 34.01 22.63 -18.36
CA THR B 81 32.66 22.20 -18.70
C THR B 81 32.08 21.24 -17.66
N ALA B 82 32.92 20.85 -16.70
CA ALA B 82 32.53 19.84 -15.71
C ALA B 82 31.42 20.29 -14.77
N PHE B 83 30.56 19.36 -14.39
CA PHE B 83 29.51 19.62 -13.42
C PHE B 83 29.05 18.32 -12.77
N ILE B 84 28.57 18.40 -11.54
CA ILE B 84 28.09 17.22 -10.83
C ILE B 84 26.69 16.84 -11.28
N ASP B 85 26.50 15.56 -11.60
CA ASP B 85 25.20 15.07 -12.06
C ASP B 85 24.22 14.97 -10.89
N PRO B 86 23.07 15.65 -11.01
CA PRO B 86 22.05 15.66 -9.96
C PRO B 86 21.02 14.54 -10.10
N PHE B 87 21.24 13.63 -11.05
CA PHE B 87 20.27 12.57 -11.30
C PHE B 87 20.80 11.18 -10.97
N ARG B 88 22.11 11.01 -11.09
CA ARG B 88 22.73 9.69 -10.90
C ARG B 88 22.64 9.20 -9.45
N LYS B 89 22.38 7.91 -9.30
CA LYS B 89 22.34 7.27 -7.99
C LYS B 89 23.71 7.31 -7.33
N HIS B 90 24.74 7.03 -8.12
CA HIS B 90 26.13 7.13 -7.65
C HIS B 90 26.68 8.51 -7.99
N LYS B 91 27.44 9.08 -7.07
CA LYS B 91 28.01 10.42 -7.24
C LYS B 91 28.88 10.48 -8.49
N THR B 92 28.43 11.25 -9.48
CA THR B 92 29.10 11.30 -10.78
C THR B 92 29.38 12.74 -11.23
N LEU B 93 30.57 12.95 -11.79
CA LEU B 93 30.94 14.25 -12.35
C LEU B 93 30.94 14.19 -13.87
N ASP B 94 30.04 14.94 -14.50
CA ASP B 94 29.93 14.95 -15.96
C ASP B 94 30.93 15.91 -16.58
N VAL B 95 31.79 15.39 -17.46
CA VAL B 95 32.81 16.19 -18.11
C VAL B 95 32.74 16.06 -19.64
N ALA B 96 32.79 17.19 -20.33
CA ALA B 96 32.77 17.19 -21.80
C ALA B 96 34.18 17.04 -22.36
N PHE B 97 34.30 16.33 -23.46
CA PHE B 97 35.60 16.06 -24.08
C PHE B 97 35.63 16.50 -25.54
N SER B 98 36.84 16.70 -26.07
CA SER B 98 37.00 17.03 -27.48
C SER B 98 37.71 15.88 -28.21
N ILE B 99 37.34 15.66 -29.46
CA ILE B 99 37.89 14.55 -30.22
C ILE B 99 39.09 14.97 -31.08
N VAL B 100 40.20 14.27 -30.88
CA VAL B 100 41.41 14.50 -31.69
C VAL B 100 41.95 13.15 -32.18
N ASP B 101 42.93 13.21 -33.09
CA ASP B 101 43.59 12.01 -33.56
C ASP B 101 44.48 11.46 -32.45
N PRO B 102 44.46 10.13 -32.25
CA PRO B 102 45.24 9.49 -31.18
C PRO B 102 46.75 9.60 -31.37
N LEU B 103 47.17 10.18 -32.49
CA LEU B 103 48.61 10.32 -32.77
C LEU B 103 49.01 11.79 -32.90
N THR B 104 48.31 12.52 -33.78
CA THR B 104 48.67 13.89 -34.10
C THR B 104 48.04 14.92 -33.17
N ASP B 105 47.06 14.47 -32.38
CA ASP B 105 46.27 15.36 -31.51
C ASP B 105 45.58 16.48 -32.27
N GLU B 106 45.40 16.28 -33.57
CA GLU B 106 44.75 17.27 -34.42
C GLU B 106 43.23 17.17 -34.34
N PRO B 107 42.55 18.32 -34.35
CA PRO B 107 41.08 18.44 -34.30
C PRO B 107 40.38 17.51 -35.28
N TYR B 108 39.52 16.63 -34.77
CA TYR B 108 38.74 15.74 -35.61
C TYR B 108 37.72 16.53 -36.42
N SER B 109 37.66 16.26 -37.72
CA SER B 109 36.84 17.05 -38.64
C SER B 109 35.34 16.94 -38.35
N ARG B 110 34.89 15.75 -37.96
CA ARG B 110 33.47 15.52 -37.72
C ARG B 110 33.07 15.74 -36.26
N ASP B 111 33.86 16.53 -35.54
CA ASP B 111 33.54 16.89 -34.17
C ASP B 111 32.92 18.29 -34.13
N PRO B 112 31.61 18.35 -33.86
CA PRO B 112 30.85 19.61 -33.88
C PRO B 112 31.39 20.64 -32.89
N ARG B 113 31.76 20.20 -31.70
CA ARG B 113 32.30 21.11 -30.68
C ARG B 113 33.62 21.73 -31.14
N GLN B 114 34.44 20.93 -31.81
CA GLN B 114 35.73 21.39 -32.30
C GLN B 114 35.52 22.43 -33.40
N VAL B 115 34.48 22.23 -34.22
CA VAL B 115 34.12 23.18 -35.26
C VAL B 115 33.78 24.54 -34.65
N ALA B 116 33.03 24.50 -33.54
CA ALA B 116 32.68 25.71 -32.82
C ALA B 116 33.92 26.38 -32.24
N GLY B 117 34.88 25.56 -31.83
CA GLY B 117 36.14 26.07 -31.29
C GLY B 117 37.02 26.63 -32.39
N LYS B 118 36.95 26.02 -33.57
CA LYS B 118 37.69 26.48 -34.73
C LYS B 118 37.04 27.70 -35.36
N ALA B 119 35.76 27.92 -35.03
CA ALA B 119 35.03 29.09 -35.52
C ALA B 119 35.41 30.33 -34.71
N GLU B 120 35.67 30.14 -33.42
CA GLU B 120 36.10 31.23 -32.54
C GLU B 120 37.51 31.66 -32.87
N ALA B 121 38.29 30.75 -33.44
CA ALA B 121 39.67 31.02 -33.81
C ALA B 121 39.75 31.82 -35.11
N TYR B 122 38.88 31.48 -36.06
CA TYR B 122 38.83 32.19 -37.33
C TYR B 122 38.33 33.62 -37.14
N LEU B 123 37.41 33.81 -36.19
CA LEU B 123 36.89 35.13 -35.88
C LEU B 123 38.00 36.06 -35.41
N LYS B 124 38.94 35.50 -34.65
CA LYS B 124 40.08 36.27 -34.14
C LYS B 124 41.07 36.58 -35.26
N SER B 125 41.24 35.63 -36.19
CA SER B 125 42.19 35.78 -37.27
C SER B 125 41.80 36.93 -38.22
N THR B 126 40.51 37.23 -38.26
CA THR B 126 40.02 38.34 -39.07
C THR B 126 40.33 39.66 -38.40
N GLY B 127 40.11 39.72 -37.09
CA GLY B 127 40.35 40.93 -36.33
C GLY B 127 39.08 41.73 -36.11
N ILE B 128 38.00 41.29 -36.75
CA ILE B 128 36.70 41.93 -36.61
C ILE B 128 36.26 41.93 -35.14
N ALA B 129 36.47 40.79 -34.49
CA ALA B 129 36.15 40.65 -33.07
C ALA B 129 36.99 39.52 -32.47
N ASP B 130 36.88 39.35 -31.16
CA ASP B 130 37.59 38.26 -30.48
C ASP B 130 36.61 37.32 -29.79
N THR B 131 35.32 37.65 -29.87
CA THR B 131 34.29 36.88 -29.19
C THR B 131 32.93 37.03 -29.86
N ALA B 132 32.25 35.91 -30.09
CA ALA B 132 30.89 35.90 -30.57
C ALA B 132 29.97 35.33 -29.49
N SER B 133 29.03 36.15 -29.02
CA SER B 133 28.14 35.73 -27.94
C SER B 133 26.79 35.23 -28.47
N PHE B 134 26.37 34.07 -27.98
CA PHE B 134 25.10 33.48 -28.40
C PHE B 134 24.17 33.21 -27.21
N ALA B 135 22.88 33.47 -27.39
CA ALA B 135 21.89 33.23 -26.35
C ALA B 135 20.63 32.59 -26.95
N PRO B 136 20.49 31.26 -26.78
CA PRO B 136 19.35 30.53 -27.32
C PRO B 136 18.08 30.71 -26.48
N GLU B 137 16.94 30.76 -27.14
CA GLU B 137 15.65 30.75 -26.45
C GLU B 137 14.95 29.43 -26.77
N ALA B 138 15.46 28.35 -26.19
CA ALA B 138 15.00 27.01 -26.50
C ALA B 138 13.71 26.63 -25.78
N GLU B 139 12.62 26.54 -26.53
CA GLU B 139 11.35 26.08 -26.00
C GLU B 139 11.33 24.55 -26.02
N PHE B 140 10.34 23.97 -25.36
CA PHE B 140 10.18 22.52 -25.34
C PHE B 140 8.80 22.08 -24.86
N PHE B 141 8.47 20.81 -25.10
CA PHE B 141 7.19 20.25 -24.67
C PHE B 141 7.38 19.27 -23.53
N ILE B 142 6.42 19.22 -22.61
CA ILE B 142 6.41 18.21 -21.56
C ILE B 142 5.14 17.37 -21.66
N PHE B 143 5.31 16.08 -21.93
CA PHE B 143 4.16 15.18 -22.04
C PHE B 143 4.14 14.15 -20.93
N ASP B 144 2.95 13.64 -20.63
CA ASP B 144 2.80 12.60 -19.62
C ASP B 144 2.91 11.22 -20.24
N LYS B 145 2.75 11.17 -21.57
CA LYS B 145 2.85 9.91 -22.31
C LYS B 145 3.16 10.17 -23.77
N VAL B 146 4.14 9.44 -24.30
CA VAL B 146 4.50 9.53 -25.72
C VAL B 146 4.79 8.16 -26.30
N ARG B 147 4.06 7.78 -27.34
CA ARG B 147 4.30 6.50 -28.01
C ARG B 147 4.15 6.61 -29.52
N PHE B 148 4.99 5.84 -30.23
CA PHE B 148 4.98 5.87 -31.69
C PHE B 148 5.52 4.56 -32.25
N GLU B 149 5.11 4.23 -33.46
CA GLU B 149 5.56 3.00 -34.11
C GLU B 149 5.43 3.12 -35.62
N ASN B 150 6.40 2.58 -36.34
CA ASN B 150 6.36 2.58 -37.80
C ASN B 150 6.56 1.18 -38.36
N SER B 151 5.47 0.42 -38.46
CA SER B 151 5.52 -0.93 -39.00
C SER B 151 4.82 -1.01 -40.35
N GLN B 153 2.20 -2.88 -40.94
CA GLN B 153 0.77 -2.95 -40.65
C GLN B 153 0.19 -1.62 -40.18
N ARG B 154 0.99 -0.83 -39.48
CA ARG B 154 0.52 0.44 -38.94
C ARG B 154 1.64 1.44 -38.69
N SER B 155 1.27 2.71 -38.59
CA SER B 155 2.21 3.79 -38.31
C SER B 155 1.50 4.90 -37.52
N PHE B 156 2.00 5.20 -36.34
CA PHE B 156 1.34 6.18 -35.48
C PHE B 156 2.27 6.95 -34.55
N TYR B 157 1.72 8.02 -33.97
CA TYR B 157 2.32 8.69 -32.83
C TYR B 157 1.19 9.19 -31.92
N GLU B 158 1.42 9.17 -30.62
CA GLU B 158 0.40 9.61 -29.67
C GLU B 158 1.02 10.26 -28.44
N VAL B 159 0.66 11.52 -28.22
CA VAL B 159 1.11 12.24 -27.03
C VAL B 159 -0.09 12.59 -26.16
N ASP B 160 0.14 12.70 -24.85
CA ASP B 160 -0.92 13.05 -23.93
C ASP B 160 -0.41 13.91 -22.77
N SER B 161 -1.26 14.80 -22.29
CA SER B 161 -0.90 15.70 -21.21
C SER B 161 -2.12 16.00 -20.33
N ILE B 162 -1.88 16.34 -19.07
CA ILE B 162 -2.95 16.67 -18.16
C ILE B 162 -3.41 18.11 -18.39
N GLU B 163 -2.58 18.89 -19.08
CA GLU B 163 -2.92 20.27 -19.44
C GLU B 163 -3.70 20.30 -20.74
N ALA B 164 -3.60 19.21 -21.50
CA ALA B 164 -4.15 19.13 -22.85
C ALA B 164 -5.63 19.51 -22.96
N PRO B 165 -5.98 20.28 -24.00
CA PRO B 165 -7.36 20.70 -24.27
C PRO B 165 -8.26 19.55 -24.67
N TRP B 166 -7.68 18.48 -25.22
CA TRP B 166 -8.46 17.33 -25.65
C TRP B 166 -8.86 16.43 -24.48
N ASN B 167 -8.47 16.82 -23.28
CA ASN B 167 -8.79 16.06 -22.08
C ASN B 167 -9.77 16.80 -21.18
N SER B 168 -10.37 17.86 -21.70
CA SER B 168 -11.30 18.68 -20.93
C SER B 168 -12.53 17.89 -20.52
N GLY B 169 -12.94 16.95 -21.38
CA GLY B 169 -14.12 16.14 -21.12
C GLY B 169 -13.81 14.78 -20.53
N ILE B 170 -12.54 14.52 -20.23
CA ILE B 170 -12.14 13.25 -19.63
C ILE B 170 -12.76 13.10 -18.24
N ASP B 171 -12.94 11.87 -17.79
CA ASP B 171 -13.59 11.60 -16.52
C ASP B 171 -12.60 11.26 -15.41
N THR B 172 -11.61 10.44 -15.74
CA THR B 172 -10.64 9.98 -14.76
C THR B 172 -9.20 10.17 -15.26
N GLU B 173 -8.37 10.79 -14.44
CA GLU B 173 -6.97 11.02 -14.78
C GLU B 173 -6.15 9.73 -14.68
N ASP B 174 -4.87 9.80 -15.02
CA ASP B 174 -4.01 8.62 -15.02
C ASP B 174 -3.79 8.04 -13.62
N ASP B 175 -3.93 8.87 -12.60
CA ASP B 175 -3.73 8.42 -11.22
C ASP B 175 -5.00 7.87 -10.59
N GLY B 176 -6.13 8.06 -11.27
CA GLY B 176 -7.40 7.57 -10.78
C GLY B 176 -8.31 8.66 -10.26
N THR B 177 -7.74 9.83 -9.97
CA THR B 177 -8.50 10.96 -9.45
C THR B 177 -9.42 11.55 -10.51
N PRO B 178 -10.58 12.09 -10.09
CA PRO B 178 -11.54 12.70 -11.02
C PRO B 178 -10.98 13.94 -11.72
N ASN B 179 -11.60 14.33 -12.83
CA ASN B 179 -11.22 15.53 -13.55
C ASN B 179 -11.59 16.78 -12.78
N ILE B 180 -10.60 17.60 -12.44
CA ILE B 180 -10.84 18.84 -11.73
C ILE B 180 -10.59 20.06 -12.62
N ALA B 181 -10.66 19.84 -13.93
CA ALA B 181 -10.61 20.91 -14.92
C ALA B 181 -9.36 21.79 -14.86
N PHE B 182 -9.54 23.07 -15.20
CA PHE B 182 -8.45 24.03 -15.28
C PHE B 182 -7.37 23.58 -16.26
N LYS B 183 -7.80 23.02 -17.39
CA LYS B 183 -6.88 22.61 -18.45
C LYS B 183 -6.79 23.71 -19.50
N ASN B 184 -5.66 23.77 -20.20
CA ASN B 184 -5.44 24.79 -21.20
C ASN B 184 -6.37 24.67 -22.40
N ARG B 185 -6.54 25.79 -23.11
CA ARG B 185 -7.25 25.80 -24.38
C ARG B 185 -6.22 25.90 -25.49
N VAL B 186 -6.64 25.67 -26.73
CA VAL B 186 -5.73 25.70 -27.88
C VAL B 186 -5.10 27.09 -28.05
N LYS B 187 -3.77 27.11 -28.13
CA LYS B 187 -3.01 28.35 -28.32
C LYS B 187 -3.24 29.40 -27.22
N LYS B 188 -3.43 28.94 -25.99
CA LYS B 188 -3.71 29.84 -24.88
C LYS B 188 -3.05 29.40 -23.57
N GLY B 189 -1.82 28.91 -23.67
CA GLY B 189 -1.07 28.51 -22.50
C GLY B 189 -0.04 29.54 -22.10
N TYR B 190 -0.08 30.71 -22.73
CA TYR B 190 0.89 31.77 -22.49
C TYR B 190 0.22 33.01 -21.91
N PHE B 191 0.29 33.22 -20.60
CA PHE B 191 0.85 32.25 -19.65
C PHE B 191 0.13 32.31 -18.31
N PRO B 192 -1.02 31.63 -18.21
CA PRO B 192 -1.89 31.69 -17.03
C PRO B 192 -1.22 31.14 -15.77
N VAL B 193 -1.65 31.65 -14.61
CA VAL B 193 -1.17 31.14 -13.33
C VAL B 193 -1.84 29.80 -13.01
N PRO B 194 -1.20 28.98 -12.16
CA PRO B 194 -1.81 27.73 -11.69
C PRO B 194 -3.17 27.99 -11.02
N PRO B 195 -4.04 26.98 -10.96
CA PRO B 195 -3.86 25.58 -11.38
C PRO B 195 -3.98 25.35 -12.89
N ILE B 196 -4.26 26.41 -13.65
CA ILE B 196 -4.32 26.30 -15.10
C ILE B 196 -2.97 25.83 -15.64
N ASP B 197 -1.90 26.32 -15.03
CA ASP B 197 -0.55 25.86 -15.34
C ASP B 197 -0.21 24.68 -14.43
N HIS B 198 -0.25 23.47 -14.98
CA HIS B 198 -0.08 22.25 -14.19
C HIS B 198 1.38 21.86 -13.98
N THR B 199 2.29 22.48 -14.72
CA THR B 199 3.69 22.08 -14.70
C THR B 199 4.63 23.14 -14.13
N GLN B 200 4.11 23.99 -13.24
CA GLN B 200 4.91 25.06 -12.66
C GLN B 200 6.01 24.51 -11.73
N ASP B 201 5.63 23.59 -10.85
CA ASP B 201 6.57 23.02 -9.88
C ASP B 201 7.66 22.18 -10.56
N LEU B 202 7.30 21.46 -11.62
CA LEU B 202 8.26 20.66 -12.36
C LEU B 202 9.21 21.57 -13.13
N ARG B 203 8.68 22.68 -13.62
CA ARG B 203 9.47 23.65 -14.35
C ARG B 203 10.48 24.30 -13.40
N ASP B 204 10.03 24.59 -12.18
CA ASP B 204 10.91 25.16 -11.16
C ASP B 204 12.00 24.18 -10.74
N ASP B 205 11.67 22.88 -10.77
CA ASP B 205 12.66 21.85 -10.48
C ASP B 205 13.74 21.84 -11.56
N VAL B 207 14.51 24.48 -13.43
CA VAL B 207 15.21 25.74 -13.19
C VAL B 207 16.24 25.60 -12.07
N ALA B 208 15.86 24.92 -10.99
CA ALA B 208 16.75 24.70 -9.86
C ALA B 208 17.96 23.86 -10.25
N ASN B 209 17.73 22.80 -11.00
CA ASN B 209 18.81 21.93 -11.44
C ASN B 209 19.75 22.62 -12.41
N LEU B 210 19.19 23.47 -13.27
CA LEU B 210 19.99 24.26 -14.20
C LEU B 210 20.89 25.24 -13.46
N GLN B 211 20.40 25.74 -12.32
CA GLN B 211 21.20 26.60 -11.47
C GLN B 211 22.29 25.80 -10.75
N LYS B 212 21.96 24.55 -10.44
CA LYS B 212 22.88 23.68 -9.71
C LYS B 212 24.05 23.26 -10.60
N VAL B 213 23.80 23.13 -11.90
CA VAL B 213 24.83 22.70 -12.83
C VAL B 213 25.67 23.86 -13.35
N GLY B 214 25.28 25.09 -12.99
CA GLY B 214 26.11 26.24 -13.27
C GLY B 214 25.56 27.27 -14.25
N LEU B 215 24.29 27.13 -14.64
CA LEU B 215 23.68 28.09 -15.56
C LEU B 215 23.16 29.32 -14.82
N ILE B 216 23.33 30.49 -15.43
CA ILE B 216 22.79 31.73 -14.89
C ILE B 216 21.45 32.02 -15.55
N LEU B 217 20.36 31.64 -14.88
CA LEU B 217 19.04 31.71 -15.47
C LEU B 217 18.40 33.09 -15.34
N GLU B 218 17.55 33.44 -16.29
CA GLU B 218 16.91 34.74 -16.32
C GLU B 218 15.39 34.65 -16.21
N ARG B 219 14.79 33.72 -16.95
CA ARG B 219 13.34 33.64 -17.03
C ARG B 219 12.82 32.22 -17.24
N SER B 220 11.63 31.95 -16.74
CA SER B 220 10.97 30.67 -16.93
C SER B 220 9.45 30.85 -16.99
N HIS B 221 8.80 30.21 -17.95
CA HIS B 221 7.36 30.37 -18.14
C HIS B 221 6.72 29.27 -18.98
N HIS B 222 5.39 29.25 -19.01
CA HIS B 222 4.64 28.34 -19.87
C HIS B 222 4.42 29.00 -21.22
N GLU B 223 4.63 28.25 -22.30
CA GLU B 223 4.54 28.79 -23.65
C GLU B 223 3.14 28.71 -24.26
N VAL B 224 3.04 29.11 -25.52
CA VAL B 224 1.76 29.25 -26.21
C VAL B 224 0.91 27.97 -26.27
N ALA B 225 1.50 26.89 -26.78
CA ALA B 225 0.77 25.63 -26.94
C ALA B 225 0.27 25.10 -25.59
N GLY B 226 -1.02 24.77 -25.54
CA GLY B 226 -1.66 24.38 -24.30
C GLY B 226 -1.36 22.97 -23.83
N ALA B 227 -0.75 22.16 -24.70
CA ALA B 227 -0.47 20.77 -24.38
C ALA B 227 0.90 20.59 -23.72
N GLY B 228 1.23 21.47 -22.78
CA GLY B 228 2.45 21.35 -22.01
C GLY B 228 3.71 21.88 -22.67
N GLN B 229 3.61 23.07 -23.25
CA GLN B 229 4.77 23.72 -23.86
C GLN B 229 5.39 24.71 -22.88
N GLN B 230 6.71 24.67 -22.76
CA GLN B 230 7.42 25.56 -21.84
C GLN B 230 8.67 26.18 -22.47
N GLU B 231 9.28 27.11 -21.74
CA GLU B 231 10.52 27.73 -22.17
C GLU B 231 11.32 28.21 -20.97
N ILE B 232 12.63 27.95 -20.98
CA ILE B 232 13.50 28.39 -19.91
C ILE B 232 14.71 29.12 -20.47
N ASN B 233 14.86 30.39 -20.10
CA ASN B 233 15.97 31.20 -20.60
C ASN B 233 17.11 31.34 -19.60
N TYR B 234 18.33 31.24 -20.10
CA TYR B 234 19.53 31.47 -19.29
C TYR B 234 20.45 32.48 -19.96
N ARG B 235 21.48 32.90 -19.24
CA ARG B 235 22.36 33.97 -19.73
C ARG B 235 23.19 33.54 -20.94
N PHE B 236 23.60 34.54 -21.73
CA PHE B 236 24.39 34.29 -22.93
C PHE B 236 25.81 33.83 -22.57
N ASN B 237 26.58 33.49 -23.60
CA ASN B 237 27.97 33.07 -23.43
C ASN B 237 28.69 33.05 -24.77
N SER B 238 29.99 32.81 -24.76
CA SER B 238 30.77 32.66 -25.99
C SER B 238 30.27 31.45 -26.77
N LEU B 239 30.47 31.48 -28.09
CA LEU B 239 29.89 30.49 -29.01
C LEU B 239 30.05 29.04 -28.57
N GLN B 240 31.29 28.62 -28.33
CA GLN B 240 31.56 27.23 -27.98
C GLN B 240 30.94 26.84 -26.64
N HIS B 241 31.11 27.70 -25.64
CA HIS B 241 30.56 27.45 -24.31
C HIS B 241 29.05 27.58 -24.29
N ALA B 242 28.50 28.36 -25.21
CA ALA B 242 27.05 28.47 -25.36
C ALA B 242 26.48 27.14 -25.85
N GLY B 243 27.26 26.45 -26.68
CA GLY B 243 26.89 25.13 -27.15
C GLY B 243 26.97 24.12 -26.04
N ASP B 244 27.99 24.25 -25.20
CA ASP B 244 28.15 23.39 -24.04
C ASP B 244 26.98 23.55 -23.08
N ASP B 245 26.59 24.80 -22.83
CA ASP B 245 25.50 25.11 -21.92
C ASP B 245 24.17 24.54 -22.40
N LEU B 246 23.95 24.56 -23.71
CA LEU B 246 22.69 24.07 -24.27
C LEU B 246 22.60 22.54 -24.20
N LYS B 248 24.02 20.74 -21.99
CA LYS B 248 23.77 20.49 -20.58
C LYS B 248 22.35 20.89 -20.23
N TYR B 249 21.86 21.93 -20.88
CA TYR B 249 20.48 22.41 -20.69
C TYR B 249 19.48 21.33 -21.09
N LYS B 250 19.69 20.76 -22.27
CA LYS B 250 18.78 19.75 -22.80
C LYS B 250 18.90 18.44 -22.03
N TYR B 251 20.09 18.18 -21.49
CA TYR B 251 20.31 16.98 -20.68
C TYR B 251 19.54 17.06 -19.36
N VAL B 252 19.61 18.22 -18.72
CA VAL B 252 18.91 18.44 -17.46
C VAL B 252 17.39 18.39 -17.65
N VAL B 253 16.93 19.03 -18.72
CA VAL B 253 15.51 19.04 -19.07
C VAL B 253 14.98 17.62 -19.31
N HIS B 254 15.72 16.86 -20.11
CA HIS B 254 15.37 15.47 -20.40
C HIS B 254 15.31 14.63 -19.14
N GLU B 255 16.34 14.75 -18.29
CA GLU B 255 16.45 13.92 -17.10
C GLU B 255 15.46 14.30 -16.00
N THR B 256 15.27 15.60 -15.78
CA THR B 256 14.35 16.07 -14.74
C THR B 256 12.94 15.61 -15.04
N ALA B 257 12.55 15.66 -16.31
CA ALA B 257 11.23 15.18 -16.73
C ALA B 257 11.15 13.66 -16.62
N ALA B 258 12.20 12.97 -17.07
CA ALA B 258 12.23 11.52 -17.05
C ALA B 258 12.10 10.96 -15.64
N LEU B 259 12.88 11.51 -14.72
CA LEU B 259 12.84 11.08 -13.32
C LEU B 259 11.58 11.58 -12.61
N ALA B 260 10.78 12.38 -13.31
CA ALA B 260 9.50 12.83 -12.79
C ALA B 260 8.37 12.03 -13.42
N GLY B 261 8.73 11.03 -14.21
CA GLY B 261 7.75 10.18 -14.87
C GLY B 261 7.16 10.83 -16.10
N LYS B 262 7.88 11.80 -16.67
CA LYS B 262 7.39 12.52 -17.83
C LYS B 262 8.40 12.47 -18.97
N ALA B 263 8.02 13.03 -20.12
CA ALA B 263 8.91 13.09 -21.28
C ALA B 263 9.00 14.51 -21.83
N ALA B 264 10.23 14.98 -22.02
CA ALA B 264 10.45 16.32 -22.57
C ALA B 264 11.09 16.23 -23.94
N THR B 265 10.56 16.99 -24.89
CA THR B 265 11.04 16.95 -26.26
C THR B 265 11.29 18.33 -26.84
N PHE B 266 12.30 18.42 -27.71
CA PHE B 266 12.63 19.69 -28.37
C PHE B 266 12.22 19.69 -29.83
N PRO B 268 10.42 20.61 -33.11
CA PRO B 268 9.86 21.89 -33.59
C PRO B 268 8.35 21.86 -33.73
N LYS B 269 7.79 20.73 -34.15
CA LYS B 269 6.34 20.62 -34.34
C LYS B 269 5.84 19.22 -34.03
N PRO B 270 5.68 18.91 -32.73
CA PRO B 270 5.21 17.58 -32.29
C PRO B 270 3.73 17.37 -32.58
N ILE B 271 2.93 18.43 -32.49
CA ILE B 271 1.50 18.33 -32.71
C ILE B 271 1.03 19.35 -33.75
N ALA B 272 -0.04 19.01 -34.46
CA ALA B 272 -0.62 19.90 -35.46
C ALA B 272 -1.82 20.64 -34.88
N GLY B 273 -2.02 21.87 -35.34
CA GLY B 273 -3.15 22.67 -34.89
C GLY B 273 -2.78 23.67 -33.81
N ASP B 274 -1.63 23.45 -33.17
CA ASP B 274 -1.17 24.36 -32.12
C ASP B 274 0.26 24.83 -32.38
N ASN B 275 0.72 25.79 -31.58
CA ASN B 275 2.01 26.42 -31.77
C ASN B 275 3.19 25.44 -31.79
N GLY B 276 4.19 25.75 -32.61
CA GLY B 276 5.37 24.92 -32.69
C GLY B 276 6.43 25.31 -31.67
N THR B 277 7.53 24.57 -31.64
CA THR B 277 8.61 24.85 -30.71
C THR B 277 9.83 25.40 -31.45
N GLY B 278 10.26 26.59 -31.07
CA GLY B 278 11.39 27.23 -31.73
C GLY B 278 12.56 27.51 -30.80
N HIS B 280 15.00 30.70 -30.70
CA HIS B 280 15.53 31.99 -31.13
C HIS B 280 16.98 32.14 -30.68
N CYS B 281 17.84 32.56 -31.61
CA CYS B 281 19.26 32.72 -31.31
C CYS B 281 19.69 34.17 -31.32
N HIS B 282 19.87 34.73 -30.13
CA HIS B 282 20.39 36.09 -30.00
C HIS B 282 21.88 36.10 -30.36
N GLN B 283 22.33 37.20 -30.97
CA GLN B 283 23.66 37.23 -31.57
C GLN B 283 24.32 38.60 -31.41
N SER B 284 25.61 38.60 -31.06
CA SER B 284 26.37 39.84 -30.94
C SER B 284 27.88 39.60 -31.03
N LEU B 285 28.60 40.57 -31.58
CA LEU B 285 30.05 40.48 -31.67
C LEU B 285 30.72 41.45 -30.70
N TRP B 286 31.74 40.97 -30.00
CA TRP B 286 32.42 41.76 -28.98
C TRP B 286 33.93 41.80 -29.21
N LYS B 287 34.54 42.94 -28.87
CA LYS B 287 35.99 43.08 -29.00
C LYS B 287 36.54 43.98 -27.90
N ASP B 288 37.48 43.43 -27.13
CA ASP B 288 38.11 44.14 -26.00
C ASP B 288 37.08 44.63 -24.99
N GLY B 289 36.01 43.86 -24.82
CA GLY B 289 34.97 44.20 -23.86
C GLY B 289 33.98 45.21 -24.40
N LYS B 290 34.18 45.65 -25.63
CA LYS B 290 33.30 46.63 -26.26
C LYS B 290 32.31 45.98 -27.21
N PRO B 291 31.03 46.39 -27.13
CA PRO B 291 30.00 45.97 -28.08
C PRO B 291 30.28 46.56 -29.45
N LEU B 292 29.90 45.86 -30.52
CA LEU B 292 30.18 46.32 -31.87
C LEU B 292 28.91 46.48 -32.70
N PHE B 293 27.80 45.95 -32.21
CA PHE B 293 26.53 46.01 -32.92
C PHE B 293 25.76 47.31 -32.63
N TYR B 294 26.26 48.10 -31.69
CA TYR B 294 25.59 49.35 -31.31
C TYR B 294 26.14 50.57 -32.05
N ASP B 295 25.22 51.37 -32.58
CA ASP B 295 25.56 52.65 -33.19
C ASP B 295 24.35 53.56 -33.08
N GLU B 296 24.47 54.63 -32.31
CA GLU B 296 23.35 55.50 -31.95
C GLU B 296 22.60 56.11 -33.13
N LYS B 297 23.33 56.50 -34.18
CA LYS B 297 22.74 57.22 -35.29
C LYS B 297 22.32 56.32 -36.46
N ASN B 298 21.64 55.22 -36.15
CA ASN B 298 21.13 54.33 -37.19
C ASN B 298 19.74 53.77 -36.88
N TYR B 299 19.20 53.01 -37.83
CA TYR B 299 17.82 52.50 -37.75
C TYR B 299 17.50 51.77 -36.45
N GLY B 300 18.05 50.58 -36.28
CA GLY B 300 17.83 49.80 -35.07
C GLY B 300 19.02 49.86 -34.14
N GLY B 301 19.75 50.98 -34.20
CA GLY B 301 20.97 51.14 -33.41
C GLY B 301 22.09 50.26 -33.94
N LEU B 302 21.87 49.70 -35.13
CA LEU B 302 22.80 48.77 -35.73
C LEU B 302 23.97 49.49 -36.40
N SER B 303 25.19 49.03 -36.13
CA SER B 303 26.37 49.55 -36.79
C SER B 303 26.47 48.93 -38.18
N ASP B 304 27.50 49.33 -38.93
CA ASP B 304 27.74 48.74 -40.25
C ASP B 304 28.07 47.26 -40.10
N LEU B 305 28.75 46.93 -39.01
CA LEU B 305 29.11 45.56 -38.71
C LEU B 305 27.87 44.72 -38.47
N ALA B 306 26.92 45.27 -37.73
CA ALA B 306 25.68 44.57 -37.41
C ALA B 306 24.79 44.42 -38.65
N ARG B 307 24.79 45.45 -39.49
CA ARG B 307 23.97 45.45 -40.69
C ARG B 307 24.51 44.45 -41.72
N TRP B 308 25.84 44.45 -41.90
CA TRP B 308 26.50 43.53 -42.82
C TRP B 308 26.34 42.09 -42.33
N TYR B 309 26.27 41.92 -41.02
CA TYR B 309 26.08 40.60 -40.41
C TYR B 309 24.73 40.03 -40.83
N ILE B 310 23.71 40.88 -40.83
CA ILE B 310 22.37 40.49 -41.24
C ILE B 310 22.34 40.10 -42.71
N GLY B 311 22.98 40.90 -43.55
CA GLY B 311 23.07 40.61 -44.97
C GLY B 311 23.69 39.26 -45.26
N GLY B 312 24.67 38.88 -44.45
CA GLY B 312 25.30 37.58 -44.58
C GLY B 312 24.34 36.46 -44.19
N LEU B 313 23.55 36.70 -43.16
CA LEU B 313 22.54 35.74 -42.72
C LEU B 313 21.47 35.55 -43.79
N ILE B 314 21.03 36.66 -44.38
CA ILE B 314 20.00 36.61 -45.41
C ILE B 314 20.50 35.93 -46.69
N LYS B 315 21.70 36.29 -47.12
CA LYS B 315 22.27 35.76 -48.36
C LYS B 315 22.48 34.26 -48.32
N HIS B 316 22.93 33.75 -47.17
CA HIS B 316 23.21 32.33 -47.03
C HIS B 316 22.17 31.64 -46.15
N SER B 317 20.96 32.20 -46.12
CA SER B 317 19.89 31.71 -45.24
C SER B 317 19.57 30.23 -45.42
N SER B 318 19.44 29.81 -46.67
CA SER B 318 19.07 28.42 -46.96
C SER B 318 20.14 27.43 -46.55
N SER B 319 21.41 27.83 -46.70
CA SER B 319 22.54 26.99 -46.29
C SER B 319 22.69 26.98 -44.78
N VAL B 320 22.32 28.08 -44.14
CA VAL B 320 22.37 28.19 -42.69
C VAL B 320 21.26 27.35 -42.06
N LEU B 321 20.10 27.36 -42.70
CA LEU B 321 18.94 26.61 -42.21
C LEU B 321 19.12 25.10 -42.35
N ALA B 322 20.17 24.69 -43.07
CA ALA B 322 20.50 23.27 -43.19
C ALA B 322 21.14 22.78 -41.91
N PHE B 323 21.51 23.71 -41.03
CA PHE B 323 22.11 23.38 -39.75
C PHE B 323 21.24 23.84 -38.59
N THR B 324 20.47 24.90 -38.80
CA THR B 324 19.60 25.43 -37.75
C THR B 324 18.24 24.76 -37.74
N ASN B 325 17.81 24.29 -38.90
CA ASN B 325 16.57 23.54 -39.03
C ASN B 325 16.79 22.29 -39.89
N PRO B 326 17.50 21.29 -39.32
CA PRO B 326 18.00 20.15 -40.10
C PRO B 326 17.10 18.92 -40.07
N SER B 327 15.92 19.02 -39.48
CA SER B 327 15.01 17.87 -39.39
C SER B 327 13.86 18.01 -40.38
N LEU B 328 13.26 16.88 -40.73
CA LEU B 328 12.06 16.88 -41.57
C LEU B 328 10.92 17.56 -40.84
N ASN B 329 10.91 17.42 -39.51
CA ASN B 329 9.86 17.98 -38.67
C ASN B 329 9.96 19.50 -38.54
N SER B 330 11.11 20.05 -38.94
CA SER B 330 11.35 21.49 -38.84
C SER B 330 10.44 22.28 -39.78
N TYR B 331 10.10 21.69 -40.91
CA TYR B 331 9.34 22.39 -41.93
C TYR B 331 7.83 22.25 -41.75
N HIS B 332 7.43 21.77 -40.58
CA HIS B 332 6.03 21.77 -40.19
C HIS B 332 5.77 22.96 -39.27
N ARG B 333 6.86 23.55 -38.79
CA ARG B 333 6.81 24.77 -38.00
C ARG B 333 7.10 25.97 -38.90
N LEU B 334 8.13 25.85 -39.72
CA LEU B 334 8.45 26.88 -40.70
C LEU B 334 7.42 26.89 -41.82
N VAL B 335 6.22 27.34 -41.50
CA VAL B 335 5.11 27.34 -42.44
C VAL B 335 4.40 28.70 -42.44
N PRO B 336 4.19 29.26 -43.64
CA PRO B 336 3.46 30.53 -43.79
C PRO B 336 2.03 30.45 -43.28
N GLY B 337 1.87 30.31 -41.95
CA GLY B 337 0.57 30.21 -41.35
C GLY B 337 0.33 31.25 -40.27
N ALA B 340 5.38 32.68 -37.89
CA ALA B 340 6.51 31.88 -38.35
C ALA B 340 7.47 32.69 -39.20
N PRO B 341 8.75 32.70 -38.82
CA PRO B 341 9.80 33.45 -39.54
C PRO B 341 10.16 32.81 -40.88
N VAL B 342 9.35 33.05 -41.89
CA VAL B 342 9.58 32.52 -43.22
C VAL B 342 10.25 33.56 -44.12
N ASN B 343 9.81 34.81 -43.99
CA ASN B 343 10.36 35.90 -44.79
C ASN B 343 11.74 36.34 -44.30
N LEU B 344 12.75 36.18 -45.14
CA LEU B 344 14.11 36.56 -44.79
C LEU B 344 14.32 38.06 -44.85
N VAL B 345 13.76 38.76 -43.86
CA VAL B 345 13.90 40.20 -43.73
C VAL B 345 14.12 40.51 -42.26
N TYR B 346 14.61 41.71 -41.94
CA TYR B 346 14.81 42.09 -40.55
C TYR B 346 14.05 43.37 -40.22
N SER B 347 13.46 43.41 -39.02
CA SER B 347 12.68 44.57 -38.60
C SER B 347 12.86 44.81 -37.10
N ALA B 348 12.56 46.03 -36.67
CA ALA B 348 12.66 46.38 -35.26
C ALA B 348 11.30 46.30 -34.57
N ARG B 349 10.27 46.03 -35.37
CA ARG B 349 8.91 45.98 -34.86
C ARG B 349 8.12 44.78 -35.39
N ASN B 350 8.27 44.49 -36.68
CA ASN B 350 7.54 43.40 -37.32
C ASN B 350 7.98 42.02 -36.81
N ARG B 351 7.01 41.21 -36.42
CA ARG B 351 7.28 39.89 -35.88
C ARG B 351 7.36 38.81 -36.95
N SER B 352 6.90 39.14 -38.16
CA SER B 352 6.92 38.20 -39.27
C SER B 352 8.32 38.03 -39.85
N ALA B 353 9.22 38.90 -39.43
CA ALA B 353 10.60 38.87 -39.90
C ALA B 353 11.37 37.68 -39.35
N ALA B 354 12.30 37.16 -40.15
CA ALA B 354 13.15 36.04 -39.71
C ALA B 354 14.22 36.53 -38.75
N ILE B 355 14.48 37.84 -38.79
CA ILE B 355 15.47 38.47 -37.92
C ILE B 355 14.84 39.65 -37.19
N ARG B 356 14.98 39.69 -35.87
CA ARG B 356 14.39 40.75 -35.07
C ARG B 356 15.45 41.54 -34.30
N ILE B 357 15.21 42.85 -34.16
CA ILE B 357 16.12 43.70 -33.40
C ILE B 357 15.39 44.31 -32.20
N PRO B 358 15.63 43.74 -31.01
CA PRO B 358 15.02 44.23 -29.78
C PRO B 358 15.77 45.44 -29.21
N PRO B 364 23.25 50.07 -24.24
CA PRO B 364 23.94 50.00 -25.53
C PRO B 364 24.64 48.68 -25.73
N ALA B 365 24.88 47.96 -24.64
CA ALA B 365 25.54 46.65 -24.70
C ALA B 365 24.52 45.54 -24.85
N ALA B 366 23.25 45.91 -25.02
CA ALA B 366 22.18 44.94 -25.15
C ALA B 366 21.65 44.85 -26.57
N LYS B 367 22.27 45.61 -27.48
CA LYS B 367 21.89 45.59 -28.89
C LYS B 367 22.39 44.30 -29.54
N ARG B 368 21.45 43.50 -30.06
CA ARG B 368 21.80 42.20 -30.59
C ARG B 368 20.89 41.76 -31.73
N ILE B 369 21.29 40.70 -32.42
CA ILE B 369 20.51 40.16 -33.54
C ILE B 369 19.81 38.86 -33.13
N GLU B 370 18.49 38.83 -33.28
CA GLU B 370 17.72 37.65 -32.90
C GLU B 370 17.23 36.87 -34.11
N PHE B 371 17.90 35.77 -34.41
CA PHE B 371 17.46 34.88 -35.49
C PHE B 371 16.34 33.99 -34.96
N ARG B 372 15.15 34.14 -35.52
CA ARG B 372 13.97 33.47 -35.00
C ARG B 372 13.63 32.16 -35.72
N ALA B 373 14.33 31.91 -36.83
CA ALA B 373 14.12 30.69 -37.62
C ALA B 373 14.45 29.34 -36.94
N PRO B 374 15.63 29.23 -36.29
CA PRO B 374 16.03 27.90 -35.78
C PRO B 374 15.08 27.26 -34.77
N ASP B 375 15.20 25.94 -34.65
CA ASP B 375 14.46 25.16 -33.66
C ASP B 375 15.45 24.32 -32.86
N PRO B 376 15.07 23.90 -31.64
CA PRO B 376 16.03 23.19 -30.78
C PRO B 376 16.20 21.71 -31.13
N SER B 377 15.99 21.33 -32.38
CA SER B 377 16.22 19.94 -32.80
C SER B 377 17.53 19.85 -33.56
N CYS B 378 18.33 20.90 -33.46
CA CYS B 378 19.59 20.97 -34.21
C CYS B 378 20.80 20.75 -33.31
N ASN B 379 21.97 20.68 -33.93
CA ASN B 379 23.23 20.63 -33.19
C ASN B 379 23.69 22.05 -32.92
N PRO B 380 23.69 22.46 -31.64
CA PRO B 380 24.00 23.84 -31.24
C PRO B 380 25.39 24.28 -31.68
N PHE B 381 26.36 23.37 -31.64
CA PHE B 381 27.71 23.67 -32.09
C PHE B 381 27.73 24.01 -33.57
N LEU B 382 26.99 23.24 -34.35
CA LEU B 382 26.91 23.43 -35.80
C LEU B 382 26.00 24.61 -36.16
N ALA B 383 24.96 24.79 -35.36
CA ALA B 383 23.98 25.85 -35.61
C ALA B 383 24.59 27.24 -35.40
N PHE B 384 25.19 27.44 -34.23
CA PHE B 384 25.77 28.73 -33.87
C PHE B 384 26.92 29.09 -34.80
N SER B 385 27.73 28.08 -35.15
CA SER B 385 28.89 28.29 -36.00
C SER B 385 28.49 28.73 -37.41
N ALA B 386 27.47 28.06 -37.96
CA ALA B 386 26.99 28.37 -39.30
C ALA B 386 26.45 29.79 -39.40
N GLN B 387 25.79 30.25 -38.34
CA GLN B 387 25.21 31.59 -38.32
C GLN B 387 26.30 32.66 -38.27
N LEU B 388 27.38 32.37 -37.54
CA LEU B 388 28.49 33.32 -37.42
C LEU B 388 29.27 33.42 -38.71
N ALA B 390 28.29 32.82 -41.62
CA ALA B 390 27.45 33.53 -42.58
C ALA B 390 27.50 35.02 -42.29
N GLY B 391 27.42 35.37 -41.01
CA GLY B 391 27.50 36.76 -40.59
C GLY B 391 28.86 37.35 -40.85
N LEU B 392 29.90 36.55 -40.66
CA LEU B 392 31.27 37.00 -40.92
C LEU B 392 31.52 37.17 -42.41
N ASP B 393 30.79 36.42 -43.22
CA ASP B 393 30.92 36.52 -44.67
C ASP B 393 30.37 37.86 -45.17
N GLY B 394 29.31 38.33 -44.52
CA GLY B 394 28.69 39.59 -44.90
C GLY B 394 29.54 40.79 -44.54
N ILE B 395 30.25 40.67 -43.41
CA ILE B 395 31.11 41.75 -42.93
C ILE B 395 32.34 41.93 -43.82
N LEU B 396 33.00 40.82 -44.14
CA LEU B 396 34.21 40.86 -44.95
C LEU B 396 33.96 41.33 -46.39
N ASN B 397 32.70 41.34 -46.80
CA ASN B 397 32.36 41.74 -48.17
C ASN B 397 31.40 42.92 -48.22
N HIS B 398 31.10 43.50 -47.06
CA HIS B 398 30.18 44.63 -46.95
C HIS B 398 28.83 44.30 -47.56
N ILE B 399 28.35 43.07 -47.35
CA ILE B 399 27.09 42.62 -47.92
C ILE B 399 25.90 43.32 -47.27
N GLU B 400 25.24 44.19 -48.04
CA GLU B 400 24.08 44.92 -47.55
C GLU B 400 22.81 44.08 -47.61
N PRO B 401 22.08 44.00 -46.49
CA PRO B 401 20.80 43.30 -46.44
C PRO B 401 19.71 44.13 -47.13
N PRO B 402 18.58 43.51 -47.48
CA PRO B 402 17.48 44.24 -48.11
C PRO B 402 16.90 45.31 -47.16
N ALA B 403 16.07 46.19 -47.70
CA ALA B 403 15.50 47.29 -46.93
C ALA B 403 14.63 46.79 -45.77
N PRO B 404 14.77 47.43 -44.59
CA PRO B 404 13.96 47.10 -43.42
C PRO B 404 12.48 47.38 -43.66
N VAL B 405 11.61 46.47 -43.20
CA VAL B 405 10.18 46.64 -43.38
C VAL B 405 9.38 45.91 -42.31
N GLY B 419 8.66 39.40 -53.50
CA GLY B 419 9.99 39.95 -53.64
C GLY B 419 10.85 39.73 -52.41
N ILE B 420 10.33 38.94 -51.48
CA ILE B 420 11.06 38.64 -50.24
C ILE B 420 11.55 37.20 -50.25
N LYS B 421 12.82 37.00 -49.92
CA LYS B 421 13.40 35.66 -49.88
C LYS B 421 12.72 34.79 -48.82
N GLN B 422 12.31 33.60 -49.21
CA GLN B 422 11.66 32.67 -48.30
C GLN B 422 12.64 31.62 -47.81
N VAL B 423 12.29 30.97 -46.70
CA VAL B 423 13.04 29.82 -46.22
C VAL B 423 12.81 28.66 -47.20
N PRO B 424 13.73 27.67 -47.20
CA PRO B 424 13.47 26.49 -48.04
C PRO B 424 12.14 25.82 -47.66
N SER B 425 11.45 25.25 -48.66
CA SER B 425 10.16 24.63 -48.42
C SER B 425 10.32 23.19 -47.95
N SER B 426 11.54 22.69 -47.99
CA SER B 426 11.83 21.31 -47.58
C SER B 426 13.28 21.15 -47.17
N LEU B 427 13.59 20.02 -46.55
CA LEU B 427 14.95 19.72 -46.13
C LEU B 427 15.85 19.46 -47.34
N ALA B 428 15.25 18.91 -48.39
CA ALA B 428 15.97 18.62 -49.62
C ALA B 428 16.45 19.91 -50.29
N GLU B 429 15.64 20.96 -50.19
CA GLU B 429 15.98 22.25 -50.75
C GLU B 429 17.11 22.89 -49.95
N ALA B 430 17.11 22.66 -48.65
CA ALA B 430 18.16 23.17 -47.78
C ALA B 430 19.49 22.50 -48.08
N ASP B 432 20.20 20.98 -50.89
CA ASP B 432 20.53 21.42 -52.24
C ASP B 432 21.23 22.77 -52.21
N ALA B 433 20.79 23.63 -51.31
CA ALA B 433 21.35 24.97 -51.19
C ALA B 433 22.71 24.95 -50.49
N LEU B 434 22.84 24.10 -49.47
CA LEU B 434 24.10 23.94 -48.76
C LEU B 434 25.16 23.37 -49.70
N GLU B 435 24.72 22.55 -50.65
CA GLU B 435 25.62 21.88 -51.57
C GLU B 435 26.27 22.85 -52.56
N GLU B 436 25.54 23.91 -52.91
CA GLU B 436 26.06 24.89 -53.87
C GLU B 436 26.66 26.11 -53.18
N ASP B 437 26.15 26.44 -51.99
CA ASP B 437 26.61 27.61 -51.26
C ASP B 437 27.14 27.24 -49.88
N HIS B 438 28.45 27.00 -49.79
CA HIS B 438 29.06 26.60 -48.53
C HIS B 438 30.53 27.04 -48.43
N ASP B 439 30.94 27.95 -49.31
CA ASP B 439 32.31 28.46 -49.29
C ASP B 439 32.59 29.27 -48.02
N PHE B 440 31.58 29.99 -47.54
CA PHE B 440 31.72 30.81 -46.35
C PHE B 440 31.89 29.95 -45.10
N LEU B 441 31.48 28.68 -45.19
CA LEU B 441 31.63 27.74 -44.10
C LEU B 441 33.03 27.13 -44.11
N THR B 442 33.57 26.92 -45.30
CA THR B 442 34.88 26.30 -45.46
C THR B 442 36.03 27.28 -45.20
N ALA B 443 35.68 28.53 -44.98
CA ALA B 443 36.68 29.56 -44.71
C ALA B 443 37.38 29.33 -43.37
N GLY B 444 38.71 29.30 -43.40
CA GLY B 444 39.50 29.10 -42.20
C GLY B 444 39.41 27.69 -41.65
N ASP B 445 39.09 26.74 -42.52
CA ASP B 445 38.97 25.32 -42.15
C ASP B 445 37.98 25.05 -41.03
N VAL B 446 37.00 25.94 -40.86
CA VAL B 446 35.98 25.77 -39.83
C VAL B 446 35.07 24.58 -40.15
N PHE B 447 34.36 24.67 -41.27
CA PHE B 447 33.56 23.56 -41.77
C PHE B 447 34.30 22.85 -42.89
N THR B 448 34.78 21.64 -42.62
CA THR B 448 35.50 20.87 -43.62
C THR B 448 34.55 20.29 -44.67
N ASP B 449 35.10 19.86 -45.79
CA ASP B 449 34.30 19.25 -46.86
C ASP B 449 33.81 17.88 -46.45
N ASP B 450 34.57 17.21 -45.60
CA ASP B 450 34.19 15.88 -45.11
C ASP B 450 32.94 15.96 -44.22
N LEU B 451 32.87 17.01 -43.41
CA LEU B 451 31.73 17.21 -42.53
C LEU B 451 30.47 17.56 -43.32
N ILE B 452 30.61 18.52 -44.23
CA ILE B 452 29.50 18.97 -45.05
C ILE B 452 28.92 17.86 -45.91
N ASP B 453 29.80 17.08 -46.53
CA ASP B 453 29.39 15.95 -47.36
C ASP B 453 28.66 14.89 -46.52
N THR B 454 29.18 14.63 -45.33
CA THR B 454 28.58 13.64 -44.42
C THR B 454 27.22 14.12 -43.93
N TRP B 455 27.15 15.38 -43.53
CA TRP B 455 25.90 15.97 -43.02
C TRP B 455 24.79 15.91 -44.08
N ILE B 456 25.14 16.24 -45.32
CA ILE B 456 24.20 16.16 -46.42
C ILE B 456 23.78 14.71 -46.68
N SER B 457 24.76 13.81 -46.66
CA SER B 457 24.51 12.39 -46.90
C SER B 457 23.61 11.78 -45.84
N ILE B 458 23.75 12.24 -44.60
CA ILE B 458 22.92 11.74 -43.50
C ILE B 458 21.48 12.22 -43.65
N LYS B 459 21.31 13.51 -43.91
CA LYS B 459 19.98 14.11 -44.00
C LYS B 459 19.21 13.67 -45.24
N ARG B 460 19.91 13.31 -46.30
CA ARG B 460 19.26 12.81 -47.51
C ARG B 460 18.80 11.37 -47.29
N GLY B 461 19.46 10.68 -46.36
CA GLY B 461 19.04 9.35 -45.97
C GLY B 461 17.73 9.38 -45.22
N GLU B 462 17.54 10.45 -44.44
CA GLU B 462 16.30 10.63 -43.69
C GLU B 462 15.15 10.98 -44.63
N ILE B 463 15.44 11.77 -45.64
CA ILE B 463 14.45 12.13 -46.66
C ILE B 463 14.06 10.89 -47.45
N ASP B 464 15.01 10.00 -47.66
CA ASP B 464 14.74 8.73 -48.33
C ASP B 464 13.79 7.87 -47.51
N GLN B 465 13.93 7.94 -46.19
CA GLN B 465 13.03 7.21 -45.30
C GLN B 465 11.61 7.75 -45.41
N ALA B 466 11.48 9.06 -45.53
CA ALA B 466 10.19 9.71 -45.69
C ALA B 466 9.60 9.38 -47.06
N ARG B 467 10.47 9.18 -48.03
CA ARG B 467 10.07 8.84 -49.39
C ARG B 467 9.44 7.44 -49.44
N LEU B 468 9.77 6.62 -48.45
CA LEU B 468 9.32 5.23 -48.40
C LEU B 468 8.09 5.02 -47.51
N ALA B 469 7.79 5.99 -46.66
CA ALA B 469 6.77 5.81 -45.63
C ALA B 469 5.43 6.50 -45.96
N PRO B 470 4.35 5.70 -46.05
CA PRO B 470 2.99 6.22 -46.21
C PRO B 470 2.54 6.97 -44.96
N THR B 471 1.67 7.96 -45.12
CA THR B 471 1.24 8.79 -44.01
C THR B 471 -0.26 8.65 -43.75
N PRO B 472 -0.69 8.85 -42.50
CA PRO B 472 -2.11 8.81 -42.13
C PRO B 472 -2.94 9.81 -42.94
N LEU B 473 -2.34 10.93 -43.31
CA LEU B 473 -3.02 11.95 -44.11
C LEU B 473 -3.41 11.40 -45.48
N GLU B 474 -2.51 10.62 -46.07
CA GLU B 474 -2.74 10.05 -47.39
C GLU B 474 -3.89 9.03 -47.39
N TYR B 475 -4.12 8.40 -46.24
CA TYR B 475 -5.26 7.52 -46.08
C TYR B 475 -6.56 8.34 -46.09
N GLU B 476 -6.51 9.50 -45.47
CA GLU B 476 -7.66 10.39 -45.44
C GLU B 476 -7.96 10.94 -46.84
N LEU B 477 -6.91 11.20 -47.60
CA LEU B 477 -7.06 11.83 -48.91
C LEU B 477 -7.29 10.85 -50.05
N TYR B 478 -6.67 9.67 -49.98
CA TYR B 478 -6.58 8.81 -51.16
C TYR B 478 -7.14 7.39 -51.03
N PHE B 479 -7.41 6.93 -49.81
CA PHE B 479 -7.85 5.55 -49.62
C PHE B 479 -9.17 5.25 -50.33
N HIS B 480 -10.08 6.22 -50.30
CA HIS B 480 -11.42 6.03 -50.87
C HIS B 480 -11.42 6.16 -52.39
N ILE B 481 -10.36 6.75 -52.94
CA ILE B 481 -10.29 6.98 -54.38
C ILE B 481 -10.06 5.67 -55.15
N ALA C 6 3.03 44.54 5.64
CA ALA C 6 3.28 44.49 4.21
C ALA C 6 4.65 45.06 3.86
N LEU C 7 4.93 45.19 2.57
CA LEU C 7 6.19 45.74 2.10
C LEU C 7 6.01 47.17 1.59
N GLU C 8 7.10 47.80 1.18
CA GLU C 8 7.05 49.18 0.71
C GLU C 8 8.19 49.52 -0.25
N THR C 9 9.41 49.12 0.11
CA THR C 9 10.59 49.47 -0.67
C THR C 9 11.29 48.26 -1.26
N LYS C 10 12.32 48.51 -2.06
CA LYS C 10 13.14 47.44 -2.63
C LYS C 10 13.93 46.75 -1.52
N ALA C 11 14.38 47.53 -0.56
CA ALA C 11 15.14 46.99 0.58
C ALA C 11 14.26 46.11 1.45
N ASP C 12 12.96 46.38 1.46
CA ASP C 12 12.02 45.56 2.22
C ASP C 12 11.87 44.18 1.59
N ALA C 13 11.76 44.14 0.27
CA ALA C 13 11.65 42.88 -0.46
C ALA C 13 12.91 42.05 -0.33
N GLU C 14 14.06 42.69 -0.51
CA GLU C 14 15.35 42.02 -0.42
C GLU C 14 15.59 41.47 0.99
N ALA C 15 15.07 42.17 1.99
CA ALA C 15 15.16 41.72 3.37
C ALA C 15 14.32 40.47 3.58
N LEU C 16 13.11 40.47 3.02
CA LEU C 16 12.21 39.32 3.13
C LEU C 16 12.76 38.10 2.39
N ILE C 17 13.38 38.35 1.24
CA ILE C 17 13.95 37.27 0.42
C ILE C 17 15.00 36.46 1.17
N ASN C 18 15.90 37.15 1.88
CA ASN C 18 16.95 36.50 2.63
C ASN C 18 16.47 35.87 3.93
N LYS C 19 15.51 36.54 4.59
CA LYS C 19 14.97 36.07 5.86
C LYS C 19 14.17 34.77 5.70
N GLU C 20 13.37 34.70 4.64
CA GLU C 20 12.53 33.53 4.39
C GLU C 20 13.19 32.54 3.43
N GLY C 21 14.29 32.95 2.83
CA GLY C 21 15.00 32.11 1.87
C GLY C 21 14.17 31.89 0.61
N ILE C 22 13.92 32.97 -0.13
CA ILE C 22 13.11 32.91 -1.33
C ILE C 22 13.97 32.69 -2.57
N GLU C 23 13.63 31.65 -3.34
CA GLU C 23 14.38 31.31 -4.55
C GLU C 23 13.93 32.12 -5.77
N TYR C 24 12.63 32.22 -5.98
CA TYR C 24 12.11 32.85 -7.19
C TYR C 24 11.01 33.87 -6.93
N VAL C 25 10.76 34.71 -7.93
CA VAL C 25 9.71 35.72 -7.86
C VAL C 25 8.75 35.56 -9.03
N SER C 26 7.46 35.45 -8.73
CA SER C 26 6.43 35.35 -9.76
C SER C 26 5.99 36.72 -10.22
N VAL C 27 6.43 37.12 -11.41
CA VAL C 27 6.07 38.41 -11.99
C VAL C 27 4.66 38.34 -12.55
N ARG C 28 3.70 38.92 -11.85
CA ARG C 28 2.29 38.76 -12.18
C ARG C 28 1.59 40.03 -12.66
N PHE C 29 0.59 39.83 -13.52
CA PHE C 29 -0.30 40.92 -13.94
C PHE C 29 -1.64 40.34 -14.39
N THR C 30 -2.67 41.17 -14.37
CA THR C 30 -4.00 40.74 -14.77
C THR C 30 -4.29 41.11 -16.23
N ASP C 31 -4.77 40.15 -17.00
CA ASP C 31 -5.12 40.41 -18.40
C ASP C 31 -6.47 41.11 -18.50
N LEU C 32 -6.93 41.35 -19.72
CA LEU C 32 -8.17 42.10 -19.93
C LEU C 32 -9.40 41.36 -19.43
N ILE C 33 -9.40 40.04 -19.58
CA ILE C 33 -10.53 39.22 -19.16
C ILE C 33 -10.67 39.19 -17.64
N GLY C 34 -9.57 38.91 -16.96
CA GLY C 34 -9.56 38.83 -15.51
C GLY C 34 -8.81 37.60 -15.03
N VAL C 35 -7.90 37.12 -15.86
CA VAL C 35 -7.06 35.98 -15.52
C VAL C 35 -5.61 36.41 -15.31
N GLN C 36 -5.07 36.09 -14.15
CA GLN C 36 -3.70 36.50 -13.80
C GLN C 36 -2.66 35.79 -14.66
N GLN C 37 -1.74 36.55 -15.22
CA GLN C 37 -0.66 36.02 -16.06
C GLN C 37 0.66 36.18 -15.33
N HIS C 38 1.58 35.23 -15.53
CA HIS C 38 2.86 35.30 -14.84
C HIS C 38 4.00 34.54 -15.52
N PHE C 39 5.22 34.97 -15.24
CA PHE C 39 6.42 34.22 -15.58
C PHE C 39 7.38 34.27 -14.39
N THR C 40 8.24 33.27 -14.28
CA THR C 40 9.08 33.12 -13.09
C THR C 40 10.54 33.53 -13.32
N VAL C 41 11.06 34.35 -12.42
CA VAL C 41 12.46 34.79 -12.47
C VAL C 41 13.13 34.53 -11.12
N PRO C 42 14.46 34.33 -11.12
CA PRO C 42 15.21 34.19 -9.87
C PRO C 42 15.10 35.45 -9.02
N ALA C 43 15.14 35.29 -7.70
CA ALA C 43 14.99 36.42 -6.79
C ALA C 43 16.09 37.47 -6.98
N SER C 44 17.28 37.02 -7.35
CA SER C 44 18.39 37.92 -7.61
C SER C 44 18.14 38.73 -8.88
N GLU C 45 17.49 38.10 -9.85
CA GLU C 45 17.17 38.76 -11.11
C GLU C 45 16.05 39.77 -10.90
N PHE C 46 15.21 39.51 -9.90
CA PHE C 46 14.11 40.40 -9.56
C PHE C 46 14.61 41.69 -8.94
N LEU C 47 15.53 41.57 -8.00
CA LEU C 47 16.09 42.73 -7.31
C LEU C 47 16.92 43.59 -8.26
N LYS C 48 17.69 42.93 -9.12
CA LYS C 48 18.65 43.63 -9.97
C LYS C 48 18.01 44.46 -11.08
N ASP C 49 16.78 44.11 -11.46
CA ASP C 49 16.16 44.71 -12.64
C ASP C 49 14.82 45.40 -12.44
N ALA C 50 13.94 44.77 -11.66
CA ALA C 50 12.54 45.23 -11.54
C ALA C 50 12.39 46.68 -11.09
N PHE C 51 13.26 47.13 -10.20
CA PHE C 51 13.17 48.47 -9.65
C PHE C 51 13.92 49.49 -10.49
N THR C 52 14.61 49.01 -11.52
CA THR C 52 15.41 49.88 -12.38
C THR C 52 14.92 49.88 -13.82
N ASP C 53 15.09 48.74 -14.50
CA ASP C 53 14.77 48.65 -15.93
C ASP C 53 13.44 47.96 -16.18
N GLY C 54 12.88 47.34 -15.15
CA GLY C 54 11.61 46.65 -15.26
C GLY C 54 11.71 45.33 -16.00
N PRO C 56 10.67 43.03 -19.06
CA PRO C 56 10.12 43.04 -20.42
C PRO C 56 9.40 41.73 -20.75
N PHE C 57 8.50 41.77 -21.72
CA PHE C 57 7.77 40.58 -22.17
C PHE C 57 7.02 40.84 -23.46
N ASP C 58 6.41 39.79 -24.01
CA ASP C 58 5.61 39.92 -25.23
C ASP C 58 4.13 39.74 -24.93
N GLY C 59 3.32 40.73 -25.29
CA GLY C 59 1.89 40.68 -25.04
C GLY C 59 1.08 40.33 -26.26
N SER C 60 1.76 39.94 -27.34
CA SER C 60 1.09 39.61 -28.59
C SER C 60 0.38 38.26 -28.49
N SER C 61 0.75 37.47 -27.50
CA SER C 61 0.18 36.13 -27.31
C SER C 61 -0.89 36.12 -26.21
N VAL C 62 -1.00 37.22 -25.49
CA VAL C 62 -2.01 37.35 -24.44
C VAL C 62 -3.31 37.91 -25.03
N GLU C 63 -4.44 37.29 -24.70
CA GLU C 63 -5.73 37.70 -25.25
C GLU C 63 -6.19 39.04 -24.69
N GLY C 64 -6.43 39.99 -25.59
CA GLY C 64 -6.91 41.30 -25.20
C GLY C 64 -5.93 42.41 -25.53
N PHE C 65 -4.69 42.03 -25.83
CA PHE C 65 -3.64 43.01 -26.11
C PHE C 65 -3.31 43.06 -27.60
N GLN C 66 -3.37 41.92 -28.26
CA GLN C 66 -3.09 41.83 -29.69
C GLN C 66 -3.77 40.63 -30.32
N SER C 71 5.00 46.68 -29.71
CA SER C 71 4.45 45.38 -29.35
C SER C 71 4.88 45.00 -27.93
N ASP C 72 6.18 44.77 -27.77
CA ASP C 72 6.77 44.43 -26.48
C ASP C 72 6.51 45.49 -25.41
N LYS C 74 6.64 46.71 -20.87
CA LYS C 74 7.47 46.80 -19.68
C LYS C 74 6.61 46.73 -18.41
N LEU C 75 7.06 45.94 -17.44
CA LEU C 75 6.31 45.76 -16.21
C LEU C 75 6.94 46.49 -15.03
N VAL C 76 6.11 47.18 -14.27
CA VAL C 76 6.56 47.92 -13.10
C VAL C 76 6.00 47.31 -11.81
N PRO C 77 6.88 46.93 -10.88
CA PRO C 77 6.49 46.23 -9.66
C PRO C 77 5.76 47.11 -8.64
N ASP C 78 4.71 46.55 -8.05
CA ASP C 78 4.02 47.19 -6.94
C ASP C 78 4.23 46.33 -5.70
N VAL C 79 5.28 46.64 -4.95
CA VAL C 79 5.73 45.80 -3.84
C VAL C 79 4.68 45.61 -2.74
N SER C 80 3.71 46.51 -2.68
CA SER C 80 2.65 46.43 -1.67
C SER C 80 1.69 45.28 -1.97
N THR C 81 1.82 44.68 -3.14
CA THR C 81 0.98 43.57 -3.54
C THR C 81 1.69 42.23 -3.33
N ALA C 82 2.95 42.30 -2.92
CA ALA C 82 3.77 41.10 -2.75
C ALA C 82 3.27 40.20 -1.63
N PHE C 83 3.34 38.89 -1.85
CA PHE C 83 2.99 37.91 -0.83
C PHE C 83 3.67 36.57 -1.10
N ILE C 84 4.01 35.85 -0.04
CA ILE C 84 4.65 34.54 -0.16
C ILE C 84 3.66 33.49 -0.64
N ASP C 85 4.01 32.79 -1.71
CA ASP C 85 3.15 31.76 -2.28
C ASP C 85 3.10 30.53 -1.38
N PRO C 86 1.89 30.18 -0.89
CA PRO C 86 1.70 29.05 0.01
C PRO C 86 1.36 27.77 -0.74
N PHE C 87 1.71 27.68 -2.01
CA PHE C 87 1.36 26.51 -2.82
C PHE C 87 2.57 25.89 -3.52
N ARG C 88 3.55 26.72 -3.86
CA ARG C 88 4.70 26.28 -4.63
C ARG C 88 5.61 25.33 -3.85
N LYS C 89 6.29 24.45 -4.58
CA LYS C 89 7.27 23.55 -3.99
C LYS C 89 8.47 24.37 -3.49
N HIS C 90 9.01 25.19 -4.38
CA HIS C 90 10.09 26.09 -4.03
C HIS C 90 9.52 27.39 -3.44
N LYS C 91 10.26 27.98 -2.51
CA LYS C 91 9.83 29.23 -1.88
C LYS C 91 9.77 30.34 -2.93
N THR C 92 8.57 30.89 -3.14
CA THR C 92 8.38 31.86 -4.20
C THR C 92 7.63 33.10 -3.69
N LEU C 93 8.02 34.26 -4.20
CA LEU C 93 7.35 35.53 -3.86
C LEU C 93 6.49 36.00 -5.04
N ASP C 94 5.19 36.16 -4.80
CA ASP C 94 4.28 36.61 -5.85
C ASP C 94 4.11 38.13 -5.82
N VAL C 95 4.52 38.79 -6.91
CA VAL C 95 4.41 40.23 -7.00
C VAL C 95 3.60 40.66 -8.21
N ALA C 96 2.60 41.50 -8.00
CA ALA C 96 1.78 42.03 -9.08
C ALA C 96 2.43 43.25 -9.73
N PHE C 97 2.44 43.29 -11.05
CA PHE C 97 3.08 44.37 -11.78
C PHE C 97 2.07 45.20 -12.56
N SER C 98 2.47 46.40 -12.98
CA SER C 98 1.66 47.23 -13.85
C SER C 98 2.33 47.36 -15.21
N ILE C 99 1.52 47.52 -16.26
CA ILE C 99 2.06 47.55 -17.62
C ILE C 99 2.24 48.97 -18.15
N VAL C 100 3.44 49.24 -18.68
CA VAL C 100 3.72 50.53 -19.30
C VAL C 100 4.47 50.31 -20.61
N ASP C 101 4.88 51.41 -21.25
CA ASP C 101 5.66 51.34 -22.47
C ASP C 101 7.15 51.33 -22.14
N PRO C 102 7.92 50.47 -22.81
CA PRO C 102 9.36 50.35 -22.53
C PRO C 102 10.16 51.59 -22.87
N LEU C 103 9.59 52.48 -23.68
CA LEU C 103 10.30 53.69 -24.11
C LEU C 103 9.72 54.96 -23.50
N THR C 104 8.41 55.10 -23.54
CA THR C 104 7.75 56.32 -23.07
C THR C 104 7.37 56.22 -21.59
N ASP C 105 7.37 55.00 -21.07
CA ASP C 105 6.94 54.73 -19.69
C ASP C 105 5.51 55.20 -19.40
N GLU C 106 4.73 55.37 -20.46
CA GLU C 106 3.33 55.75 -20.32
C GLU C 106 2.48 54.50 -20.12
N PRO C 107 1.66 54.50 -19.07
CA PRO C 107 0.73 53.43 -18.70
C PRO C 107 0.03 52.80 -19.91
N TYR C 108 0.09 51.47 -20.02
CA TYR C 108 -0.51 50.77 -21.15
C TYR C 108 -2.02 50.98 -21.21
N SER C 109 -2.53 51.12 -22.43
CA SER C 109 -3.93 51.45 -22.65
C SER C 109 -4.90 50.36 -22.18
N ARG C 110 -4.53 49.10 -22.38
CA ARG C 110 -5.43 47.99 -22.09
C ARG C 110 -5.05 47.24 -20.81
N ASP C 111 -4.40 47.93 -19.89
CA ASP C 111 -4.09 47.37 -18.58
C ASP C 111 -5.24 47.66 -17.63
N PRO C 112 -5.94 46.60 -17.19
CA PRO C 112 -7.10 46.75 -16.30
C PRO C 112 -6.73 47.36 -14.94
N ARG C 113 -5.62 46.91 -14.36
CA ARG C 113 -5.17 47.42 -13.07
C ARG C 113 -4.83 48.91 -13.15
N GLN C 114 -4.31 49.31 -14.30
CA GLN C 114 -3.90 50.70 -14.51
C GLN C 114 -5.12 51.61 -14.62
N VAL C 115 -6.21 51.06 -15.15
CA VAL C 115 -7.47 51.79 -15.26
C VAL C 115 -7.99 52.16 -13.87
N ALA C 116 -7.88 51.21 -12.94
CA ALA C 116 -8.31 51.44 -11.56
C ALA C 116 -7.53 52.57 -10.89
N GLY C 117 -6.27 52.72 -11.27
CA GLY C 117 -5.43 53.78 -10.74
C GLY C 117 -5.83 55.15 -11.26
N LYS C 118 -6.14 55.21 -12.55
CA LYS C 118 -6.55 56.46 -13.18
C LYS C 118 -7.93 56.90 -12.68
N ALA C 119 -8.74 55.93 -12.29
CA ALA C 119 -10.06 56.20 -11.74
C ALA C 119 -9.94 56.83 -10.35
N GLU C 120 -8.96 56.37 -9.59
CA GLU C 120 -8.69 56.93 -8.27
C GLU C 120 -8.12 58.34 -8.39
N ALA C 121 -7.31 58.56 -9.42
CA ALA C 121 -6.72 59.87 -9.66
C ALA C 121 -7.77 60.85 -10.16
N TYR C 122 -8.66 60.37 -11.02
CA TYR C 122 -9.76 61.20 -11.53
C TYR C 122 -10.72 61.59 -10.42
N LEU C 123 -10.91 60.68 -9.47
CA LEU C 123 -11.75 60.94 -8.31
C LEU C 123 -11.20 62.11 -7.49
N LYS C 124 -9.88 62.13 -7.34
CA LYS C 124 -9.22 63.21 -6.61
C LYS C 124 -9.36 64.54 -7.31
N SER C 125 -9.34 64.52 -8.64
CA SER C 125 -9.39 65.73 -9.45
C SER C 125 -10.78 66.39 -9.41
N THR C 126 -11.81 65.57 -9.22
CA THR C 126 -13.18 66.09 -9.16
C THR C 126 -13.43 66.87 -7.87
N GLY C 127 -12.61 66.61 -6.86
CA GLY C 127 -12.74 67.29 -5.59
C GLY C 127 -13.78 66.66 -4.69
N ILE C 128 -14.53 65.70 -5.23
CA ILE C 128 -15.57 65.01 -4.50
C ILE C 128 -15.01 64.18 -3.35
N ALA C 129 -14.03 63.33 -3.67
CA ALA C 129 -13.43 62.47 -2.67
C ALA C 129 -11.97 62.18 -3.00
N ASP C 130 -11.28 61.50 -2.09
CA ASP C 130 -9.89 61.11 -2.29
C ASP C 130 -9.73 59.59 -2.30
N THR C 131 -10.76 58.89 -1.82
CA THR C 131 -10.72 57.44 -1.70
C THR C 131 -12.09 56.81 -1.92
N ALA C 132 -12.12 55.74 -2.72
CA ALA C 132 -13.33 54.96 -2.91
C ALA C 132 -13.11 53.54 -2.40
N SER C 133 -13.92 53.19 -1.42
CA SER C 133 -14.04 51.91 -0.74
C SER C 133 -14.77 50.80 -1.50
N PHE C 134 -14.14 49.68 -1.85
CA PHE C 134 -14.94 48.59 -2.39
C PHE C 134 -14.79 47.33 -1.54
N ALA C 135 -15.88 46.56 -1.45
CA ALA C 135 -15.88 45.31 -0.68
C ALA C 135 -16.80 44.28 -1.34
N PRO C 136 -16.20 43.34 -2.08
CA PRO C 136 -16.97 42.31 -2.80
C PRO C 136 -17.40 41.17 -1.89
N GLU C 137 -18.42 40.43 -2.32
CA GLU C 137 -18.87 39.22 -1.63
C GLU C 137 -18.84 38.06 -2.60
N ALA C 138 -17.63 37.63 -2.97
CA ALA C 138 -17.45 36.63 -4.02
C ALA C 138 -17.81 35.22 -3.57
N GLU C 139 -18.98 34.75 -3.97
CA GLU C 139 -19.39 33.37 -3.72
C GLU C 139 -18.66 32.46 -4.71
N PHE C 140 -18.71 31.16 -4.47
CA PHE C 140 -18.11 30.20 -5.39
C PHE C 140 -18.61 28.78 -5.15
N PHE C 141 -18.26 27.88 -6.07
CA PHE C 141 -18.63 26.48 -5.95
C PHE C 141 -17.39 25.60 -5.74
N ILE C 142 -17.57 24.51 -5.01
CA ILE C 142 -16.52 23.51 -4.87
C ILE C 142 -17.03 22.16 -5.35
N PHE C 143 -16.51 21.70 -6.48
CA PHE C 143 -16.89 20.41 -7.04
C PHE C 143 -15.76 19.40 -6.86
N ASP C 144 -16.11 18.12 -6.88
CA ASP C 144 -15.11 17.06 -6.81
C ASP C 144 -14.68 16.65 -8.22
N LYS C 145 -15.60 16.79 -9.17
CA LYS C 145 -15.33 16.43 -10.56
C LYS C 145 -15.96 17.44 -11.53
N VAL C 146 -15.16 17.96 -12.44
CA VAL C 146 -15.66 18.88 -13.46
C VAL C 146 -15.09 18.52 -14.83
N ARG C 147 -15.98 18.24 -15.78
CA ARG C 147 -15.55 17.91 -17.13
C ARG C 147 -16.52 18.43 -18.18
N PHE C 148 -15.99 18.83 -19.32
CA PHE C 148 -16.80 19.43 -20.38
C PHE C 148 -16.14 19.26 -21.74
N GLU C 149 -16.94 19.28 -22.80
CA GLU C 149 -16.44 19.15 -24.15
C GLU C 149 -17.41 19.75 -25.17
N ASN C 150 -16.87 20.34 -26.23
CA ASN C 150 -17.68 20.87 -27.31
C ASN C 150 -17.17 20.41 -28.67
N SER C 151 -17.46 19.15 -29.01
CA SER C 151 -17.04 18.59 -30.29
C SER C 151 -18.20 18.56 -31.28
N GLN C 153 -19.59 15.70 -32.59
CA GLN C 153 -20.50 14.61 -32.27
C GLN C 153 -21.22 14.80 -30.92
N ARG C 154 -20.61 15.58 -30.03
CA ARG C 154 -21.19 15.79 -28.72
C ARG C 154 -20.80 17.12 -28.09
N SER C 155 -21.61 17.55 -27.12
CA SER C 155 -21.33 18.75 -26.35
C SER C 155 -21.91 18.56 -24.95
N PHE C 156 -21.07 18.68 -23.93
CA PHE C 156 -21.53 18.44 -22.56
C PHE C 156 -20.74 19.18 -21.49
N TYR C 157 -21.34 19.27 -20.31
CA TYR C 157 -20.64 19.63 -19.10
C TYR C 157 -21.17 18.73 -17.98
N GLU C 158 -20.30 18.34 -17.06
CA GLU C 158 -20.73 17.52 -15.94
C GLU C 158 -19.96 17.88 -14.67
N VAL C 159 -20.71 18.20 -13.61
CA VAL C 159 -20.12 18.49 -12.32
C VAL C 159 -20.62 17.48 -11.30
N ASP C 160 -19.90 17.36 -10.19
CA ASP C 160 -20.29 16.44 -9.13
C ASP C 160 -19.72 16.87 -7.79
N SER C 161 -20.46 16.56 -6.72
CA SER C 161 -20.03 16.91 -5.37
C SER C 161 -20.56 15.88 -4.38
N ILE C 162 -19.83 15.67 -3.30
CA ILE C 162 -20.24 14.71 -2.28
C ILE C 162 -21.43 15.26 -1.48
N GLU C 163 -21.64 16.57 -1.55
CA GLU C 163 -22.74 17.22 -0.85
C GLU C 163 -24.00 17.24 -1.72
N ALA C 164 -23.84 16.94 -3.00
CA ALA C 164 -24.92 17.05 -3.98
C ALA C 164 -26.12 16.17 -3.65
N PRO C 165 -27.33 16.72 -3.83
CA PRO C 165 -28.58 16.01 -3.56
C PRO C 165 -28.83 14.84 -4.52
N TRP C 166 -28.24 14.89 -5.70
CA TRP C 166 -28.44 13.83 -6.68
C TRP C 166 -27.62 12.58 -6.36
N ASN C 167 -26.71 12.71 -5.39
CA ASN C 167 -25.91 11.57 -4.94
C ASN C 167 -26.47 10.96 -3.66
N SER C 168 -27.69 11.33 -3.31
CA SER C 168 -28.33 10.85 -2.09
C SER C 168 -28.56 9.34 -2.14
N GLY C 169 -28.81 8.83 -3.33
CA GLY C 169 -29.09 7.42 -3.51
C GLY C 169 -27.89 6.61 -3.97
N ILE C 170 -26.73 7.25 -4.04
CA ILE C 170 -25.52 6.55 -4.45
C ILE C 170 -25.13 5.48 -3.44
N ASP C 171 -24.46 4.44 -3.90
CA ASP C 171 -24.08 3.33 -3.04
C ASP C 171 -22.65 3.48 -2.52
N THR C 172 -21.74 3.79 -3.45
CA THR C 172 -20.33 3.89 -3.13
C THR C 172 -19.76 5.25 -3.51
N GLU C 173 -19.02 5.88 -2.59
CA GLU C 173 -18.37 7.15 -2.86
C GLU C 173 -17.15 6.96 -3.75
N ASP C 174 -16.47 8.05 -4.08
CA ASP C 174 -15.33 8.00 -4.98
C ASP C 174 -14.11 7.30 -4.39
N ASP C 175 -14.11 7.08 -3.08
CA ASP C 175 -12.97 6.44 -2.42
C ASP C 175 -13.26 5.01 -1.98
N GLY C 176 -14.37 4.44 -2.45
CA GLY C 176 -14.73 3.08 -2.13
C GLY C 176 -15.61 2.95 -0.89
N THR C 177 -15.53 3.95 -0.02
CA THR C 177 -16.32 3.95 1.22
C THR C 177 -17.81 4.10 0.92
N PRO C 178 -18.66 3.48 1.75
CA PRO C 178 -20.12 3.52 1.56
C PRO C 178 -20.71 4.91 1.73
N ASN C 179 -21.93 5.09 1.25
CA ASN C 179 -22.66 6.34 1.42
C ASN C 179 -23.08 6.50 2.88
N ILE C 180 -22.61 7.57 3.52
CA ILE C 180 -22.97 7.84 4.90
C ILE C 180 -23.94 9.03 5.03
N ALA C 181 -24.66 9.31 3.95
CA ALA C 181 -25.74 10.29 3.92
C ALA C 181 -25.34 11.70 4.37
N PHE C 182 -26.30 12.40 4.97
CA PHE C 182 -26.12 13.78 5.42
C PHE C 182 -25.75 14.72 4.27
N LYS C 183 -26.28 14.43 3.08
CA LYS C 183 -26.01 15.25 1.91
C LYS C 183 -27.04 16.38 1.82
N ASN C 184 -26.62 17.50 1.24
CA ASN C 184 -27.49 18.67 1.13
C ASN C 184 -28.72 18.43 0.27
N ARG C 185 -29.82 19.09 0.65
CA ARG C 185 -31.02 19.11 -0.18
C ARG C 185 -30.94 20.31 -1.11
N VAL C 186 -31.77 20.33 -2.15
CA VAL C 186 -31.75 21.42 -3.13
C VAL C 186 -32.11 22.76 -2.49
N LYS C 187 -31.25 23.75 -2.72
CA LYS C 187 -31.47 25.12 -2.23
C LYS C 187 -31.52 25.22 -0.71
N LYS C 188 -30.81 24.31 -0.03
CA LYS C 188 -30.82 24.27 1.43
C LYS C 188 -29.42 24.11 2.05
N GLY C 189 -28.41 24.69 1.40
CA GLY C 189 -27.05 24.58 1.90
C GLY C 189 -26.65 25.74 2.79
N TYR C 190 -27.59 26.63 3.08
CA TYR C 190 -27.30 27.83 3.85
C TYR C 190 -28.05 27.86 5.18
N PHE C 191 -27.38 27.52 6.28
CA PHE C 191 -26.01 27.00 6.27
C PHE C 191 -25.84 25.93 7.35
N PRO C 192 -26.42 24.74 7.14
CA PRO C 192 -26.40 23.67 8.15
C PRO C 192 -25.01 23.30 8.66
N VAL C 193 -24.94 22.84 9.91
CA VAL C 193 -23.70 22.41 10.54
C VAL C 193 -23.32 20.99 10.10
N PRO C 194 -22.01 20.70 10.04
CA PRO C 194 -21.50 19.36 9.71
C PRO C 194 -22.18 18.24 10.52
N PRO C 195 -22.22 17.01 9.97
CA PRO C 195 -21.54 16.56 8.75
C PRO C 195 -22.27 16.94 7.45
N ILE C 196 -23.38 17.67 7.55
CA ILE C 196 -24.09 18.12 6.37
C ILE C 196 -23.18 18.98 5.48
N ASP C 197 -22.43 19.88 6.11
CA ASP C 197 -21.45 20.69 5.42
C ASP C 197 -20.13 19.91 5.32
N HIS C 198 -19.94 19.22 4.20
CA HIS C 198 -18.76 18.38 4.00
C HIS C 198 -17.50 19.16 3.66
N THR C 199 -17.64 20.48 3.51
CA THR C 199 -16.52 21.30 3.07
C THR C 199 -16.10 22.37 4.08
N GLN C 200 -16.33 22.11 5.36
CA GLN C 200 -16.00 23.06 6.40
C GLN C 200 -14.48 23.19 6.59
N ASP C 201 -13.80 22.04 6.69
CA ASP C 201 -12.36 22.02 6.89
C ASP C 201 -11.61 22.59 5.68
N LEU C 202 -12.16 22.34 4.48
CA LEU C 202 -11.55 22.85 3.27
C LEU C 202 -11.71 24.36 3.17
N ARG C 203 -12.87 24.85 3.59
CA ARG C 203 -13.14 26.28 3.59
C ARG C 203 -12.21 26.99 4.55
N ASP C 204 -11.95 26.35 5.70
CA ASP C 204 -11.05 26.89 6.70
C ASP C 204 -9.61 26.88 6.24
N ASP C 205 -9.29 25.97 5.32
CA ASP C 205 -7.96 25.95 4.70
C ASP C 205 -7.78 27.20 3.85
N VAL C 207 -9.58 30.00 4.13
CA VAL C 207 -9.63 31.12 5.07
C VAL C 207 -8.27 31.36 5.73
N ALA C 208 -7.64 30.28 6.18
CA ALA C 208 -6.32 30.37 6.80
C ALA C 208 -5.28 30.87 5.80
N ASN C 209 -5.38 30.39 4.57
CA ASN C 209 -4.47 30.82 3.51
C ASN C 209 -4.67 32.28 3.13
N LEU C 210 -5.92 32.74 3.18
CA LEU C 210 -6.24 34.14 2.86
C LEU C 210 -5.67 35.08 3.92
N GLN C 211 -5.76 34.67 5.19
CA GLN C 211 -5.21 35.46 6.30
C GLN C 211 -3.69 35.49 6.23
N LYS C 212 -3.09 34.32 6.01
CA LYS C 212 -1.64 34.18 5.90
C LYS C 212 -1.09 35.04 4.77
N VAL C 213 -1.83 35.11 3.67
CA VAL C 213 -1.40 35.85 2.49
C VAL C 213 -1.45 37.37 2.70
N GLY C 214 -2.46 37.86 3.44
CA GLY C 214 -2.49 39.27 3.81
C GLY C 214 -3.85 39.89 4.05
N LEU C 215 -4.92 39.17 3.69
CA LEU C 215 -6.27 39.70 3.82
C LEU C 215 -6.79 39.66 5.25
N ILE C 216 -7.58 40.66 5.62
CA ILE C 216 -8.26 40.66 6.92
C ILE C 216 -9.66 40.10 6.72
N LEU C 217 -9.89 38.89 7.23
CA LEU C 217 -11.15 38.19 6.99
C LEU C 217 -12.20 38.45 8.07
N GLU C 218 -13.46 38.22 7.71
CA GLU C 218 -14.57 38.52 8.60
C GLU C 218 -15.51 37.33 8.77
N ARG C 219 -15.81 36.65 7.67
CA ARG C 219 -16.85 35.63 7.67
C ARG C 219 -16.66 34.59 6.57
N SER C 220 -17.01 33.34 6.89
CA SER C 220 -17.01 32.26 5.91
C SER C 220 -18.15 31.30 6.21
N HIS C 221 -18.82 30.82 5.17
CA HIS C 221 -19.97 29.93 5.35
C HIS C 221 -20.32 29.15 4.08
N HIS C 222 -21.21 28.18 4.24
CA HIS C 222 -21.74 27.43 3.11
C HIS C 222 -22.93 28.18 2.54
N GLU C 223 -22.99 28.29 1.21
CA GLU C 223 -24.05 29.06 0.57
C GLU C 223 -25.29 28.23 0.22
N VAL C 224 -26.30 28.90 -0.33
CA VAL C 224 -27.62 28.30 -0.57
C VAL C 224 -27.60 27.00 -1.37
N ALA C 225 -26.96 27.03 -2.53
CA ALA C 225 -26.91 25.85 -3.40
C ALA C 225 -26.28 24.65 -2.70
N GLY C 226 -27.00 23.55 -2.68
CA GLY C 226 -26.59 22.37 -1.94
C GLY C 226 -25.37 21.67 -2.49
N ALA C 227 -25.06 21.90 -3.77
CA ALA C 227 -23.95 21.21 -4.42
C ALA C 227 -22.60 21.91 -4.25
N GLY C 228 -22.27 22.24 -3.00
CA GLY C 228 -20.96 22.75 -2.67
C GLY C 228 -20.73 24.24 -2.95
N GLN C 229 -21.74 25.06 -2.69
CA GLN C 229 -21.59 26.50 -2.85
C GLN C 229 -21.07 27.12 -1.55
N GLN C 230 -20.05 27.96 -1.67
CA GLN C 230 -19.44 28.61 -0.50
C GLN C 230 -19.33 30.12 -0.68
N GLU C 231 -18.91 30.80 0.38
CA GLU C 231 -18.67 32.24 0.34
C GLU C 231 -17.73 32.68 1.45
N ILE C 232 -16.76 33.52 1.10
CA ILE C 232 -15.81 34.06 2.07
C ILE C 232 -15.80 35.59 1.98
N ASN C 233 -15.87 36.25 3.13
CA ASN C 233 -15.87 37.70 3.17
C ASN C 233 -14.63 38.28 3.86
N TYR C 234 -14.02 39.27 3.24
CA TYR C 234 -12.87 39.96 3.82
C TYR C 234 -13.10 41.47 3.82
N ARG C 235 -12.18 42.21 4.45
CA ARG C 235 -12.36 43.64 4.66
C ARG C 235 -12.18 44.44 3.36
N PHE C 236 -12.81 45.61 3.31
CA PHE C 236 -12.73 46.49 2.15
C PHE C 236 -11.33 47.07 1.97
N ASN C 237 -11.13 47.79 0.88
CA ASN C 237 -9.85 48.42 0.57
C ASN C 237 -10.03 49.54 -0.45
N SER C 238 -8.94 50.23 -0.78
CA SER C 238 -8.98 51.22 -1.85
C SER C 238 -9.30 50.50 -3.15
N LEU C 239 -9.94 51.21 -4.08
CA LEU C 239 -10.45 50.63 -5.32
C LEU C 239 -9.45 49.72 -6.04
N GLN C 240 -8.25 50.24 -6.29
CA GLN C 240 -7.23 49.46 -6.98
C GLN C 240 -6.75 48.28 -6.14
N HIS C 241 -6.49 48.54 -4.87
CA HIS C 241 -6.03 47.49 -3.97
C HIS C 241 -7.14 46.49 -3.65
N ALA C 242 -8.39 46.92 -3.76
CA ALA C 242 -9.52 46.03 -3.60
C ALA C 242 -9.57 45.06 -4.79
N GLY C 243 -9.14 45.56 -5.95
CA GLY C 243 -9.02 44.73 -7.13
C GLY C 243 -7.84 43.79 -7.02
N ASP C 244 -6.76 44.27 -6.40
CA ASP C 244 -5.57 43.45 -6.16
C ASP C 244 -5.89 42.31 -5.20
N ASP C 245 -6.73 42.59 -4.22
CA ASP C 245 -7.10 41.61 -3.20
C ASP C 245 -7.97 40.48 -3.76
N LEU C 246 -8.87 40.82 -4.68
CA LEU C 246 -9.79 39.83 -5.25
C LEU C 246 -9.05 38.85 -6.15
N LYS C 248 -6.00 38.05 -5.76
CA LYS C 248 -5.28 37.27 -4.77
C LYS C 248 -6.24 36.30 -4.10
N TYR C 249 -7.47 36.75 -3.89
CA TYR C 249 -8.52 35.93 -3.29
C TYR C 249 -8.86 34.73 -4.18
N LYS C 250 -9.13 35.02 -5.45
CA LYS C 250 -9.50 33.97 -6.40
C LYS C 250 -8.34 33.02 -6.68
N TYR C 251 -7.12 33.52 -6.58
CA TYR C 251 -5.94 32.69 -6.80
C TYR C 251 -5.76 31.65 -5.71
N VAL C 252 -5.95 32.08 -4.46
CA VAL C 252 -5.85 31.19 -3.32
C VAL C 252 -6.96 30.14 -3.34
N VAL C 253 -8.19 30.57 -3.58
CA VAL C 253 -9.33 29.67 -3.64
C VAL C 253 -9.16 28.62 -4.75
N HIS C 254 -8.65 29.07 -5.90
CA HIS C 254 -8.36 28.16 -7.00
C HIS C 254 -7.31 27.12 -6.61
N GLU C 255 -6.21 27.59 -6.05
CA GLU C 255 -5.08 26.73 -5.72
C GLU C 255 -5.33 25.82 -4.51
N THR C 256 -6.01 26.34 -3.49
CA THR C 256 -6.30 25.57 -2.30
C THR C 256 -7.21 24.39 -2.62
N ALA C 257 -8.15 24.60 -3.53
CA ALA C 257 -9.04 23.54 -3.97
C ALA C 257 -8.29 22.54 -4.85
N ALA C 258 -7.44 23.07 -5.73
CA ALA C 258 -6.68 22.24 -6.66
C ALA C 258 -5.72 21.30 -5.94
N LEU C 259 -5.00 21.83 -4.96
CA LEU C 259 -4.08 21.02 -4.16
C LEU C 259 -4.83 20.01 -3.29
N ALA C 260 -6.10 20.31 -3.03
CA ALA C 260 -6.93 19.41 -2.24
C ALA C 260 -7.63 18.38 -3.12
N GLY C 261 -7.32 18.43 -4.41
CA GLY C 261 -7.90 17.49 -5.37
C GLY C 261 -9.33 17.84 -5.75
N LYS C 262 -9.65 19.13 -5.70
CA LYS C 262 -10.99 19.59 -6.04
C LYS C 262 -10.93 20.81 -6.97
N ALA C 263 -12.08 21.29 -7.38
CA ALA C 263 -12.15 22.44 -8.29
C ALA C 263 -13.05 23.54 -7.75
N ALA C 264 -12.55 24.77 -7.77
CA ALA C 264 -13.31 25.93 -7.31
C ALA C 264 -13.55 26.89 -8.46
N THR C 265 -14.81 27.24 -8.69
CA THR C 265 -15.15 28.13 -9.80
C THR C 265 -15.99 29.33 -9.36
N PHE C 266 -15.89 30.43 -10.10
CA PHE C 266 -16.67 31.61 -9.83
C PHE C 266 -17.72 31.85 -10.92
N PRO C 268 -21.13 32.36 -12.51
CA PRO C 268 -22.39 32.92 -12.00
C PRO C 268 -23.54 31.91 -12.01
N LYS C 269 -23.45 30.89 -12.87
CA LYS C 269 -24.50 29.88 -12.97
C LYS C 269 -23.97 28.57 -13.53
N PRO C 270 -23.27 27.78 -12.68
CA PRO C 270 -22.73 26.48 -13.11
C PRO C 270 -23.83 25.45 -13.34
N ILE C 271 -24.77 25.36 -12.41
CA ILE C 271 -25.86 24.39 -12.50
C ILE C 271 -27.23 25.06 -12.56
N ALA C 272 -28.22 24.32 -13.04
CA ALA C 272 -29.59 24.83 -13.15
C ALA C 272 -30.51 24.18 -12.12
N GLY C 273 -31.42 24.98 -11.57
CA GLY C 273 -32.38 24.48 -10.59
C GLY C 273 -32.00 24.84 -9.16
N ASP C 274 -30.93 25.61 -9.02
CA ASP C 274 -30.48 26.04 -7.69
C ASP C 274 -29.82 27.42 -7.81
N ASN C 275 -29.48 28.00 -6.66
CA ASN C 275 -28.89 29.34 -6.62
C ASN C 275 -27.62 29.49 -7.46
N GLY C 276 -27.52 30.63 -8.13
CA GLY C 276 -26.33 30.95 -8.89
C GLY C 276 -25.29 31.62 -8.01
N THR C 277 -24.22 32.12 -8.61
CA THR C 277 -23.14 32.74 -7.86
C THR C 277 -23.01 34.22 -8.18
N GLY C 278 -23.15 35.06 -7.16
CA GLY C 278 -23.04 36.50 -7.34
C GLY C 278 -21.90 37.12 -6.57
N HIS C 280 -21.69 40.67 -4.58
CA HIS C 280 -22.20 41.95 -4.12
C HIS C 280 -21.06 42.94 -3.87
N CYS C 281 -21.08 44.06 -4.58
CA CYS C 281 -20.08 45.10 -4.38
C CYS C 281 -20.57 46.17 -3.41
N HIS C 282 -19.82 46.38 -2.34
CA HIS C 282 -20.14 47.43 -1.38
C HIS C 282 -19.36 48.71 -1.69
N GLN C 283 -20.04 49.84 -1.62
CA GLN C 283 -19.47 51.11 -2.09
C GLN C 283 -19.59 52.24 -1.08
N SER C 284 -18.52 53.01 -0.95
CA SER C 284 -18.52 54.21 -0.10
C SER C 284 -17.40 55.17 -0.51
N LEU C 285 -17.70 56.46 -0.47
CA LEU C 285 -16.71 57.48 -0.80
C LEU C 285 -16.21 58.18 0.46
N TRP C 286 -14.91 58.47 0.49
CA TRP C 286 -14.28 59.04 1.67
C TRP C 286 -13.42 60.27 1.36
N LYS C 287 -13.35 61.19 2.31
CA LYS C 287 -12.49 62.36 2.20
C LYS C 287 -11.97 62.79 3.56
N ASP C 288 -10.65 62.94 3.67
CA ASP C 288 -9.97 63.30 4.92
C ASP C 288 -10.15 62.25 6.03
N GLY C 289 -10.83 61.16 5.70
CA GLY C 289 -11.14 60.13 6.68
C GLY C 289 -12.58 60.20 7.12
N LYS C 290 -13.39 60.92 6.35
CA LYS C 290 -14.81 61.10 6.66
C LYS C 290 -15.70 60.45 5.61
N PRO C 291 -16.70 59.67 6.05
CA PRO C 291 -17.68 59.05 5.16
C PRO C 291 -18.55 60.11 4.48
N LEU C 292 -18.75 59.98 3.16
CA LEU C 292 -19.50 60.97 2.42
C LEU C 292 -20.92 60.49 2.09
N PHE C 293 -21.25 59.28 2.55
CA PHE C 293 -22.55 58.70 2.29
C PHE C 293 -23.53 58.91 3.45
N TYR C 294 -22.98 59.11 4.65
CA TYR C 294 -23.82 59.37 5.82
C TYR C 294 -24.22 60.83 5.91
N ASP C 295 -25.46 61.06 6.35
CA ASP C 295 -25.97 62.42 6.53
C ASP C 295 -26.94 62.49 7.71
N GLY C 301 -30.24 57.24 6.20
CA GLY C 301 -29.32 58.34 6.43
C GLY C 301 -28.37 58.54 5.26
N LEU C 302 -28.94 58.69 4.07
CA LEU C 302 -28.15 58.87 2.86
C LEU C 302 -27.97 60.35 2.54
N SER C 303 -26.74 60.72 2.17
CA SER C 303 -26.46 62.08 1.75
C SER C 303 -26.95 62.30 0.33
N ASP C 304 -26.98 63.56 -0.10
CA ASP C 304 -27.35 63.87 -1.48
C ASP C 304 -26.30 63.29 -2.42
N LEU C 305 -25.06 63.28 -1.95
CA LEU C 305 -23.94 62.70 -2.70
C LEU C 305 -24.14 61.20 -2.87
N ALA C 306 -24.74 60.57 -1.86
CA ALA C 306 -25.02 59.14 -1.89
C ALA C 306 -26.17 58.83 -2.84
N ARG C 307 -27.22 59.64 -2.75
CA ARG C 307 -28.40 59.45 -3.60
C ARG C 307 -28.08 59.68 -5.06
N TRP C 308 -27.18 60.62 -5.33
CA TRP C 308 -26.75 60.92 -6.69
C TRP C 308 -25.85 59.81 -7.23
N TYR C 309 -25.16 59.12 -6.33
CA TYR C 309 -24.33 57.99 -6.69
C TYR C 309 -25.21 56.86 -7.18
N ILE C 310 -26.36 56.70 -6.54
CA ILE C 310 -27.33 55.68 -6.91
C ILE C 310 -27.99 56.04 -8.24
N GLY C 311 -28.38 57.31 -8.38
CA GLY C 311 -29.02 57.79 -9.58
C GLY C 311 -28.17 57.62 -10.82
N GLY C 312 -26.88 57.90 -10.70
CA GLY C 312 -25.95 57.73 -11.80
C GLY C 312 -25.67 56.27 -12.09
N LEU C 313 -25.89 55.43 -11.08
CA LEU C 313 -25.68 53.99 -11.22
C LEU C 313 -26.85 53.37 -11.98
N ILE C 314 -28.03 53.94 -11.81
CA ILE C 314 -29.24 53.46 -12.49
C ILE C 314 -29.20 53.84 -13.97
N LYS C 315 -28.81 55.09 -14.23
CA LYS C 315 -28.81 55.64 -15.59
C LYS C 315 -27.87 54.88 -16.52
N HIS C 316 -26.67 54.59 -16.06
CA HIS C 316 -25.66 53.93 -16.87
C HIS C 316 -25.57 52.44 -16.55
N SER C 317 -26.64 51.88 -15.98
CA SER C 317 -26.65 50.50 -15.49
C SER C 317 -26.22 49.47 -16.54
N SER C 318 -26.81 49.54 -17.72
CA SER C 318 -26.54 48.56 -18.77
C SER C 318 -25.09 48.60 -19.26
N SER C 319 -24.52 49.81 -19.32
CA SER C 319 -23.11 49.97 -19.70
C SER C 319 -22.20 49.48 -18.58
N VAL C 320 -22.64 49.66 -17.34
CA VAL C 320 -21.89 49.18 -16.18
C VAL C 320 -21.92 47.66 -16.11
N LEU C 321 -23.08 47.07 -16.41
CA LEU C 321 -23.23 45.62 -16.37
C LEU C 321 -22.48 44.93 -17.50
N ALA C 322 -21.96 45.72 -18.43
CA ALA C 322 -21.12 45.19 -19.49
C ALA C 322 -19.75 44.79 -18.94
N PHE C 323 -19.45 45.29 -17.74
CA PHE C 323 -18.20 44.96 -17.07
C PHE C 323 -18.43 44.13 -15.81
N THR C 324 -19.54 44.39 -15.12
CA THR C 324 -19.84 43.69 -13.88
C THR C 324 -20.47 42.32 -14.12
N ASN C 325 -21.07 42.14 -15.28
CA ASN C 325 -21.61 40.84 -15.69
C ASN C 325 -21.30 40.56 -17.16
N PRO C 326 -20.01 40.31 -17.47
CA PRO C 326 -19.54 40.25 -18.85
C PRO C 326 -19.57 38.85 -19.46
N SER C 327 -20.12 37.88 -18.74
CA SER C 327 -20.14 36.50 -19.24
C SER C 327 -21.49 36.14 -19.87
N LEU C 328 -21.48 35.19 -20.79
CA LEU C 328 -22.70 34.64 -21.36
C LEU C 328 -23.46 33.90 -20.27
N ASN C 329 -22.71 33.32 -19.33
CA ASN C 329 -23.28 32.57 -18.22
C ASN C 329 -23.91 33.49 -17.18
N SER C 330 -23.58 34.78 -17.23
CA SER C 330 -24.10 35.76 -16.28
C SER C 330 -25.61 35.95 -16.43
N TYR C 331 -26.12 35.73 -17.64
CA TYR C 331 -27.54 35.95 -17.91
C TYR C 331 -28.37 34.69 -17.75
N HIS C 332 -27.86 33.78 -16.93
CA HIS C 332 -28.62 32.62 -16.48
C HIS C 332 -28.82 32.76 -14.98
N ARG C 333 -28.11 33.72 -14.40
CA ARG C 333 -28.29 34.10 -13.00
C ARG C 333 -29.16 35.35 -12.93
N LEU C 334 -28.81 36.36 -13.73
CA LEU C 334 -29.59 37.58 -13.82
C LEU C 334 -30.93 37.32 -14.50
N VAL C 335 -31.74 36.47 -13.89
CA VAL C 335 -33.03 36.07 -14.44
C VAL C 335 -34.14 36.23 -13.40
N PRO C 336 -35.32 36.66 -13.84
CA PRO C 336 -36.48 36.76 -12.95
C PRO C 336 -36.98 35.40 -12.51
N ALA C 340 -33.52 36.95 -7.06
CA ALA C 340 -33.48 37.47 -8.42
C ALA C 340 -33.41 39.00 -8.40
N PRO C 341 -32.21 39.55 -8.56
CA PRO C 341 -31.94 41.00 -8.55
C PRO C 341 -31.89 41.59 -9.97
N VAL C 342 -33.06 41.77 -10.58
CA VAL C 342 -33.16 42.30 -11.93
C VAL C 342 -33.69 43.74 -12.01
N ASN C 343 -34.14 44.28 -10.88
CA ASN C 343 -34.75 45.61 -10.87
C ASN C 343 -33.79 46.73 -10.45
N LEU C 344 -33.48 47.62 -11.39
CA LEU C 344 -32.63 48.78 -11.10
C LEU C 344 -33.37 49.78 -10.22
N VAL C 345 -33.45 49.48 -8.93
CA VAL C 345 -34.09 50.34 -7.96
C VAL C 345 -33.45 50.15 -6.59
N TYR C 346 -33.26 51.24 -5.86
CA TYR C 346 -32.62 51.15 -4.55
C TYR C 346 -33.64 51.11 -3.42
N SER C 347 -33.38 50.24 -2.44
CA SER C 347 -34.28 50.06 -1.31
C SER C 347 -33.49 49.61 -0.08
N ALA C 348 -34.10 49.73 1.09
CA ALA C 348 -33.44 49.35 2.33
C ALA C 348 -33.84 47.95 2.81
N ARG C 349 -35.06 47.54 2.46
CA ARG C 349 -35.60 46.27 2.94
C ARG C 349 -35.98 45.31 1.81
N ASN C 350 -36.20 45.85 0.62
CA ASN C 350 -36.59 45.01 -0.52
C ASN C 350 -35.44 44.15 -1.03
N ARG C 351 -35.65 42.84 -1.06
CA ARG C 351 -34.60 41.91 -1.44
C ARG C 351 -34.39 41.84 -2.95
N SER C 352 -35.42 42.21 -3.71
CA SER C 352 -35.35 42.17 -5.17
C SER C 352 -34.64 43.39 -5.75
N ALA C 353 -34.32 44.34 -4.88
CA ALA C 353 -33.63 45.56 -5.30
C ALA C 353 -32.18 45.29 -5.68
N ALA C 354 -31.76 45.82 -6.82
CA ALA C 354 -30.38 45.65 -7.29
C ALA C 354 -29.42 46.50 -6.45
N ILE C 355 -29.97 47.47 -5.74
CA ILE C 355 -29.18 48.34 -4.86
C ILE C 355 -29.80 48.36 -3.47
N ARG C 356 -29.04 47.95 -2.47
CA ARG C 356 -29.53 47.94 -1.09
C ARG C 356 -28.68 48.81 -0.17
N ILE C 357 -29.33 49.46 0.79
CA ILE C 357 -28.65 50.31 1.76
C ILE C 357 -28.62 49.64 3.13
N PRO C 358 -27.48 49.06 3.50
CA PRO C 358 -27.32 48.41 4.81
C PRO C 358 -27.06 49.42 5.91
N PRO C 364 -22.67 55.19 11.04
CA PRO C 364 -22.30 56.25 10.10
C PRO C 364 -21.13 55.83 9.20
N ALA C 365 -20.13 55.20 9.79
CA ALA C 365 -18.97 54.72 9.03
C ALA C 365 -19.27 53.38 8.36
N ALA C 366 -20.47 52.85 8.60
CA ALA C 366 -20.91 51.61 7.99
C ALA C 366 -21.93 51.88 6.90
N LYS C 367 -22.28 53.15 6.73
CA LYS C 367 -23.24 53.55 5.71
C LYS C 367 -22.62 53.41 4.32
N ARG C 368 -23.17 52.52 3.51
CA ARG C 368 -22.60 52.23 2.20
C ARG C 368 -23.65 51.77 1.20
N ILE C 369 -23.21 51.47 -0.03
CA ILE C 369 -24.10 51.04 -1.09
C ILE C 369 -23.77 49.63 -1.56
N GLU C 370 -24.77 48.75 -1.55
CA GLU C 370 -24.57 47.37 -1.96
C GLU C 370 -25.16 47.09 -3.34
N PHE C 371 -24.30 46.95 -4.34
CA PHE C 371 -24.73 46.59 -5.69
C PHE C 371 -24.70 45.08 -5.84
N ARG C 372 -25.89 44.47 -5.87
CA ARG C 372 -26.01 43.01 -5.84
C ARG C 372 -25.94 42.38 -7.22
N ALA C 373 -26.05 43.19 -8.26
CA ALA C 373 -26.03 42.72 -9.64
C ALA C 373 -24.77 41.94 -10.10
N PRO C 374 -23.55 42.48 -9.82
CA PRO C 374 -22.35 41.84 -10.37
C PRO C 374 -22.12 40.39 -9.95
N ASP C 375 -21.37 39.65 -10.78
CA ASP C 375 -20.96 38.28 -10.48
C ASP C 375 -19.44 38.19 -10.61
N PRO C 376 -18.82 37.22 -9.89
CA PRO C 376 -17.36 37.15 -9.85
C PRO C 376 -16.70 36.58 -11.12
N SER C 377 -17.40 36.60 -12.24
CA SER C 377 -16.82 36.18 -13.51
C SER C 377 -16.27 37.38 -14.26
N CYS C 378 -16.10 38.49 -13.55
CA CYS C 378 -15.69 39.74 -14.15
C CYS C 378 -14.24 40.09 -13.82
N ASN C 379 -13.71 41.09 -14.51
CA ASN C 379 -12.43 41.67 -14.16
C ASN C 379 -12.66 42.72 -13.07
N PRO C 380 -12.17 42.44 -11.85
CA PRO C 380 -12.43 43.27 -10.67
C PRO C 380 -11.99 44.71 -10.83
N PHE C 381 -10.88 44.93 -11.53
CA PHE C 381 -10.39 46.29 -11.76
C PHE C 381 -11.38 47.08 -12.63
N LEU C 382 -11.79 46.48 -13.73
CA LEU C 382 -12.73 47.11 -14.65
C LEU C 382 -14.12 47.23 -14.03
N ALA C 383 -14.50 46.20 -13.27
CA ALA C 383 -15.82 46.16 -12.65
C ALA C 383 -15.97 47.21 -11.55
N PHE C 384 -14.96 47.34 -10.71
CA PHE C 384 -14.99 48.32 -9.63
C PHE C 384 -15.00 49.73 -10.21
N SER C 385 -14.16 49.96 -11.21
CA SER C 385 -14.02 51.28 -11.83
C SER C 385 -15.28 51.69 -12.57
N ALA C 386 -15.92 50.74 -13.25
CA ALA C 386 -17.14 51.01 -14.01
C ALA C 386 -18.26 51.51 -13.10
N GLN C 387 -18.35 50.94 -11.91
CA GLN C 387 -19.36 51.36 -10.94
C GLN C 387 -19.08 52.76 -10.40
N LEU C 388 -17.81 53.03 -10.11
CA LEU C 388 -17.40 54.33 -9.58
C LEU C 388 -17.66 55.45 -10.57
N ALA C 390 -19.74 55.61 -12.90
CA ALA C 390 -21.18 55.80 -13.05
C ALA C 390 -21.72 56.60 -11.86
N GLY C 391 -21.20 56.30 -10.68
CA GLY C 391 -21.62 56.99 -9.48
C GLY C 391 -21.13 58.41 -9.41
N LEU C 392 -19.93 58.64 -9.95
CA LEU C 392 -19.34 59.97 -9.97
C LEU C 392 -20.05 60.90 -10.95
N ASP C 393 -20.41 60.36 -12.11
CA ASP C 393 -21.14 61.14 -13.12
C ASP C 393 -22.51 61.55 -12.60
N GLY C 394 -23.06 60.72 -11.72
CA GLY C 394 -24.34 61.02 -11.09
C GLY C 394 -24.21 62.15 -10.07
N ILE C 395 -23.05 62.22 -9.43
CA ILE C 395 -22.78 63.26 -8.45
C ILE C 395 -22.56 64.61 -9.12
N LEU C 396 -21.78 64.61 -10.21
CA LEU C 396 -21.47 65.84 -10.93
C LEU C 396 -22.72 66.49 -11.52
N ASN C 397 -23.60 65.67 -12.09
CA ASN C 397 -24.79 66.18 -12.75
C ASN C 397 -26.05 66.10 -11.89
N HIS C 398 -25.87 65.72 -10.63
CA HIS C 398 -26.97 65.62 -9.67
C HIS C 398 -28.11 64.73 -10.18
N ILE C 399 -27.76 63.56 -10.68
CA ILE C 399 -28.74 62.63 -11.24
C ILE C 399 -29.61 62.00 -10.16
N GLU C 400 -30.88 62.42 -10.11
CA GLU C 400 -31.82 61.89 -9.14
C GLU C 400 -32.38 60.53 -9.59
N PRO C 401 -32.29 59.54 -8.70
CA PRO C 401 -32.78 58.17 -8.96
C PRO C 401 -34.29 58.08 -8.78
N PRO C 402 -34.91 57.01 -9.30
CA PRO C 402 -36.33 56.77 -9.04
C PRO C 402 -36.58 56.54 -7.55
N ALA C 403 -37.78 56.86 -7.09
CA ALA C 403 -38.13 56.73 -5.67
C ALA C 403 -37.88 55.32 -5.12
N PRO C 404 -37.43 55.24 -3.86
CA PRO C 404 -37.13 53.95 -3.20
C PRO C 404 -38.32 53.00 -3.16
N VAL C 405 -38.06 51.73 -2.88
CA VAL C 405 -39.13 50.73 -2.81
C VAL C 405 -38.92 49.77 -1.63
N ALA C 418 -44.68 49.47 -12.75
CA ALA C 418 -44.32 48.48 -13.75
C ALA C 418 -43.22 48.99 -14.66
N GLY C 419 -42.99 50.30 -14.64
CA GLY C 419 -41.98 50.92 -15.48
C GLY C 419 -40.59 50.91 -14.85
N ILE C 420 -40.28 49.82 -14.15
CA ILE C 420 -38.97 49.66 -13.52
C ILE C 420 -37.92 49.31 -14.56
N LYS C 421 -36.79 50.03 -14.53
CA LYS C 421 -35.70 49.74 -15.46
C LYS C 421 -35.08 48.39 -15.14
N GLN C 422 -35.04 47.52 -16.15
CA GLN C 422 -34.54 46.15 -15.95
C GLN C 422 -33.09 46.01 -16.38
N VAL C 423 -32.42 44.98 -15.88
CA VAL C 423 -31.08 44.64 -16.32
C VAL C 423 -31.16 44.16 -17.77
N PRO C 424 -30.05 44.26 -18.52
CA PRO C 424 -30.01 43.77 -19.90
C PRO C 424 -30.47 42.32 -20.01
N SER C 425 -31.15 41.98 -21.10
CA SER C 425 -31.69 40.63 -21.30
C SER C 425 -30.64 39.66 -21.82
N SER C 426 -29.56 40.20 -22.38
CA SER C 426 -28.49 39.37 -22.91
C SER C 426 -27.15 40.10 -22.91
N LEU C 427 -26.08 39.36 -23.20
CA LEU C 427 -24.75 39.94 -23.26
C LEU C 427 -24.65 40.90 -24.44
N ALA C 428 -25.37 40.59 -25.51
CA ALA C 428 -25.40 41.44 -26.69
C ALA C 428 -26.04 42.79 -26.39
N GLU C 429 -27.07 42.78 -25.55
CA GLU C 429 -27.76 44.00 -25.17
C GLU C 429 -26.86 44.91 -24.34
N ALA C 430 -26.06 44.32 -23.46
CA ALA C 430 -25.14 45.08 -22.62
C ALA C 430 -24.03 45.71 -23.44
N ASP C 432 -24.33 46.46 -26.73
CA ASP C 432 -24.95 47.49 -27.56
C ASP C 432 -25.15 48.76 -26.76
N ALA C 433 -25.52 48.60 -25.50
CA ALA C 433 -25.74 49.73 -24.61
C ALA C 433 -24.43 50.41 -24.22
N LEU C 434 -23.37 49.61 -24.10
CA LEU C 434 -22.06 50.13 -23.78
C LEU C 434 -21.52 50.95 -24.95
N GLU C 435 -21.87 50.54 -26.16
CA GLU C 435 -21.44 51.23 -27.37
C GLU C 435 -22.16 52.56 -27.52
N GLU C 436 -23.38 52.64 -26.98
CA GLU C 436 -24.18 53.85 -27.07
C GLU C 436 -23.86 54.82 -25.95
N ASP C 437 -23.55 54.29 -24.76
CA ASP C 437 -23.26 55.12 -23.60
C ASP C 437 -21.97 54.68 -22.92
N HIS C 438 -20.92 55.49 -23.05
CA HIS C 438 -19.63 55.18 -22.45
C HIS C 438 -18.77 56.42 -22.24
N ASP C 439 -19.38 57.59 -22.42
CA ASP C 439 -18.67 58.86 -22.25
C ASP C 439 -18.31 59.09 -20.78
N PHE C 440 -19.12 58.54 -19.88
CA PHE C 440 -18.88 58.64 -18.45
C PHE C 440 -17.68 57.78 -18.03
N LEU C 441 -17.26 56.89 -18.92
CA LEU C 441 -16.10 56.04 -18.68
C LEU C 441 -14.84 56.70 -19.25
N THR C 442 -15.02 57.47 -20.31
CA THR C 442 -13.91 58.17 -20.96
C THR C 442 -13.60 59.48 -20.25
N ALA C 443 -14.43 59.83 -19.27
CA ALA C 443 -14.25 61.05 -18.50
C ALA C 443 -12.95 60.98 -17.70
N GLY C 444 -12.07 61.96 -17.91
CA GLY C 444 -10.76 61.96 -17.27
C GLY C 444 -9.85 60.93 -17.91
N ASP C 445 -10.28 60.39 -19.04
CA ASP C 445 -9.53 59.37 -19.77
C ASP C 445 -9.23 58.13 -18.92
N VAL C 446 -10.16 57.77 -18.05
CA VAL C 446 -10.03 56.55 -17.25
C VAL C 446 -10.11 55.33 -18.17
N PHE C 447 -11.30 55.08 -18.70
CA PHE C 447 -11.48 54.08 -19.75
C PHE C 447 -11.14 54.72 -21.09
N THR C 448 -10.46 53.99 -21.95
CA THR C 448 -10.10 54.51 -23.27
C THR C 448 -10.95 53.86 -24.34
N ASP C 449 -11.13 54.56 -25.46
CA ASP C 449 -11.88 54.03 -26.58
C ASP C 449 -11.21 52.76 -27.11
N ASP C 450 -9.89 52.72 -27.03
CA ASP C 450 -9.13 51.55 -27.46
C ASP C 450 -9.43 50.35 -26.58
N LEU C 451 -9.69 50.61 -25.31
CA LEU C 451 -10.03 49.54 -24.36
C LEU C 451 -11.49 49.15 -24.47
N ILE C 452 -12.36 50.13 -24.63
CA ILE C 452 -13.80 49.88 -24.74
C ILE C 452 -14.13 49.09 -26.00
N ASP C 453 -13.62 49.54 -27.14
CA ASP C 453 -13.87 48.87 -28.41
C ASP C 453 -13.30 47.45 -28.43
N THR C 454 -12.17 47.27 -27.75
CA THR C 454 -11.54 45.96 -27.66
C THR C 454 -12.36 45.03 -26.77
N TRP C 455 -12.84 45.58 -25.66
CA TRP C 455 -13.67 44.83 -24.73
C TRP C 455 -14.95 44.33 -25.40
N ILE C 456 -15.57 45.19 -26.21
CA ILE C 456 -16.77 44.83 -26.95
C ILE C 456 -16.47 43.79 -28.02
N SER C 457 -15.37 43.99 -28.74
CA SER C 457 -14.96 43.09 -29.81
C SER C 457 -14.74 41.67 -29.34
N ILE C 458 -14.11 41.53 -28.17
CA ILE C 458 -13.86 40.23 -27.57
C ILE C 458 -15.16 39.54 -27.18
N LYS C 459 -16.05 40.28 -26.54
CA LYS C 459 -17.33 39.74 -26.07
C LYS C 459 -18.27 39.39 -27.21
N ARG C 460 -18.25 40.19 -28.28
CA ARG C 460 -19.05 39.88 -29.46
C ARG C 460 -18.53 38.61 -30.14
N GLY C 461 -17.25 38.34 -29.94
CA GLY C 461 -16.64 37.12 -30.45
C GLY C 461 -17.18 35.92 -29.69
N GLU C 462 -17.37 36.10 -28.38
CA GLU C 462 -17.94 35.05 -27.53
C GLU C 462 -19.41 34.81 -27.88
N ILE C 463 -20.11 35.89 -28.23
CA ILE C 463 -21.51 35.80 -28.62
C ILE C 463 -21.64 35.05 -29.95
N ASP C 464 -20.69 35.28 -30.84
CA ASP C 464 -20.67 34.58 -32.13
C ASP C 464 -20.39 33.10 -31.97
N GLN C 465 -19.69 32.72 -30.91
CA GLN C 465 -19.41 31.32 -30.62
C GLN C 465 -20.68 30.62 -30.12
N ALA C 466 -21.49 31.34 -29.36
CA ALA C 466 -22.75 30.80 -28.87
C ALA C 466 -23.76 30.70 -30.01
N ARG C 467 -23.61 31.60 -30.99
CA ARG C 467 -24.48 31.62 -32.17
C ARG C 467 -24.24 30.40 -33.03
N LEU C 468 -23.06 29.80 -32.91
CA LEU C 468 -22.68 28.65 -33.73
C LEU C 468 -22.83 27.34 -32.98
N ALA C 469 -23.30 27.41 -31.73
CA ALA C 469 -23.32 26.24 -30.86
C ALA C 469 -24.72 25.70 -30.57
N PRO C 470 -25.03 24.49 -31.06
CA PRO C 470 -26.26 23.79 -30.70
C PRO C 470 -26.24 23.43 -29.22
N THR C 471 -27.42 23.33 -28.60
CA THR C 471 -27.51 23.07 -27.17
C THR C 471 -28.31 21.80 -26.88
N PRO C 472 -28.04 21.16 -25.74
CA PRO C 472 -28.79 19.97 -25.31
C PRO C 472 -30.28 20.25 -25.16
N LEU C 473 -30.62 21.48 -24.77
CA LEU C 473 -32.02 21.88 -24.60
C LEU C 473 -32.77 21.83 -25.93
N GLU C 474 -32.12 22.24 -27.00
CA GLU C 474 -32.74 22.28 -28.32
C GLU C 474 -33.00 20.87 -28.86
N TYR C 475 -32.16 19.92 -28.47
CA TYR C 475 -32.40 18.52 -28.78
C TYR C 475 -33.66 18.04 -28.08
N GLU C 476 -33.87 18.54 -26.87
CA GLU C 476 -35.06 18.18 -26.09
C GLU C 476 -36.29 18.85 -26.67
N LEU C 477 -36.11 20.03 -27.27
CA LEU C 477 -37.23 20.81 -27.77
C LEU C 477 -37.60 20.52 -29.23
N TYR C 478 -36.61 20.21 -30.06
CA TYR C 478 -36.84 20.19 -31.51
C TYR C 478 -36.43 18.93 -32.28
N PHE C 479 -35.81 17.96 -31.60
CA PHE C 479 -35.35 16.76 -32.30
C PHE C 479 -36.49 15.94 -32.87
N HIS C 480 -37.56 15.82 -32.10
CA HIS C 480 -38.71 14.99 -32.50
C HIS C 480 -39.58 15.69 -33.55
N ILE C 481 -39.37 17.00 -33.71
CA ILE C 481 -40.15 17.78 -34.67
C ILE C 481 -39.66 17.54 -36.09
N ALA D 6 -16.02 26.07 31.45
CA ALA D 6 -17.27 26.78 31.61
C ALA D 6 -17.06 28.28 31.60
N LEU D 7 -17.39 28.91 30.47
CA LEU D 7 -17.20 30.35 30.32
C LEU D 7 -18.39 31.14 30.88
N GLU D 8 -18.16 32.39 31.24
CA GLU D 8 -19.20 33.25 31.77
C GLU D 8 -19.20 34.63 31.12
N THR D 9 -18.01 35.15 30.83
CA THR D 9 -17.88 36.47 30.23
C THR D 9 -16.99 36.45 28.99
N LYS D 10 -16.90 37.60 28.33
CA LYS D 10 -16.03 37.80 27.17
C LYS D 10 -14.57 37.62 27.56
N ALA D 11 -14.24 38.05 28.78
CA ALA D 11 -12.89 37.92 29.30
C ALA D 11 -12.50 36.45 29.45
N ASP D 12 -13.47 35.62 29.81
CA ASP D 12 -13.23 34.19 29.96
C ASP D 12 -13.01 33.56 28.59
N ALA D 13 -13.69 34.09 27.58
CA ALA D 13 -13.56 33.59 26.22
C ALA D 13 -12.21 33.92 25.61
N GLU D 14 -11.82 35.20 25.72
CA GLU D 14 -10.54 35.66 25.20
C GLU D 14 -9.37 34.95 25.88
N ALA D 15 -9.52 34.69 27.17
CA ALA D 15 -8.51 33.96 27.92
C ALA D 15 -8.36 32.54 27.38
N LEU D 16 -9.48 31.92 27.02
CA LEU D 16 -9.48 30.58 26.47
C LEU D 16 -8.91 30.58 25.05
N ILE D 17 -9.27 31.60 24.27
CA ILE D 17 -8.81 31.73 22.90
C ILE D 17 -7.29 31.85 22.80
N ASN D 18 -6.72 32.73 23.63
CA ASN D 18 -5.27 32.93 23.66
C ASN D 18 -4.51 31.73 24.22
N LYS D 19 -5.13 31.05 25.19
CA LYS D 19 -4.51 29.89 25.83
C LYS D 19 -4.51 28.65 24.93
N GLU D 20 -5.69 28.31 24.41
CA GLU D 20 -5.84 27.12 23.59
C GLU D 20 -5.44 27.35 22.14
N GLY D 21 -5.10 28.60 21.81
CA GLY D 21 -4.74 28.95 20.46
C GLY D 21 -5.89 28.77 19.49
N ILE D 22 -7.09 29.13 19.95
CA ILE D 22 -8.29 29.02 19.13
C ILE D 22 -8.25 30.01 17.97
N GLU D 23 -8.36 29.48 16.75
CA GLU D 23 -8.19 30.29 15.55
C GLU D 23 -9.51 30.84 15.01
N TYR D 24 -10.58 30.07 15.17
CA TYR D 24 -11.88 30.47 14.66
C TYR D 24 -13.01 30.25 15.66
N VAL D 25 -14.14 30.91 15.43
CA VAL D 25 -15.32 30.74 16.27
C VAL D 25 -16.55 30.38 15.43
N SER D 26 -17.20 29.29 15.80
CA SER D 26 -18.39 28.84 15.08
C SER D 26 -19.65 29.46 15.68
N VAL D 27 -20.16 30.50 15.03
CA VAL D 27 -21.37 31.18 15.46
C VAL D 27 -22.60 30.34 15.12
N ARG D 28 -23.19 29.70 16.12
CA ARG D 28 -24.25 28.72 15.87
C ARG D 28 -25.61 29.13 16.45
N PHE D 29 -26.68 28.70 15.78
CA PHE D 29 -28.03 28.85 16.30
C PHE D 29 -28.90 27.71 15.77
N THR D 30 -29.99 27.42 16.48
CA THR D 30 -30.90 26.36 16.08
C THR D 30 -32.10 26.92 15.31
N ASP D 31 -32.34 26.40 14.11
CA ASP D 31 -33.48 26.87 13.32
C ASP D 31 -34.79 26.31 13.87
N LEU D 32 -35.89 26.66 13.23
CA LEU D 32 -37.21 26.22 13.70
C LEU D 32 -37.38 24.71 13.58
N ILE D 33 -36.84 24.13 12.52
CA ILE D 33 -36.92 22.70 12.28
C ILE D 33 -36.27 21.90 13.41
N GLY D 34 -35.01 22.22 13.70
CA GLY D 34 -34.26 21.54 14.73
C GLY D 34 -32.83 21.27 14.30
N VAL D 35 -32.41 21.94 13.23
CA VAL D 35 -31.06 21.78 12.69
C VAL D 35 -30.21 23.00 12.99
N GLN D 36 -29.06 22.79 13.63
CA GLN D 36 -28.17 23.89 13.96
C GLN D 36 -27.51 24.49 12.73
N GLN D 37 -27.63 25.80 12.60
CA GLN D 37 -27.03 26.54 11.49
C GLN D 37 -25.82 27.32 12.01
N HIS D 38 -24.84 27.56 11.15
CA HIS D 38 -23.65 28.29 11.58
C HIS D 38 -22.86 28.94 10.46
N PHE D 39 -22.03 29.91 10.83
CA PHE D 39 -20.99 30.45 9.96
C PHE D 39 -19.73 30.69 10.78
N THR D 40 -18.58 30.65 10.14
CA THR D 40 -17.31 30.72 10.84
C THR D 40 -16.63 32.09 10.71
N VAL D 41 -16.19 32.64 11.83
CA VAL D 41 -15.49 33.91 11.85
C VAL D 41 -14.14 33.76 12.58
N PRO D 42 -13.15 34.59 12.21
CA PRO D 42 -11.87 34.59 12.92
C PRO D 42 -12.05 34.91 14.41
N ALA D 43 -11.18 34.34 15.24
CA ALA D 43 -11.29 34.51 16.69
C ALA D 43 -11.27 35.97 17.14
N SER D 44 -10.41 36.76 16.50
CA SER D 44 -10.30 38.17 16.83
C SER D 44 -11.57 38.93 16.45
N GLU D 45 -12.13 38.57 15.30
CA GLU D 45 -13.35 39.21 14.79
C GLU D 45 -14.54 38.88 15.68
N PHE D 46 -14.47 37.73 16.35
CA PHE D 46 -15.52 37.31 17.28
C PHE D 46 -15.56 38.22 18.51
N LEU D 47 -14.41 38.33 19.17
CA LEU D 47 -14.29 39.15 20.38
C LEU D 47 -14.59 40.62 20.11
N LYS D 48 -14.30 41.07 18.90
CA LYS D 48 -14.40 42.49 18.56
C LYS D 48 -15.84 42.96 18.35
N ASP D 49 -16.72 42.08 17.90
CA ASP D 49 -18.06 42.49 17.47
C ASP D 49 -19.23 41.76 18.15
N ALA D 50 -19.01 40.54 18.63
CA ALA D 50 -20.10 39.71 19.15
C ALA D 50 -20.82 40.31 20.37
N PHE D 51 -20.05 40.83 21.32
CA PHE D 51 -20.63 41.32 22.57
C PHE D 51 -21.06 42.78 22.50
N THR D 52 -20.64 43.48 21.45
CA THR D 52 -20.97 44.89 21.28
C THR D 52 -22.05 45.12 20.23
N ASP D 53 -21.78 44.67 19.01
CA ASP D 53 -22.72 44.88 17.91
C ASP D 53 -23.53 43.62 17.60
N GLY D 54 -23.05 42.48 18.06
CA GLY D 54 -23.68 41.21 17.73
C GLY D 54 -23.24 40.75 16.36
N PRO D 56 -24.56 40.00 12.51
CA PRO D 56 -25.60 40.14 11.51
C PRO D 56 -25.59 38.99 10.49
N PHE D 57 -26.77 38.59 10.03
CA PHE D 57 -26.88 37.54 9.02
C PHE D 57 -28.23 37.61 8.31
N ASP D 58 -28.29 37.05 7.10
CA ASP D 58 -29.53 37.04 6.33
C ASP D 58 -30.32 35.77 6.64
N GLY D 59 -31.55 35.94 7.08
CA GLY D 59 -32.40 34.82 7.43
C GLY D 59 -33.45 34.51 6.37
N SER D 60 -33.14 34.85 5.12
CA SER D 60 -34.06 34.63 4.02
C SER D 60 -34.02 33.19 3.52
N SER D 61 -32.84 32.59 3.59
CA SER D 61 -32.63 31.24 3.06
C SER D 61 -32.68 30.17 4.15
N VAL D 62 -33.12 30.56 5.35
CA VAL D 62 -33.30 29.59 6.44
C VAL D 62 -34.77 29.19 6.55
N GLU D 63 -35.06 27.95 6.15
CA GLU D 63 -36.42 27.44 6.13
C GLU D 63 -37.15 27.57 7.47
N GLY D 64 -38.23 28.35 7.48
CA GLY D 64 -38.97 28.60 8.70
C GLY D 64 -38.98 30.07 9.06
N PHE D 65 -37.93 30.78 8.64
CA PHE D 65 -37.81 32.21 8.93
C PHE D 65 -38.51 33.06 7.87
N GLN D 66 -37.76 33.50 6.86
CA GLN D 66 -38.33 34.31 5.78
C GLN D 66 -38.59 33.48 4.52
N ASP D 72 -32.42 40.77 7.34
CA ASP D 72 -31.19 40.91 8.10
C ASP D 72 -31.49 40.95 9.59
N LYS D 74 -30.19 39.66 13.83
CA LYS D 74 -29.06 39.89 14.73
C LYS D 74 -28.84 38.72 15.67
N LEU D 75 -27.58 38.30 15.80
CA LEU D 75 -27.22 37.19 16.68
C LEU D 75 -26.54 37.68 17.95
N VAL D 76 -27.05 37.24 19.09
CA VAL D 76 -26.48 37.59 20.39
C VAL D 76 -25.90 36.36 21.08
N PRO D 77 -24.59 36.39 21.40
CA PRO D 77 -23.87 35.23 21.94
C PRO D 77 -24.24 34.88 23.38
N ASP D 78 -24.34 33.57 23.64
CA ASP D 78 -24.44 33.06 25.00
C ASP D 78 -23.16 32.24 25.25
N VAL D 79 -22.17 32.89 25.85
CA VAL D 79 -20.85 32.30 26.00
C VAL D 79 -20.83 31.09 26.94
N SER D 80 -21.92 30.89 27.66
CA SER D 80 -22.03 29.75 28.58
C SER D 80 -22.20 28.44 27.83
N THR D 81 -22.58 28.53 26.55
CA THR D 81 -22.80 27.35 25.72
C THR D 81 -21.54 26.98 24.95
N ALA D 82 -20.50 27.79 25.10
CA ALA D 82 -19.28 27.63 24.32
C ALA D 82 -18.52 26.34 24.64
N PHE D 83 -17.91 25.75 23.61
CA PHE D 83 -17.08 24.57 23.77
C PHE D 83 -16.10 24.44 22.60
N ILE D 84 -14.97 23.80 22.83
CA ILE D 84 -13.98 23.58 21.78
C ILE D 84 -14.39 22.44 20.85
N ASP D 85 -14.42 22.74 19.56
CA ASP D 85 -14.79 21.73 18.55
C ASP D 85 -13.72 20.65 18.47
N PRO D 86 -14.10 19.40 18.80
CA PRO D 86 -13.15 18.28 18.81
C PRO D 86 -13.02 17.58 17.45
N PHE D 87 -13.65 18.15 16.42
CA PHE D 87 -13.66 17.53 15.11
C PHE D 87 -12.95 18.38 14.06
N ARG D 88 -12.95 19.69 14.26
CA ARG D 88 -12.41 20.63 13.27
C ARG D 88 -10.89 20.53 13.15
N LYS D 89 -10.40 20.68 11.92
CA LYS D 89 -8.97 20.66 11.66
C LYS D 89 -8.28 21.85 12.29
N HIS D 90 -8.74 23.04 11.95
CA HIS D 90 -8.25 24.26 12.56
C HIS D 90 -8.97 24.49 13.89
N LYS D 91 -8.23 24.97 14.88
CA LYS D 91 -8.76 25.15 16.24
C LYS D 91 -9.98 26.08 16.24
N THR D 92 -11.10 25.58 16.76
CA THR D 92 -12.37 26.29 16.65
C THR D 92 -13.19 26.21 17.94
N LEU D 93 -13.84 27.32 18.28
CA LEU D 93 -14.74 27.39 19.43
C LEU D 93 -16.19 27.49 18.95
N ASP D 94 -17.07 26.65 19.48
CA ASP D 94 -18.47 26.66 19.09
C ASP D 94 -19.34 27.38 20.10
N VAL D 95 -19.93 28.51 19.70
CA VAL D 95 -20.76 29.30 20.59
C VAL D 95 -22.19 29.41 20.04
N ALA D 96 -23.17 29.13 20.89
CA ALA D 96 -24.57 29.24 20.49
C ALA D 96 -25.09 30.66 20.69
N PHE D 97 -25.82 31.17 19.70
CA PHE D 97 -26.29 32.56 19.72
C PHE D 97 -27.82 32.62 19.78
N SER D 98 -28.35 33.77 20.18
CA SER D 98 -29.79 34.01 20.17
C SER D 98 -30.14 35.12 19.19
N ILE D 99 -31.29 34.98 18.53
CA ILE D 99 -31.71 35.95 17.52
C ILE D 99 -32.63 37.01 18.08
N VAL D 100 -32.28 38.28 17.85
CA VAL D 100 -33.12 39.41 18.24
C VAL D 100 -33.19 40.42 17.10
N ASP D 101 -34.12 41.36 17.20
CA ASP D 101 -34.25 42.42 16.19
C ASP D 101 -33.03 43.33 16.24
N PRO D 102 -32.44 43.63 15.07
CA PRO D 102 -31.23 44.45 15.00
C PRO D 102 -31.44 45.91 15.39
N LEU D 103 -32.67 46.27 15.75
CA LEU D 103 -32.97 47.64 16.15
C LEU D 103 -33.53 47.68 17.57
N THR D 104 -34.54 46.87 17.83
CA THR D 104 -35.22 46.87 19.13
C THR D 104 -34.56 45.93 20.14
N ASP D 105 -33.70 45.05 19.63
CA ASP D 105 -33.05 44.02 20.46
C ASP D 105 -34.06 43.10 21.15
N GLU D 106 -35.28 43.08 20.64
CA GLU D 106 -36.33 42.25 21.22
C GLU D 106 -36.30 40.84 20.63
N PRO D 107 -36.36 39.83 21.50
CA PRO D 107 -36.41 38.40 21.19
C PRO D 107 -37.18 38.07 19.90
N TYR D 108 -36.51 37.44 18.95
CA TYR D 108 -37.16 37.06 17.70
C TYR D 108 -38.23 36.01 17.95
N SER D 109 -39.37 36.18 17.30
CA SER D 109 -40.56 35.36 17.58
C SER D 109 -40.42 33.90 17.15
N ARG D 110 -39.55 33.63 16.19
CA ARG D 110 -39.43 32.27 15.66
C ARG D 110 -38.13 31.57 16.07
N ASP D 111 -37.45 32.13 17.07
CA ASP D 111 -36.26 31.50 17.63
C ASP D 111 -36.68 30.51 18.71
N PRO D 112 -36.47 29.21 18.46
CA PRO D 112 -36.87 28.16 19.40
C PRO D 112 -36.14 28.26 20.74
N ARG D 113 -34.86 28.63 20.70
CA ARG D 113 -34.08 28.79 21.92
C ARG D 113 -34.63 29.95 22.74
N GLN D 114 -35.12 30.97 22.06
CA GLN D 114 -35.69 32.14 22.71
C GLN D 114 -37.02 31.78 23.37
N VAL D 115 -37.75 30.86 22.75
CA VAL D 115 -39.02 30.38 23.30
C VAL D 115 -38.78 29.71 24.65
N ALA D 116 -37.73 28.91 24.72
CA ALA D 116 -37.35 28.23 25.96
C ALA D 116 -36.98 29.23 27.05
N GLY D 117 -36.42 30.37 26.64
CA GLY D 117 -36.06 31.42 27.57
C GLY D 117 -37.27 32.07 28.20
N LYS D 118 -38.29 32.31 27.38
CA LYS D 118 -39.55 32.89 27.86
C LYS D 118 -40.28 31.90 28.76
N ALA D 119 -40.21 30.62 28.42
CA ALA D 119 -40.87 29.58 29.19
C ALA D 119 -40.34 29.50 30.62
N GLU D 120 -39.04 29.73 30.77
CA GLU D 120 -38.42 29.77 32.10
C GLU D 120 -38.85 31.02 32.86
N ALA D 121 -38.83 32.15 32.17
CA ALA D 121 -39.22 33.42 32.77
C ALA D 121 -40.68 33.42 33.17
N TYR D 122 -41.51 32.77 32.36
CA TYR D 122 -42.94 32.66 32.66
C TYR D 122 -43.17 31.78 33.88
N LEU D 123 -42.42 30.70 34.00
CA LEU D 123 -42.52 29.78 35.12
C LEU D 123 -42.29 30.47 36.45
N LYS D 124 -41.32 31.39 36.47
CA LYS D 124 -40.97 32.12 37.68
C LYS D 124 -42.03 33.15 38.04
N SER D 125 -42.72 33.67 37.03
CA SER D 125 -43.75 34.68 37.24
C SER D 125 -45.00 34.08 37.88
N THR D 126 -45.22 32.79 37.63
CA THR D 126 -46.39 32.10 38.17
C THR D 126 -46.26 31.91 39.68
N GLY D 127 -45.01 31.80 40.16
CA GLY D 127 -44.76 31.62 41.58
C GLY D 127 -44.84 30.17 42.00
N ILE D 128 -45.11 29.29 41.05
CA ILE D 128 -45.19 27.86 41.33
C ILE D 128 -43.80 27.29 41.59
N ALA D 129 -42.89 27.53 40.67
CA ALA D 129 -41.52 27.05 40.79
C ALA D 129 -40.55 28.01 40.11
N ASP D 130 -39.25 27.80 40.31
CA ASP D 130 -38.23 28.66 39.71
C ASP D 130 -37.29 27.88 38.79
N THR D 131 -37.47 26.57 38.75
CA THR D 131 -36.60 25.71 37.93
C THR D 131 -37.34 24.50 37.38
N ALA D 132 -37.17 24.27 36.08
CA ALA D 132 -37.74 23.08 35.43
C ALA D 132 -36.62 22.26 34.80
N SER D 133 -36.25 21.17 35.47
CA SER D 133 -35.14 20.33 35.00
C SER D 133 -35.61 19.26 34.02
N PHE D 134 -34.84 19.06 32.96
CA PHE D 134 -35.17 18.07 31.94
C PHE D 134 -34.01 17.12 31.66
N ALA D 135 -34.34 15.85 31.41
CA ALA D 135 -33.33 14.83 31.11
C ALA D 135 -33.85 13.88 30.04
N PRO D 136 -33.32 14.02 28.81
CA PRO D 136 -33.76 13.19 27.68
C PRO D 136 -32.92 11.92 27.54
N GLU D 137 -33.61 10.79 27.35
CA GLU D 137 -32.93 9.53 27.04
C GLU D 137 -32.91 9.33 25.53
N ALA D 138 -32.00 10.02 24.87
CA ALA D 138 -31.96 10.05 23.41
C ALA D 138 -31.33 8.81 22.80
N GLU D 139 -32.16 7.88 22.35
CA GLU D 139 -31.68 6.72 21.62
C GLU D 139 -31.31 7.14 20.20
N PHE D 140 -30.60 6.29 19.48
CA PHE D 140 -30.25 6.54 18.08
C PHE D 140 -29.70 5.31 17.38
N PHE D 141 -29.56 5.39 16.06
CA PHE D 141 -29.04 4.29 15.26
C PHE D 141 -27.68 4.62 14.67
N ILE D 142 -26.88 3.59 14.42
CA ILE D 142 -25.61 3.75 13.72
C ILE D 142 -25.53 2.76 12.56
N PHE D 143 -25.48 3.28 11.33
CA PHE D 143 -25.38 2.43 10.16
C PHE D 143 -24.04 2.61 9.47
N ASP D 144 -23.67 1.63 8.66
CA ASP D 144 -22.42 1.69 7.89
C ASP D 144 -22.67 2.28 6.51
N LYS D 145 -23.93 2.21 6.07
CA LYS D 145 -24.31 2.74 4.77
C LYS D 145 -25.77 3.18 4.78
N VAL D 146 -26.03 4.39 4.28
CA VAL D 146 -27.38 4.92 4.17
C VAL D 146 -27.55 5.64 2.83
N ARG D 147 -28.57 5.25 2.07
CA ARG D 147 -28.84 5.90 0.79
C ARG D 147 -30.35 5.92 0.49
N PHE D 148 -30.79 7.02 -0.13
CA PHE D 148 -32.20 7.19 -0.45
C PHE D 148 -32.37 8.11 -1.66
N GLU D 149 -33.50 7.97 -2.35
CA GLU D 149 -33.77 8.77 -3.54
C GLU D 149 -35.27 8.81 -3.82
N ASN D 150 -35.76 9.95 -4.27
CA ASN D 150 -37.16 10.09 -4.63
C ASN D 150 -37.36 10.71 -6.01
N SER D 151 -37.13 9.90 -7.04
CA SER D 151 -37.32 10.34 -8.42
C SER D 151 -38.66 9.85 -8.94
N GLN D 153 -38.93 7.76 -11.51
CA GLN D 153 -38.73 6.36 -11.89
C GLN D 153 -38.63 5.41 -10.70
N ARG D 154 -38.12 5.92 -9.58
CA ARG D 154 -37.91 5.09 -8.40
C ARG D 154 -37.95 5.87 -7.10
N SER D 155 -38.16 5.15 -6.00
CA SER D 155 -38.16 5.73 -4.67
C SER D 155 -37.70 4.67 -3.68
N PHE D 156 -36.60 4.93 -2.98
CA PHE D 156 -36.03 3.93 -2.10
C PHE D 156 -35.29 4.47 -0.88
N TYR D 157 -35.05 3.60 0.07
CA TYR D 157 -34.08 3.82 1.13
C TYR D 157 -33.38 2.50 1.42
N GLU D 158 -32.09 2.55 1.71
CA GLU D 158 -31.35 1.34 2.07
C GLU D 158 -30.36 1.62 3.18
N VAL D 159 -30.51 0.92 4.29
CA VAL D 159 -29.57 1.01 5.39
C VAL D 159 -28.87 -0.33 5.57
N ASP D 160 -27.68 -0.31 6.14
CA ASP D 160 -26.92 -1.53 6.35
C ASP D 160 -26.01 -1.43 7.56
N SER D 161 -25.87 -2.53 8.28
CA SER D 161 -25.02 -2.59 9.47
C SER D 161 -24.34 -3.95 9.56
N ILE D 162 -23.14 -3.97 10.14
CA ILE D 162 -22.40 -5.21 10.32
C ILE D 162 -22.98 -6.01 11.48
N GLU D 163 -23.77 -5.34 12.32
CA GLU D 163 -24.42 -5.98 13.46
C GLU D 163 -25.77 -6.55 13.06
N ALA D 164 -26.21 -6.22 11.85
CA ALA D 164 -27.55 -6.60 11.38
C ALA D 164 -27.72 -8.10 11.19
N PRO D 165 -28.91 -8.62 11.52
CA PRO D 165 -29.24 -10.04 11.38
C PRO D 165 -29.37 -10.47 9.91
N TRP D 166 -29.61 -9.50 9.03
CA TRP D 166 -29.75 -9.80 7.61
C TRP D 166 -28.40 -9.97 6.91
N ASN D 167 -27.32 -9.83 7.68
CA ASN D 167 -25.97 -10.03 7.15
C ASN D 167 -25.34 -11.30 7.72
N SER D 168 -26.13 -12.08 8.44
CA SER D 168 -25.63 -13.30 9.08
C SER D 168 -25.16 -14.33 8.06
N GLY D 169 -25.72 -14.26 6.85
CA GLY D 169 -25.39 -15.21 5.81
C GLY D 169 -24.42 -14.67 4.77
N ILE D 170 -23.99 -13.42 4.95
CA ILE D 170 -23.06 -12.81 4.00
C ILE D 170 -21.70 -13.52 4.06
N ASP D 171 -20.97 -13.47 2.95
CA ASP D 171 -19.69 -14.16 2.85
C ASP D 171 -18.51 -13.25 3.20
N THR D 172 -18.52 -12.06 2.62
CA THR D 172 -17.44 -11.10 2.80
C THR D 172 -17.97 -9.73 3.21
N GLU D 173 -17.40 -9.17 4.26
CA GLU D 173 -17.83 -7.87 4.77
C GLU D 173 -17.37 -6.72 3.87
N ASP D 174 -17.53 -5.49 4.35
CA ASP D 174 -17.16 -4.30 3.59
C ASP D 174 -15.65 -4.18 3.42
N ASP D 175 -14.90 -4.56 4.44
CA ASP D 175 -13.45 -4.42 4.41
C ASP D 175 -12.76 -5.49 3.56
N GLY D 176 -13.51 -6.52 3.17
CA GLY D 176 -12.95 -7.60 2.39
C GLY D 176 -12.74 -8.87 3.19
N THR D 177 -12.68 -8.73 4.50
CA THR D 177 -12.48 -9.87 5.39
C THR D 177 -13.74 -10.73 5.50
N PRO D 178 -13.56 -12.04 5.71
CA PRO D 178 -14.70 -12.97 5.80
C PRO D 178 -15.65 -12.67 6.97
N ASN D 179 -16.88 -13.19 6.88
CA ASN D 179 -17.85 -13.07 7.95
C ASN D 179 -17.41 -13.86 9.17
N ILE D 180 -17.22 -13.18 10.29
CA ILE D 180 -16.83 -13.83 11.54
C ILE D 180 -17.99 -13.88 12.54
N ALA D 181 -19.21 -13.77 12.01
CA ALA D 181 -20.44 -13.94 12.80
C ALA D 181 -20.55 -13.00 14.00
N PHE D 182 -21.23 -13.50 15.05
CA PHE D 182 -21.52 -12.72 16.25
C PHE D 182 -22.28 -11.43 15.93
N LYS D 183 -23.21 -11.52 14.99
CA LYS D 183 -24.07 -10.39 14.65
C LYS D 183 -25.36 -10.47 15.46
N ASN D 184 -25.98 -9.33 15.70
CA ASN D 184 -27.20 -9.28 16.49
C ASN D 184 -28.39 -9.94 15.79
N ARG D 185 -29.31 -10.45 16.59
CA ARG D 185 -30.57 -10.97 16.07
C ARG D 185 -31.63 -9.90 16.20
N VAL D 186 -32.78 -10.11 15.57
CA VAL D 186 -33.87 -9.13 15.60
C VAL D 186 -34.37 -8.91 17.03
N LYS D 187 -34.38 -7.64 17.44
CA LYS D 187 -34.93 -7.23 18.73
C LYS D 187 -34.19 -7.89 19.91
N LYS D 188 -32.88 -8.03 19.78
CA LYS D 188 -32.07 -8.68 20.81
C LYS D 188 -30.69 -8.06 20.98
N GLY D 189 -30.56 -6.78 20.64
CA GLY D 189 -29.29 -6.09 20.78
C GLY D 189 -29.13 -5.45 22.15
N TYR D 190 -29.97 -5.85 23.09
CA TYR D 190 -29.99 -5.25 24.43
C TYR D 190 -29.78 -6.29 25.53
N PHE D 191 -28.56 -6.39 26.06
CA PHE D 191 -27.38 -5.69 25.55
C PHE D 191 -26.13 -6.54 25.73
N PRO D 192 -25.98 -7.60 24.93
CA PRO D 192 -24.89 -8.57 25.08
C PRO D 192 -23.52 -7.93 24.91
N VAL D 193 -22.54 -8.44 25.66
CA VAL D 193 -21.16 -7.95 25.59
C VAL D 193 -20.55 -8.26 24.22
N PRO D 194 -19.51 -7.50 23.83
CA PRO D 194 -18.75 -7.79 22.61
C PRO D 194 -18.27 -9.24 22.57
N PRO D 195 -18.00 -9.78 21.37
CA PRO D 195 -18.03 -9.11 20.06
C PRO D 195 -19.41 -9.02 19.43
N ILE D 196 -20.45 -9.47 20.12
CA ILE D 196 -21.81 -9.34 19.60
C ILE D 196 -22.13 -7.87 19.40
N ASP D 197 -21.60 -7.02 20.30
CA ASP D 197 -21.66 -5.59 20.14
C ASP D 197 -20.43 -5.14 19.36
N HIS D 198 -20.65 -4.72 18.11
CA HIS D 198 -19.55 -4.30 17.25
C HIS D 198 -19.21 -2.82 17.43
N THR D 199 -20.11 -2.07 18.05
CA THR D 199 -19.95 -0.63 18.17
C THR D 199 -19.76 -0.14 19.61
N GLN D 200 -19.07 -0.94 20.42
CA GLN D 200 -18.75 -0.54 21.79
C GLN D 200 -17.67 0.54 21.79
N ASP D 201 -16.63 0.32 20.99
CA ASP D 201 -15.52 1.26 20.89
C ASP D 201 -15.96 2.60 20.30
N LEU D 202 -16.82 2.55 19.28
CA LEU D 202 -17.33 3.77 18.67
C LEU D 202 -18.22 4.53 19.66
N ARG D 203 -19.00 3.79 20.43
CA ARG D 203 -19.88 4.38 21.44
C ARG D 203 -19.06 5.05 22.54
N ASP D 204 -17.94 4.42 22.91
CA ASP D 204 -17.03 4.97 23.91
C ASP D 204 -16.40 6.27 23.44
N ASP D 205 -16.09 6.36 22.16
CA ASP D 205 -15.54 7.58 21.58
C ASP D 205 -16.55 8.72 21.67
N VAL D 207 -19.00 8.94 23.92
CA VAL D 207 -19.05 9.27 25.34
C VAL D 207 -17.88 10.17 25.74
N ALA D 208 -16.68 9.81 25.28
CA ALA D 208 -15.48 10.59 25.57
C ALA D 208 -15.55 11.99 24.98
N ASN D 209 -16.11 12.11 23.78
CA ASN D 209 -16.28 13.41 23.14
C ASN D 209 -17.38 14.25 23.78
N LEU D 210 -18.40 13.58 24.32
CA LEU D 210 -19.47 14.26 25.03
C LEU D 210 -18.97 14.78 26.37
N GLN D 211 -18.05 14.04 26.97
CA GLN D 211 -17.42 14.45 28.23
C GLN D 211 -16.52 15.66 28.02
N LYS D 212 -15.86 15.68 26.87
CA LYS D 212 -14.90 16.74 26.55
C LYS D 212 -15.59 18.08 26.32
N VAL D 213 -16.83 18.04 25.82
CA VAL D 213 -17.55 19.26 25.47
C VAL D 213 -18.40 19.80 26.62
N GLY D 214 -18.29 19.19 27.79
CA GLY D 214 -18.92 19.73 28.98
C GLY D 214 -20.02 18.89 29.62
N LEU D 215 -20.48 17.87 28.92
CA LEU D 215 -21.57 17.04 29.43
C LEU D 215 -21.10 16.09 30.54
N ILE D 216 -21.98 15.84 31.51
CA ILE D 216 -21.72 14.87 32.56
C ILE D 216 -22.53 13.61 32.27
N LEU D 217 -21.83 12.53 31.93
CA LEU D 217 -22.51 11.32 31.47
C LEU D 217 -22.72 10.28 32.58
N GLU D 218 -23.75 9.47 32.42
CA GLU D 218 -24.15 8.51 33.45
C GLU D 218 -23.94 7.06 33.02
N ARG D 219 -24.48 6.71 31.85
CA ARG D 219 -24.37 5.34 31.34
C ARG D 219 -24.36 5.31 29.81
N SER D 220 -24.11 4.13 29.25
CA SER D 220 -23.99 3.97 27.81
C SER D 220 -24.13 2.50 27.43
N HIS D 221 -25.11 2.19 26.60
CA HIS D 221 -25.35 0.80 26.21
C HIS D 221 -25.88 0.63 24.78
N HIS D 222 -25.86 -0.61 24.31
CA HIS D 222 -26.46 -0.96 23.02
C HIS D 222 -27.95 -1.17 23.23
N GLU D 223 -28.76 -0.67 22.30
CA GLU D 223 -30.21 -0.75 22.44
C GLU D 223 -30.83 -1.99 21.80
N VAL D 224 -32.14 -2.13 21.96
CA VAL D 224 -32.88 -3.34 21.58
C VAL D 224 -32.70 -3.75 20.11
N ALA D 225 -32.91 -2.82 19.19
CA ALA D 225 -32.81 -3.12 17.77
C ALA D 225 -31.40 -3.57 17.38
N GLY D 226 -31.32 -4.73 16.72
CA GLY D 226 -30.04 -5.33 16.38
C GLY D 226 -29.21 -4.55 15.37
N ALA D 227 -29.88 -3.80 14.50
CA ALA D 227 -29.20 -3.07 13.43
C ALA D 227 -28.49 -1.81 13.92
N GLY D 228 -27.78 -1.91 15.04
CA GLY D 228 -26.97 -0.82 15.55
C GLY D 228 -27.72 0.29 16.24
N GLN D 229 -28.63 -0.06 17.14
CA GLN D 229 -29.36 0.94 17.91
C GLN D 229 -28.62 1.23 19.22
N GLN D 230 -28.41 2.51 19.49
CA GLN D 230 -27.64 2.93 20.66
C GLN D 230 -28.45 3.83 21.60
N GLU D 231 -27.92 4.07 22.79
CA GLU D 231 -28.49 5.01 23.74
C GLU D 231 -27.44 5.51 24.73
N ILE D 232 -27.25 6.82 24.75
CA ILE D 232 -26.28 7.44 25.66
C ILE D 232 -27.01 8.40 26.61
N ASN D 233 -26.75 8.25 27.91
CA ASN D 233 -27.40 9.10 28.90
C ASN D 233 -26.44 10.06 29.59
N TYR D 234 -26.88 11.29 29.78
CA TYR D 234 -26.10 12.30 30.49
C TYR D 234 -26.94 12.99 31.56
N ARG D 235 -26.29 13.82 32.38
CA ARG D 235 -26.95 14.44 33.52
C ARG D 235 -27.93 15.54 33.10
N PHE D 236 -29.01 15.68 33.88
CA PHE D 236 -30.06 16.64 33.58
C PHE D 236 -29.58 18.09 33.68
N ASN D 237 -30.44 19.02 33.31
CA ASN D 237 -30.11 20.44 33.34
C ASN D 237 -31.37 21.30 33.30
N SER D 238 -31.20 22.60 33.53
CA SER D 238 -32.31 23.54 33.43
C SER D 238 -32.84 23.55 32.00
N LEU D 239 -34.13 23.89 31.85
CA LEU D 239 -34.86 23.72 30.59
C LEU D 239 -34.14 24.21 29.33
N GLN D 240 -33.77 25.49 29.30
CA GLN D 240 -33.12 26.06 28.13
C GLN D 240 -31.73 25.44 27.90
N HIS D 241 -31.00 25.22 28.99
CA HIS D 241 -29.69 24.61 28.90
C HIS D 241 -29.79 23.11 28.59
N ALA D 242 -30.90 22.49 28.99
CA ALA D 242 -31.13 21.09 28.65
C ALA D 242 -31.33 20.96 27.15
N GLY D 243 -31.97 21.96 26.55
CA GLY D 243 -32.14 22.01 25.11
C GLY D 243 -30.82 22.31 24.44
N ASP D 244 -29.98 23.09 25.11
CA ASP D 244 -28.64 23.41 24.60
C ASP D 244 -27.75 22.18 24.63
N ASP D 245 -27.91 21.36 25.68
CA ASP D 245 -27.11 20.16 25.84
C ASP D 245 -27.43 19.13 24.75
N LEU D 246 -28.71 18.98 24.44
CA LEU D 246 -29.14 17.99 23.45
C LEU D 246 -28.66 18.33 22.05
N LYS D 248 -25.92 20.00 21.43
CA LYS D 248 -24.49 19.69 21.50
C LYS D 248 -24.30 18.18 21.49
N TYR D 249 -25.25 17.46 22.09
CA TYR D 249 -25.24 16.01 22.12
C TYR D 249 -25.37 15.41 20.73
N LYS D 250 -26.40 15.83 20.01
CA LYS D 250 -26.68 15.31 18.68
C LYS D 250 -25.60 15.72 17.66
N TYR D 251 -24.97 16.86 17.90
CA TYR D 251 -23.90 17.33 17.03
C TYR D 251 -22.66 16.45 17.16
N VAL D 252 -22.32 16.09 18.39
CA VAL D 252 -21.17 15.23 18.65
C VAL D 252 -21.40 13.82 18.12
N VAL D 253 -22.60 13.29 18.33
CA VAL D 253 -22.95 11.97 17.83
C VAL D 253 -22.87 11.91 16.31
N HIS D 254 -23.42 12.93 15.65
CA HIS D 254 -23.38 13.02 14.19
C HIS D 254 -21.95 13.09 13.65
N GLU D 255 -21.13 13.94 14.26
CA GLU D 255 -19.77 14.16 13.80
C GLU D 255 -18.83 12.98 14.12
N THR D 256 -18.99 12.39 15.28
CA THR D 256 -18.16 11.25 15.68
C THR D 256 -18.37 10.08 14.72
N ALA D 257 -19.63 9.84 14.35
CA ALA D 257 -19.96 8.77 13.42
C ALA D 257 -19.42 9.07 12.02
N ALA D 258 -19.57 10.33 11.61
CA ALA D 258 -19.13 10.76 10.28
C ALA D 258 -17.62 10.63 10.11
N LEU D 259 -16.88 11.04 11.13
CA LEU D 259 -15.41 10.92 11.09
C LEU D 259 -14.96 9.48 11.27
N ALA D 260 -15.89 8.61 11.68
CA ALA D 260 -15.60 7.19 11.80
C ALA D 260 -16.06 6.45 10.56
N GLY D 261 -16.45 7.21 9.53
CA GLY D 261 -16.89 6.63 8.28
C GLY D 261 -18.25 5.97 8.36
N LYS D 262 -19.06 6.41 9.31
CA LYS D 262 -20.40 5.84 9.50
C LYS D 262 -21.46 6.93 9.63
N ALA D 263 -22.72 6.52 9.75
CA ALA D 263 -23.82 7.47 9.84
C ALA D 263 -24.70 7.20 11.07
N ALA D 264 -24.99 8.27 11.80
CA ALA D 264 -25.85 8.18 12.99
C ALA D 264 -27.09 9.03 12.80
N THR D 265 -28.26 8.46 13.09
CA THR D 265 -29.52 9.17 12.89
C THR D 265 -30.41 9.12 14.12
N PHE D 266 -31.26 10.14 14.27
CA PHE D 266 -32.21 10.18 15.37
C PHE D 266 -33.65 10.01 14.87
N PRO D 268 -37.12 8.44 14.46
CA PRO D 268 -37.93 7.65 15.39
C PRO D 268 -38.17 6.22 14.89
N LYS D 269 -38.17 6.03 13.57
CA LYS D 269 -38.43 4.71 13.01
C LYS D 269 -37.75 4.56 11.64
N PRO D 270 -36.44 4.23 11.66
CA PRO D 270 -35.67 4.04 10.41
C PRO D 270 -36.04 2.76 9.69
N ILE D 271 -36.22 1.67 10.43
CA ILE D 271 -36.50 0.36 9.83
C ILE D 271 -37.78 -0.25 10.38
N ALA D 272 -38.41 -1.10 9.59
CA ALA D 272 -39.63 -1.79 10.00
C ALA D 272 -39.32 -3.19 10.52
N GLY D 273 -39.99 -3.59 11.59
CA GLY D 273 -39.83 -4.93 12.14
C GLY D 273 -39.01 -4.98 13.42
N ASP D 274 -38.51 -3.83 13.86
CA ASP D 274 -37.72 -3.78 15.09
C ASP D 274 -38.02 -2.49 15.86
N ASN D 275 -37.47 -2.38 17.06
CA ASN D 275 -37.71 -1.23 17.94
C ASN D 275 -37.37 0.11 17.30
N GLY D 276 -38.23 1.09 17.53
CA GLY D 276 -38.01 2.43 17.05
C GLY D 276 -37.12 3.23 17.99
N THR D 277 -36.84 4.46 17.63
CA THR D 277 -36.00 5.32 18.45
C THR D 277 -36.83 6.39 19.16
N GLY D 278 -36.83 6.35 20.49
CA GLY D 278 -37.60 7.28 21.27
C GLY D 278 -36.74 8.17 22.14
N HIS D 280 -37.27 9.59 25.74
CA HIS D 280 -38.00 9.72 27.00
C HIS D 280 -37.55 11.00 27.72
N CYS D 281 -38.53 11.78 28.17
CA CYS D 281 -38.23 13.05 28.84
C CYS D 281 -38.55 13.00 30.32
N HIS D 282 -37.53 13.16 31.15
CA HIS D 282 -37.70 13.22 32.60
C HIS D 282 -37.85 14.66 33.06
N GLN D 283 -38.96 14.96 33.73
CA GLN D 283 -39.26 16.34 34.13
C GLN D 283 -39.44 16.44 35.64
N SER D 284 -39.03 17.58 36.20
CA SER D 284 -39.21 17.85 37.61
C SER D 284 -39.14 19.34 37.90
N LEU D 285 -40.08 19.84 38.71
CA LEU D 285 -40.11 21.25 39.06
C LEU D 285 -39.40 21.51 40.39
N TRP D 286 -38.62 22.58 40.44
CA TRP D 286 -37.83 22.91 41.62
C TRP D 286 -38.08 24.34 42.08
N LYS D 287 -37.99 24.56 43.39
CA LYS D 287 -38.11 25.90 43.96
C LYS D 287 -37.19 26.05 45.17
N ASP D 288 -36.27 27.00 45.09
CA ASP D 288 -35.27 27.23 46.13
C ASP D 288 -34.41 25.98 46.35
N GLY D 289 -34.11 25.27 45.28
CA GLY D 289 -33.32 24.06 45.35
C GLY D 289 -34.07 22.91 46.01
N LYS D 290 -35.39 22.98 45.98
CA LYS D 290 -36.23 21.97 46.63
C LYS D 290 -37.26 21.39 45.66
N PRO D 291 -37.30 20.06 45.55
CA PRO D 291 -38.25 19.35 44.68
C PRO D 291 -39.69 19.53 45.14
N LEU D 292 -40.59 19.77 44.19
CA LEU D 292 -42.00 19.99 44.51
C LEU D 292 -42.87 18.81 44.12
N PHE D 293 -42.25 17.76 43.59
CA PHE D 293 -42.99 16.58 43.14
C PHE D 293 -43.16 15.53 44.24
N TYR D 294 -42.32 15.61 45.28
CA TYR D 294 -42.38 14.66 46.38
C TYR D 294 -43.66 14.82 47.21
N LYS D 297 -46.26 10.42 49.79
CA LYS D 297 -47.48 10.64 50.57
C LYS D 297 -48.70 10.29 49.73
N ASN D 298 -48.46 9.88 48.50
CA ASN D 298 -49.54 9.46 47.61
C ASN D 298 -49.25 8.15 46.91
N TYR D 299 -49.74 8.06 45.68
CA TYR D 299 -49.62 6.86 44.85
C TYR D 299 -48.16 6.50 44.59
N GLY D 300 -47.51 7.31 43.78
CA GLY D 300 -46.09 7.12 43.49
C GLY D 300 -45.23 8.14 44.21
N GLY D 301 -45.67 8.56 45.39
CA GLY D 301 -44.97 9.58 46.15
C GLY D 301 -45.14 10.94 45.52
N LEU D 302 -46.12 11.04 44.62
CA LEU D 302 -46.39 12.26 43.88
C LEU D 302 -47.13 13.29 44.73
N SER D 303 -46.77 14.56 44.56
CA SER D 303 -47.45 15.64 45.24
C SER D 303 -48.67 16.05 44.43
N ASP D 304 -49.45 16.99 44.96
CA ASP D 304 -50.58 17.54 44.22
C ASP D 304 -50.06 18.27 42.99
N LEU D 305 -48.90 18.91 43.15
CA LEU D 305 -48.26 19.66 42.09
C LEU D 305 -47.85 18.74 40.94
N ALA D 306 -47.53 17.50 41.27
CA ALA D 306 -47.14 16.50 40.28
C ALA D 306 -48.36 15.92 39.57
N ARG D 307 -49.41 15.62 40.33
CA ARG D 307 -50.62 15.04 39.78
C ARG D 307 -51.33 16.01 38.86
N TRP D 308 -51.21 17.30 39.15
CA TRP D 308 -51.80 18.34 38.32
C TRP D 308 -50.94 18.63 37.10
N TYR D 309 -49.64 18.34 37.21
CA TYR D 309 -48.73 18.46 36.09
C TYR D 309 -49.08 17.39 35.07
N ILE D 310 -49.31 16.18 35.55
CA ILE D 310 -49.71 15.06 34.70
C ILE D 310 -51.05 15.32 34.05
N GLY D 311 -51.99 15.86 34.84
CA GLY D 311 -53.32 16.19 34.34
C GLY D 311 -53.29 17.13 33.14
N GLY D 312 -52.42 18.13 33.21
CA GLY D 312 -52.26 19.08 32.12
C GLY D 312 -51.54 18.46 30.94
N LEU D 313 -50.74 17.44 31.22
CA LEU D 313 -50.02 16.73 30.17
C LEU D 313 -50.96 15.81 29.40
N ILE D 314 -51.85 15.14 30.13
CA ILE D 314 -52.82 14.24 29.53
C ILE D 314 -53.84 15.00 28.69
N LYS D 315 -54.35 16.10 29.23
CA LYS D 315 -55.40 16.88 28.58
C LYS D 315 -54.93 17.52 27.27
N HIS D 316 -53.72 18.10 27.30
CA HIS D 316 -53.19 18.78 26.12
C HIS D 316 -52.20 17.90 25.37
N SER D 317 -52.39 16.58 25.47
CA SER D 317 -51.46 15.62 24.90
C SER D 317 -51.24 15.76 23.39
N SER D 318 -52.33 15.77 22.64
CA SER D 318 -52.26 15.83 21.18
C SER D 318 -51.59 17.10 20.68
N SER D 319 -51.75 18.19 21.44
CA SER D 319 -51.13 19.47 21.08
C SER D 319 -49.64 19.46 21.39
N VAL D 320 -49.27 18.88 22.53
CA VAL D 320 -47.87 18.78 22.92
C VAL D 320 -47.11 17.87 21.97
N LEU D 321 -47.78 16.79 21.54
CA LEU D 321 -47.17 15.83 20.61
C LEU D 321 -46.90 16.42 19.23
N ALA D 322 -47.52 17.56 18.94
CA ALA D 322 -47.29 18.27 17.70
C ALA D 322 -45.91 18.91 17.69
N PHE D 323 -45.25 18.93 18.85
CA PHE D 323 -43.89 19.45 18.96
C PHE D 323 -42.91 18.38 19.39
N THR D 324 -43.38 17.39 20.14
CA THR D 324 -42.52 16.31 20.61
C THR D 324 -42.37 15.20 19.57
N ASN D 325 -43.42 15.02 18.76
CA ASN D 325 -43.40 14.05 17.68
C ASN D 325 -43.86 14.68 16.37
N PRO D 326 -43.03 15.57 15.79
CA PRO D 326 -43.43 16.42 14.68
C PRO D 326 -43.16 15.82 13.30
N SER D 327 -42.60 14.62 13.24
CA SER D 327 -42.25 14.02 11.95
C SER D 327 -43.33 13.05 11.46
N LEU D 328 -43.37 12.84 10.15
CA LEU D 328 -44.24 11.83 9.56
C LEU D 328 -43.77 10.45 10.02
N ASN D 329 -42.47 10.32 10.23
CA ASN D 329 -41.86 9.06 10.63
C ASN D 329 -42.13 8.74 12.10
N SER D 330 -42.54 9.75 12.86
CA SER D 330 -42.81 9.59 14.28
C SER D 330 -43.97 8.64 14.55
N TYR D 331 -44.93 8.59 13.62
CA TYR D 331 -46.13 7.78 13.81
C TYR D 331 -46.00 6.37 13.24
N HIS D 332 -44.76 5.97 12.97
CA HIS D 332 -44.47 4.60 12.60
C HIS D 332 -43.86 3.90 13.81
N ARG D 333 -43.51 4.72 14.80
CA ARG D 333 -43.06 4.22 16.10
C ARG D 333 -44.24 4.24 17.06
N LEU D 334 -44.96 5.37 17.09
CA LEU D 334 -46.15 5.50 17.92
C LEU D 334 -47.30 4.68 17.35
N VAL D 335 -47.20 3.36 17.47
CA VAL D 335 -48.21 2.45 16.93
C VAL D 335 -48.72 1.50 18.00
N PRO D 336 -50.04 1.40 18.15
CA PRO D 336 -50.67 0.48 19.10
C PRO D 336 -50.26 -0.97 18.86
N GLU D 339 -44.97 -3.09 21.59
CA GLU D 339 -44.97 -2.14 22.70
C GLU D 339 -44.75 -0.74 22.15
N ALA D 340 -45.45 0.22 22.76
CA ALA D 340 -45.36 1.64 22.41
C ALA D 340 -46.07 2.53 23.44
N PRO D 341 -45.47 3.70 23.72
CA PRO D 341 -46.09 4.68 24.61
C PRO D 341 -47.23 5.43 23.91
N VAL D 342 -48.38 4.78 23.79
CA VAL D 342 -49.50 5.35 23.03
C VAL D 342 -50.69 5.73 23.91
N ASN D 343 -50.76 5.14 25.11
CA ASN D 343 -51.86 5.41 26.02
C ASN D 343 -51.60 6.60 26.93
N LEU D 344 -52.50 7.58 26.92
CA LEU D 344 -52.34 8.77 27.74
C LEU D 344 -52.85 8.56 29.16
N VAL D 345 -52.06 7.82 29.93
CA VAL D 345 -52.34 7.58 31.34
C VAL D 345 -51.00 7.42 32.03
N TYR D 346 -50.96 7.54 33.35
CA TYR D 346 -49.70 7.42 34.08
C TYR D 346 -49.68 6.25 35.05
N SER D 347 -48.51 5.65 35.23
CA SER D 347 -48.34 4.52 36.14
C SER D 347 -46.89 4.42 36.59
N ALA D 348 -46.67 3.90 37.80
CA ALA D 348 -45.32 3.77 38.35
C ALA D 348 -44.76 2.37 38.08
N ARG D 349 -45.62 1.46 37.63
CA ARG D 349 -45.22 0.08 37.41
C ARG D 349 -45.37 -0.35 35.95
N ASN D 350 -46.52 -0.03 35.36
CA ASN D 350 -46.83 -0.46 33.99
C ASN D 350 -45.91 0.16 32.93
N ARG D 351 -45.76 -0.53 31.81
CA ARG D 351 -44.87 -0.06 30.75
C ARG D 351 -45.66 0.27 29.47
N SER D 352 -46.99 0.25 29.59
CA SER D 352 -47.87 0.60 28.48
C SER D 352 -48.25 2.07 28.53
N ALA D 353 -48.02 2.70 29.68
CA ALA D 353 -48.37 4.11 29.89
C ALA D 353 -47.33 5.05 29.30
N ALA D 354 -47.80 6.12 28.67
CA ALA D 354 -46.90 7.10 28.07
C ALA D 354 -46.20 7.95 29.13
N ILE D 355 -46.71 7.88 30.36
CA ILE D 355 -46.13 8.61 31.48
C ILE D 355 -45.79 7.68 32.63
N ARG D 356 -44.52 7.65 33.01
CA ARG D 356 -44.08 6.80 34.12
C ARG D 356 -43.57 7.61 35.31
N ILE D 357 -43.71 7.04 36.50
CA ILE D 357 -43.23 7.68 37.72
C ILE D 357 -42.27 6.75 38.46
N PRO D 358 -40.97 6.88 38.18
CA PRO D 358 -39.94 6.11 38.86
C PRO D 358 -39.53 6.75 40.18
N PRO D 364 -36.73 11.55 47.37
CA PRO D 364 -37.23 12.93 47.44
C PRO D 364 -36.87 13.74 46.19
N ALA D 365 -35.58 13.86 45.91
CA ALA D 365 -35.12 14.63 44.76
C ALA D 365 -35.12 13.81 43.48
N ALA D 366 -35.51 12.54 43.60
CA ALA D 366 -35.59 11.65 42.44
C ALA D 366 -37.00 11.59 41.89
N LYS D 367 -37.96 12.11 42.65
CA LYS D 367 -39.36 12.11 42.24
C LYS D 367 -39.55 12.98 41.01
N ARG D 368 -39.86 12.34 39.87
CA ARG D 368 -39.98 13.05 38.61
C ARG D 368 -40.96 12.37 37.66
N ILE D 369 -41.29 13.06 36.56
CA ILE D 369 -42.24 12.55 35.58
C ILE D 369 -41.55 12.20 34.27
N GLU D 370 -41.75 10.98 33.80
CA GLU D 370 -41.12 10.52 32.56
C GLU D 370 -42.12 10.40 31.41
N PHE D 371 -41.95 11.23 30.39
CA PHE D 371 -42.80 11.17 29.20
C PHE D 371 -42.12 10.30 28.15
N ARG D 372 -42.69 9.12 27.90
CA ARG D 372 -42.08 8.16 26.98
C ARG D 372 -42.46 8.43 25.53
N ALA D 373 -43.51 9.22 25.33
CA ALA D 373 -44.01 9.52 23.99
C ALA D 373 -43.04 10.20 23.00
N PRO D 374 -42.32 11.26 23.42
CA PRO D 374 -41.49 11.99 22.46
C PRO D 374 -40.39 11.17 21.80
N ASP D 375 -39.91 11.66 20.66
CA ASP D 375 -38.79 11.05 19.93
C ASP D 375 -37.81 12.16 19.52
N PRO D 376 -36.54 11.81 19.28
CA PRO D 376 -35.50 12.83 19.05
C PRO D 376 -35.46 13.42 17.64
N SER D 377 -36.57 13.38 16.91
CA SER D 377 -36.64 14.03 15.61
C SER D 377 -37.22 15.43 15.75
N CYS D 378 -37.30 15.91 16.98
CA CYS D 378 -37.94 17.18 17.29
C CYS D 378 -36.93 18.27 17.62
N ASN D 379 -37.43 19.49 17.79
CA ASN D 379 -36.63 20.59 18.31
C ASN D 379 -36.76 20.59 19.83
N PRO D 380 -35.64 20.31 20.53
CA PRO D 380 -35.62 20.14 21.98
C PRO D 380 -36.15 21.35 22.74
N PHE D 381 -35.84 22.55 22.26
CA PHE D 381 -36.31 23.78 22.88
C PHE D 381 -37.83 23.83 22.88
N LEU D 382 -38.42 23.57 21.72
CA LEU D 382 -39.87 23.57 21.57
C LEU D 382 -40.50 22.36 22.24
N ALA D 383 -39.78 21.24 22.20
CA ALA D 383 -40.25 20.00 22.81
C ALA D 383 -40.36 20.11 24.32
N PHE D 384 -39.28 20.61 24.95
CA PHE D 384 -39.24 20.77 26.39
C PHE D 384 -40.20 21.87 26.85
N SER D 385 -40.33 22.92 26.06
CA SER D 385 -41.20 24.03 26.39
C SER D 385 -42.67 23.60 26.36
N ALA D 386 -43.02 22.81 25.35
CA ALA D 386 -44.40 22.34 25.19
C ALA D 386 -44.86 21.50 26.38
N GLN D 387 -44.01 20.60 26.83
CA GLN D 387 -44.32 19.74 27.97
C GLN D 387 -44.47 20.55 29.25
N LEU D 388 -43.63 21.57 29.39
CA LEU D 388 -43.67 22.44 30.56
C LEU D 388 -44.97 23.23 30.64
N ALA D 390 -47.80 22.64 29.27
CA ALA D 390 -48.93 21.74 29.51
C ALA D 390 -49.05 21.44 31.00
N GLY D 391 -47.91 21.17 31.63
CA GLY D 391 -47.86 20.90 33.05
C GLY D 391 -48.27 22.10 33.87
N LEU D 392 -47.91 23.29 33.40
CA LEU D 392 -48.25 24.52 34.11
C LEU D 392 -49.75 24.80 34.06
N ASP D 393 -50.37 24.61 32.89
CA ASP D 393 -51.80 24.82 32.73
C ASP D 393 -52.60 23.87 33.61
N GLY D 394 -52.07 22.66 33.80
CA GLY D 394 -52.70 21.68 34.66
C GLY D 394 -52.56 22.05 36.12
N ILE D 395 -51.42 22.63 36.48
CA ILE D 395 -51.17 23.06 37.85
C ILE D 395 -52.04 24.26 38.24
N LEU D 396 -52.06 25.27 37.38
CA LEU D 396 -52.83 26.48 37.64
C LEU D 396 -54.34 26.23 37.64
N ASN D 397 -54.76 25.15 36.99
CA ASN D 397 -56.18 24.82 36.90
C ASN D 397 -56.56 23.57 37.69
N HIS D 398 -55.58 22.98 38.38
CA HIS D 398 -55.79 21.79 39.21
C HIS D 398 -56.41 20.64 38.42
N ILE D 399 -55.94 20.46 37.19
CA ILE D 399 -56.48 19.43 36.31
C ILE D 399 -56.13 18.02 36.80
N GLU D 400 -57.16 17.27 37.18
CA GLU D 400 -56.98 15.90 37.65
C GLU D 400 -56.99 14.92 36.48
N PRO D 401 -55.90 14.14 36.36
CA PRO D 401 -55.77 13.13 35.30
C PRO D 401 -56.59 11.89 35.65
N PRO D 402 -56.84 11.01 34.66
CA PRO D 402 -57.52 9.75 34.96
C PRO D 402 -56.70 8.90 35.92
N ALA D 403 -57.37 8.08 36.73
CA ALA D 403 -56.70 7.24 37.73
C ALA D 403 -55.62 6.36 37.11
N PRO D 404 -54.51 6.15 37.84
CA PRO D 404 -53.39 5.33 37.35
C PRO D 404 -53.82 3.92 36.98
N VAL D 405 -53.13 3.33 36.00
CA VAL D 405 -53.42 1.96 35.58
C VAL D 405 -52.20 1.30 34.95
N ALA D 418 -61.07 0.86 28.46
CA ALA D 418 -61.54 0.84 27.08
C ALA D 418 -61.21 2.14 26.36
N GLY D 419 -61.91 3.21 26.74
CA GLY D 419 -61.73 4.50 26.09
C GLY D 419 -60.59 5.33 26.67
N ILE D 420 -59.41 4.74 26.76
CA ILE D 420 -58.22 5.47 27.18
C ILE D 420 -57.84 6.46 26.09
N LYS D 421 -57.55 7.70 26.48
CA LYS D 421 -57.19 8.72 25.50
C LYS D 421 -55.90 8.32 24.78
N GLN D 422 -55.94 8.37 23.45
CA GLN D 422 -54.84 7.86 22.64
C GLN D 422 -54.03 8.99 22.01
N VAL D 423 -52.82 8.63 21.55
CA VAL D 423 -52.01 9.54 20.75
C VAL D 423 -52.69 9.71 19.41
N PRO D 424 -52.44 10.85 18.73
CA PRO D 424 -53.04 11.05 17.40
C PRO D 424 -52.60 9.98 16.40
N SER D 425 -53.45 9.68 15.42
CA SER D 425 -53.16 8.64 14.45
C SER D 425 -52.15 9.12 13.40
N SER D 426 -52.23 10.39 13.04
CA SER D 426 -51.35 10.95 12.02
C SER D 426 -50.78 12.29 12.46
N LEU D 427 -49.84 12.81 11.67
CA LEU D 427 -49.23 14.11 11.95
C LEU D 427 -50.25 15.22 11.77
N ALA D 428 -51.10 15.07 10.74
CA ALA D 428 -52.14 16.05 10.45
C ALA D 428 -53.16 16.12 11.58
N GLU D 429 -53.41 14.99 12.22
CA GLU D 429 -54.35 14.93 13.33
C GLU D 429 -53.81 15.70 14.53
N ALA D 430 -52.49 15.67 14.70
CA ALA D 430 -51.84 16.41 15.78
C ALA D 430 -51.86 17.91 15.49
N ASP D 432 -54.16 19.36 13.78
CA ASP D 432 -55.56 19.78 13.94
C ASP D 432 -55.80 20.13 15.41
N ALA D 433 -55.17 19.38 16.29
CA ALA D 433 -55.31 19.59 17.73
C ALA D 433 -54.57 20.86 18.18
N LEU D 434 -53.36 21.05 17.66
CA LEU D 434 -52.57 22.23 17.98
C LEU D 434 -53.26 23.50 17.48
N GLU D 435 -54.01 23.36 16.39
CA GLU D 435 -54.69 24.50 15.77
C GLU D 435 -55.86 24.97 16.61
N GLU D 436 -56.48 24.05 17.35
CA GLU D 436 -57.65 24.38 18.17
C GLU D 436 -57.30 24.51 19.65
N ASP D 437 -56.22 23.88 20.08
CA ASP D 437 -55.82 23.91 21.48
C ASP D 437 -54.36 24.32 21.64
N HIS D 438 -54.13 25.62 21.78
CA HIS D 438 -52.77 26.14 21.94
C HIS D 438 -52.73 27.38 22.81
N ASP D 439 -53.74 27.55 23.67
CA ASP D 439 -53.78 28.69 24.59
C ASP D 439 -52.78 28.51 25.73
N PHE D 440 -52.54 27.25 26.10
CA PHE D 440 -51.62 26.94 27.18
C PHE D 440 -50.17 27.19 26.78
N LEU D 441 -49.96 27.44 25.50
CA LEU D 441 -48.63 27.72 24.96
C LEU D 441 -48.43 29.21 24.78
N THR D 442 -49.51 29.92 24.48
CA THR D 442 -49.46 31.35 24.20
C THR D 442 -49.48 32.20 25.47
N ALA D 443 -49.73 31.57 26.61
CA ALA D 443 -49.77 32.28 27.89
C ALA D 443 -48.39 32.81 28.25
N GLY D 444 -48.31 34.10 28.56
CA GLY D 444 -47.05 34.74 28.88
C GLY D 444 -46.21 34.99 27.65
N ASP D 445 -46.85 34.89 26.48
CA ASP D 445 -46.20 35.10 25.20
C ASP D 445 -45.01 34.16 24.97
N VAL D 446 -45.06 32.98 25.59
CA VAL D 446 -44.03 31.96 25.40
C VAL D 446 -44.02 31.50 23.95
N PHE D 447 -45.14 30.94 23.51
CA PHE D 447 -45.34 30.60 22.11
C PHE D 447 -46.17 31.68 21.44
N THR D 448 -45.62 32.33 20.44
CA THR D 448 -46.35 33.35 19.69
C THR D 448 -47.24 32.70 18.65
N ASP D 449 -48.32 33.40 18.26
CA ASP D 449 -49.20 32.90 17.21
C ASP D 449 -48.45 32.81 15.89
N ASP D 450 -47.44 33.66 15.73
CA ASP D 450 -46.59 33.64 14.54
C ASP D 450 -45.84 32.33 14.43
N LEU D 451 -45.20 31.92 15.53
CA LEU D 451 -44.42 30.69 15.55
C LEU D 451 -45.29 29.45 15.37
N ILE D 452 -46.43 29.43 16.07
CA ILE D 452 -47.35 28.30 16.00
C ILE D 452 -47.92 28.12 14.59
N ASP D 453 -48.42 29.21 14.01
CA ASP D 453 -48.98 29.16 12.67
C ASP D 453 -47.92 28.84 11.62
N THR D 454 -46.67 29.23 11.89
CA THR D 454 -45.57 28.92 11.00
C THR D 454 -45.23 27.43 11.10
N TRP D 455 -45.21 26.92 12.32
CA TRP D 455 -44.92 25.52 12.59
C TRP D 455 -45.93 24.59 11.91
N ILE D 456 -47.20 24.98 11.96
CA ILE D 456 -48.26 24.19 11.35
C ILE D 456 -48.14 24.16 9.83
N SER D 457 -47.86 25.32 9.23
CA SER D 457 -47.74 25.43 7.78
C SER D 457 -46.58 24.60 7.24
N ILE D 458 -45.48 24.55 7.98
CA ILE D 458 -44.32 23.75 7.59
C ILE D 458 -44.66 22.27 7.58
N LYS D 459 -45.25 21.80 8.68
CA LYS D 459 -45.57 20.39 8.84
C LYS D 459 -46.66 19.92 7.89
N ARG D 460 -47.68 20.75 7.67
CA ARG D 460 -48.73 20.43 6.70
C ARG D 460 -48.15 20.38 5.29
N GLY D 461 -47.05 21.10 5.08
CA GLY D 461 -46.33 21.05 3.82
C GLY D 461 -45.66 19.71 3.65
N GLU D 462 -45.14 19.17 4.75
CA GLU D 462 -44.54 17.85 4.75
C GLU D 462 -45.62 16.77 4.55
N ILE D 463 -46.83 17.07 5.01
CA ILE D 463 -47.96 16.17 4.84
C ILE D 463 -48.44 16.16 3.39
N ASP D 464 -48.48 17.35 2.78
CA ASP D 464 -48.81 17.49 1.37
C ASP D 464 -47.78 16.77 0.52
N GLN D 465 -46.54 16.76 1.01
CA GLN D 465 -45.43 16.12 0.31
C GLN D 465 -45.62 14.61 0.27
N ALA D 466 -46.15 14.06 1.36
CA ALA D 466 -46.41 12.62 1.44
C ALA D 466 -47.69 12.26 0.70
N ARG D 467 -48.56 13.26 0.55
CA ARG D 467 -49.82 13.09 -0.16
C ARG D 467 -49.58 12.87 -1.65
N LEU D 468 -48.41 13.27 -2.13
CA LEU D 468 -48.08 13.19 -3.55
C LEU D 468 -47.13 12.05 -3.87
N ALA D 469 -46.82 11.23 -2.88
CA ALA D 469 -45.77 10.22 -3.03
C ALA D 469 -46.28 8.78 -2.99
N PRO D 470 -46.12 8.04 -4.09
CA PRO D 470 -46.38 6.60 -4.14
C PRO D 470 -45.38 5.86 -3.26
N THR D 471 -45.83 4.82 -2.56
CA THR D 471 -44.96 4.06 -1.67
C THR D 471 -44.72 2.66 -2.21
N PRO D 472 -43.55 2.08 -1.89
CA PRO D 472 -43.22 0.70 -2.30
C PRO D 472 -44.25 -0.31 -1.81
N LEU D 473 -44.88 -0.03 -0.67
CA LEU D 473 -45.91 -0.91 -0.11
C LEU D 473 -47.13 -1.00 -1.01
N GLU D 474 -47.49 0.12 -1.63
CA GLU D 474 -48.68 0.19 -2.48
C GLU D 474 -48.51 -0.60 -3.77
N TYR D 475 -47.26 -0.75 -4.21
CA TYR D 475 -46.95 -1.61 -5.35
C TYR D 475 -47.20 -3.07 -4.96
N GLU D 476 -46.81 -3.42 -3.75
CA GLU D 476 -47.02 -4.76 -3.23
C GLU D 476 -48.50 -5.08 -3.09
N LEU D 477 -49.29 -4.04 -2.79
CA LEU D 477 -50.71 -4.23 -2.51
C LEU D 477 -51.59 -4.06 -3.74
N TYR D 478 -51.27 -3.09 -4.60
CA TYR D 478 -52.22 -2.64 -5.61
C TYR D 478 -51.80 -2.79 -7.07
N PHE D 479 -50.54 -3.12 -7.31
CA PHE D 479 -50.02 -3.17 -8.69
C PHE D 479 -50.74 -4.20 -9.56
N HIS D 480 -50.92 -5.41 -9.03
CA HIS D 480 -51.50 -6.50 -9.79
C HIS D 480 -53.00 -6.36 -10.00
N ILE D 481 -53.63 -5.53 -9.17
CA ILE D 481 -55.07 -5.33 -9.23
C ILE D 481 -55.50 -4.70 -10.55
N LEU E 7 -9.07 -7.52 45.09
CA LEU E 7 -10.08 -6.51 45.38
C LEU E 7 -11.12 -7.04 46.35
N GLU E 8 -11.60 -6.18 47.23
CA GLU E 8 -12.56 -6.58 48.25
C GLU E 8 -13.59 -5.50 48.58
N THR E 9 -13.20 -4.23 48.45
CA THR E 9 -14.08 -3.13 48.84
C THR E 9 -14.08 -1.96 47.86
N LYS E 10 -14.80 -0.90 48.23
CA LYS E 10 -14.92 0.30 47.42
C LYS E 10 -13.58 1.04 47.32
N ALA E 11 -12.87 1.12 48.44
CA ALA E 11 -11.57 1.78 48.48
C ALA E 11 -10.56 1.05 47.60
N ASP E 12 -10.65 -0.28 47.58
CA ASP E 12 -9.79 -1.10 46.75
C ASP E 12 -10.10 -0.87 45.27
N ALA E 13 -11.37 -0.64 44.98
CA ALA E 13 -11.81 -0.37 43.61
C ALA E 13 -11.27 0.96 43.13
N GLU E 14 -11.44 1.99 43.95
CA GLU E 14 -10.97 3.33 43.62
C GLU E 14 -9.45 3.38 43.48
N ALA E 15 -8.76 2.60 44.30
CA ALA E 15 -7.30 2.53 44.25
C ALA E 15 -6.82 1.92 42.94
N LEU E 16 -7.57 0.94 42.44
CA LEU E 16 -7.22 0.28 41.18
C LEU E 16 -7.55 1.18 39.99
N ILE E 17 -8.65 1.91 40.09
CA ILE E 17 -9.07 2.83 39.03
C ILE E 17 -8.02 3.91 38.82
N ASN E 18 -7.37 4.33 39.92
CA ASN E 18 -6.30 5.31 39.84
C ASN E 18 -4.97 4.69 39.42
N LYS E 19 -4.68 3.49 39.89
CA LYS E 19 -3.40 2.84 39.59
C LYS E 19 -3.30 2.45 38.11
N GLU E 20 -4.45 2.33 37.45
CA GLU E 20 -4.48 1.90 36.06
C GLU E 20 -5.12 2.94 35.14
N GLY E 21 -5.61 4.03 35.72
CA GLY E 21 -6.22 5.09 34.96
C GLY E 21 -7.47 4.65 34.23
N ILE E 22 -8.29 3.84 34.89
CA ILE E 22 -9.52 3.33 34.31
C ILE E 22 -10.50 4.46 33.99
N GLU E 23 -10.93 4.53 32.73
CA GLU E 23 -11.82 5.60 32.29
C GLU E 23 -13.29 5.21 32.39
N TYR E 24 -13.59 3.95 32.10
CA TYR E 24 -14.98 3.48 32.13
C TYR E 24 -15.12 2.14 32.84
N VAL E 25 -16.32 1.85 33.33
CA VAL E 25 -16.62 0.60 34.00
C VAL E 25 -17.72 -0.18 33.28
N SER E 26 -17.41 -1.40 32.88
CA SER E 26 -18.39 -2.26 32.23
C SER E 26 -19.19 -3.04 33.27
N VAL E 27 -20.39 -2.56 33.56
CA VAL E 27 -21.28 -3.22 34.50
C VAL E 27 -21.95 -4.42 33.82
N ARG E 28 -21.37 -5.61 34.01
CA ARG E 28 -21.84 -6.78 33.30
C ARG E 28 -22.49 -7.84 34.20
N PHE E 29 -23.36 -8.64 33.61
CA PHE E 29 -24.02 -9.75 34.30
C PHE E 29 -24.46 -10.81 33.30
N THR E 30 -24.57 -12.04 33.75
CA THR E 30 -24.96 -13.14 32.87
C THR E 30 -26.48 -13.30 32.85
N ASP E 31 -27.04 -13.42 31.64
CA ASP E 31 -28.48 -13.64 31.51
C ASP E 31 -28.84 -15.08 31.81
N LEU E 32 -30.13 -15.41 31.70
CA LEU E 32 -30.60 -16.76 32.03
C LEU E 32 -30.05 -17.82 31.09
N ILE E 33 -29.92 -17.48 29.81
CA ILE E 33 -29.42 -18.42 28.82
C ILE E 33 -27.95 -18.76 29.07
N GLY E 34 -27.10 -17.73 29.10
CA GLY E 34 -25.69 -17.93 29.34
C GLY E 34 -24.84 -16.90 28.63
N VAL E 35 -25.47 -15.79 28.24
CA VAL E 35 -24.78 -14.70 27.55
C VAL E 35 -24.60 -13.50 28.50
N GLN E 36 -23.42 -12.89 28.47
CA GLN E 36 -23.14 -11.78 29.37
C GLN E 36 -23.69 -10.47 28.83
N GLN E 37 -24.51 -9.80 29.63
CA GLN E 37 -25.12 -8.53 29.26
C GLN E 37 -24.42 -7.42 30.02
N HIS E 38 -24.35 -6.22 29.44
CA HIS E 38 -23.69 -5.11 30.12
C HIS E 38 -24.06 -3.72 29.61
N PHE E 39 -23.80 -2.72 30.44
CA PHE E 39 -23.82 -1.33 30.02
C PHE E 39 -22.62 -0.61 30.63
N THR E 40 -22.08 0.38 29.93
CA THR E 40 -20.85 1.03 30.34
C THR E 40 -21.09 2.40 30.97
N VAL E 41 -20.51 2.61 32.15
CA VAL E 41 -20.62 3.88 32.87
C VAL E 41 -19.23 4.48 33.11
N PRO E 42 -19.15 5.80 33.28
CA PRO E 42 -17.88 6.44 33.66
C PRO E 42 -17.37 5.89 34.99
N ALA E 43 -16.06 5.94 35.20
CA ALA E 43 -15.45 5.39 36.41
C ALA E 43 -15.97 6.07 37.67
N SER E 44 -16.08 7.40 37.64
CA SER E 44 -16.53 8.16 38.79
C SER E 44 -17.97 7.81 39.17
N GLU E 45 -18.80 7.57 38.17
CA GLU E 45 -20.21 7.24 38.39
C GLU E 45 -20.33 5.88 39.05
N PHE E 46 -19.40 4.99 38.75
CA PHE E 46 -19.36 3.65 39.33
C PHE E 46 -19.08 3.71 40.83
N LEU E 47 -18.03 4.45 41.21
CA LEU E 47 -17.66 4.59 42.61
C LEU E 47 -18.74 5.31 43.41
N LYS E 48 -19.48 6.18 42.73
CA LYS E 48 -20.45 7.04 43.40
C LYS E 48 -21.74 6.34 43.81
N ASP E 49 -22.20 5.39 43.00
CA ASP E 49 -23.53 4.81 43.20
C ASP E 49 -23.58 3.29 43.37
N ALA E 50 -22.62 2.57 42.80
CA ALA E 50 -22.65 1.11 42.82
C ALA E 50 -22.58 0.50 44.22
N PHE E 51 -21.84 1.16 45.10
CA PHE E 51 -21.64 0.65 46.45
C PHE E 51 -22.69 1.19 47.42
N THR E 52 -23.35 2.28 47.03
CA THR E 52 -24.36 2.90 47.88
C THR E 52 -25.77 2.44 47.52
N ASP E 53 -26.21 2.78 46.32
CA ASP E 53 -27.56 2.47 45.89
C ASP E 53 -27.57 1.47 44.75
N GLY E 54 -26.40 1.02 44.34
CA GLY E 54 -26.28 0.07 43.25
C GLY E 54 -26.62 0.67 41.90
N PRO E 56 -29.12 0.62 38.62
CA PRO E 56 -30.43 0.21 38.10
C PRO E 56 -30.38 -0.06 36.60
N PHE E 57 -31.29 -0.89 36.11
CA PHE E 57 -31.38 -1.17 34.68
C PHE E 57 -32.75 -1.71 34.31
N ASP E 58 -33.13 -1.53 33.04
CA ASP E 58 -34.43 -1.99 32.56
C ASP E 58 -34.31 -3.40 31.99
N GLY E 59 -34.74 -4.39 32.76
CA GLY E 59 -34.61 -5.78 32.36
C GLY E 59 -35.79 -6.32 31.58
N SER E 60 -36.48 -5.42 30.86
CA SER E 60 -37.64 -5.81 30.07
C SER E 60 -37.23 -6.48 28.76
N SER E 61 -36.09 -6.07 28.21
CA SER E 61 -35.64 -6.59 26.93
C SER E 61 -34.53 -7.63 27.07
N VAL E 62 -34.30 -8.11 28.29
CA VAL E 62 -33.35 -9.18 28.52
C VAL E 62 -34.08 -10.53 28.47
N GLU E 63 -33.63 -11.40 27.58
CA GLU E 63 -34.31 -12.66 27.32
C GLU E 63 -34.42 -13.56 28.56
N GLY E 64 -35.65 -13.87 28.95
CA GLY E 64 -35.90 -14.77 30.05
C GLY E 64 -36.13 -14.09 31.39
N PHE E 65 -36.26 -12.76 31.37
CA PHE E 65 -36.48 -12.02 32.60
C PHE E 65 -37.90 -11.47 32.72
N GLN E 66 -38.36 -10.81 31.66
CA GLN E 66 -39.70 -10.24 31.66
C GLN E 66 -40.26 -10.14 30.24
N ASP E 72 -37.80 -3.05 36.21
CA ASP E 72 -36.59 -2.35 36.64
C ASP E 72 -36.00 -2.92 37.92
N LYS E 74 -32.25 -3.93 40.45
CA LYS E 74 -31.00 -3.33 40.96
C LYS E 74 -29.81 -4.28 40.81
N LEU E 75 -28.64 -3.71 40.52
CA LEU E 75 -27.42 -4.49 40.35
C LEU E 75 -26.45 -4.22 41.50
N VAL E 76 -25.98 -5.29 42.14
CA VAL E 76 -25.01 -5.19 43.23
C VAL E 76 -23.68 -5.82 42.85
N PRO E 77 -22.60 -5.02 42.92
CA PRO E 77 -21.27 -5.43 42.43
C PRO E 77 -20.56 -6.48 43.30
N ASP E 78 -19.79 -7.34 42.63
CA ASP E 78 -18.85 -8.22 43.30
C ASP E 78 -17.47 -7.80 42.83
N VAL E 79 -16.82 -6.95 43.62
CA VAL E 79 -15.55 -6.33 43.24
C VAL E 79 -14.45 -7.34 42.96
N SER E 80 -14.55 -8.52 43.59
CA SER E 80 -13.55 -9.56 43.41
C SER E 80 -13.59 -10.17 42.01
N THR E 81 -14.64 -9.86 41.25
CA THR E 81 -14.80 -10.36 39.89
C THR E 81 -14.20 -9.39 38.87
N ALA E 82 -13.72 -8.26 39.35
CA ALA E 82 -13.20 -7.22 38.47
C ALA E 82 -11.91 -7.61 37.74
N PHE E 83 -11.76 -7.11 36.52
CA PHE E 83 -10.55 -7.33 35.73
C PHE E 83 -10.43 -6.30 34.62
N ILE E 84 -9.20 -5.91 34.30
CA ILE E 84 -8.97 -4.93 33.23
C ILE E 84 -9.24 -5.54 31.86
N ASP E 85 -10.05 -4.84 31.07
CA ASP E 85 -10.38 -5.28 29.72
C ASP E 85 -9.17 -5.08 28.79
N PRO E 86 -8.68 -6.18 28.21
CA PRO E 86 -7.51 -6.13 27.33
C PRO E 86 -7.87 -5.91 25.86
N PHE E 87 -9.14 -5.64 25.57
CA PHE E 87 -9.59 -5.48 24.19
C PHE E 87 -10.11 -4.08 23.91
N ARG E 88 -10.76 -3.49 24.92
CA ARG E 88 -11.43 -2.20 24.76
C ARG E 88 -10.46 -1.08 24.41
N LYS E 89 -10.88 -0.20 23.49
CA LYS E 89 -10.06 0.92 23.06
C LYS E 89 -9.77 1.86 24.22
N HIS E 90 -10.81 2.19 24.98
CA HIS E 90 -10.66 3.01 26.17
C HIS E 90 -10.44 2.12 27.39
N LYS E 91 -9.56 2.56 28.29
CA LYS E 91 -9.22 1.81 29.49
C LYS E 91 -10.47 1.50 30.30
N THR E 92 -10.87 0.22 30.31
CA THR E 92 -12.13 -0.19 30.91
C THR E 92 -11.96 -1.30 31.95
N LEU E 93 -12.69 -1.18 33.06
CA LEU E 93 -12.70 -2.22 34.08
C LEU E 93 -14.04 -2.97 34.05
N ASP E 94 -13.97 -4.29 33.89
CA ASP E 94 -15.18 -5.11 33.83
C ASP E 94 -15.50 -5.71 35.18
N VAL E 95 -16.70 -5.43 35.69
CA VAL E 95 -17.13 -5.94 36.99
C VAL E 95 -18.46 -6.68 36.87
N ALA E 96 -18.51 -7.89 37.40
CA ALA E 96 -19.74 -8.68 37.41
C ALA E 96 -20.66 -8.22 38.54
N PHE E 97 -21.96 -8.20 38.27
CA PHE E 97 -22.93 -7.73 39.26
C PHE E 97 -23.97 -8.80 39.58
N SER E 98 -24.69 -8.60 40.68
CA SER E 98 -25.78 -9.49 41.05
C SER E 98 -27.11 -8.73 41.03
N ILE E 99 -28.18 -9.41 40.65
CA ILE E 99 -29.48 -8.78 40.49
C ILE E 99 -30.36 -8.96 41.73
N VAL E 100 -30.86 -7.85 42.26
CA VAL E 100 -31.73 -7.88 43.44
C VAL E 100 -32.92 -6.92 43.31
N ASP E 101 -33.96 -7.18 44.09
CA ASP E 101 -35.14 -6.31 44.14
C ASP E 101 -34.81 -5.05 44.93
N PRO E 102 -34.87 -3.88 44.27
CA PRO E 102 -34.45 -2.58 44.83
C PRO E 102 -35.05 -2.24 46.18
N LEU E 103 -36.33 -2.52 46.37
CA LEU E 103 -37.03 -2.14 47.59
C LEU E 103 -36.81 -3.11 48.75
N THR E 104 -36.19 -4.26 48.47
CA THR E 104 -36.00 -5.29 49.49
C THR E 104 -34.60 -5.88 49.51
N ASP E 105 -33.82 -5.60 48.46
CA ASP E 105 -32.50 -6.21 48.27
C ASP E 105 -32.56 -7.74 48.14
N GLU E 106 -33.76 -8.27 47.98
CA GLU E 106 -33.94 -9.71 47.83
C GLU E 106 -33.43 -10.18 46.47
N PRO E 107 -32.61 -11.24 46.47
CA PRO E 107 -32.01 -11.83 45.27
C PRO E 107 -33.05 -12.15 44.20
N TYR E 108 -32.80 -11.69 42.97
CA TYR E 108 -33.71 -11.94 41.86
C TYR E 108 -33.83 -13.44 41.58
N SER E 109 -35.06 -13.90 41.41
CA SER E 109 -35.36 -15.33 41.30
C SER E 109 -34.70 -16.01 40.10
N ARG E 110 -34.50 -15.27 39.02
CA ARG E 110 -33.98 -15.85 37.79
C ARG E 110 -32.51 -15.55 37.54
N ASP E 111 -31.86 -14.89 38.50
CA ASP E 111 -30.43 -14.62 38.40
C ASP E 111 -29.64 -15.90 38.60
N PRO E 112 -28.96 -16.36 37.53
CA PRO E 112 -28.23 -17.64 37.57
C PRO E 112 -27.03 -17.59 38.49
N ARG E 113 -26.38 -16.43 38.59
CA ARG E 113 -25.23 -16.27 39.47
C ARG E 113 -25.64 -16.36 40.92
N GLN E 114 -26.88 -15.98 41.21
CA GLN E 114 -27.42 -16.07 42.56
C GLN E 114 -27.72 -17.51 42.93
N VAL E 115 -28.14 -18.30 41.93
CA VAL E 115 -28.38 -19.72 42.11
C VAL E 115 -27.11 -20.42 42.57
N ALA E 116 -26.01 -20.10 41.91
CA ALA E 116 -24.70 -20.64 42.28
C ALA E 116 -24.30 -20.19 43.68
N GLY E 117 -24.70 -18.98 44.04
CA GLY E 117 -24.41 -18.45 45.36
C GLY E 117 -25.27 -19.06 46.45
N LYS E 118 -26.49 -19.41 46.09
CA LYS E 118 -27.42 -20.04 47.04
C LYS E 118 -27.17 -21.55 47.15
N ALA E 119 -26.46 -22.09 46.17
CA ALA E 119 -26.06 -23.50 46.21
C ALA E 119 -24.91 -23.68 47.19
N GLU E 120 -24.00 -22.70 47.20
CA GLU E 120 -22.87 -22.74 48.13
C GLU E 120 -23.33 -22.61 49.57
N ALA E 121 -24.34 -21.79 49.79
CA ALA E 121 -24.89 -21.57 51.13
C ALA E 121 -25.63 -22.82 51.62
N TYR E 122 -26.37 -23.46 50.73
CA TYR E 122 -27.09 -24.68 51.06
C TYR E 122 -26.13 -25.83 51.37
N LEU E 123 -24.98 -25.83 50.69
CA LEU E 123 -23.96 -26.85 50.89
C LEU E 123 -23.45 -26.83 52.33
N LYS E 124 -23.26 -25.64 52.87
CA LYS E 124 -22.74 -25.48 54.23
C LYS E 124 -23.80 -25.82 55.28
N SER E 125 -25.06 -25.62 54.93
CA SER E 125 -26.16 -25.88 55.84
C SER E 125 -26.31 -27.37 56.15
N THR E 126 -25.94 -28.20 55.19
CA THR E 126 -26.03 -29.65 55.35
C THR E 126 -24.94 -30.17 56.27
N GLY E 127 -23.82 -29.43 56.35
CA GLY E 127 -22.69 -29.84 57.16
C GLY E 127 -21.78 -30.80 56.43
N ILE E 128 -22.21 -31.24 55.25
CA ILE E 128 -21.44 -32.15 54.42
C ILE E 128 -20.09 -31.54 54.06
N ALA E 129 -20.13 -30.30 53.57
CA ALA E 129 -18.92 -29.59 53.18
C ALA E 129 -19.15 -28.09 53.19
N ASP E 130 -18.09 -27.32 52.99
CA ASP E 130 -18.20 -25.86 52.92
C ASP E 130 -17.72 -25.32 51.58
N THR E 131 -17.10 -26.20 50.78
CA THR E 131 -16.55 -25.80 49.50
C THR E 131 -16.81 -26.84 48.41
N ALA E 132 -17.39 -26.39 47.31
CA ALA E 132 -17.61 -27.25 46.14
C ALA E 132 -16.75 -26.76 44.98
N SER E 133 -15.65 -27.46 44.74
CA SER E 133 -14.72 -27.06 43.68
C SER E 133 -15.13 -27.61 42.31
N PHE E 134 -14.99 -26.78 41.29
CA PHE E 134 -15.31 -27.18 39.92
C PHE E 134 -14.22 -26.73 38.95
N ALA E 135 -13.92 -27.58 37.97
CA ALA E 135 -12.91 -27.28 36.97
C ALA E 135 -13.34 -27.78 35.60
N PRO E 136 -13.88 -26.88 34.77
CA PRO E 136 -14.36 -27.24 33.42
C PRO E 136 -13.23 -27.30 32.40
N GLU E 137 -13.28 -28.30 31.52
CA GLU E 137 -12.33 -28.41 30.42
C GLU E 137 -13.00 -27.94 29.13
N ALA E 138 -13.30 -26.65 29.06
CA ALA E 138 -14.04 -26.08 27.94
C ALA E 138 -13.23 -26.09 26.64
N GLU E 139 -13.71 -26.84 25.66
CA GLU E 139 -13.13 -26.86 24.33
C GLU E 139 -13.82 -25.82 23.47
N PHE E 140 -13.25 -25.52 22.30
CA PHE E 140 -13.84 -24.57 21.37
C PHE E 140 -13.22 -24.64 19.98
N PHE E 141 -13.94 -24.12 19.00
CA PHE E 141 -13.46 -24.08 17.61
C PHE E 141 -13.03 -22.67 17.23
N ILE E 142 -11.94 -22.58 16.46
CA ILE E 142 -11.54 -21.31 15.86
C ILE E 142 -11.75 -21.36 14.35
N PHE E 143 -12.69 -20.56 13.86
CA PHE E 143 -13.01 -20.53 12.45
C PHE E 143 -12.53 -19.24 11.78
N ASP E 144 -12.23 -19.32 10.50
CA ASP E 144 -11.79 -18.15 9.73
C ASP E 144 -12.99 -17.44 9.12
N LYS E 145 -14.03 -18.20 8.80
CA LYS E 145 -15.26 -17.64 8.26
C LYS E 145 -16.48 -18.41 8.75
N VAL E 146 -17.50 -17.68 9.20
CA VAL E 146 -18.75 -18.28 9.65
C VAL E 146 -19.94 -17.50 9.12
N ARG E 147 -20.82 -18.18 8.37
CA ARG E 147 -22.02 -17.54 7.85
C ARG E 147 -23.20 -18.50 7.84
N PHE E 148 -24.38 -17.98 8.16
CA PHE E 148 -25.60 -18.78 8.23
C PHE E 148 -26.85 -17.94 8.04
N GLU E 149 -27.91 -18.55 7.52
CA GLU E 149 -29.15 -17.84 7.25
C GLU E 149 -30.33 -18.80 7.28
N ASN E 150 -31.50 -18.29 7.66
CA ASN E 150 -32.72 -19.09 7.69
C ASN E 150 -33.90 -18.35 7.07
N SER E 151 -33.91 -18.26 5.75
CA SER E 151 -35.00 -17.61 5.03
C SER E 151 -36.00 -18.63 4.52
N GLN E 153 -36.66 -19.05 1.30
CA GLN E 153 -36.06 -19.60 0.08
C GLN E 153 -34.86 -20.50 0.38
N ARG E 154 -34.11 -20.16 1.43
CA ARG E 154 -32.88 -20.87 1.73
C ARG E 154 -32.61 -21.01 3.23
N SER E 155 -31.79 -21.98 3.59
CA SER E 155 -31.37 -22.18 4.97
C SER E 155 -30.02 -22.88 4.97
N PHE E 156 -29.00 -22.21 5.50
CA PHE E 156 -27.64 -22.75 5.43
C PHE E 156 -26.72 -22.37 6.60
N TYR E 157 -25.60 -23.07 6.69
CA TYR E 157 -24.47 -22.67 7.50
C TYR E 157 -23.19 -23.07 6.76
N GLU E 158 -22.15 -22.27 6.89
CA GLU E 158 -20.89 -22.55 6.22
C GLU E 158 -19.70 -22.04 7.03
N VAL E 159 -18.88 -22.97 7.52
CA VAL E 159 -17.69 -22.63 8.27
C VAL E 159 -16.44 -22.95 7.44
N ASP E 160 -15.33 -22.30 7.77
CA ASP E 160 -14.10 -22.51 7.02
C ASP E 160 -12.89 -22.29 7.92
N SER E 161 -11.79 -22.99 7.59
CA SER E 161 -10.56 -22.88 8.36
C SER E 161 -9.36 -23.23 7.48
N ILE E 162 -8.23 -22.58 7.74
CA ILE E 162 -7.01 -22.81 6.98
C ILE E 162 -6.41 -24.17 7.35
N GLU E 163 -6.82 -24.71 8.48
CA GLU E 163 -6.34 -26.00 8.96
C GLU E 163 -7.20 -27.15 8.46
N ALA E 164 -8.39 -26.81 7.96
CA ALA E 164 -9.38 -27.80 7.56
C ALA E 164 -8.92 -28.75 6.47
N PRO E 165 -9.30 -30.03 6.57
CA PRO E 165 -8.94 -31.07 5.59
C PRO E 165 -9.61 -30.86 4.24
N TRP E 166 -10.72 -30.13 4.20
CA TRP E 166 -11.43 -29.90 2.94
C TRP E 166 -10.77 -28.81 2.10
N ASN E 167 -9.70 -28.23 2.63
CA ASN E 167 -8.96 -27.19 1.93
C ASN E 167 -7.58 -27.65 1.49
N SER E 168 -7.34 -28.96 1.54
CA SER E 168 -6.04 -29.50 1.16
C SER E 168 -5.74 -29.31 -0.33
N GLY E 169 -6.80 -29.09 -1.12
CA GLY E 169 -6.65 -29.00 -2.56
C GLY E 169 -6.83 -27.62 -3.16
N ILE E 170 -7.13 -26.62 -2.33
CA ILE E 170 -7.30 -25.27 -2.85
C ILE E 170 -6.00 -24.68 -3.38
N ASP E 171 -6.11 -23.72 -4.29
CA ASP E 171 -4.94 -23.13 -4.92
C ASP E 171 -4.34 -22.01 -4.08
N THR E 172 -5.19 -21.09 -3.63
CA THR E 172 -4.74 -19.97 -2.81
C THR E 172 -5.65 -19.76 -1.60
N GLU E 173 -5.12 -19.12 -0.56
CA GLU E 173 -5.85 -18.91 0.68
C GLU E 173 -6.59 -17.57 0.69
N ASP E 174 -7.04 -17.17 1.88
CA ASP E 174 -7.79 -15.92 2.03
C ASP E 174 -6.96 -14.68 1.71
N ASP E 175 -5.66 -14.74 1.99
CA ASP E 175 -4.79 -13.59 1.77
C ASP E 175 -4.16 -13.58 0.38
N GLY E 176 -4.54 -14.56 -0.44
CA GLY E 176 -4.05 -14.63 -1.80
C GLY E 176 -2.77 -15.43 -1.98
N THR E 177 -2.15 -15.80 -0.86
CA THR E 177 -0.90 -16.57 -0.90
C THR E 177 -1.18 -18.03 -1.27
N PRO E 178 -0.22 -18.67 -1.97
CA PRO E 178 -0.38 -20.06 -2.41
C PRO E 178 -0.55 -21.04 -1.25
N ASN E 179 -1.19 -22.17 -1.52
CA ASN E 179 -1.38 -23.22 -0.52
C ASN E 179 -0.04 -23.87 -0.15
N ILE E 180 0.34 -23.77 1.11
CA ILE E 180 1.58 -24.38 1.59
C ILE E 180 1.31 -25.62 2.43
N ALA E 181 0.12 -26.18 2.28
CA ALA E 181 -0.26 -27.47 2.87
C ALA E 181 -0.13 -27.54 4.39
N PHE E 182 0.26 -28.72 4.87
CA PHE E 182 0.37 -29.00 6.30
C PHE E 182 -0.96 -28.81 7.04
N LYS E 183 -2.06 -29.00 6.32
CA LYS E 183 -3.38 -28.86 6.92
C LYS E 183 -3.77 -30.14 7.65
N ASN E 184 -4.72 -30.02 8.58
CA ASN E 184 -5.13 -31.15 9.40
C ASN E 184 -5.96 -32.19 8.64
N ARG E 185 -5.95 -33.42 9.14
CA ARG E 185 -6.82 -34.46 8.61
C ARG E 185 -7.96 -34.69 9.61
N VAL E 186 -8.99 -35.41 9.17
CA VAL E 186 -10.16 -35.67 10.02
C VAL E 186 -9.79 -36.48 11.26
N LYS E 187 -10.17 -35.96 12.43
CA LYS E 187 -9.92 -36.61 13.71
C LYS E 187 -8.44 -36.87 14.01
N LYS E 188 -7.57 -35.99 13.52
CA LYS E 188 -6.13 -36.14 13.72
C LYS E 188 -5.44 -34.81 13.98
N GLY E 189 -6.16 -33.89 14.63
CA GLY E 189 -5.58 -32.60 14.97
C GLY E 189 -5.04 -32.57 16.39
N TYR E 190 -5.06 -33.72 17.05
CA TYR E 190 -4.61 -33.82 18.42
C TYR E 190 -3.35 -34.68 18.54
N PHE E 191 -2.19 -34.05 18.72
CA PHE E 191 -2.01 -32.60 18.65
C PHE E 191 -0.63 -32.22 18.11
N PRO E 192 -0.37 -32.53 16.83
CA PRO E 192 0.96 -32.34 16.23
C PRO E 192 1.46 -30.90 16.30
N VAL E 193 2.78 -30.74 16.34
CA VAL E 193 3.41 -29.43 16.41
C VAL E 193 3.21 -28.65 15.10
N PRO E 194 3.29 -27.31 15.17
CA PRO E 194 3.27 -26.45 13.98
C PRO E 194 4.34 -26.87 12.96
N PRO E 195 4.16 -26.51 11.69
CA PRO E 195 3.12 -25.65 11.11
C PRO E 195 1.78 -26.36 10.90
N ILE E 196 1.70 -27.62 11.27
CA ILE E 196 0.44 -28.35 11.20
C ILE E 196 -0.61 -27.67 12.07
N ASP E 197 -0.17 -27.16 13.21
CA ASP E 197 -1.01 -26.32 14.06
C ASP E 197 -0.86 -24.86 13.63
N HIS E 198 -1.85 -24.34 12.91
CA HIS E 198 -1.79 -22.98 12.40
C HIS E 198 -2.27 -21.96 13.44
N THR E 199 -2.92 -22.46 14.49
CA THR E 199 -3.50 -21.57 15.50
C THR E 199 -2.73 -21.60 16.82
N GLN E 200 -1.41 -21.80 16.73
CA GLN E 200 -0.58 -21.85 17.92
C GLN E 200 -0.41 -20.47 18.55
N ASP E 201 -0.01 -19.50 17.74
CA ASP E 201 0.26 -18.14 18.22
C ASP E 201 -1.01 -17.43 18.69
N LEU E 202 -2.14 -17.78 18.09
CA LEU E 202 -3.42 -17.20 18.49
C LEU E 202 -3.88 -17.78 19.82
N ARG E 203 -3.64 -19.08 20.01
CA ARG E 203 -3.98 -19.75 21.26
C ARG E 203 -3.14 -19.19 22.40
N ASP E 204 -1.86 -18.93 22.12
CA ASP E 204 -0.96 -18.37 23.11
C ASP E 204 -1.34 -16.92 23.45
N ASP E 205 -1.93 -16.22 22.49
CA ASP E 205 -2.46 -14.87 22.75
C ASP E 205 -3.62 -14.97 23.73
N VAL E 207 -4.16 -17.47 25.92
CA VAL E 207 -3.59 -17.90 27.19
C VAL E 207 -3.03 -16.73 27.98
N ALA E 208 -2.31 -15.84 27.29
CA ALA E 208 -1.75 -14.66 27.93
C ALA E 208 -2.83 -13.72 28.46
N ASN E 209 -3.91 -13.57 27.71
CA ASN E 209 -5.02 -12.74 28.14
C ASN E 209 -5.75 -13.33 29.34
N LEU E 210 -5.86 -14.65 29.37
CA LEU E 210 -6.47 -15.35 30.49
C LEU E 210 -5.63 -15.20 31.77
N GLN E 211 -4.32 -15.18 31.61
CA GLN E 211 -3.41 -14.93 32.71
C GLN E 211 -3.53 -13.48 33.16
N LYS E 212 -3.69 -12.59 32.19
CA LYS E 212 -3.78 -11.15 32.45
C LYS E 212 -5.01 -10.80 33.28
N VAL E 213 -6.10 -11.53 33.06
CA VAL E 213 -7.36 -11.23 33.73
C VAL E 213 -7.49 -11.93 35.08
N GLY E 214 -6.53 -12.81 35.40
CA GLY E 214 -6.47 -13.39 36.73
C GLY E 214 -6.61 -14.90 36.83
N LEU E 215 -6.74 -15.58 35.68
CA LEU E 215 -6.84 -17.03 35.69
C LEU E 215 -5.48 -17.69 35.85
N ILE E 216 -5.41 -18.71 36.69
CA ILE E 216 -4.19 -19.50 36.84
C ILE E 216 -4.26 -20.68 35.87
N LEU E 217 -3.46 -20.61 34.80
CA LEU E 217 -3.58 -21.60 33.74
C LEU E 217 -2.68 -22.81 33.92
N GLU E 218 -3.08 -23.93 33.31
CA GLU E 218 -2.36 -25.18 33.44
C GLU E 218 -1.89 -25.69 32.08
N ARG E 219 -2.78 -25.64 31.08
CA ARG E 219 -2.52 -26.30 29.82
C ARG E 219 -3.35 -25.70 28.67
N SER E 220 -2.79 -25.78 27.46
CA SER E 220 -3.52 -25.41 26.24
C SER E 220 -2.98 -26.25 25.09
N HIS E 221 -3.88 -26.72 24.23
CA HIS E 221 -3.49 -27.59 23.11
C HIS E 221 -4.56 -27.63 22.03
N HIS E 222 -4.18 -28.13 20.86
CA HIS E 222 -5.12 -28.33 19.76
C HIS E 222 -5.89 -29.62 20.00
N GLU E 223 -7.17 -29.63 19.64
CA GLU E 223 -8.02 -30.80 19.86
C GLU E 223 -8.13 -31.72 18.65
N VAL E 224 -8.90 -32.79 18.81
CA VAL E 224 -9.00 -33.85 17.81
C VAL E 224 -9.53 -33.37 16.46
N ALA E 225 -10.61 -32.59 16.47
CA ALA E 225 -11.19 -32.07 15.23
C ALA E 225 -10.21 -31.19 14.47
N GLY E 226 -9.93 -31.57 13.23
CA GLY E 226 -8.94 -30.89 12.42
C GLY E 226 -9.30 -29.47 12.03
N ALA E 227 -10.60 -29.17 12.01
CA ALA E 227 -11.07 -27.86 11.56
C ALA E 227 -10.94 -26.78 12.65
N GLY E 228 -9.80 -26.75 13.31
CA GLY E 228 -9.48 -25.69 14.26
C GLY E 228 -10.14 -25.78 15.62
N GLN E 229 -10.13 -26.96 16.22
CA GLN E 229 -10.68 -27.14 17.56
C GLN E 229 -9.56 -27.08 18.61
N GLN E 230 -9.76 -26.28 19.64
CA GLN E 230 -8.76 -26.15 20.71
C GLN E 230 -9.38 -26.35 22.09
N GLU E 231 -8.52 -26.37 23.10
CA GLU E 231 -8.96 -26.50 24.48
C GLU E 231 -7.95 -25.84 25.41
N ILE E 232 -8.45 -25.06 26.37
CA ILE E 232 -7.59 -24.41 27.35
C ILE E 232 -8.05 -24.76 28.77
N ASN E 233 -7.14 -25.33 29.55
CA ASN E 233 -7.45 -25.72 30.92
C ASN E 233 -6.81 -24.77 31.93
N TYR E 234 -7.57 -24.41 32.97
CA TYR E 234 -7.06 -23.53 34.02
C TYR E 234 -7.37 -24.09 35.42
N ARG E 235 -6.80 -23.45 36.43
CA ARG E 235 -6.94 -23.88 37.81
C ARG E 235 -8.40 -23.82 38.29
N PHE E 236 -8.78 -24.77 39.12
CA PHE E 236 -10.15 -24.86 39.62
C PHE E 236 -10.49 -23.71 40.57
N ASN E 237 -11.73 -23.69 41.03
CA ASN E 237 -12.19 -22.67 41.97
C ASN E 237 -13.51 -23.10 42.62
N SER E 238 -13.94 -22.37 43.64
CA SER E 238 -15.25 -22.62 44.26
C SER E 238 -16.34 -22.40 43.22
N LEU E 239 -17.48 -23.07 43.42
CA LEU E 239 -18.56 -23.15 42.43
C LEU E 239 -18.92 -21.82 41.77
N GLN E 240 -19.35 -20.84 42.56
CA GLN E 240 -19.79 -19.56 42.03
C GLN E 240 -18.68 -18.82 41.30
N HIS E 241 -17.49 -18.81 41.89
CA HIS E 241 -16.34 -18.13 41.30
C HIS E 241 -15.85 -18.84 40.04
N ALA E 242 -15.96 -20.17 40.02
CA ALA E 242 -15.61 -20.95 38.84
C ALA E 242 -16.57 -20.63 37.70
N GLY E 243 -17.80 -20.27 38.06
CA GLY E 243 -18.78 -19.83 37.10
C GLY E 243 -18.41 -18.46 36.55
N ASP E 244 -17.94 -17.60 37.44
CA ASP E 244 -17.45 -16.27 37.05
C ASP E 244 -16.24 -16.39 36.14
N ASP E 245 -15.33 -17.29 36.49
CA ASP E 245 -14.11 -17.50 35.72
C ASP E 245 -14.40 -18.05 34.33
N LEU E 246 -15.38 -18.94 34.24
CA LEU E 246 -15.76 -19.53 32.96
C LEU E 246 -16.42 -18.49 32.06
N LYS E 248 -15.76 -15.27 32.23
CA LYS E 248 -14.63 -14.45 31.85
C LYS E 248 -13.78 -15.19 30.80
N TYR E 249 -13.75 -16.51 30.92
CA TYR E 249 -13.02 -17.35 29.98
C TYR E 249 -13.60 -17.24 28.57
N LYS E 250 -14.91 -17.41 28.45
CA LYS E 250 -15.59 -17.37 27.17
C LYS E 250 -15.52 -15.99 26.52
N TYR E 251 -15.52 -14.95 27.35
CA TYR E 251 -15.42 -13.58 26.85
C TYR E 251 -14.04 -13.30 26.27
N VAL E 252 -13.01 -13.76 26.96
CA VAL E 252 -11.63 -13.58 26.48
C VAL E 252 -11.40 -14.32 25.17
N VAL E 253 -11.86 -15.56 25.10
CA VAL E 253 -11.74 -16.37 23.89
C VAL E 253 -12.48 -15.73 22.71
N HIS E 254 -13.70 -15.25 22.97
CA HIS E 254 -14.51 -14.61 21.94
C HIS E 254 -13.86 -13.34 21.39
N GLU E 255 -13.37 -12.50 22.31
CA GLU E 255 -12.81 -11.21 21.92
C GLU E 255 -11.43 -11.32 21.28
N THR E 256 -10.59 -12.20 21.81
CA THR E 256 -9.24 -12.39 21.27
C THR E 256 -9.30 -12.90 19.84
N ALA E 257 -10.24 -13.80 19.57
CA ALA E 257 -10.43 -14.34 18.23
C ALA E 257 -11.03 -13.29 17.31
N ALA E 258 -12.00 -12.52 17.83
CA ALA E 258 -12.67 -11.50 17.04
C ALA E 258 -11.71 -10.40 16.59
N LEU E 259 -10.91 -9.89 17.53
CA LEU E 259 -9.95 -8.84 17.23
C LEU E 259 -8.79 -9.37 16.38
N ALA E 260 -8.68 -10.69 16.26
CA ALA E 260 -7.68 -11.31 15.41
C ALA E 260 -8.28 -11.60 14.03
N GLY E 261 -9.55 -11.24 13.86
CA GLY E 261 -10.24 -11.44 12.60
C GLY E 261 -10.79 -12.85 12.42
N LYS E 262 -11.03 -13.54 13.54
CA LYS E 262 -11.58 -14.89 13.48
C LYS E 262 -12.79 -15.06 14.38
N ALA E 263 -13.43 -16.22 14.31
CA ALA E 263 -14.61 -16.51 15.12
C ALA E 263 -14.41 -17.73 16.00
N ALA E 264 -14.61 -17.56 17.29
CA ALA E 264 -14.50 -18.67 18.23
C ALA E 264 -15.87 -19.07 18.75
N THR E 265 -16.13 -20.38 18.77
CA THR E 265 -17.44 -20.87 19.21
C THR E 265 -17.32 -22.02 20.21
N PHE E 266 -18.25 -22.06 21.16
CA PHE E 266 -18.30 -23.13 22.15
C PHE E 266 -19.46 -24.07 21.82
N PRO E 268 -21.38 -27.19 20.79
CA PRO E 268 -21.09 -28.60 21.06
C PRO E 268 -20.86 -29.45 19.81
N LYS E 269 -21.42 -29.03 18.67
CA LYS E 269 -21.28 -29.80 17.43
C LYS E 269 -21.54 -28.92 16.21
N PRO E 270 -20.54 -28.12 15.80
CA PRO E 270 -20.70 -27.23 14.65
C PRO E 270 -20.59 -27.97 13.32
N ILE E 271 -19.85 -29.08 13.30
CA ILE E 271 -19.68 -29.86 12.07
C ILE E 271 -19.90 -31.34 12.30
N ALA E 272 -20.32 -32.04 11.24
CA ALA E 272 -20.53 -33.48 11.30
C ALA E 272 -19.32 -34.21 10.74
N GLY E 273 -19.16 -35.47 11.14
CA GLY E 273 -18.05 -36.28 10.65
C GLY E 273 -16.80 -36.20 11.50
N ASP E 274 -16.67 -35.12 12.27
CA ASP E 274 -15.51 -34.93 13.14
C ASP E 274 -15.95 -34.69 14.58
N ASN E 275 -14.99 -34.68 15.50
CA ASN E 275 -15.29 -34.53 16.93
C ASN E 275 -16.03 -33.23 17.27
N GLY E 276 -16.90 -33.33 18.26
CA GLY E 276 -17.64 -32.18 18.74
C GLY E 276 -16.89 -31.46 19.85
N THR E 277 -17.58 -30.52 20.51
CA THR E 277 -16.98 -29.75 21.59
C THR E 277 -17.64 -30.07 22.93
N GLY E 278 -16.82 -30.47 23.90
CA GLY E 278 -17.33 -30.83 25.21
C GLY E 278 -16.80 -29.97 26.33
N HIS E 280 -15.82 -31.16 30.12
CA HIS E 280 -15.72 -32.07 31.24
C HIS E 280 -15.64 -31.28 32.55
N CYS E 281 -16.44 -31.68 33.54
CA CYS E 281 -16.44 -30.98 34.83
C CYS E 281 -15.81 -31.84 35.92
N HIS E 282 -14.68 -31.37 36.45
CA HIS E 282 -14.04 -32.03 37.58
C HIS E 282 -14.64 -31.54 38.89
N GLN E 283 -15.10 -32.48 39.71
CA GLN E 283 -15.85 -32.12 40.92
C GLN E 283 -15.25 -32.77 42.18
N SER E 284 -15.18 -31.98 43.25
CA SER E 284 -14.70 -32.49 44.54
C SER E 284 -15.24 -31.63 45.68
N LEU E 285 -15.59 -32.28 46.78
CA LEU E 285 -16.12 -31.57 47.94
C LEU E 285 -15.07 -31.43 49.05
N TRP E 286 -14.99 -30.23 49.63
CA TRP E 286 -13.99 -29.94 50.64
C TRP E 286 -14.61 -29.40 51.92
N LYS E 287 -14.04 -29.79 53.05
CA LYS E 287 -14.52 -29.33 54.35
C LYS E 287 -13.36 -28.97 55.27
N ASP E 288 -13.31 -27.72 55.71
CA ASP E 288 -12.24 -27.21 56.57
C ASP E 288 -10.85 -27.38 55.96
N GLY E 289 -10.79 -27.44 54.64
CA GLY E 289 -9.53 -27.58 53.94
C GLY E 289 -9.12 -29.02 53.69
N LYS E 290 -10.01 -29.95 54.01
CA LYS E 290 -9.73 -31.37 53.83
C LYS E 290 -10.56 -31.97 52.71
N PRO E 291 -9.93 -32.80 51.85
CA PRO E 291 -10.62 -33.53 50.77
C PRO E 291 -11.58 -34.56 51.34
N LEU E 292 -12.75 -34.70 50.73
CA LEU E 292 -13.78 -35.61 51.25
C LEU E 292 -14.06 -36.79 50.32
N PHE E 293 -13.49 -36.75 49.12
CA PHE E 293 -13.74 -37.79 48.13
C PHE E 293 -12.72 -38.94 48.21
N TYR E 294 -11.69 -38.75 49.02
CA TYR E 294 -10.59 -39.71 49.08
C TYR E 294 -10.74 -40.74 50.20
N ASP E 295 -10.55 -42.01 49.86
CA ASP E 295 -10.58 -43.10 50.83
C ASP E 295 -9.92 -44.35 50.25
N ASN E 298 -10.29 -47.94 49.57
CA ASN E 298 -11.51 -48.27 48.84
C ASN E 298 -11.29 -48.30 47.33
N TYR E 299 -12.27 -48.83 46.61
CA TYR E 299 -12.17 -48.97 45.16
C TYR E 299 -12.12 -47.62 44.45
N GLY E 300 -11.03 -47.39 43.73
CA GLY E 300 -10.84 -46.14 43.01
C GLY E 300 -10.36 -45.01 43.89
N GLY E 301 -10.13 -45.31 45.16
CA GLY E 301 -9.70 -44.31 46.11
C GLY E 301 -10.84 -43.37 46.47
N LEU E 302 -12.07 -43.81 46.21
CA LEU E 302 -13.26 -43.01 46.47
C LEU E 302 -13.80 -43.25 47.87
N SER E 303 -14.44 -42.23 48.43
CA SER E 303 -15.08 -42.36 49.74
C SER E 303 -16.54 -42.74 49.57
N ASP E 304 -17.22 -43.01 50.68
CA ASP E 304 -18.64 -43.30 50.66
C ASP E 304 -19.40 -42.05 50.19
N LEU E 305 -18.89 -40.89 50.57
CA LEU E 305 -19.49 -39.62 50.21
C LEU E 305 -19.37 -39.35 48.71
N ALA E 306 -18.25 -39.77 48.13
CA ALA E 306 -18.01 -39.58 46.71
C ALA E 306 -18.82 -40.56 45.87
N ARG E 307 -18.99 -41.78 46.37
CA ARG E 307 -19.75 -42.81 45.67
C ARG E 307 -21.24 -42.48 45.66
N TRP E 308 -21.73 -41.94 46.78
CA TRP E 308 -23.11 -41.51 46.89
C TRP E 308 -23.36 -40.27 46.04
N TYR E 309 -22.31 -39.48 45.85
CA TYR E 309 -22.38 -38.30 44.98
C TYR E 309 -22.61 -38.75 43.55
N ILE E 310 -21.93 -39.82 43.15
CA ILE E 310 -22.08 -40.39 41.81
C ILE E 310 -23.48 -40.97 41.63
N GLY E 311 -23.94 -41.70 42.64
CA GLY E 311 -25.27 -42.30 42.61
C GLY E 311 -26.37 -41.29 42.42
N GLY E 312 -26.25 -40.15 43.08
CA GLY E 312 -27.21 -39.07 42.94
C GLY E 312 -27.06 -38.38 41.61
N LEU E 313 -25.88 -38.48 41.02
CA LEU E 313 -25.62 -37.88 39.72
C LEU E 313 -26.16 -38.74 38.59
N ILE E 314 -26.23 -40.05 38.85
CA ILE E 314 -26.79 -41.00 37.89
C ILE E 314 -28.32 -40.98 37.94
N LYS E 315 -28.86 -40.90 39.15
CA LYS E 315 -30.30 -40.93 39.36
C LYS E 315 -31.02 -39.72 38.75
N HIS E 316 -30.43 -38.54 38.90
CA HIS E 316 -31.04 -37.32 38.40
C HIS E 316 -30.39 -36.87 37.10
N SER E 317 -29.76 -37.81 36.40
CA SER E 317 -28.97 -37.51 35.20
C SER E 317 -29.71 -36.72 34.14
N SER E 318 -30.87 -37.23 33.72
CA SER E 318 -31.65 -36.58 32.67
C SER E 318 -32.09 -35.18 33.05
N SER E 319 -32.31 -34.95 34.34
CA SER E 319 -32.70 -33.63 34.83
C SER E 319 -31.49 -32.70 34.88
N VAL E 320 -30.34 -33.24 35.26
CA VAL E 320 -29.11 -32.47 35.30
C VAL E 320 -28.67 -32.07 33.90
N LEU E 321 -28.83 -32.97 32.95
CA LEU E 321 -28.46 -32.72 31.57
C LEU E 321 -29.32 -31.65 30.91
N ALA E 322 -30.47 -31.36 31.51
CA ALA E 322 -31.34 -30.30 31.00
C ALA E 322 -30.71 -28.93 31.20
N PHE E 323 -29.70 -28.88 32.07
CA PHE E 323 -28.96 -27.64 32.32
C PHE E 323 -27.54 -27.72 31.76
N THR E 324 -26.95 -28.90 31.78
CA THR E 324 -25.57 -29.07 31.32
C THR E 324 -25.48 -29.25 29.81
N ASN E 325 -26.59 -29.70 29.21
CA ASN E 325 -26.66 -29.85 27.75
C ASN E 325 -27.99 -29.33 27.24
N PRO E 326 -28.14 -27.99 27.19
CA PRO E 326 -29.42 -27.34 26.92
C PRO E 326 -29.61 -26.92 25.46
N SER E 327 -28.72 -27.35 24.57
CA SER E 327 -28.81 -26.97 23.17
C SER E 327 -29.37 -28.09 22.31
N LEU E 328 -30.00 -27.72 21.19
CA LEU E 328 -30.41 -28.69 20.19
C LEU E 328 -29.15 -29.28 19.56
N ASN E 329 -28.11 -28.47 19.54
CA ASN E 329 -26.82 -28.87 18.98
C ASN E 329 -26.09 -29.85 19.89
N SER E 330 -26.49 -29.89 21.15
CA SER E 330 -25.87 -30.77 22.14
C SER E 330 -26.08 -32.25 21.83
N TYR E 331 -27.26 -32.58 21.32
CA TYR E 331 -27.60 -33.98 21.08
C TYR E 331 -27.12 -34.47 19.72
N HIS E 332 -26.22 -33.72 19.11
CA HIS E 332 -25.52 -34.16 17.91
C HIS E 332 -24.12 -34.59 18.31
N ARG E 333 -23.78 -34.31 19.55
CA ARG E 333 -22.54 -34.80 20.16
C ARG E 333 -22.88 -35.95 21.10
N LEU E 334 -23.97 -35.80 21.85
CA LEU E 334 -24.47 -36.87 22.71
C LEU E 334 -25.16 -37.94 21.88
N VAL E 335 -24.38 -38.61 21.05
CA VAL E 335 -24.89 -39.66 20.17
C VAL E 335 -24.13 -40.95 20.42
N PRO E 336 -24.83 -42.09 20.45
CA PRO E 336 -24.20 -43.41 20.57
C PRO E 336 -23.20 -43.72 19.46
N GLY E 337 -23.13 -42.86 18.44
CA GLY E 337 -22.18 -43.03 17.36
C GLY E 337 -20.74 -42.86 17.81
N PHE E 338 -20.20 -43.90 18.43
CA PHE E 338 -18.83 -43.91 18.93
C PHE E 338 -18.53 -42.77 19.90
N ALA E 340 -18.32 -40.97 22.73
CA ALA E 340 -19.15 -39.97 23.40
C ALA E 340 -19.78 -40.52 24.67
N PRO E 341 -19.69 -39.76 25.77
CA PRO E 341 -20.23 -40.17 27.07
C PRO E 341 -21.76 -40.17 27.08
N VAL E 342 -22.35 -41.34 26.80
CA VAL E 342 -23.80 -41.46 26.79
C VAL E 342 -24.29 -42.54 27.75
N ASN E 343 -23.35 -43.21 28.41
CA ASN E 343 -23.67 -44.26 29.37
C ASN E 343 -23.57 -43.78 30.81
N LEU E 344 -24.71 -43.72 31.50
CA LEU E 344 -24.74 -43.28 32.89
C LEU E 344 -24.19 -44.33 33.84
N VAL E 345 -22.85 -44.41 33.87
CA VAL E 345 -22.16 -45.35 34.74
C VAL E 345 -20.79 -44.75 35.03
N TYR E 346 -20.22 -45.03 36.21
CA TYR E 346 -18.92 -44.47 36.55
C TYR E 346 -17.82 -45.52 36.45
N SER E 347 -16.63 -45.08 36.04
CA SER E 347 -15.49 -45.96 35.87
C SER E 347 -14.18 -45.18 36.01
N ALA E 348 -13.06 -45.90 35.98
CA ALA E 348 -11.76 -45.27 36.07
C ALA E 348 -10.94 -45.53 34.79
N ARG E 349 -11.33 -46.57 34.06
CA ARG E 349 -10.62 -46.95 32.85
C ARG E 349 -11.48 -46.82 31.60
N ASN E 350 -12.76 -47.13 31.74
CA ASN E 350 -13.70 -47.10 30.62
C ASN E 350 -13.87 -45.69 30.02
N ARG E 351 -13.76 -45.59 28.70
CA ARG E 351 -13.89 -44.31 28.02
C ARG E 351 -15.33 -44.10 27.51
N SER E 352 -16.22 -45.00 27.90
CA SER E 352 -17.63 -44.90 27.52
C SER E 352 -18.45 -44.33 28.68
N ALA E 353 -17.84 -44.34 29.87
CA ALA E 353 -18.50 -43.84 31.08
C ALA E 353 -18.64 -42.33 31.05
N ALA E 354 -19.85 -41.85 31.35
CA ALA E 354 -20.11 -40.42 31.41
C ALA E 354 -19.45 -39.79 32.63
N ILE E 355 -19.14 -40.63 33.62
CA ILE E 355 -18.48 -40.20 34.83
C ILE E 355 -17.17 -40.95 35.02
N ARG E 356 -16.05 -40.22 34.97
CA ARG E 356 -14.73 -40.84 35.08
C ARG E 356 -14.04 -40.45 36.38
N ILE E 357 -13.17 -41.33 36.87
CA ILE E 357 -12.42 -41.08 38.09
C ILE E 357 -10.92 -41.19 37.85
N PRO E 358 -10.26 -40.05 37.58
CA PRO E 358 -8.82 -40.00 37.38
C PRO E 358 -8.06 -40.04 38.70
N PRO E 364 -4.74 -37.44 47.06
CA PRO E 364 -5.96 -37.23 47.84
C PRO E 364 -6.62 -35.88 47.54
N ALA E 365 -5.80 -34.84 47.37
CA ALA E 365 -6.32 -33.50 47.09
C ALA E 365 -6.66 -33.35 45.62
N ALA E 366 -6.51 -34.42 44.85
CA ALA E 366 -6.81 -34.42 43.42
C ALA E 366 -7.82 -35.51 43.07
N LYS E 367 -8.25 -36.26 44.08
CA LYS E 367 -9.24 -37.31 43.88
C LYS E 367 -10.60 -36.68 43.58
N ARG E 368 -10.95 -36.62 42.30
CA ARG E 368 -12.13 -35.88 41.88
C ARG E 368 -13.01 -36.67 40.91
N ILE E 369 -14.20 -36.14 40.65
CA ILE E 369 -15.18 -36.76 39.75
C ILE E 369 -15.23 -36.00 38.43
N GLU E 370 -15.03 -36.72 37.32
CA GLU E 370 -15.02 -36.10 36.00
C GLU E 370 -16.31 -36.41 35.23
N PHE E 371 -17.21 -35.42 35.18
CA PHE E 371 -18.44 -35.54 34.42
C PHE E 371 -18.19 -35.12 32.98
N ARG E 372 -18.18 -36.09 32.07
CA ARG E 372 -17.80 -35.83 30.68
C ARG E 372 -18.96 -35.47 29.77
N ALA E 373 -20.19 -35.65 30.25
CA ALA E 373 -21.38 -35.34 29.46
C ALA E 373 -21.58 -33.88 29.04
N PRO E 374 -21.45 -32.91 29.97
CA PRO E 374 -21.79 -31.52 29.61
C PRO E 374 -20.98 -30.92 28.46
N ASP E 375 -21.57 -29.90 27.82
CA ASP E 375 -20.91 -29.12 26.78
C ASP E 375 -20.94 -27.64 27.17
N PRO E 376 -20.00 -26.83 26.63
CA PRO E 376 -19.89 -25.44 27.06
C PRO E 376 -20.83 -24.47 26.33
N SER E 377 -22.02 -24.93 25.96
CA SER E 377 -23.03 -24.04 25.39
C SER E 377 -24.08 -23.75 26.46
N CYS E 378 -23.77 -24.15 27.69
CA CYS E 378 -24.71 -24.04 28.80
C CYS E 378 -24.40 -22.84 29.68
N ASN E 379 -25.21 -22.66 30.72
CA ASN E 379 -24.95 -21.66 31.74
C ASN E 379 -24.16 -22.33 32.87
N PRO E 380 -22.90 -21.93 33.04
CA PRO E 380 -21.99 -22.53 34.03
C PRO E 380 -22.54 -22.42 35.46
N PHE E 381 -23.23 -21.33 35.75
CA PHE E 381 -23.81 -21.13 37.07
C PHE E 381 -24.91 -22.16 37.33
N LEU E 382 -25.70 -22.43 36.30
CA LEU E 382 -26.81 -23.38 36.40
C LEU E 382 -26.31 -24.82 36.24
N ALA E 383 -25.29 -24.99 35.41
CA ALA E 383 -24.71 -26.30 35.15
C ALA E 383 -24.00 -26.87 36.37
N PHE E 384 -23.15 -26.04 36.98
CA PHE E 384 -22.36 -26.46 38.14
C PHE E 384 -23.26 -26.71 39.34
N SER E 385 -24.29 -25.89 39.48
CA SER E 385 -25.24 -26.03 40.57
C SER E 385 -26.05 -27.32 40.45
N ALA E 386 -26.53 -27.60 39.24
CA ALA E 386 -27.33 -28.79 38.98
C ALA E 386 -26.59 -30.08 39.30
N GLN E 387 -25.28 -30.07 39.06
CA GLN E 387 -24.44 -31.25 39.35
C GLN E 387 -24.23 -31.41 40.85
N LEU E 388 -24.08 -30.29 41.55
CA LEU E 388 -23.87 -30.30 42.99
C LEU E 388 -25.13 -30.76 43.73
N ALA E 390 -27.48 -32.55 42.64
CA ALA E 390 -27.70 -33.96 42.36
C ALA E 390 -26.83 -34.82 43.26
N GLY E 391 -25.57 -34.43 43.40
CA GLY E 391 -24.64 -35.16 44.24
C GLY E 391 -25.00 -35.11 45.70
N LEU E 392 -25.42 -33.94 46.17
CA LEU E 392 -25.84 -33.76 47.55
C LEU E 392 -27.05 -34.61 47.89
N ASP E 393 -27.99 -34.70 46.94
CA ASP E 393 -29.20 -35.49 47.13
C ASP E 393 -28.85 -36.97 47.27
N GLY E 394 -27.80 -37.39 46.57
CA GLY E 394 -27.35 -38.77 46.65
C GLY E 394 -26.64 -39.06 47.96
N ILE E 395 -25.89 -38.08 48.44
CA ILE E 395 -25.15 -38.21 49.69
C ILE E 395 -26.10 -38.28 50.89
N LEU E 396 -27.06 -37.36 50.93
CA LEU E 396 -28.01 -37.29 52.04
C LEU E 396 -28.93 -38.51 52.11
N ASN E 397 -29.24 -39.07 50.94
CA ASN E 397 -30.18 -40.18 50.86
C ASN E 397 -29.51 -41.54 50.68
N HIS E 398 -28.17 -41.54 50.71
CA HIS E 398 -27.38 -42.75 50.57
C HIS E 398 -27.71 -43.53 49.29
N ILE E 399 -27.62 -42.85 48.15
CA ILE E 399 -27.93 -43.45 46.87
C ILE E 399 -26.72 -44.16 46.26
N GLU E 400 -26.80 -45.49 46.18
CA GLU E 400 -25.71 -46.28 45.60
C GLU E 400 -25.79 -46.28 44.07
N PRO E 401 -24.66 -45.95 43.41
CA PRO E 401 -24.57 -45.95 41.96
C PRO E 401 -24.46 -47.38 41.43
N PRO E 402 -24.79 -47.60 40.15
CA PRO E 402 -24.65 -48.92 39.54
C PRO E 402 -23.20 -49.39 39.54
N ALA E 403 -22.98 -50.69 39.48
CA ALA E 403 -21.64 -51.27 39.53
C ALA E 403 -20.71 -50.73 38.46
N PRO E 404 -19.45 -50.40 38.84
CA PRO E 404 -18.45 -49.87 37.93
C PRO E 404 -18.14 -50.84 36.78
N VAL E 405 -17.71 -50.30 35.65
CA VAL E 405 -17.37 -51.13 34.49
C VAL E 405 -16.29 -50.47 33.63
N ALA E 418 -25.73 -54.08 29.53
CA ALA E 418 -26.91 -54.08 28.67
C ALA E 418 -27.94 -53.07 29.17
N GLY E 419 -28.20 -53.08 30.47
CA GLY E 419 -29.17 -52.17 31.07
C GLY E 419 -28.53 -50.91 31.60
N ILE E 420 -27.63 -50.32 30.82
CA ILE E 420 -26.97 -49.09 31.22
C ILE E 420 -27.87 -47.89 30.95
N LYS E 421 -28.03 -47.04 31.96
CA LYS E 421 -28.87 -45.85 31.83
C LYS E 421 -28.31 -44.90 30.77
N GLN E 422 -29.20 -44.39 29.92
CA GLN E 422 -28.77 -43.55 28.80
C GLN E 422 -29.11 -42.08 29.03
N VAL E 423 -28.33 -41.21 28.39
CA VAL E 423 -28.64 -39.79 28.34
C VAL E 423 -29.90 -39.61 27.49
N PRO E 424 -30.61 -38.49 27.66
CA PRO E 424 -31.79 -38.23 26.82
C PRO E 424 -31.46 -38.27 25.33
N SER E 425 -32.41 -38.69 24.52
CA SER E 425 -32.21 -38.77 23.07
C SER E 425 -32.67 -37.49 22.38
N SER E 426 -33.21 -36.57 23.17
CA SER E 426 -33.68 -35.29 22.65
C SER E 426 -33.71 -34.24 23.76
N LEU E 427 -33.85 -32.98 23.36
CA LEU E 427 -33.91 -31.89 24.32
C LEU E 427 -35.24 -31.90 25.08
N ALA E 428 -36.31 -32.27 24.37
CA ALA E 428 -37.63 -32.33 24.97
C ALA E 428 -37.70 -33.40 26.06
N GLU E 429 -37.03 -34.51 25.83
CA GLU E 429 -36.97 -35.60 26.80
C GLU E 429 -36.27 -35.13 28.08
N ALA E 430 -35.25 -34.29 27.91
CA ALA E 430 -34.55 -33.72 29.05
C ALA E 430 -35.45 -32.75 29.81
N ASP E 432 -38.72 -32.92 29.73
CA ASP E 432 -39.75 -33.79 30.30
C ASP E 432 -39.29 -34.35 31.64
N ALA E 433 -38.00 -34.71 31.71
CA ALA E 433 -37.43 -35.26 32.92
C ALA E 433 -37.26 -34.19 33.99
N LEU E 434 -36.86 -32.99 33.57
CA LEU E 434 -36.70 -31.86 34.48
C LEU E 434 -38.07 -31.43 35.03
N GLU E 435 -39.08 -31.52 34.18
CA GLU E 435 -40.44 -31.15 34.59
C GLU E 435 -41.01 -32.19 35.56
N GLU E 436 -40.44 -33.40 35.52
CA GLU E 436 -40.88 -34.48 36.37
C GLU E 436 -40.01 -34.60 37.64
N ASP E 437 -38.70 -34.47 37.46
CA ASP E 437 -37.77 -34.60 38.58
C ASP E 437 -36.95 -33.33 38.76
N HIS E 438 -37.33 -32.50 39.74
CA HIS E 438 -36.65 -31.22 39.97
C HIS E 438 -36.61 -30.86 41.46
N ASP E 439 -37.09 -31.76 42.30
CA ASP E 439 -37.15 -31.51 43.74
C ASP E 439 -35.77 -31.46 44.39
N PHE E 440 -34.78 -32.08 43.76
CA PHE E 440 -33.43 -32.09 44.28
C PHE E 440 -32.75 -30.75 44.01
N LEU E 441 -33.39 -29.94 43.16
CA LEU E 441 -32.88 -28.62 42.82
C LEU E 441 -33.54 -27.55 43.69
N THR E 442 -34.80 -27.77 44.03
CA THR E 442 -35.57 -26.80 44.80
C THR E 442 -35.23 -26.83 46.29
N ALA E 443 -34.46 -27.83 46.70
CA ALA E 443 -34.05 -27.95 48.09
C ALA E 443 -33.15 -26.79 48.50
N GLY E 444 -33.55 -26.09 49.57
CA GLY E 444 -32.82 -24.92 50.01
C GLY E 444 -33.12 -23.72 49.13
N ASP E 445 -34.12 -23.87 48.27
CA ASP E 445 -34.53 -22.83 47.33
C ASP E 445 -33.38 -22.35 46.43
N VAL E 446 -32.45 -23.26 46.14
CA VAL E 446 -31.36 -22.95 45.21
C VAL E 446 -31.93 -22.67 43.84
N PHE E 447 -32.73 -23.60 43.34
CA PHE E 447 -33.48 -23.39 42.11
C PHE E 447 -34.94 -23.11 42.45
N THR E 448 -35.44 -21.94 42.04
CA THR E 448 -36.83 -21.61 42.25
C THR E 448 -37.70 -22.27 41.20
N ASP E 449 -38.97 -22.47 41.52
CA ASP E 449 -39.92 -23.03 40.55
C ASP E 449 -40.11 -22.05 39.38
N ASP E 450 -39.96 -20.77 39.67
CA ASP E 450 -40.06 -19.73 38.66
C ASP E 450 -38.95 -19.88 37.62
N LEU E 451 -37.76 -20.27 38.07
CA LEU E 451 -36.62 -20.44 37.18
C LEU E 451 -36.76 -21.70 36.34
N ILE E 452 -37.18 -22.80 36.96
CA ILE E 452 -37.33 -24.07 36.28
C ILE E 452 -38.36 -23.99 35.15
N ASP E 453 -39.51 -23.40 35.46
CA ASP E 453 -40.57 -23.25 34.47
C ASP E 453 -40.16 -22.33 33.32
N THR E 454 -39.46 -21.26 33.66
CA THR E 454 -38.97 -20.30 32.66
C THR E 454 -37.92 -20.95 31.76
N TRP E 455 -37.04 -21.74 32.37
CA TRP E 455 -35.99 -22.43 31.63
C TRP E 455 -36.58 -23.41 30.63
N ILE E 456 -37.56 -24.18 31.08
CA ILE E 456 -38.25 -25.13 30.21
C ILE E 456 -39.00 -24.41 29.08
N SER E 457 -39.67 -23.31 29.43
CA SER E 457 -40.44 -22.53 28.46
C SER E 457 -39.58 -22.04 27.31
N ILE E 458 -38.39 -21.57 27.61
CA ILE E 458 -37.45 -21.10 26.59
C ILE E 458 -36.98 -22.26 25.72
N LYS E 459 -36.63 -23.37 26.36
CA LYS E 459 -36.13 -24.53 25.64
C LYS E 459 -37.19 -25.17 24.75
N ARG E 460 -38.43 -25.24 25.25
CA ARG E 460 -39.53 -25.77 24.46
C ARG E 460 -39.86 -24.83 23.30
N GLY E 461 -39.59 -23.54 23.49
CA GLY E 461 -39.75 -22.57 22.44
C GLY E 461 -38.77 -22.79 21.31
N GLU E 462 -37.55 -23.19 21.67
CA GLU E 462 -36.50 -23.48 20.68
C GLU E 462 -36.81 -24.78 19.95
N ILE E 463 -37.41 -25.73 20.66
CA ILE E 463 -37.82 -27.00 20.08
C ILE E 463 -38.93 -26.77 19.05
N ASP E 464 -39.83 -25.83 19.36
CA ASP E 464 -40.91 -25.47 18.45
C ASP E 464 -40.37 -24.83 17.18
N GLN E 465 -39.27 -24.08 17.31
CA GLN E 465 -38.64 -23.45 16.16
C GLN E 465 -38.08 -24.49 15.20
N ALA E 466 -37.56 -25.58 15.76
CA ALA E 466 -37.02 -26.67 14.97
C ALA E 466 -38.15 -27.52 14.38
N ARG E 467 -39.29 -27.49 15.06
CA ARG E 467 -40.47 -28.21 14.60
C ARG E 467 -41.03 -27.58 13.31
N LEU E 468 -40.65 -26.33 13.06
CA LEU E 468 -41.13 -25.58 11.91
C LEU E 468 -40.16 -25.63 10.74
N ALA E 469 -38.88 -25.84 11.04
CA ALA E 469 -37.82 -25.68 10.05
C ALA E 469 -37.45 -26.94 9.28
N PRO E 470 -37.55 -26.89 7.95
CA PRO E 470 -37.05 -27.96 7.07
C PRO E 470 -35.52 -28.00 7.10
N THR E 471 -34.94 -29.17 6.86
CA THR E 471 -33.49 -29.32 6.92
C THR E 471 -32.94 -29.80 5.59
N PRO E 472 -31.69 -29.41 5.27
CA PRO E 472 -31.00 -29.84 4.03
C PRO E 472 -30.95 -31.36 3.89
N LEU E 473 -30.90 -32.07 5.02
CA LEU E 473 -30.89 -33.52 5.00
C LEU E 473 -32.19 -34.08 4.43
N GLU E 474 -33.30 -33.43 4.76
CA GLU E 474 -34.62 -33.87 4.31
C GLU E 474 -34.79 -33.72 2.81
N TYR E 475 -34.11 -32.73 2.22
CA TYR E 475 -34.09 -32.58 0.77
C TYR E 475 -33.35 -33.75 0.14
N GLU E 476 -32.31 -34.22 0.83
CA GLU E 476 -31.50 -35.31 0.34
C GLU E 476 -32.25 -36.64 0.41
N LEU E 477 -33.19 -36.72 1.35
CA LEU E 477 -33.90 -37.97 1.61
C LEU E 477 -35.27 -38.04 0.93
N TYR E 478 -35.93 -36.89 0.78
CA TYR E 478 -37.36 -36.88 0.46
C TYR E 478 -37.77 -36.08 -0.78
N PHE E 479 -36.87 -35.25 -1.31
CA PHE E 479 -37.22 -34.37 -2.43
C PHE E 479 -37.62 -35.14 -3.68
N HIS E 480 -36.82 -36.14 -4.05
CA HIS E 480 -37.05 -36.91 -5.26
C HIS E 480 -38.32 -37.76 -5.19
N ILE E 481 -38.80 -38.00 -3.98
CA ILE E 481 -40.02 -38.78 -3.78
C ILE E 481 -41.25 -37.95 -4.13
N LEU F 7 21.91 -27.54 29.13
CA LEU F 7 21.00 -27.71 30.26
C LEU F 7 21.02 -29.15 30.77
N GLU F 8 20.80 -29.32 32.07
CA GLU F 8 20.84 -30.63 32.68
C GLU F 8 19.97 -30.73 33.93
N THR F 9 19.85 -29.63 34.66
CA THR F 9 19.13 -29.65 35.93
C THR F 9 17.84 -28.83 35.88
N LYS F 10 16.94 -29.11 36.81
CA LYS F 10 15.72 -28.34 37.00
C LYS F 10 16.07 -26.88 37.27
N ALA F 11 17.15 -26.66 38.01
CA ALA F 11 17.61 -25.32 38.33
C ALA F 11 18.23 -24.64 37.10
N ASP F 12 18.82 -25.44 36.22
CA ASP F 12 19.40 -24.92 34.99
C ASP F 12 18.32 -24.38 34.07
N ALA F 13 17.20 -25.09 34.01
CA ALA F 13 16.07 -24.67 33.20
C ALA F 13 15.42 -23.42 33.78
N GLU F 14 15.27 -23.39 35.11
CA GLU F 14 14.67 -22.26 35.80
C GLU F 14 15.52 -21.00 35.65
N ALA F 15 16.84 -21.19 35.60
CA ALA F 15 17.76 -20.07 35.41
C ALA F 15 17.62 -19.48 34.00
N LEU F 16 17.43 -20.35 33.02
CA LEU F 16 17.28 -19.93 31.63
C LEU F 16 15.95 -19.22 31.41
N ILE F 17 14.92 -19.66 32.12
CA ILE F 17 13.60 -19.07 32.03
C ILE F 17 13.59 -17.62 32.52
N ASN F 18 14.25 -17.38 33.65
CA ASN F 18 14.35 -16.03 34.21
C ASN F 18 15.25 -15.14 33.37
N LYS F 19 16.31 -15.72 32.81
CA LYS F 19 17.27 -14.97 32.01
C LYS F 19 16.69 -14.52 30.68
N GLU F 20 16.04 -15.42 29.97
CA GLU F 20 15.49 -15.11 28.64
C GLU F 20 14.03 -14.70 28.70
N GLY F 21 13.45 -14.67 29.90
CA GLY F 21 12.07 -14.28 30.09
C GLY F 21 11.10 -15.24 29.42
N ILE F 22 11.38 -16.53 29.52
CA ILE F 22 10.53 -17.56 28.93
C ILE F 22 9.15 -17.56 29.56
N GLU F 23 8.11 -17.52 28.73
CA GLU F 23 6.73 -17.43 29.20
C GLU F 23 6.04 -18.80 29.23
N TYR F 24 6.32 -19.63 28.22
CA TYR F 24 5.66 -20.92 28.11
C TYR F 24 6.64 -22.06 27.81
N VAL F 25 6.19 -23.28 28.04
CA VAL F 25 6.98 -24.47 27.76
C VAL F 25 6.20 -25.45 26.90
N SER F 26 6.77 -25.85 25.77
CA SER F 26 6.13 -26.81 24.89
C SER F 26 6.52 -28.23 25.26
N VAL F 27 5.59 -28.93 25.92
CA VAL F 27 5.82 -30.33 26.29
C VAL F 27 5.63 -31.21 25.07
N ARG F 28 6.73 -31.56 24.40
CA ARG F 28 6.65 -32.30 23.16
C ARG F 28 7.28 -33.69 23.20
N PHE F 29 6.81 -34.56 22.31
CA PHE F 29 7.34 -35.91 22.17
C PHE F 29 7.11 -36.41 20.74
N THR F 30 7.62 -37.59 20.43
CA THR F 30 7.46 -38.17 19.10
C THR F 30 6.53 -39.38 19.14
N ASP F 31 5.52 -39.38 18.28
CA ASP F 31 4.61 -40.51 18.20
C ASP F 31 5.24 -41.64 17.41
N LEU F 32 4.54 -42.77 17.31
CA LEU F 32 5.07 -43.95 16.64
C LEU F 32 5.37 -43.69 15.17
N ILE F 33 4.51 -42.93 14.51
CA ILE F 33 4.66 -42.62 13.09
C ILE F 33 5.95 -41.85 12.80
N GLY F 34 6.19 -40.81 13.58
CA GLY F 34 7.37 -39.98 13.40
C GLY F 34 7.02 -38.50 13.40
N VAL F 35 5.79 -38.19 13.83
CA VAL F 35 5.33 -36.81 13.90
C VAL F 35 5.36 -36.30 15.33
N GLN F 36 5.97 -35.13 15.54
CA GLN F 36 6.12 -34.58 16.87
C GLN F 36 4.79 -34.04 17.42
N GLN F 37 4.44 -34.48 18.63
CA GLN F 37 3.20 -34.08 19.28
C GLN F 37 3.52 -33.22 20.49
N HIS F 38 2.64 -32.28 20.83
CA HIS F 38 2.89 -31.40 21.96
C HIS F 38 1.66 -30.70 22.55
N PHE F 39 1.80 -30.24 23.79
CA PHE F 39 0.86 -29.30 24.39
C PHE F 39 1.66 -28.25 25.15
N THR F 40 1.13 -27.03 25.23
CA THR F 40 1.87 -25.93 25.82
C THR F 40 1.38 -25.57 27.22
N VAL F 41 2.32 -25.47 28.16
CA VAL F 41 2.01 -25.12 29.55
C VAL F 41 2.83 -23.90 29.97
N PRO F 42 2.34 -23.13 30.95
CA PRO F 42 3.12 -22.02 31.49
C PRO F 42 4.46 -22.49 32.04
N ALA F 43 5.48 -21.64 31.94
CA ALA F 43 6.83 -22.00 32.38
C ALA F 43 6.90 -22.39 33.85
N SER F 44 6.10 -21.71 34.67
CA SER F 44 6.06 -21.97 36.10
C SER F 44 5.41 -23.33 36.39
N GLU F 45 4.48 -23.73 35.54
CA GLU F 45 3.78 -24.99 35.69
C GLU F 45 4.71 -26.14 35.33
N PHE F 46 5.58 -25.90 34.36
CA PHE F 46 6.58 -26.88 33.95
C PHE F 46 7.58 -27.15 35.06
N LEU F 47 8.11 -26.07 35.63
CA LEU F 47 9.08 -26.18 36.71
C LEU F 47 8.49 -26.83 37.95
N LYS F 48 7.19 -26.63 38.18
CA LYS F 48 6.54 -27.12 39.38
C LYS F 48 6.21 -28.61 39.33
N ASP F 49 5.84 -29.12 38.16
CA ASP F 49 5.31 -30.47 38.03
C ASP F 49 6.20 -31.47 37.27
N ALA F 50 6.77 -31.03 36.15
CA ALA F 50 7.50 -31.93 35.25
C ALA F 50 8.60 -32.73 35.92
N PHE F 51 9.30 -32.12 36.87
CA PHE F 51 10.42 -32.77 37.54
C PHE F 51 9.96 -33.59 38.74
N THR F 52 8.74 -33.33 39.20
CA THR F 52 8.19 -34.05 40.34
C THR F 52 7.32 -35.22 39.91
N ASP F 53 6.06 -34.92 39.58
CA ASP F 53 5.10 -35.95 39.17
C ASP F 53 4.94 -36.01 37.66
N GLY F 54 5.76 -35.25 36.94
CA GLY F 54 5.73 -35.24 35.49
C GLY F 54 4.46 -34.65 34.91
N PRO F 56 0.96 -35.39 32.85
CA PRO F 56 0.00 -36.41 32.41
C PRO F 56 -0.68 -36.01 31.10
N PHE F 57 -1.11 -37.01 30.32
CA PHE F 57 -1.83 -36.75 29.07
C PHE F 57 -2.60 -37.99 28.61
N ASP F 58 -3.65 -37.77 27.83
CA ASP F 58 -4.46 -38.85 27.29
C ASP F 58 -4.02 -39.17 25.87
N GLY F 59 -3.49 -40.38 25.66
CA GLY F 59 -3.00 -40.80 24.37
C GLY F 59 -4.03 -41.54 23.53
N SER F 60 -5.30 -41.34 23.85
CA SER F 60 -6.40 -42.02 23.17
C SER F 60 -6.52 -41.58 21.71
N SER F 61 -6.10 -40.35 21.43
CA SER F 61 -6.24 -39.79 20.10
C SER F 61 -4.94 -39.80 19.31
N VAL F 62 -3.82 -39.98 20.01
CA VAL F 62 -2.52 -40.03 19.33
C VAL F 62 -2.40 -41.29 18.49
N GLU F 63 -2.07 -41.10 17.21
CA GLU F 63 -2.02 -42.22 16.26
C GLU F 63 -0.92 -43.22 16.58
N GLY F 64 -1.31 -44.42 16.98
CA GLY F 64 -0.37 -45.51 17.22
C GLY F 64 -0.16 -45.85 18.68
N PHE F 65 -1.08 -45.43 19.54
CA PHE F 65 -0.97 -45.70 20.97
C PHE F 65 -2.16 -46.51 21.49
N GLN F 66 -3.37 -46.16 21.05
CA GLN F 66 -4.57 -46.86 21.48
C GLN F 66 -5.68 -46.74 20.45
N ASP F 72 -4.30 -43.69 30.21
CA ASP F 72 -3.53 -42.50 30.57
C ASP F 72 -2.05 -42.81 30.67
N LYS F 74 2.23 -41.02 31.35
CA LYS F 74 3.02 -40.03 32.06
C LYS F 74 4.24 -39.61 31.25
N LEU F 75 4.51 -38.30 31.23
CA LEU F 75 5.63 -37.76 30.47
C LEU F 75 6.80 -37.34 31.36
N VAL F 76 7.97 -37.93 31.10
CA VAL F 76 9.18 -37.62 31.87
C VAL F 76 10.13 -36.76 31.04
N PRO F 77 10.54 -35.61 31.60
CA PRO F 77 11.34 -34.60 30.90
C PRO F 77 12.80 -34.99 30.67
N ASP F 78 13.37 -34.48 29.59
CA ASP F 78 14.80 -34.60 29.31
C ASP F 78 15.31 -33.21 28.95
N VAL F 79 15.84 -32.50 29.95
CA VAL F 79 16.24 -31.11 29.80
C VAL F 79 17.40 -30.93 28.81
N SER F 80 18.12 -32.02 28.55
CA SER F 80 19.23 -31.99 27.61
C SER F 80 18.78 -31.68 26.19
N THR F 81 17.49 -31.91 25.92
CA THR F 81 16.93 -31.70 24.59
C THR F 81 16.23 -30.35 24.49
N ALA F 82 16.27 -29.57 25.57
CA ALA F 82 15.56 -28.30 25.62
C ALA F 82 16.20 -27.25 24.72
N PHE F 83 15.36 -26.48 24.03
CA PHE F 83 15.83 -25.37 23.21
C PHE F 83 14.76 -24.29 23.08
N ILE F 84 15.19 -23.04 22.96
CA ILE F 84 14.25 -21.92 22.81
C ILE F 84 13.65 -21.90 21.41
N ASP F 85 12.32 -21.82 21.34
CA ASP F 85 11.61 -21.80 20.07
C ASP F 85 11.85 -20.48 19.35
N PRO F 86 12.43 -20.54 18.14
CA PRO F 86 12.73 -19.34 17.35
C PRO F 86 11.61 -18.94 16.40
N PHE F 87 10.44 -19.55 16.54
CA PHE F 87 9.32 -19.28 15.65
C PHE F 87 8.09 -18.73 16.39
N ARG F 88 8.03 -18.99 17.69
CA ARG F 88 6.85 -18.63 18.47
C ARG F 88 6.79 -17.13 18.76
N LYS F 89 5.58 -16.58 18.68
CA LYS F 89 5.35 -15.17 18.99
C LYS F 89 5.71 -14.88 20.44
N HIS F 90 5.25 -15.74 21.34
CA HIS F 90 5.60 -15.65 22.74
C HIS F 90 6.84 -16.51 23.01
N LYS F 91 7.71 -16.03 23.89
CA LYS F 91 8.94 -16.75 24.23
C LYS F 91 8.61 -18.13 24.79
N THR F 92 9.10 -19.18 24.13
CA THR F 92 8.73 -20.55 24.50
C THR F 92 9.94 -21.49 24.50
N LEU F 93 9.99 -22.36 25.51
CA LEU F 93 11.04 -23.38 25.61
C LEU F 93 10.50 -24.74 25.20
N ASP F 94 11.16 -25.38 24.23
CA ASP F 94 10.72 -26.68 23.74
C ASP F 94 11.49 -27.83 24.40
N VAL F 95 10.77 -28.66 25.13
CA VAL F 95 11.40 -29.78 25.86
C VAL F 95 10.80 -31.12 25.43
N ALA F 96 11.67 -32.08 25.14
CA ALA F 96 11.23 -33.42 24.76
C ALA F 96 10.98 -34.30 25.99
N PHE F 97 9.93 -35.12 25.93
CA PHE F 97 9.55 -35.97 27.05
C PHE F 97 9.49 -37.44 26.65
N SER F 98 9.86 -38.31 27.58
CA SER F 98 9.71 -39.75 27.37
C SER F 98 8.43 -40.25 28.04
N ILE F 99 7.77 -41.21 27.41
CA ILE F 99 6.51 -41.74 27.91
C ILE F 99 6.73 -42.93 28.84
N VAL F 100 6.15 -42.87 30.03
CA VAL F 100 6.24 -43.97 30.99
C VAL F 100 4.88 -44.24 31.63
N ASP F 101 4.78 -45.32 32.39
CA ASP F 101 3.55 -45.69 33.08
C ASP F 101 3.37 -44.86 34.35
N PRO F 102 2.15 -44.36 34.59
CA PRO F 102 1.85 -43.58 35.80
C PRO F 102 1.48 -44.48 36.97
N ASP F 105 6.01 -46.67 37.80
CA ASP F 105 6.73 -46.15 36.65
C ASP F 105 7.39 -47.27 35.84
N GLU F 106 7.24 -47.16 34.53
CA GLU F 106 7.80 -48.14 33.61
C GLU F 106 7.74 -47.60 32.18
N PRO F 107 8.84 -47.78 31.44
CA PRO F 107 9.00 -47.22 30.09
C PRO F 107 7.91 -47.73 29.16
N TYR F 108 7.26 -46.82 28.44
CA TYR F 108 6.12 -47.18 27.60
C TYR F 108 6.52 -48.02 26.40
N SER F 109 5.65 -48.95 26.02
CA SER F 109 5.99 -49.93 24.98
C SER F 109 6.04 -49.35 23.57
N ARG F 110 5.27 -48.29 23.32
CA ARG F 110 5.15 -47.75 21.96
C ARG F 110 5.80 -46.37 21.81
N ASP F 111 6.57 -45.96 22.81
CA ASP F 111 7.33 -44.71 22.69
C ASP F 111 8.62 -44.97 21.93
N PRO F 112 8.73 -44.41 20.72
CA PRO F 112 9.89 -44.65 19.85
C PRO F 112 11.20 -44.17 20.46
N ARG F 113 11.17 -43.03 21.16
CA ARG F 113 12.37 -42.49 21.79
C ARG F 113 12.90 -43.44 22.85
N GLN F 114 12.00 -44.18 23.48
CA GLN F 114 12.38 -45.12 24.53
C GLN F 114 13.08 -46.34 23.92
N VAL F 115 12.69 -46.68 22.69
CA VAL F 115 13.33 -47.77 21.96
C VAL F 115 14.81 -47.46 21.75
N ALA F 116 15.09 -46.22 21.38
CA ALA F 116 16.46 -45.77 21.19
C ALA F 116 17.26 -45.84 22.47
N GLY F 117 16.61 -45.50 23.59
CA GLY F 117 17.25 -45.54 24.89
C GLY F 117 17.59 -46.96 25.32
N LYS F 118 16.64 -47.88 25.11
CA LYS F 118 16.83 -49.27 25.47
C LYS F 118 17.79 -49.97 24.51
N ALA F 119 17.95 -49.40 23.32
CA ALA F 119 18.89 -49.93 22.33
C ALA F 119 20.32 -49.62 22.74
N GLU F 120 20.52 -48.44 23.31
CA GLU F 120 21.82 -48.02 23.81
C GLU F 120 22.23 -48.86 25.02
N ALA F 121 21.24 -49.32 25.78
CA ALA F 121 21.48 -50.12 26.97
C ALA F 121 21.85 -51.55 26.60
N TYR F 122 21.15 -52.12 25.63
CA TYR F 122 21.43 -53.46 25.17
C TYR F 122 22.81 -53.55 24.52
N LEU F 123 23.22 -52.46 23.88
CA LEU F 123 24.54 -52.36 23.28
C LEU F 123 25.62 -52.50 24.34
N LYS F 124 25.44 -51.81 25.45
CA LYS F 124 26.42 -51.83 26.54
C LYS F 124 26.40 -53.17 27.28
N SER F 125 25.22 -53.76 27.41
CA SER F 125 25.06 -55.01 28.15
C SER F 125 25.80 -56.17 27.47
N THR F 126 25.84 -56.15 26.15
CA THR F 126 26.54 -57.18 25.40
C THR F 126 28.05 -57.03 25.51
N GLY F 127 28.49 -55.83 25.89
CA GLY F 127 29.91 -55.55 26.06
C GLY F 127 30.62 -55.27 24.74
N ILE F 128 29.85 -55.25 23.65
CA ILE F 128 30.40 -54.97 22.34
C ILE F 128 30.92 -53.54 22.25
N ALA F 129 30.08 -52.60 22.68
CA ALA F 129 30.43 -51.18 22.64
C ALA F 129 29.65 -50.40 23.69
N ASP F 130 29.89 -49.10 23.77
CA ASP F 130 29.14 -48.24 24.69
C ASP F 130 28.41 -47.12 23.97
N THR F 131 28.86 -46.80 22.76
CA THR F 131 28.28 -45.72 21.99
C THR F 131 28.10 -46.08 20.52
N ALA F 132 26.90 -45.82 20.00
CA ALA F 132 26.62 -45.99 18.58
C ALA F 132 26.30 -44.63 17.96
N SER F 133 27.25 -44.11 17.20
CA SER F 133 27.10 -42.78 16.61
C SER F 133 26.47 -42.81 15.22
N PHE F 134 25.33 -42.12 15.08
CA PHE F 134 24.63 -42.05 13.81
C PHE F 134 24.67 -40.63 13.24
N ALA F 135 24.74 -40.53 11.91
CA ALA F 135 24.76 -39.24 11.23
C ALA F 135 23.87 -39.27 9.99
N PRO F 136 22.68 -38.65 10.09
CA PRO F 136 21.72 -38.62 9.00
C PRO F 136 22.06 -37.59 7.93
N GLU F 137 21.67 -37.85 6.69
CA GLU F 137 21.78 -36.88 5.61
C GLU F 137 20.40 -36.58 5.05
N ALA F 138 19.53 -36.04 5.88
CA ALA F 138 18.14 -35.79 5.52
C ALA F 138 17.98 -34.72 4.46
N GLU F 139 17.70 -35.13 3.23
CA GLU F 139 17.40 -34.20 2.15
C GLU F 139 15.94 -33.77 2.25
N PHE F 140 15.56 -32.76 1.47
CA PHE F 140 14.19 -32.29 1.45
C PHE F 140 13.90 -31.37 0.27
N PHE F 141 12.62 -31.09 0.05
CA PHE F 141 12.18 -30.21 -1.03
C PHE F 141 11.61 -28.91 -0.50
N ILE F 142 11.86 -27.81 -1.20
CA ILE F 142 11.22 -26.53 -0.89
C ILE F 142 10.27 -26.15 -2.01
N PHE F 143 8.97 -26.13 -1.71
CA PHE F 143 7.96 -25.80 -2.71
C PHE F 143 7.28 -24.47 -2.39
N ASP F 144 6.91 -23.74 -3.43
CA ASP F 144 6.19 -22.47 -3.26
C ASP F 144 4.70 -22.72 -3.05
N LYS F 145 4.23 -23.86 -3.53
CA LYS F 145 2.83 -24.23 -3.38
C LYS F 145 2.63 -25.75 -3.46
N VAL F 146 1.85 -26.28 -2.52
CA VAL F 146 1.53 -27.71 -2.50
C VAL F 146 0.05 -27.90 -2.22
N ARG F 147 -0.62 -28.67 -3.09
CA ARG F 147 -2.04 -28.94 -2.91
C ARG F 147 -2.43 -30.32 -3.43
N PHE F 148 -3.29 -31.00 -2.69
CA PHE F 148 -3.72 -32.35 -3.05
C PHE F 148 -5.12 -32.65 -2.52
N GLU F 149 -5.77 -33.65 -3.11
CA GLU F 149 -7.11 -34.03 -2.69
C GLU F 149 -7.44 -35.44 -3.16
N ASN F 150 -8.21 -36.17 -2.35
CA ASN F 150 -8.65 -37.51 -2.71
C ASN F 150 -10.14 -37.70 -2.44
N SER F 151 -10.97 -37.27 -3.38
CA SER F 151 -12.42 -37.43 -3.26
C SER F 151 -12.95 -38.39 -4.31
N GLN F 153 -15.02 -37.72 -6.85
CA GLN F 153 -15.03 -37.11 -8.17
C GLN F 153 -13.64 -36.87 -8.75
N ARG F 154 -12.67 -36.62 -7.89
CA ARG F 154 -11.31 -36.30 -8.34
C ARG F 154 -10.23 -36.64 -7.32
N SER F 155 -9.04 -36.92 -7.82
CA SER F 155 -7.86 -37.17 -6.99
C SER F 155 -6.64 -36.53 -7.65
N PHE F 156 -5.93 -35.70 -6.91
CA PHE F 156 -4.78 -34.99 -7.49
C PHE F 156 -3.72 -34.58 -6.48
N TYR F 157 -2.56 -34.20 -7.01
CA TYR F 157 -1.55 -33.48 -6.26
C TYR F 157 -0.84 -32.54 -7.22
N GLU F 158 -0.49 -31.35 -6.74
CA GLU F 158 0.25 -30.40 -7.56
C GLU F 158 1.21 -29.58 -6.73
N VAL F 159 2.49 -29.64 -7.07
CA VAL F 159 3.50 -28.83 -6.43
C VAL F 159 3.93 -27.73 -7.38
N ASP F 160 4.68 -26.76 -6.86
CA ASP F 160 5.20 -25.68 -7.69
C ASP F 160 6.42 -25.04 -7.05
N SER F 161 7.31 -24.53 -7.89
CA SER F 161 8.54 -23.89 -7.43
C SER F 161 9.02 -22.88 -8.46
N ILE F 162 9.60 -21.78 -8.00
CA ILE F 162 10.11 -20.75 -8.90
C ILE F 162 11.41 -21.23 -9.58
N GLU F 163 12.01 -22.28 -9.01
CA GLU F 163 13.22 -22.87 -9.58
C GLU F 163 12.88 -23.91 -10.64
N ALA F 164 11.64 -24.40 -10.59
CA ALA F 164 11.20 -25.53 -11.41
C ALA F 164 11.41 -25.33 -12.91
N PRO F 165 11.88 -26.38 -13.60
CA PRO F 165 12.12 -26.36 -15.05
C PRO F 165 10.83 -26.26 -15.87
N TRP F 166 9.70 -26.62 -15.26
CA TRP F 166 8.42 -26.54 -15.95
C TRP F 166 7.87 -25.11 -15.95
N ASN F 167 8.54 -24.22 -15.24
CA ASN F 167 8.16 -22.82 -15.20
C ASN F 167 9.06 -21.94 -16.06
N SER F 168 9.92 -22.58 -16.86
CA SER F 168 10.90 -21.87 -17.66
C SER F 168 10.27 -20.90 -18.67
N GLY F 169 9.03 -21.19 -19.07
CA GLY F 169 8.36 -20.36 -20.06
C GLY F 169 7.21 -19.55 -19.50
N ILE F 170 7.14 -19.41 -18.18
CA ILE F 170 6.09 -18.63 -17.55
C ILE F 170 6.25 -17.14 -17.89
N ASP F 171 5.13 -16.42 -17.97
CA ASP F 171 5.16 -15.01 -18.32
C ASP F 171 5.34 -14.12 -17.09
N THR F 172 4.66 -14.49 -16.01
CA THR F 172 4.67 -13.68 -14.80
C THR F 172 4.67 -14.55 -13.55
N GLU F 173 5.53 -14.22 -12.59
CA GLU F 173 5.66 -14.98 -11.35
C GLU F 173 4.47 -14.72 -10.41
N ASP F 174 4.52 -15.33 -9.24
CA ASP F 174 3.44 -15.20 -8.25
C ASP F 174 3.28 -13.78 -7.71
N ASP F 175 4.35 -12.98 -7.77
CA ASP F 175 4.34 -11.65 -7.18
C ASP F 175 4.02 -10.55 -8.18
N GLY F 176 3.83 -10.92 -9.45
CA GLY F 176 3.49 -9.96 -10.47
C GLY F 176 4.68 -9.53 -11.31
N THR F 177 5.88 -9.83 -10.82
CA THR F 177 7.11 -9.48 -11.52
C THR F 177 7.36 -10.43 -12.68
N PRO F 178 7.95 -9.93 -13.78
CA PRO F 178 8.21 -10.74 -14.97
C PRO F 178 9.18 -11.89 -14.71
N ASN F 179 9.16 -12.88 -15.60
CA ASN F 179 10.10 -14.00 -15.51
C ASN F 179 11.52 -13.54 -15.83
N ILE F 180 12.43 -13.72 -14.87
CA ILE F 180 13.82 -13.36 -15.08
C ILE F 180 14.71 -14.61 -15.18
N ALA F 181 14.08 -15.73 -15.49
CA ALA F 181 14.77 -16.98 -15.81
C ALA F 181 15.72 -17.51 -14.73
N PHE F 182 16.82 -18.10 -15.17
CA PHE F 182 17.79 -18.75 -14.28
C PHE F 182 17.16 -19.86 -13.43
N LYS F 183 16.17 -20.53 -14.00
CA LYS F 183 15.52 -21.66 -13.33
C LYS F 183 16.31 -22.93 -13.57
N ASN F 184 16.23 -23.86 -12.62
CA ASN F 184 16.96 -25.12 -12.73
C ASN F 184 16.46 -25.99 -13.87
N ARG F 185 17.33 -26.87 -14.34
CA ARG F 185 16.96 -27.87 -15.34
C ARG F 185 16.73 -29.19 -14.63
N VAL F 186 16.25 -30.20 -15.36
CA VAL F 186 15.98 -31.50 -14.77
C VAL F 186 17.29 -32.18 -14.36
N LYS F 187 17.37 -32.57 -13.10
CA LYS F 187 18.53 -33.26 -12.54
C LYS F 187 19.82 -32.42 -12.59
N LYS F 188 19.67 -31.10 -12.68
CA LYS F 188 20.83 -30.20 -12.76
C LYS F 188 20.83 -29.14 -11.67
N GLY F 189 20.17 -29.41 -10.55
CA GLY F 189 20.13 -28.48 -9.45
C GLY F 189 21.31 -28.60 -8.53
N TYR F 190 22.19 -29.56 -8.82
CA TYR F 190 23.35 -29.83 -7.97
C TYR F 190 24.66 -29.46 -8.67
N PHE F 191 25.28 -28.34 -8.26
CA PHE F 191 24.72 -27.38 -7.31
C PHE F 191 25.20 -25.95 -7.61
N PRO F 192 24.71 -25.36 -8.72
CA PRO F 192 25.18 -24.05 -9.18
C PRO F 192 24.83 -22.90 -8.22
N VAL F 193 25.63 -21.84 -8.26
CA VAL F 193 25.44 -20.68 -7.40
C VAL F 193 24.25 -19.85 -7.86
N PRO F 194 23.70 -19.00 -6.97
CA PRO F 194 22.67 -18.03 -7.36
C PRO F 194 23.13 -17.17 -8.54
N PRO F 195 22.18 -16.62 -9.31
CA PRO F 195 20.73 -16.64 -9.11
C PRO F 195 20.06 -17.93 -9.56
N ILE F 196 20.82 -18.89 -10.09
CA ILE F 196 20.25 -20.17 -10.50
C ILE F 196 19.60 -20.86 -9.30
N ASP F 197 20.32 -20.91 -8.19
CA ASP F 197 19.76 -21.36 -6.92
C ASP F 197 19.00 -20.21 -6.28
N HIS F 198 17.68 -20.34 -6.22
CA HIS F 198 16.82 -19.28 -5.71
C HIS F 198 16.61 -19.37 -4.20
N THR F 199 16.97 -20.51 -3.61
CA THR F 199 16.69 -20.76 -2.21
C THR F 199 17.94 -20.80 -1.33
N GLN F 200 18.98 -20.07 -1.73
CA GLN F 200 20.22 -20.01 -0.95
C GLN F 200 20.02 -19.26 0.36
N ASP F 201 19.34 -18.11 0.29
CA ASP F 201 19.12 -17.28 1.47
C ASP F 201 18.16 -17.93 2.46
N LEU F 202 17.18 -18.67 1.95
CA LEU F 202 16.25 -19.38 2.80
C LEU F 202 16.94 -20.55 3.49
N ARG F 203 17.84 -21.21 2.75
CA ARG F 203 18.62 -22.31 3.29
C ARG F 203 19.52 -21.82 4.41
N ASP F 204 20.01 -20.59 4.27
CA ASP F 204 20.86 -19.98 5.29
C ASP F 204 20.06 -19.64 6.55
N ASP F 205 18.81 -19.27 6.36
CA ASP F 205 17.90 -19.01 7.48
C ASP F 205 17.69 -20.29 8.28
N VAL F 207 19.79 -22.94 8.26
CA VAL F 207 21.09 -23.24 8.84
C VAL F 207 21.34 -22.43 10.12
N ALA F 208 20.99 -21.16 10.08
CA ALA F 208 21.18 -20.28 11.25
C ALA F 208 20.30 -20.73 12.42
N ASN F 209 19.05 -21.04 12.14
CA ASN F 209 18.12 -21.48 13.17
C ASN F 209 18.51 -22.83 13.76
N LEU F 210 19.10 -23.70 12.94
CA LEU F 210 19.58 -24.99 13.40
C LEU F 210 20.77 -24.83 14.33
N GLN F 211 21.66 -23.90 14.00
CA GLN F 211 22.79 -23.57 14.84
C GLN F 211 22.32 -22.95 16.15
N LYS F 212 21.22 -22.21 16.06
CA LYS F 212 20.66 -21.51 17.22
C LYS F 212 20.06 -22.48 18.23
N VAL F 213 19.54 -23.59 17.74
CA VAL F 213 18.85 -24.55 18.60
C VAL F 213 19.74 -25.69 19.09
N GLY F 214 21.06 -25.56 18.88
CA GLY F 214 22.00 -26.50 19.47
C GLY F 214 22.82 -27.36 18.52
N LEU F 215 22.35 -27.51 17.29
CA LEU F 215 23.01 -28.39 16.33
C LEU F 215 24.36 -27.83 15.84
N ILE F 216 25.33 -28.71 15.70
CA ILE F 216 26.64 -28.34 15.14
C ILE F 216 26.63 -28.66 13.65
N LEU F 217 26.56 -27.62 12.82
CA LEU F 217 26.37 -27.82 11.38
C LEU F 217 27.70 -27.91 10.62
N GLU F 218 27.65 -28.54 9.44
CA GLU F 218 28.84 -28.80 8.66
C GLU F 218 28.72 -28.32 7.22
N ARG F 219 27.55 -28.54 6.62
CA ARG F 219 27.40 -28.31 5.18
C ARG F 219 25.94 -28.12 4.77
N SER F 220 25.72 -27.29 3.75
CA SER F 220 24.40 -27.08 3.17
C SER F 220 24.54 -26.75 1.69
N HIS F 221 23.65 -27.31 0.87
CA HIS F 221 23.69 -27.08 -0.58
C HIS F 221 22.37 -27.41 -1.25
N HIS F 222 22.25 -27.05 -2.53
CA HIS F 222 21.10 -27.41 -3.33
C HIS F 222 21.29 -28.82 -3.87
N GLU F 223 20.22 -29.60 -3.88
CA GLU F 223 20.31 -30.99 -4.33
C GLU F 223 20.01 -31.15 -5.83
N VAL F 224 20.09 -32.40 -6.29
CA VAL F 224 19.99 -32.73 -7.71
C VAL F 224 18.70 -32.24 -8.38
N ALA F 225 17.57 -32.55 -7.77
CA ALA F 225 16.27 -32.21 -8.35
C ALA F 225 16.08 -30.71 -8.49
N GLY F 226 15.78 -30.26 -9.69
CA GLY F 226 15.66 -28.84 -9.99
C GLY F 226 14.47 -28.17 -9.35
N ALA F 227 13.51 -28.96 -8.88
CA ALA F 227 12.29 -28.41 -8.30
C ALA F 227 12.46 -28.03 -6.83
N GLY F 228 13.64 -27.52 -6.48
CA GLY F 228 13.88 -26.99 -5.15
C GLY F 228 14.24 -28.01 -4.09
N GLN F 229 15.05 -28.99 -4.45
CA GLN F 229 15.50 -29.98 -3.49
C GLN F 229 16.75 -29.47 -2.76
N GLN F 230 16.78 -29.66 -1.45
CA GLN F 230 17.88 -29.14 -0.62
C GLN F 230 18.47 -30.23 0.25
N GLU F 231 19.56 -29.90 0.95
CA GLU F 231 20.15 -30.78 1.95
C GLU F 231 21.03 -30.01 2.92
N ILE F 232 20.87 -30.29 4.21
CA ILE F 232 21.71 -29.69 5.24
C ILE F 232 22.32 -30.78 6.11
N ASN F 233 23.61 -30.70 6.36
CA ASN F 233 24.30 -31.71 7.15
C ASN F 233 24.82 -31.16 8.48
N TYR F 234 24.60 -31.92 9.54
CA TYR F 234 25.10 -31.55 10.87
C TYR F 234 25.90 -32.70 11.49
N ARG F 235 26.52 -32.43 12.63
CA ARG F 235 27.43 -33.40 13.26
C ARG F 235 26.69 -34.57 13.91
N PHE F 236 27.33 -35.74 13.88
CA PHE F 236 26.78 -36.97 14.42
C PHE F 236 26.55 -36.89 15.93
N ASN F 237 25.91 -37.93 16.46
CA ASN F 237 25.66 -38.04 17.90
C ASN F 237 25.28 -39.48 18.25
N SER F 238 25.18 -39.76 19.55
CA SER F 238 24.74 -41.08 20.01
C SER F 238 23.32 -41.35 19.53
N LEU F 239 22.94 -42.62 19.46
CA LEU F 239 21.70 -43.06 18.82
C LEU F 239 20.45 -42.28 19.23
N GLN F 240 20.16 -42.24 20.52
CA GLN F 240 18.96 -41.57 21.02
C GLN F 240 18.99 -40.07 20.75
N HIS F 241 20.13 -39.45 21.03
CA HIS F 241 20.31 -38.02 20.81
C HIS F 241 20.26 -37.67 19.32
N ALA F 242 20.75 -38.59 18.49
CA ALA F 242 20.72 -38.40 17.04
C ALA F 242 19.28 -38.33 16.54
N GLY F 243 18.42 -39.15 17.15
CA GLY F 243 17.01 -39.12 16.84
C GLY F 243 16.38 -37.81 17.27
N ASP F 244 16.81 -37.30 18.43
CA ASP F 244 16.32 -36.02 18.93
C ASP F 244 16.75 -34.89 18.00
N ASP F 245 17.98 -34.96 17.52
CA ASP F 245 18.52 -33.93 16.65
C ASP F 245 17.79 -33.86 15.31
N LEU F 246 17.39 -35.02 14.79
CA LEU F 246 16.68 -35.07 13.51
C LEU F 246 15.26 -34.55 13.64
N LYS F 248 14.42 -32.32 15.77
CA LYS F 248 14.67 -30.89 15.87
C LYS F 248 15.01 -30.33 14.50
N TYR F 249 15.75 -31.11 13.72
CA TYR F 249 16.10 -30.74 12.35
C TYR F 249 14.83 -30.57 11.50
N LYS F 250 13.93 -31.55 11.60
CA LYS F 250 12.68 -31.51 10.84
C LYS F 250 11.80 -30.33 11.23
N TYR F 251 11.65 -30.12 12.54
CA TYR F 251 10.78 -29.07 13.06
C TYR F 251 11.24 -27.69 12.62
N VAL F 252 12.55 -27.46 12.63
CA VAL F 252 13.12 -26.18 12.23
C VAL F 252 12.99 -25.97 10.72
N VAL F 253 13.26 -27.03 9.95
CA VAL F 253 13.14 -26.97 8.49
C VAL F 253 11.70 -26.66 8.05
N HIS F 254 10.73 -27.36 8.65
CA HIS F 254 9.33 -27.13 8.34
C HIS F 254 8.90 -25.70 8.69
N GLU F 255 9.17 -25.30 9.92
CA GLU F 255 8.77 -23.99 10.43
C GLU F 255 9.38 -22.83 9.68
N THR F 256 10.68 -22.91 9.40
CA THR F 256 11.39 -21.83 8.71
C THR F 256 10.80 -21.59 7.32
N ALA F 257 10.45 -22.67 6.64
CA ALA F 257 9.83 -22.57 5.32
C ALA F 257 8.39 -22.06 5.44
N ALA F 258 7.70 -22.51 6.49
CA ALA F 258 6.32 -22.12 6.72
C ALA F 258 6.19 -20.63 7.02
N LEU F 259 7.13 -20.11 7.78
CA LEU F 259 7.14 -18.69 8.13
C LEU F 259 7.65 -17.83 6.96
N ALA F 260 8.15 -18.50 5.93
CA ALA F 260 8.65 -17.81 4.74
C ALA F 260 7.66 -17.92 3.59
N GLY F 261 6.45 -18.39 3.89
CA GLY F 261 5.40 -18.55 2.89
C GLY F 261 5.67 -19.69 1.92
N LYS F 262 6.38 -20.71 2.40
CA LYS F 262 6.68 -21.87 1.57
C LYS F 262 6.41 -23.17 2.33
N ALA F 263 6.63 -24.30 1.67
CA ALA F 263 6.43 -25.61 2.28
C ALA F 263 7.65 -26.51 2.08
N ALA F 264 8.08 -27.15 3.16
CA ALA F 264 9.19 -28.11 3.09
C ALA F 264 8.70 -29.52 3.41
N THR F 265 9.18 -30.49 2.65
CA THR F 265 8.73 -31.87 2.83
C THR F 265 9.88 -32.88 2.80
N PHE F 266 9.70 -33.98 3.51
CA PHE F 266 10.69 -35.04 3.53
C PHE F 266 10.20 -36.28 2.80
N PRO F 268 10.09 -39.09 0.21
CA PRO F 268 11.14 -39.78 -0.54
C PRO F 268 10.99 -39.63 -2.06
N LYS F 269 9.81 -39.24 -2.52
CA LYS F 269 9.57 -39.06 -3.96
C LYS F 269 8.32 -38.23 -4.23
N PRO F 270 8.45 -36.89 -4.13
CA PRO F 270 7.33 -35.98 -4.38
C PRO F 270 6.95 -35.93 -5.86
N ILE F 271 7.93 -35.81 -6.73
CA ILE F 271 7.70 -35.67 -8.17
C ILE F 271 8.31 -36.80 -8.98
N ALA F 272 7.75 -37.04 -10.17
CA ALA F 272 8.24 -38.10 -11.05
C ALA F 272 9.15 -37.52 -12.14
N GLY F 273 10.20 -38.26 -12.47
CA GLY F 273 11.12 -37.85 -13.52
C GLY F 273 12.37 -37.15 -13.00
N ASP F 274 12.46 -37.00 -11.68
CA ASP F 274 13.63 -36.38 -11.08
C ASP F 274 14.04 -37.14 -9.81
N ASN F 275 15.19 -36.77 -9.24
CA ASN F 275 15.71 -37.46 -8.06
C ASN F 275 14.77 -37.43 -6.85
N GLY F 276 14.71 -38.56 -6.15
CA GLY F 276 13.92 -38.65 -4.93
C GLY F 276 14.69 -38.11 -3.75
N THR F 277 14.09 -38.23 -2.57
CA THR F 277 14.73 -37.75 -1.34
C THR F 277 15.19 -38.89 -0.46
N GLY F 278 16.50 -38.98 -0.25
CA GLY F 278 17.06 -40.03 0.58
C GLY F 278 17.65 -39.51 1.86
N HIS F 280 20.71 -40.78 3.93
CA HIS F 280 21.85 -41.66 4.17
C HIS F 280 22.22 -41.65 5.64
N CYS F 281 22.39 -42.83 6.22
CA CYS F 281 22.74 -42.96 7.63
C CYS F 281 24.15 -43.49 7.82
N HIS F 282 25.01 -42.67 8.42
CA HIS F 282 26.39 -43.07 8.70
C HIS F 282 26.46 -43.79 10.05
N GLN F 283 27.14 -44.93 10.07
CA GLN F 283 27.17 -45.78 11.25
C GLN F 283 28.57 -45.99 11.81
N SER F 284 28.69 -45.98 13.13
CA SER F 284 29.97 -46.17 13.80
C SER F 284 29.79 -46.59 15.26
N LEU F 285 30.51 -47.63 15.65
CA LEU F 285 30.48 -48.10 17.03
C LEU F 285 31.72 -47.64 17.79
N TRP F 286 31.54 -47.29 19.06
CA TRP F 286 32.64 -46.77 19.88
C TRP F 286 32.69 -47.43 21.26
N LYS F 287 33.90 -47.49 21.82
CA LYS F 287 34.08 -48.03 23.16
C LYS F 287 35.30 -47.40 23.83
N ASP F 288 35.08 -46.85 25.02
CA ASP F 288 36.13 -46.16 25.78
C ASP F 288 36.73 -44.99 25.01
N GLY F 289 35.93 -44.41 24.11
CA GLY F 289 36.38 -43.30 23.29
C GLY F 289 37.26 -43.72 22.12
N LYS F 290 37.11 -44.98 21.71
CA LYS F 290 37.93 -45.53 20.63
C LYS F 290 37.07 -46.11 19.52
N PRO F 291 37.46 -45.87 18.26
CA PRO F 291 36.76 -46.41 17.07
C PRO F 291 36.90 -47.92 16.99
N LEU F 292 35.82 -48.60 16.58
CA LEU F 292 35.82 -50.05 16.55
C LEU F 292 35.65 -50.62 15.14
N PHE F 293 35.43 -49.74 14.17
CA PHE F 293 35.24 -50.15 12.79
C PHE F 293 36.54 -50.11 11.99
N TYR F 294 37.63 -49.72 12.63
CA TYR F 294 38.90 -49.51 11.93
C TYR F 294 39.87 -50.69 12.03
N ASP F 295 40.49 -51.02 10.90
CA ASP F 295 41.51 -52.07 10.82
C ASP F 295 42.18 -52.00 9.46
N GLU F 296 43.43 -51.52 9.44
CA GLU F 296 44.14 -51.26 8.19
C GLU F 296 44.62 -52.51 7.46
N LYS F 297 44.10 -53.67 7.83
CA LYS F 297 44.53 -54.92 7.22
C LYS F 297 43.45 -55.60 6.40
N ASN F 298 42.33 -54.92 6.19
CA ASN F 298 41.22 -55.50 5.45
C ASN F 298 40.91 -54.78 4.14
N TYR F 299 39.73 -55.08 3.59
CA TYR F 299 39.31 -54.51 2.31
C TYR F 299 39.14 -52.98 2.37
N GLY F 300 38.15 -52.52 3.12
CA GLY F 300 37.87 -51.10 3.21
C GLY F 300 38.38 -50.50 4.50
N GLY F 301 39.47 -51.06 5.02
CA GLY F 301 40.02 -50.62 6.29
C GLY F 301 39.08 -50.94 7.44
N LEU F 302 38.20 -51.92 7.21
CA LEU F 302 37.18 -52.28 8.18
C LEU F 302 37.65 -53.36 9.13
N SER F 303 37.20 -53.30 10.38
CA SER F 303 37.49 -54.36 11.34
C SER F 303 36.62 -55.57 11.02
N ASP F 304 36.93 -56.70 11.65
CA ASP F 304 36.06 -57.87 11.56
C ASP F 304 34.67 -57.50 12.09
N LEU F 305 34.65 -56.69 13.14
CA LEU F 305 33.40 -56.23 13.75
C LEU F 305 32.58 -55.39 12.76
N ALA F 306 33.28 -54.54 12.02
CA ALA F 306 32.64 -53.69 11.03
C ALA F 306 32.09 -54.52 9.87
N ARG F 307 32.85 -55.55 9.48
CA ARG F 307 32.44 -56.44 8.40
C ARG F 307 31.22 -57.25 8.82
N TRP F 308 31.22 -57.71 10.07
CA TRP F 308 30.09 -58.47 10.62
C TRP F 308 28.86 -57.58 10.80
N TYR F 309 29.10 -56.31 11.09
CA TYR F 309 28.02 -55.34 11.23
C TYR F 309 27.29 -55.19 9.90
N ILE F 310 28.04 -55.19 8.81
CA ILE F 310 27.49 -55.12 7.47
C ILE F 310 26.67 -56.37 7.17
N GLY F 311 27.22 -57.54 7.51
CA GLY F 311 26.56 -58.81 7.28
C GLY F 311 25.20 -58.92 7.92
N GLY F 312 25.10 -58.47 9.17
CA GLY F 312 23.83 -58.50 9.89
C GLY F 312 22.84 -57.50 9.30
N LEU F 313 23.35 -56.41 8.77
CA LEU F 313 22.51 -55.40 8.13
C LEU F 313 22.01 -55.90 6.77
N ILE F 314 22.82 -56.71 6.11
CA ILE F 314 22.46 -57.29 4.81
C ILE F 314 21.42 -58.40 4.98
N LYS F 315 21.66 -59.29 5.94
CA LYS F 315 20.79 -60.44 6.17
C LYS F 315 19.37 -60.02 6.58
N HIS F 316 19.27 -59.02 7.45
CA HIS F 316 17.97 -58.57 7.94
C HIS F 316 17.47 -57.33 7.20
N SER F 317 18.02 -57.09 6.02
CA SER F 317 17.75 -55.86 5.27
C SER F 317 16.26 -55.58 5.06
N SER F 318 15.51 -56.59 4.66
CA SER F 318 14.09 -56.42 4.40
C SER F 318 13.33 -56.03 5.67
N SER F 319 13.76 -56.56 6.81
CA SER F 319 13.15 -56.21 8.09
C SER F 319 13.58 -54.82 8.55
N VAL F 320 14.81 -54.45 8.21
CA VAL F 320 15.33 -53.14 8.55
C VAL F 320 14.65 -52.03 7.76
N LEU F 321 14.48 -52.27 6.45
CA LEU F 321 13.85 -51.28 5.57
C LEU F 321 12.36 -51.12 5.84
N ALA F 322 11.82 -51.92 6.73
CA ALA F 322 10.44 -51.78 7.16
C ALA F 322 10.28 -50.60 8.10
N PHE F 323 11.42 -50.10 8.59
CA PHE F 323 11.43 -48.93 9.47
C PHE F 323 12.14 -47.75 8.82
N THR F 324 13.08 -48.03 7.93
CA THR F 324 13.86 -46.98 7.28
C THR F 324 13.17 -46.46 6.02
N ASN F 325 12.35 -47.31 5.41
CA ASN F 325 11.55 -46.91 4.26
C ASN F 325 10.11 -47.38 4.43
N PRO F 326 9.39 -46.80 5.40
CA PRO F 326 8.09 -47.32 5.85
C PRO F 326 6.87 -46.78 5.09
N SER F 327 7.08 -45.79 4.21
CA SER F 327 5.95 -45.22 3.49
C SER F 327 5.74 -45.87 2.13
N LEU F 328 4.51 -45.77 1.62
CA LEU F 328 4.19 -46.25 0.29
C LEU F 328 4.97 -45.47 -0.76
N ASN F 329 5.27 -44.22 -0.45
CA ASN F 329 6.00 -43.34 -1.35
C ASN F 329 7.49 -43.70 -1.43
N SER F 330 7.97 -44.42 -0.43
CA SER F 330 9.37 -44.83 -0.37
C SER F 330 9.76 -45.72 -1.54
N TYR F 331 8.81 -46.51 -2.04
CA TYR F 331 9.09 -47.47 -3.09
C TYR F 331 8.87 -46.91 -4.50
N HIS F 332 8.89 -45.59 -4.59
CA HIS F 332 8.91 -44.90 -5.87
C HIS F 332 10.28 -44.27 -6.04
N ARG F 333 11.06 -44.32 -4.95
CA ARG F 333 12.45 -43.91 -4.97
C ARG F 333 13.34 -45.15 -5.10
N LEU F 334 13.05 -46.16 -4.28
CA LEU F 334 13.76 -47.43 -4.34
C LEU F 334 13.39 -48.22 -5.59
N VAL F 335 13.82 -47.72 -6.75
CA VAL F 335 13.53 -48.37 -8.01
C VAL F 335 14.82 -48.60 -8.80
N PRO F 336 15.03 -49.84 -9.28
CA PRO F 336 16.21 -50.19 -10.08
C PRO F 336 16.40 -49.25 -11.28
N GLY F 337 17.58 -48.65 -11.39
CA GLY F 337 17.87 -47.72 -12.46
C GLY F 337 17.97 -46.29 -11.98
N ALA F 340 19.43 -45.16 -7.41
CA ALA F 340 19.01 -45.51 -6.05
C ALA F 340 19.60 -46.85 -5.62
N PRO F 341 20.10 -46.91 -4.38
CA PRO F 341 20.74 -48.12 -3.83
C PRO F 341 19.73 -49.23 -3.55
N VAL F 342 19.45 -50.05 -4.56
CA VAL F 342 18.48 -51.13 -4.42
C VAL F 342 19.16 -52.48 -4.25
N ASN F 343 20.49 -52.50 -4.31
CA ASN F 343 21.24 -53.74 -4.19
C ASN F 343 21.97 -53.86 -2.85
N LEU F 344 21.59 -54.86 -2.06
CA LEU F 344 22.17 -55.06 -0.74
C LEU F 344 23.56 -55.69 -0.82
N VAL F 345 24.57 -54.84 -1.00
CA VAL F 345 25.97 -55.27 -1.03
C VAL F 345 26.83 -54.06 -0.72
N TYR F 346 28.01 -54.29 -0.14
CA TYR F 346 28.86 -53.17 0.26
C TYR F 346 30.09 -53.01 -0.64
N SER F 347 30.57 -51.77 -0.75
CA SER F 347 31.73 -51.46 -1.58
C SER F 347 32.35 -50.13 -1.15
N ALA F 348 33.34 -49.66 -1.91
CA ALA F 348 34.01 -48.41 -1.61
C ALA F 348 33.89 -47.41 -2.76
N ARG F 349 33.95 -47.92 -3.99
CA ARG F 349 33.90 -47.07 -5.17
C ARG F 349 32.55 -47.11 -5.88
N ASN F 350 31.87 -48.25 -5.78
CA ASN F 350 30.57 -48.43 -6.41
C ASN F 350 29.50 -47.46 -5.87
N ARG F 351 28.68 -46.95 -6.77
CA ARG F 351 27.68 -45.94 -6.42
C ARG F 351 26.25 -46.46 -6.55
N SER F 352 26.11 -47.78 -6.65
CA SER F 352 24.79 -48.39 -6.69
C SER F 352 24.59 -49.30 -5.49
N ALA F 353 25.65 -49.47 -4.71
CA ALA F 353 25.61 -50.32 -3.52
C ALA F 353 24.83 -49.64 -2.39
N ALA F 354 24.03 -50.44 -1.69
CA ALA F 354 23.23 -49.93 -0.57
C ALA F 354 24.12 -49.49 0.60
N ILE F 355 25.16 -50.28 0.84
CA ILE F 355 26.11 -49.97 1.90
C ILE F 355 27.43 -49.47 1.32
N ARG F 356 27.87 -48.31 1.79
CA ARG F 356 29.07 -47.68 1.26
C ARG F 356 30.11 -47.47 2.35
N ILE F 357 31.38 -47.57 2.00
CA ILE F 357 32.46 -47.43 2.96
C ILE F 357 33.42 -46.29 2.58
N PRO F 358 33.17 -45.08 3.13
CA PRO F 358 34.05 -43.94 2.90
C PRO F 358 35.24 -43.94 3.87
N PRO F 364 41.14 -43.00 11.03
CA PRO F 364 40.68 -44.12 11.86
C PRO F 364 39.30 -43.87 12.47
N ALA F 365 39.12 -42.68 13.04
CA ALA F 365 37.85 -42.32 13.67
C ALA F 365 36.78 -42.00 12.64
N ALA F 366 37.20 -41.54 11.47
CA ALA F 366 36.28 -41.17 10.41
C ALA F 366 35.76 -42.38 9.66
N LYS F 367 36.34 -43.54 9.93
CA LYS F 367 35.92 -44.79 9.30
C LYS F 367 34.52 -45.17 9.75
N ARG F 368 33.58 -45.20 8.81
CA ARG F 368 32.19 -45.47 9.14
C ARG F 368 31.44 -46.19 8.02
N ILE F 369 30.22 -46.63 8.33
CA ILE F 369 29.38 -47.34 7.37
C ILE F 369 28.20 -46.47 6.93
N GLU F 370 28.06 -46.28 5.63
CA GLU F 370 26.98 -45.47 5.09
C GLU F 370 25.90 -46.32 4.42
N PHE F 371 24.76 -46.44 5.09
CA PHE F 371 23.60 -47.12 4.51
C PHE F 371 22.76 -46.10 3.76
N ARG F 372 22.74 -46.22 2.43
CA ARG F 372 22.12 -45.20 1.58
C ARG F 372 20.64 -45.45 1.30
N ALA F 373 20.13 -46.57 1.77
CA ALA F 373 18.73 -46.94 1.55
C ALA F 373 17.66 -46.04 2.20
N PRO F 374 17.79 -45.71 3.51
CA PRO F 374 16.70 -45.02 4.20
C PRO F 374 16.27 -43.68 3.59
N ASP F 375 15.03 -43.29 3.87
CA ASP F 375 14.49 -41.98 3.48
C ASP F 375 13.91 -41.29 4.71
N PRO F 376 13.88 -39.95 4.71
CA PRO F 376 13.47 -39.22 5.91
C PRO F 376 11.96 -39.13 6.14
N SER F 377 11.20 -40.10 5.64
CA SER F 377 9.78 -40.17 5.92
C SER F 377 9.53 -41.21 7.01
N CYS F 378 10.55 -41.45 7.81
CA CYS F 378 10.50 -42.49 8.83
C CYS F 378 10.62 -41.90 10.22
N ASN F 379 10.38 -42.74 11.23
CA ASN F 379 10.65 -42.37 12.62
C ASN F 379 12.13 -42.66 12.91
N PRO F 380 12.91 -41.60 13.15
CA PRO F 380 14.37 -41.69 13.32
C PRO F 380 14.77 -42.59 14.48
N PHE F 381 13.98 -42.59 15.55
CA PHE F 381 14.28 -43.42 16.71
C PHE F 381 14.21 -44.90 16.35
N LEU F 382 13.17 -45.27 15.61
CA LEU F 382 12.99 -46.65 15.17
C LEU F 382 13.98 -47.02 14.07
N ALA F 383 14.22 -46.07 13.17
CA ALA F 383 15.11 -46.29 12.02
C ALA F 383 16.55 -46.57 12.44
N PHE F 384 17.07 -45.74 13.34
CA PHE F 384 18.45 -45.87 13.81
C PHE F 384 18.62 -47.13 14.65
N SER F 385 17.60 -47.44 15.45
CA SER F 385 17.65 -48.61 16.31
C SER F 385 17.63 -49.90 15.51
N ALA F 386 16.77 -49.96 14.49
CA ALA F 386 16.65 -51.15 13.64
C ALA F 386 17.97 -51.46 12.94
N GLN F 387 18.71 -50.42 12.58
CA GLN F 387 20.00 -50.59 11.92
C GLN F 387 21.06 -51.10 12.91
N LEU F 388 20.98 -50.61 14.16
CA LEU F 388 21.90 -51.05 15.19
C LEU F 388 21.68 -52.51 15.56
N ALA F 390 20.33 -54.84 13.90
CA ALA F 390 20.68 -55.71 12.79
C ALA F 390 22.20 -55.92 12.75
N GLY F 391 22.93 -54.85 13.00
CA GLY F 391 24.38 -54.91 13.01
C GLY F 391 24.93 -55.73 14.16
N LEU F 392 24.38 -55.50 15.35
CA LEU F 392 24.81 -56.23 16.54
C LEU F 392 24.52 -57.72 16.41
N ASP F 393 23.41 -58.05 15.77
CA ASP F 393 23.06 -59.45 15.52
C ASP F 393 24.08 -60.10 14.60
N GLY F 394 24.61 -59.32 13.67
CA GLY F 394 25.64 -59.79 12.76
C GLY F 394 26.98 -59.91 13.46
N ILE F 395 27.19 -59.09 14.48
CA ILE F 395 28.42 -59.14 15.26
C ILE F 395 28.44 -60.32 16.21
N LEU F 396 27.32 -60.53 16.91
CA LEU F 396 27.21 -61.61 17.89
C LEU F 396 27.22 -62.99 17.24
N ASN F 397 26.77 -63.07 15.99
CA ASN F 397 26.68 -64.34 15.29
C ASN F 397 27.69 -64.49 14.16
N HIS F 398 28.61 -63.52 14.07
CA HIS F 398 29.68 -63.55 13.06
C HIS F 398 29.15 -63.72 11.63
N ILE F 399 28.10 -62.97 11.30
CA ILE F 399 27.48 -63.06 9.98
C ILE F 399 28.35 -62.43 8.91
N GLU F 400 28.88 -63.26 8.02
CA GLU F 400 29.72 -62.78 6.92
C GLU F 400 28.88 -62.25 5.77
N PRO F 401 29.14 -60.99 5.37
CA PRO F 401 28.46 -60.36 4.24
C PRO F 401 29.00 -60.88 2.92
N PRO F 402 28.22 -60.74 1.83
CA PRO F 402 28.71 -61.15 0.50
C PRO F 402 29.91 -60.33 0.06
N ALA F 403 30.68 -60.85 -0.89
CA ALA F 403 31.90 -60.18 -1.35
C ALA F 403 31.60 -58.83 -1.99
N PRO F 404 32.50 -57.85 -1.75
CA PRO F 404 32.38 -56.51 -2.36
C PRO F 404 32.53 -56.56 -3.87
N VAL F 405 32.23 -55.45 -4.53
CA VAL F 405 32.33 -55.37 -5.99
C VAL F 405 32.56 -53.94 -6.45
N ALA F 418 24.80 -62.89 -10.51
CA ALA F 418 23.62 -62.05 -10.67
C ALA F 418 22.65 -62.23 -9.50
N GLY F 419 23.09 -62.97 -8.49
CA GLY F 419 22.25 -63.24 -7.33
C GLY F 419 22.47 -62.25 -6.20
N ILE F 420 22.37 -60.96 -6.52
CA ILE F 420 22.51 -59.92 -5.52
C ILE F 420 21.16 -59.62 -4.86
N LYS F 421 21.14 -59.67 -3.53
CA LYS F 421 19.91 -59.43 -2.77
C LYS F 421 19.37 -58.03 -3.01
N GLN F 422 18.08 -57.95 -3.34
CA GLN F 422 17.44 -56.68 -3.66
C GLN F 422 16.63 -56.14 -2.48
N VAL F 423 16.32 -54.86 -2.52
CA VAL F 423 15.41 -54.26 -1.54
C VAL F 423 14.00 -54.77 -1.83
N PRO F 424 13.12 -54.75 -0.82
CA PRO F 424 11.73 -55.19 -1.04
C PRO F 424 11.05 -54.43 -2.17
N SER F 425 10.20 -55.11 -2.94
CA SER F 425 9.56 -54.51 -4.10
C SER F 425 8.37 -53.65 -3.73
N SER F 426 7.83 -53.87 -2.53
CA SER F 426 6.66 -53.11 -2.06
C SER F 426 6.71 -52.93 -0.55
N LEU F 427 5.75 -52.15 -0.03
CA LEU F 427 5.63 -51.95 1.40
C LEU F 427 5.06 -53.19 2.06
N ALA F 428 4.17 -53.87 1.35
CA ALA F 428 3.56 -55.11 1.82
C ALA F 428 4.62 -56.19 2.02
N GLU F 429 5.53 -56.31 1.05
CA GLU F 429 6.60 -57.30 1.12
C GLU F 429 7.54 -57.01 2.28
N ALA F 430 7.75 -55.73 2.56
CA ALA F 430 8.60 -55.31 3.67
C ALA F 430 7.97 -55.71 5.00
N ASP F 432 5.88 -58.14 5.37
CA ASP F 432 5.87 -59.60 5.40
C ASP F 432 7.16 -60.12 6.03
N ALA F 433 8.28 -59.51 5.67
CA ALA F 433 9.58 -59.94 6.16
C ALA F 433 9.78 -59.56 7.62
N LEU F 434 9.21 -58.42 8.02
CA LEU F 434 9.27 -57.97 9.40
C LEU F 434 8.54 -58.95 10.32
N GLU F 435 7.46 -59.53 9.80
CA GLU F 435 6.64 -60.46 10.57
C GLU F 435 7.35 -61.81 10.72
N GLU F 436 8.09 -62.21 9.70
CA GLU F 436 8.79 -63.49 9.72
C GLU F 436 10.19 -63.39 10.32
N ASP F 437 10.69 -62.17 10.48
CA ASP F 437 12.03 -61.95 11.00
C ASP F 437 12.10 -60.67 11.85
N HIS F 438 11.94 -60.83 13.16
CA HIS F 438 11.97 -59.69 14.07
C HIS F 438 12.58 -60.05 15.43
N ASP F 439 13.21 -61.22 15.50
CA ASP F 439 13.82 -61.67 16.74
C ASP F 439 15.07 -60.84 17.09
N PHE F 440 15.73 -60.31 16.07
CA PHE F 440 16.92 -59.50 16.27
C PHE F 440 16.56 -58.13 16.83
N LEU F 441 15.29 -57.75 16.68
CA LEU F 441 14.79 -56.48 17.19
C LEU F 441 14.33 -56.62 18.63
N THR F 442 13.80 -57.79 18.97
CA THR F 442 13.26 -58.03 20.30
C THR F 442 14.33 -58.49 21.29
N ALA F 443 15.59 -58.50 20.84
CA ALA F 443 16.71 -58.85 21.70
C ALA F 443 16.91 -57.78 22.76
N GLY F 444 16.95 -58.19 24.02
CA GLY F 444 17.09 -57.27 25.12
C GLY F 444 15.83 -56.44 25.32
N ASP F 445 14.74 -56.91 24.74
CA ASP F 445 13.44 -56.23 24.81
C ASP F 445 13.47 -54.80 24.28
N VAL F 446 14.38 -54.52 23.34
CA VAL F 446 14.47 -53.21 22.72
C VAL F 446 13.19 -52.89 21.96
N PHE F 447 12.87 -53.72 20.98
CA PHE F 447 11.58 -53.65 20.30
C PHE F 447 10.62 -54.61 20.96
N THR F 448 9.44 -54.11 21.32
CA THR F 448 8.42 -54.97 21.94
C THR F 448 7.52 -55.58 20.87
N ASP F 449 6.93 -56.72 21.18
CA ASP F 449 5.99 -57.36 20.26
C ASP F 449 4.79 -56.47 20.01
N ASP F 450 4.35 -55.76 21.04
CA ASP F 450 3.21 -54.86 20.94
C ASP F 450 3.48 -53.72 19.95
N LEU F 451 4.73 -53.24 19.94
CA LEU F 451 5.11 -52.16 19.02
C LEU F 451 5.15 -52.67 17.58
N ILE F 452 5.83 -53.78 17.37
CA ILE F 452 5.99 -54.35 16.03
C ILE F 452 4.66 -54.79 15.44
N ASP F 453 3.80 -55.37 16.27
CA ASP F 453 2.46 -55.75 15.83
C ASP F 453 1.64 -54.52 15.46
N THR F 454 1.85 -53.44 16.21
CA THR F 454 1.16 -52.18 15.96
C THR F 454 1.69 -51.54 14.69
N TRP F 455 3.00 -51.56 14.52
CA TRP F 455 3.65 -50.97 13.35
C TRP F 455 3.17 -51.62 12.06
N ILE F 456 3.12 -52.95 12.05
CA ILE F 456 2.61 -53.70 10.92
C ILE F 456 1.15 -53.36 10.65
N SER F 457 0.34 -53.39 11.70
CA SER F 457 -1.09 -53.12 11.59
C SER F 457 -1.38 -51.74 10.99
N ILE F 458 -0.56 -50.76 11.35
CA ILE F 458 -0.71 -49.41 10.82
C ILE F 458 -0.36 -49.35 9.34
N LYS F 459 0.76 -49.98 8.97
CA LYS F 459 1.22 -49.96 7.60
C LYS F 459 0.33 -50.76 6.65
N ARG F 460 -0.21 -51.88 7.13
CA ARG F 460 -1.14 -52.68 6.34
C ARG F 460 -2.38 -51.85 6.01
N GLY F 461 -2.78 -50.99 6.94
CA GLY F 461 -3.91 -50.11 6.73
C GLY F 461 -3.66 -49.11 5.62
N GLU F 462 -2.44 -48.59 5.57
CA GLU F 462 -2.04 -47.68 4.50
C GLU F 462 -2.07 -48.41 3.15
N ILE F 463 -1.63 -49.66 3.16
CA ILE F 463 -1.65 -50.51 1.97
C ILE F 463 -3.09 -50.75 1.53
N ASP F 464 -3.97 -50.95 2.50
CA ASP F 464 -5.39 -51.15 2.22
C ASP F 464 -6.03 -49.92 1.60
N GLN F 465 -5.55 -48.74 1.98
CA GLN F 465 -6.04 -47.50 1.40
C GLN F 465 -5.64 -47.39 -0.06
N ALA F 466 -4.42 -47.83 -0.38
CA ALA F 466 -3.94 -47.81 -1.75
C ALA F 466 -4.70 -48.82 -2.61
N ARG F 467 -5.10 -49.92 -1.98
CA ARG F 467 -5.87 -50.97 -2.65
C ARG F 467 -7.24 -50.45 -3.09
N LEU F 468 -7.71 -49.40 -2.42
CA LEU F 468 -9.02 -48.83 -2.70
C LEU F 468 -8.98 -47.70 -3.73
N ALA F 469 -7.86 -46.98 -3.77
CA ALA F 469 -7.78 -45.73 -4.55
C ALA F 469 -7.31 -45.91 -5.99
N PRO F 470 -8.17 -45.53 -6.94
CA PRO F 470 -7.80 -45.48 -8.37
C PRO F 470 -6.75 -44.40 -8.62
N THR F 471 -5.91 -44.58 -9.63
CA THR F 471 -4.82 -43.64 -9.89
C THR F 471 -4.97 -42.98 -11.26
N PRO F 472 -4.43 -41.75 -11.41
CA PRO F 472 -4.42 -41.04 -12.69
C PRO F 472 -3.71 -41.83 -13.79
N LEU F 473 -2.71 -42.62 -13.42
CA LEU F 473 -1.99 -43.44 -14.39
C LEU F 473 -2.92 -44.47 -15.03
N GLU F 474 -3.83 -45.00 -14.22
CA GLU F 474 -4.77 -46.01 -14.69
C GLU F 474 -5.76 -45.44 -15.71
N TYR F 475 -6.07 -44.15 -15.57
CA TYR F 475 -6.88 -43.45 -16.55
C TYR F 475 -6.13 -43.35 -17.86
N GLU F 476 -4.84 -43.04 -17.76
CA GLU F 476 -3.98 -42.90 -18.94
C GLU F 476 -3.82 -44.22 -19.68
N LEU F 477 -3.89 -45.33 -18.93
CA LEU F 477 -3.62 -46.64 -19.51
C LEU F 477 -4.88 -47.44 -19.86
N TYR F 478 -5.97 -47.22 -19.10
CA TYR F 478 -7.10 -48.14 -19.16
C TYR F 478 -8.47 -47.51 -19.52
N PHE F 479 -8.58 -46.18 -19.45
CA PHE F 479 -9.87 -45.53 -19.65
C PHE F 479 -10.49 -45.82 -21.02
N HIS F 480 -9.69 -45.67 -22.07
CA HIS F 480 -10.17 -45.83 -23.44
C HIS F 480 -10.52 -47.29 -23.77
N ILE F 481 -9.94 -48.22 -23.03
CA ILE F 481 -10.15 -49.65 -23.28
C ILE F 481 -11.59 -50.05 -23.01
#